data_7EKO
#
_entry.id   7EKO
#
_cell.length_a   1.00
_cell.length_b   1.00
_cell.length_c   1.00
_cell.angle_alpha   90.00
_cell.angle_beta   90.00
_cell.angle_gamma   90.00
#
_symmetry.space_group_name_H-M   'P 1'
#
loop_
_entity.id
_entity.type
_entity.pdbx_description
1 polymer 'ATP-dependent Clp protease proteolytic subunit'
2 polymer 'ATP-dependent Clp protease proteolytic subunit'
3 polymer 'ATP-dependent Clp protease proteolytic subunit'
4 polymer 'ATP-dependent Clp protease proteolytic subunit'
5 polymer 'ATP-dependent Clp protease proteolytic subunit'
6 polymer 'ATP-dependent Clp protease proteolytic subunit'
7 polymer 'ATP-dependent Clp protease proteolytic subunit'
8 polymer 'ATP-dependent Clp protease proteolytic subunit'
9 polymer 'ATP-dependent Clp protease ATP-binding subunit CLPT4, chloroplastic'
#
loop_
_entity_poly.entity_id
_entity_poly.type
_entity_poly.pdbx_seq_one_letter_code
_entity_poly.pdbx_strand_id
1 'polypeptide(L)'
;RRNVEARGIRRSPVVTPDIQIGHGEDAIEMDLYRYLLSNRIIFIGGYINDKMATQIVGSLMALEAVDENEDIRIYINSPG
GQPYSVLGVVDAMQSIKPDVQTVALGACYSYASLVVAAGTKGKRYAMKNTRLMMTQPMGGSQGDIYQIKATVEELNALYQ
IFSRYYMKFTGMNQDQIEQATCRDHFMTPEQAKLEGLIDEIIRGKGDYTVPPAIVRQFREVGLVDDLTPGPFLKVDCN
;
A
2 'polypeptide(L)'
;ARRSVAARSSAPELWTPTSEVKLAVSSRNPHPPVVCQGPPPPNPLVIERFQGVVSQLFQQRIVRLGGAVDDDMANLLVAQ
LLYLDSVDNKRDITMYVNSPGGSVTAGMAVFDTMRHIRPDVSTCCIGLAASMGAFILASGQAGKRYSLPNSRIMIHQPLG
GAQGQATDIEIQANEILHHKLTLNGYLAQFTGQSMETITKDTDRDFFMSPQEAIEYGLVDAIISKPQMLQSREVALSS
;
B,D,F
3 'polypeptide(L)'
;NSQPIVAPRTAEMQGDPFGLLLRQRIVFLGGEVEDFGADAIISQLLLLDSQDPTKDIKIFINSPGGSVTAGMGIYDAMML
CRADVNTYCFGLAASMGAFLLGAGKRGKRNSMPNSRIMIHQPLGGASGQAVDIEIQAKEIMYHKANLNRIMADYCQQPLS
KIEEDTDRDRYMSPLEAKEYGLIDHIIGGEEAVFNVKGSLKKFPKIKEEFVTDKDDMVKRNIMDGDPFLSETPSWRFKSP
QTEPYMPSQAPGSRWFRTRKVSKEDYKEMQEQRQAELMAESDDGKKSVKDRIDDAW
;
C,E,G
4 'polypeptide(L)'
;NYLDQGALNNESGRSLYRKQTERVIQEEESKKVFMIINSFGGSVGNGITVHDALQFIKAGSLTLALGVAASAASLALAGG
TIGERYVTEGCHTMIHQPEGGLNGQASDIWIDSQEIMKIRLDVAEIYSLSTYRPRHKILRDLDRDFYLTAMETIYYGLAD
EIATNEVMHSIVEMTNQVWSYHDSKQERLLESRASLVGDSTQTQESNS
;
H,J,M
5 'polypeptide(L)'
;AYGDYPNYPEGRPLFLPEAERFGNPPDLPSLLLQQRVIYISMPFLPSVTELVVAQCYYLDFDDRNRQRPIYVYLNSTGCI
NDKGQAISADNEFYAIWAALGFTRAPLYTGVTWKAQNQAAVLLSAGQKGHRYSFPHAKISTAPPVMNRVFGQAVDAQLQA
NELDYATKYYAAILARSTGKDLETCQKQYLSRKRYFSVKEAYEEGLVDKLVPGFMLNRFRKMQKDAGVGEEDLFDMNKPK
FKFRRQ
;
I
6 'polypeptide(L)'
;RKLSHLRKKLWKEAGPPPDLATRLFSERIMYLGMPIDSSVAELLTAQLFVLVQEAPDPIFFYINSTGIAKSTTKFGNEHE
AIAVYSMMKGVQKYCPIYTLCVGNAFGEAALLLSAGSPGKRAALRSSTIMLRQPLQRLGGMQASDIDIYRKITREKTATM
AKYLAACTKKTEEQIMTDFTRPRYFNPYEAVSYGLIDTVLEPKEERAVFKDWEKMGSEIADLGLWDDEEQPLPTNIMYPG
TSQYWRSDFDG
;
K
7 'polypeptide(L)'
;KKSPQGFWQVTTKQISAAKRSGAPKRKVTTMMPVSVPKVLCRPPGQRQSEWVDLWEAYTYQKVVFIKEAITEDVANNMIA
LTLYLDSLDQKRIYYWLNVPGGDVVPTLALYDTMQYVRSKTATVCYGLCLGMGGFLLTAGGEKGYRFAMPHSILMMHHPS
GASRGQASEMHIESRELVRMRDYLSLLTSNATGQPYDRVIRELSRNKWMDPKQAIEYGMIDKVLTTPMPKMPSTGPSFKF
ERQNDELIGL
;
L
8 'polypeptide(L)'
;LVVHARASRYDRRKPPPPDLPSLLFDQRIVYLGMPLVPAVTELMVAELLYLEKQGATLPIEMLINSSGTTRQDGEILSFD
SEGVALTSTMGFIKNPISTVNMGLAVGWSCVVLSFGRKGWRKSLPHSLAMIQQPRVPPTGQRQAIEVHIKWREVLDYKRE
LLRMFSLGTGLPVDKLDADMQRPLYMRPQDALEYGIIDEIIEPNEDKAEKAAQYWIRSGRAESEGRLEQWQEYLSLQEEY
ALKDSFRKVMTQDLRAAYRDTSSKLLKNSSRNMEQVQEFKERLPDDMLTENDEVRLPFSRDGVKLAILNAECYAERNIAR
QVAANKVSVPDKWRAAYAARPAPAAPAAEVDYDALIRAVEAMDEKAFATTDLDTLVEQYRVPA
;
N
9 'polypeptide(L)'
;ATATAAPSELDDVGVSAAAESIIQYAINFARASETYEVHSWMVLMGILKYETCTAAKILKSLGLEDLYGAWNEVLWALNV
CDGLQPRSFVTDIKFADRAFKVITAASDFAVWHGKDKMYSEDVLMALAAGGVLEDLFPDLNLSFERVRKAVEKESGRRYQ
LPDETEEAGPLKSEDDVSFL
;
O
#
# COMPACT_ATOMS: atom_id res chain seq x y z
N PRO A 17 -20.83 8.22 5.84
CA PRO A 17 -21.75 8.18 6.97
C PRO A 17 -21.09 8.77 8.20
N ASP A 18 -20.69 10.03 8.11
CA ASP A 18 -19.76 10.64 9.05
C ASP A 18 -20.40 10.66 10.44
N ILE A 19 -21.41 11.50 10.67
CA ILE A 19 -22.03 11.72 11.98
C ILE A 19 -23.31 12.49 11.73
N GLN A 20 -24.27 12.32 12.61
CA GLN A 20 -25.51 13.09 12.53
C GLN A 20 -25.94 13.56 13.92
N ILE A 21 -26.14 14.86 14.03
CA ILE A 21 -26.29 15.52 15.32
C ILE A 21 -27.77 15.72 15.56
N GLY A 22 -28.18 15.67 16.81
CA GLY A 22 -29.42 16.29 17.18
C GLY A 22 -29.32 17.82 17.09
N HIS A 23 -30.19 18.52 17.82
CA HIS A 23 -30.03 19.94 18.02
C HIS A 23 -30.40 20.46 19.40
N GLY A 24 -31.07 19.68 20.23
CA GLY A 24 -31.62 20.23 21.44
C GLY A 24 -32.90 21.00 21.21
N GLU A 25 -33.03 21.67 20.06
CA GLU A 25 -34.33 22.30 19.67
C GLU A 25 -34.86 23.42 20.57
N ASP A 26 -34.01 24.36 21.01
CA ASP A 26 -34.51 25.56 21.66
C ASP A 26 -34.98 26.52 20.56
N ALA A 27 -35.22 27.78 20.92
CA ALA A 27 -35.64 28.75 19.90
C ALA A 27 -34.54 28.97 18.86
N ILE A 28 -33.31 28.57 19.16
CA ILE A 28 -32.18 28.72 18.25
C ILE A 28 -31.90 27.43 17.48
N GLU A 29 -31.95 26.28 18.15
CA GLU A 29 -31.57 24.99 17.57
C GLU A 29 -30.10 24.98 17.15
N MET A 30 -29.20 25.09 18.13
CA MET A 30 -27.78 25.03 17.82
C MET A 30 -27.26 23.60 17.92
N ASP A 31 -25.99 23.44 17.58
CA ASP A 31 -25.35 22.13 17.60
C ASP A 31 -25.41 21.54 18.99
N LEU A 32 -25.51 20.21 19.07
CA LEU A 32 -25.66 19.57 20.36
C LEU A 32 -24.44 19.77 21.25
N TYR A 33 -23.24 19.68 20.67
CA TYR A 33 -22.04 19.88 21.48
C TYR A 33 -21.90 21.32 21.95
N ARG A 34 -22.33 22.29 21.16
CA ARG A 34 -22.37 23.66 21.66
C ARG A 34 -23.34 23.78 22.83
N TYR A 35 -24.47 23.09 22.76
CA TYR A 35 -25.42 23.12 23.87
C TYR A 35 -24.80 22.51 25.12
N LEU A 36 -24.15 21.37 24.98
CA LEU A 36 -23.55 20.73 26.15
C LEU A 36 -22.42 21.56 26.73
N LEU A 37 -21.60 22.19 25.89
CA LEU A 37 -20.56 23.06 26.42
C LEU A 37 -21.16 24.27 27.13
N SER A 38 -22.24 24.83 26.59
CA SER A 38 -22.93 25.90 27.28
C SER A 38 -23.45 25.46 28.64
N ASN A 39 -23.88 24.20 28.78
CA ASN A 39 -24.26 23.67 30.09
C ASN A 39 -23.06 23.13 30.86
N ARG A 40 -21.86 23.59 30.52
CA ARG A 40 -20.62 23.27 31.24
C ARG A 40 -20.29 21.78 31.20
N ILE A 41 -20.16 21.24 29.98
CA ILE A 41 -19.66 19.89 29.78
C ILE A 41 -18.67 19.90 28.62
N ILE A 42 -17.48 19.40 28.87
CA ILE A 42 -16.42 19.36 27.86
C ILE A 42 -16.19 17.90 27.53
N PHE A 43 -16.25 17.56 26.25
CA PHE A 43 -15.97 16.21 25.80
C PHE A 43 -14.56 16.14 25.24
N ILE A 44 -13.82 15.14 25.68
CA ILE A 44 -12.50 14.86 25.15
C ILE A 44 -12.57 13.52 24.43
N GLY A 45 -12.42 13.54 23.12
CA GLY A 45 -12.35 12.33 22.34
C GLY A 45 -11.13 12.37 21.44
N GLY A 46 -10.67 11.20 21.06
CA GLY A 46 -9.50 11.13 20.21
C GLY A 46 -8.27 11.68 20.90
N TYR A 47 -7.16 11.62 20.15
CA TYR A 47 -5.85 12.06 20.67
C TYR A 47 -5.85 13.52 21.08
N ILE A 48 -5.30 13.82 22.26
CA ILE A 48 -5.12 15.19 22.70
C ILE A 48 -3.90 15.73 21.99
N ASN A 49 -4.07 16.19 20.75
CA ASN A 49 -3.01 16.85 20.03
C ASN A 49 -3.06 18.33 20.38
N ASP A 50 -2.30 19.17 19.67
CA ASP A 50 -2.24 20.58 20.03
C ASP A 50 -3.58 21.28 19.83
N LYS A 51 -4.29 20.95 18.75
CA LYS A 51 -5.62 21.55 18.55
C LYS A 51 -6.59 21.14 19.64
N MET A 52 -6.58 19.87 20.03
CA MET A 52 -7.48 19.42 21.09
C MET A 52 -7.14 20.07 22.42
N ALA A 53 -5.84 20.20 22.74
CA ALA A 53 -5.46 20.88 23.96
C ALA A 53 -5.87 22.34 23.94
N THR A 54 -5.68 23.00 22.79
CA THR A 54 -6.09 24.40 22.67
C THR A 54 -7.58 24.54 22.87
N GLN A 55 -8.37 23.65 22.26
CA GLN A 55 -9.81 23.71 22.39
C GLN A 55 -10.25 23.47 23.83
N ILE A 56 -9.62 22.52 24.52
CA ILE A 56 -10.02 22.21 25.89
C ILE A 56 -9.64 23.35 26.82
N VAL A 57 -8.47 23.94 26.64
CA VAL A 57 -8.08 25.05 27.50
C VAL A 57 -8.97 26.27 27.22
N GLY A 58 -9.29 26.52 25.96
CA GLY A 58 -10.19 27.60 25.64
C GLY A 58 -11.57 27.38 26.23
N SER A 59 -12.07 26.14 26.18
CA SER A 59 -13.35 25.83 26.78
C SER A 59 -13.32 26.02 28.28
N LEU A 60 -12.27 25.52 28.94
CA LEU A 60 -12.16 25.69 30.39
C LEU A 60 -12.18 27.17 30.76
N MET A 61 -11.45 27.98 30.00
CA MET A 61 -11.35 29.39 30.38
C MET A 61 -12.62 30.15 30.02
N ALA A 62 -13.30 29.78 28.94
CA ALA A 62 -14.59 30.41 28.64
C ALA A 62 -15.61 30.08 29.71
N LEU A 63 -15.66 28.80 30.14
CA LEU A 63 -16.58 28.43 31.20
C LEU A 63 -16.23 29.14 32.50
N GLU A 64 -14.94 29.32 32.77
CA GLU A 64 -14.53 30.09 33.93
C GLU A 64 -15.00 31.54 33.83
N ALA A 65 -14.86 32.14 32.66
CA ALA A 65 -15.26 33.53 32.49
C ALA A 65 -16.76 33.70 32.67
N VAL A 66 -17.54 32.73 32.21
CA VAL A 66 -18.99 32.80 32.38
C VAL A 66 -19.36 32.72 33.85
N ASP A 67 -18.77 31.79 34.58
CA ASP A 67 -19.09 31.60 36.00
C ASP A 67 -17.88 30.93 36.65
N GLU A 68 -17.23 31.64 37.57
CA GLU A 68 -15.97 31.13 38.11
C GLU A 68 -16.16 30.19 39.29
N ASN A 69 -17.38 29.88 39.68
CA ASN A 69 -17.61 29.10 40.89
C ASN A 69 -18.35 27.79 40.67
N GLU A 70 -18.98 27.61 39.50
CA GLU A 70 -19.81 26.43 39.29
C GLU A 70 -19.04 25.34 38.57
N ASP A 71 -19.37 24.10 38.90
CA ASP A 71 -18.58 22.94 38.48
C ASP A 71 -18.55 22.80 36.96
N ILE A 72 -17.40 22.35 36.46
CA ILE A 72 -17.23 21.94 35.08
C ILE A 72 -17.11 20.43 35.09
N ARG A 73 -17.79 19.77 34.16
CA ARG A 73 -17.74 18.32 34.02
C ARG A 73 -17.06 17.97 32.71
N ILE A 74 -16.06 17.10 32.77
CA ILE A 74 -15.26 16.72 31.60
C ILE A 74 -15.42 15.24 31.38
N TYR A 75 -15.84 14.84 30.17
CA TYR A 75 -15.95 13.44 29.80
C TYR A 75 -14.75 13.08 28.95
N ILE A 76 -14.01 12.05 29.36
CA ILE A 76 -12.76 11.69 28.73
C ILE A 76 -12.89 10.30 28.13
N ASN A 77 -12.91 10.22 26.81
CA ASN A 77 -12.93 8.96 26.09
C ASN A 77 -11.89 9.11 24.98
N SER A 78 -10.62 8.92 25.32
CA SER A 78 -9.58 9.24 24.35
C SER A 78 -8.48 8.21 24.40
N PRO A 79 -7.89 7.87 23.25
CA PRO A 79 -6.86 6.83 23.22
C PRO A 79 -5.45 7.32 23.45
N GLY A 80 -5.28 8.48 24.06
CA GLY A 80 -3.96 8.95 24.38
C GLY A 80 -3.90 10.44 24.18
N GLY A 81 -2.67 10.93 24.00
CA GLY A 81 -2.48 12.32 23.67
C GLY A 81 -1.01 12.63 23.55
N GLN A 82 -0.73 13.66 22.89
CA GLN A 82 0.64 14.12 22.91
C GLN A 82 0.99 14.53 24.33
N PRO A 83 2.15 14.14 24.87
CA PRO A 83 2.43 14.40 26.27
C PRO A 83 2.42 15.87 26.64
N TYR A 84 2.93 16.74 25.77
CA TYR A 84 2.92 18.17 26.07
C TYR A 84 1.53 18.76 26.08
N SER A 85 0.67 18.32 25.16
CA SER A 85 -0.70 18.77 25.17
C SER A 85 -1.42 18.32 26.43
N VAL A 86 -1.16 17.09 26.88
CA VAL A 86 -1.77 16.59 28.10
C VAL A 86 -1.28 17.39 29.30
N LEU A 87 0.01 17.72 29.34
CA LEU A 87 0.51 18.52 30.43
C LEU A 87 -0.10 19.91 30.43
N GLY A 88 -0.28 20.50 29.24
CA GLY A 88 -0.96 21.78 29.17
C GLY A 88 -2.39 21.69 29.68
N VAL A 89 -3.11 20.64 29.30
CA VAL A 89 -4.50 20.47 29.74
C VAL A 89 -4.56 20.28 31.25
N VAL A 90 -3.65 19.48 31.80
CA VAL A 90 -3.67 19.25 33.25
C VAL A 90 -3.30 20.52 34.01
N ASP A 91 -2.35 21.29 33.47
CA ASP A 91 -2.02 22.57 34.10
C ASP A 91 -3.20 23.52 34.08
N ALA A 92 -3.92 23.59 32.96
CA ALA A 92 -5.12 24.43 32.90
C ALA A 92 -6.20 23.93 33.84
N MET A 93 -6.35 22.61 33.97
CA MET A 93 -7.32 22.06 34.92
C MET A 93 -6.97 22.43 36.35
N GLN A 94 -5.70 22.36 36.72
CA GLN A 94 -5.32 22.67 38.09
C GLN A 94 -5.25 24.17 38.35
N SER A 95 -5.24 25.00 37.32
CA SER A 95 -5.06 26.43 37.50
C SER A 95 -6.35 27.23 37.35
N ILE A 96 -7.51 26.59 37.25
CA ILE A 96 -8.75 27.32 37.11
C ILE A 96 -9.49 27.32 38.44
N LYS A 97 -10.50 28.19 38.53
CA LYS A 97 -11.20 28.36 39.81
C LYS A 97 -12.25 27.30 40.06
N PRO A 98 -13.14 26.96 39.13
CA PRO A 98 -14.24 26.05 39.48
C PRO A 98 -13.75 24.64 39.73
N ASP A 99 -14.60 23.84 40.38
CA ASP A 99 -14.32 22.41 40.50
C ASP A 99 -14.41 21.74 39.15
N VAL A 100 -13.36 21.02 38.78
CA VAL A 100 -13.32 20.24 37.57
C VAL A 100 -13.62 18.80 37.95
N GLN A 101 -14.51 18.17 37.22
CA GLN A 101 -15.08 16.90 37.62
C GLN A 101 -15.04 15.95 36.43
N THR A 102 -14.10 15.02 36.45
CA THR A 102 -13.75 14.27 35.26
C THR A 102 -14.30 12.86 35.32
N VAL A 103 -15.12 12.52 34.34
CA VAL A 103 -15.71 11.19 34.19
C VAL A 103 -15.00 10.50 33.05
N ALA A 104 -14.46 9.32 33.31
CA ALA A 104 -13.79 8.54 32.28
C ALA A 104 -14.79 7.60 31.63
N LEU A 105 -14.74 7.50 30.30
CA LEU A 105 -15.62 6.64 29.54
C LEU A 105 -14.78 5.81 28.58
N GLY A 106 -15.31 4.65 28.21
CA GLY A 106 -14.66 3.90 27.15
C GLY A 106 -13.24 3.56 27.52
N ALA A 107 -12.30 4.34 27.01
CA ALA A 107 -10.89 4.17 27.31
C ALA A 107 -10.31 5.49 27.77
N CYS A 108 -9.22 5.40 28.52
CA CYS A 108 -8.34 6.54 28.82
C CYS A 108 -6.94 5.95 28.80
N TYR A 109 -6.20 6.15 27.71
CA TYR A 109 -4.97 5.41 27.51
C TYR A 109 -3.72 6.24 27.79
N SER A 110 -3.39 6.28 29.07
CA SER A 110 -2.12 6.65 29.68
C SER A 110 -1.91 8.15 29.72
N TYR A 111 -2.19 8.90 28.68
CA TYR A 111 -1.93 10.32 28.83
C TYR A 111 -3.21 10.98 29.23
N ALA A 112 -4.28 10.67 28.49
CA ALA A 112 -5.61 10.84 29.00
C ALA A 112 -5.75 10.28 30.41
N SER A 113 -4.91 9.31 30.79
CA SER A 113 -5.14 8.74 32.12
C SER A 113 -4.88 9.79 33.17
N LEU A 114 -3.85 10.60 32.97
CA LEU A 114 -3.59 11.68 33.90
C LEU A 114 -4.74 12.66 33.91
N VAL A 115 -5.37 12.87 32.76
CA VAL A 115 -6.50 13.80 32.70
C VAL A 115 -7.62 13.33 33.61
N VAL A 116 -7.75 12.01 33.82
CA VAL A 116 -8.79 11.53 34.72
C VAL A 116 -8.36 11.77 36.17
N ALA A 117 -7.08 11.62 36.47
CA ALA A 117 -6.64 11.76 37.84
C ALA A 117 -6.61 13.22 38.27
N ALA A 118 -6.69 14.13 37.30
CA ALA A 118 -6.54 15.56 37.58
C ALA A 118 -7.84 16.26 37.93
N GLY A 119 -8.95 15.53 38.05
CA GLY A 119 -10.16 16.13 38.54
C GLY A 119 -10.06 16.45 40.00
N THR A 120 -10.98 17.29 40.46
CA THR A 120 -11.01 17.66 41.86
C THR A 120 -11.19 16.43 42.73
N LYS A 121 -10.24 16.21 43.65
CA LYS A 121 -10.25 15.00 44.46
C LYS A 121 -11.58 14.84 45.15
N GLY A 122 -12.18 13.67 45.00
CA GLY A 122 -13.56 13.43 45.39
C GLY A 122 -14.53 13.47 44.24
N LYS A 123 -14.14 14.04 43.10
CA LYS A 123 -15.01 14.17 41.95
C LYS A 123 -14.43 13.55 40.69
N ARG A 124 -13.47 12.64 40.82
CA ARG A 124 -12.99 11.87 39.68
C ARG A 124 -13.81 10.59 39.59
N TYR A 125 -14.40 10.35 38.42
CA TYR A 125 -15.31 9.23 38.23
C TYR A 125 -14.85 8.43 37.04
N ALA A 126 -15.23 7.17 37.01
CA ALA A 126 -15.03 6.33 35.85
C ALA A 126 -16.27 5.47 35.68
N MET A 127 -16.69 5.27 34.44
CA MET A 127 -17.80 4.38 34.22
C MET A 127 -17.37 2.97 34.53
N LYS A 128 -18.35 2.12 34.84
CA LYS A 128 -18.08 0.79 35.38
C LYS A 128 -17.15 -0.02 34.48
N ASN A 129 -17.28 0.14 33.17
CA ASN A 129 -16.54 -0.66 32.19
C ASN A 129 -15.57 0.17 31.37
N THR A 130 -14.83 1.08 31.99
CA THR A 130 -13.78 1.73 31.24
C THR A 130 -12.48 0.97 31.42
N ARG A 131 -11.49 1.34 30.60
CA ARG A 131 -10.18 0.73 30.64
C ARG A 131 -9.14 1.83 30.76
N LEU A 132 -8.69 2.11 31.97
CA LEU A 132 -7.61 3.04 32.15
C LEU A 132 -6.31 2.33 31.83
N MET A 133 -5.25 3.10 31.65
CA MET A 133 -3.95 2.53 31.33
C MET A 133 -2.86 3.46 31.83
N MET A 134 -1.75 2.91 32.26
CA MET A 134 -0.59 3.70 32.66
C MET A 134 0.67 3.15 32.02
N THR A 135 1.48 4.05 31.47
CA THR A 135 2.64 3.65 30.70
C THR A 135 3.75 4.64 30.98
N GLN A 136 5.00 4.19 30.84
CA GLN A 136 6.10 5.13 30.82
C GLN A 136 5.99 6.01 29.59
N PRO A 137 6.41 7.26 29.67
CA PRO A 137 6.45 8.10 28.47
C PRO A 137 7.26 7.43 27.38
N MET A 138 6.57 7.08 26.30
CA MET A 138 7.18 6.49 25.12
C MET A 138 7.53 7.58 24.14
N GLY A 139 8.78 7.57 23.69
CA GLY A 139 9.24 8.48 22.67
C GLY A 139 10.06 7.69 21.68
N GLY A 140 11.27 8.18 21.33
CA GLY A 140 12.02 7.47 20.26
C GLY A 140 13.31 8.16 19.85
N SER A 141 14.44 7.44 19.92
CA SER A 141 15.76 8.06 19.64
C SER A 141 16.18 7.81 18.18
N GLN A 142 16.89 8.78 17.59
CA GLN A 142 17.31 8.67 16.16
C GLN A 142 18.44 9.66 15.88
N GLY A 143 19.44 9.24 15.12
CA GLY A 143 20.47 10.21 14.69
C GLY A 143 21.77 10.19 15.44
N ASP A 144 22.40 11.36 15.59
CA ASP A 144 23.69 11.52 16.23
C ASP A 144 23.60 11.13 17.70
N ILE A 145 24.76 11.08 18.38
CA ILE A 145 24.76 10.77 19.81
C ILE A 145 24.16 11.90 20.62
N TYR A 146 24.26 13.13 20.14
CA TYR A 146 23.69 14.25 20.88
C TYR A 146 22.19 14.36 20.69
N GLN A 147 21.67 14.00 19.53
CA GLN A 147 20.23 13.88 19.38
C GLN A 147 19.67 12.77 20.27
N ILE A 148 20.40 11.67 20.41
CA ILE A 148 19.92 10.58 21.25
C ILE A 148 20.00 10.97 22.72
N LYS A 149 21.03 11.71 23.13
CA LYS A 149 21.06 12.22 24.50
C LYS A 149 19.92 13.20 24.73
N ALA A 150 19.59 14.03 23.73
CA ALA A 150 18.45 14.92 23.87
C ALA A 150 17.17 14.13 24.05
N THR A 151 17.00 13.04 23.29
CA THR A 151 15.81 12.23 23.45
C THR A 151 15.76 11.57 24.83
N VAL A 152 16.91 11.13 25.32
CA VAL A 152 16.96 10.55 26.65
C VAL A 152 16.54 11.57 27.70
N GLU A 153 17.04 12.80 27.58
CA GLU A 153 16.69 13.82 28.56
C GLU A 153 15.22 14.21 28.44
N GLU A 154 14.69 14.29 27.22
CA GLU A 154 13.27 14.59 27.05
C GLU A 154 12.41 13.51 27.69
N LEU A 155 12.74 12.24 27.47
CA LEU A 155 11.91 11.17 28.00
C LEU A 155 12.09 11.02 29.50
N ASN A 156 13.27 11.33 30.02
CA ASN A 156 13.45 11.35 31.47
C ASN A 156 12.69 12.52 32.10
N ALA A 157 12.69 13.68 31.47
CA ALA A 157 11.93 14.80 32.00
C ALA A 157 10.44 14.52 31.97
N LEU A 158 9.96 13.91 30.89
CA LEU A 158 8.55 13.51 30.85
C LEU A 158 8.24 12.46 31.88
N TYR A 159 9.13 11.48 32.09
CA TYR A 159 8.87 10.48 33.10
C TYR A 159 8.78 11.13 34.48
N GLN A 160 9.69 12.05 34.78
CA GLN A 160 9.64 12.72 36.07
C GLN A 160 8.35 13.52 36.21
N ILE A 161 7.94 14.25 35.17
CA ILE A 161 6.76 15.10 35.31
C ILE A 161 5.52 14.24 35.51
N PHE A 162 5.36 13.20 34.71
CA PHE A 162 4.16 12.39 34.84
C PHE A 162 4.18 11.54 36.10
N SER A 163 5.35 11.06 36.50
CA SER A 163 5.47 10.35 37.77
C SER A 163 5.13 11.26 38.94
N ARG A 164 5.57 12.51 38.90
CA ARG A 164 5.28 13.44 39.98
C ARG A 164 3.80 13.79 40.01
N TYR A 165 3.17 13.91 38.84
CA TYR A 165 1.73 14.17 38.81
C TYR A 165 0.94 12.98 39.33
N TYR A 166 1.35 11.77 38.98
CA TYR A 166 0.66 10.60 39.50
C TYR A 166 0.85 10.48 41.01
N MET A 167 2.05 10.77 41.50
CA MET A 167 2.25 10.84 42.94
C MET A 167 1.35 11.88 43.58
N LYS A 168 1.26 13.06 42.96
CA LYS A 168 0.47 14.15 43.51
C LYS A 168 -0.99 13.79 43.61
N PHE A 169 -1.53 13.12 42.61
CA PHE A 169 -2.95 12.84 42.58
C PHE A 169 -3.34 11.56 43.31
N THR A 170 -2.56 10.50 43.19
CA THR A 170 -2.93 9.22 43.78
C THR A 170 -2.24 8.94 45.10
N GLY A 171 -1.18 9.65 45.44
CA GLY A 171 -0.51 9.44 46.70
C GLY A 171 0.42 8.25 46.74
N MET A 172 0.59 7.55 45.62
CA MET A 172 1.46 6.39 45.58
C MET A 172 2.92 6.78 45.74
N ASN A 173 3.74 5.80 46.09
CA ASN A 173 5.18 6.01 46.12
C ASN A 173 5.74 6.01 44.71
N GLN A 174 6.90 6.65 44.55
CA GLN A 174 7.59 6.60 43.27
C GLN A 174 8.02 5.19 42.92
N ASP A 175 8.30 4.35 43.91
CA ASP A 175 8.45 2.93 43.67
C ASP A 175 7.18 2.32 43.12
N GLN A 176 6.03 2.61 43.75
CA GLN A 176 4.78 2.01 43.29
C GLN A 176 4.45 2.44 41.88
N ILE A 177 4.74 3.69 41.53
CA ILE A 177 4.56 4.14 40.16
C ILE A 177 5.57 3.44 39.25
N GLU A 178 6.77 3.17 39.74
CA GLU A 178 7.72 2.42 38.93
C GLU A 178 7.16 1.06 38.56
N GLN A 179 6.55 0.35 39.52
CA GLN A 179 5.96 -0.93 39.13
C GLN A 179 4.71 -0.75 38.28
N ALA A 180 3.93 0.30 38.54
CA ALA A 180 2.65 0.44 37.87
C ALA A 180 2.79 1.05 36.48
N THR A 181 4.01 1.42 36.10
CA THR A 181 4.24 2.06 34.81
C THR A 181 5.39 1.42 34.03
N CYS A 182 5.98 0.33 34.56
CA CYS A 182 7.11 -0.29 33.87
C CYS A 182 6.67 -0.87 32.53
N ARG A 183 5.40 -1.23 32.44
CA ARG A 183 4.87 -1.74 31.15
C ARG A 183 3.43 -1.24 31.04
N ASP A 184 2.87 -1.28 29.83
CA ASP A 184 1.46 -0.94 29.67
C ASP A 184 0.65 -1.62 30.75
N HIS A 185 0.01 -0.81 31.58
CA HIS A 185 -0.71 -1.31 32.75
C HIS A 185 -2.18 -0.98 32.57
N PHE A 186 -2.95 -1.96 32.11
CA PHE A 186 -4.39 -1.78 31.90
C PHE A 186 -5.14 -2.05 33.19
N MET A 187 -5.96 -1.10 33.59
CA MET A 187 -6.67 -1.16 34.85
C MET A 187 -8.16 -0.98 34.62
N THR A 188 -8.94 -1.70 35.41
CA THR A 188 -10.37 -1.47 35.47
C THR A 188 -10.65 -0.30 36.38
N PRO A 189 -11.91 0.12 36.51
CA PRO A 189 -12.25 1.10 37.53
C PRO A 189 -11.91 0.65 38.94
N GLU A 190 -11.88 -0.65 39.19
CA GLU A 190 -11.65 -1.12 40.56
C GLU A 190 -10.20 -0.98 40.97
N GLN A 191 -9.24 -1.34 40.11
CA GLN A 191 -7.85 -1.03 40.42
C GLN A 191 -7.63 0.47 40.53
N ALA A 192 -8.32 1.25 39.69
CA ALA A 192 -8.12 2.69 39.73
C ALA A 192 -8.64 3.27 41.03
N LYS A 193 -9.71 2.72 41.58
CA LYS A 193 -10.24 3.21 42.85
C LYS A 193 -9.37 2.73 44.01
N LEU A 194 -8.81 1.53 43.91
CA LEU A 194 -7.87 1.06 44.92
C LEU A 194 -6.58 1.87 44.90
N GLU A 195 -6.12 2.27 43.72
CA GLU A 195 -4.87 3.01 43.60
C GLU A 195 -5.04 4.48 43.91
N GLY A 196 -6.18 5.06 43.58
CA GLY A 196 -6.44 6.46 43.83
C GLY A 196 -6.61 7.32 42.59
N LEU A 197 -6.54 6.74 41.39
CA LEU A 197 -6.76 7.53 40.19
C LEU A 197 -8.16 8.08 40.11
N ILE A 198 -9.16 7.30 40.47
CA ILE A 198 -10.53 7.77 40.47
C ILE A 198 -11.07 7.66 41.88
N ASP A 199 -12.22 8.28 42.09
CA ASP A 199 -12.80 8.38 43.42
C ASP A 199 -14.08 7.60 43.57
N GLU A 200 -14.93 7.57 42.54
CA GLU A 200 -16.15 6.79 42.59
C GLU A 200 -16.38 6.17 41.22
N ILE A 201 -16.99 5.00 41.22
CA ILE A 201 -17.31 4.27 40.01
C ILE A 201 -18.79 4.47 39.72
N ILE A 202 -19.11 4.85 38.50
CA ILE A 202 -20.49 5.03 38.08
C ILE A 202 -21.03 3.69 37.60
N ARG A 203 -21.84 3.04 38.43
CA ARG A 203 -22.34 1.72 38.13
C ARG A 203 -23.70 1.79 37.45
N GLY A 204 -24.23 0.62 37.13
CA GLY A 204 -25.57 0.53 36.59
C GLY A 204 -26.62 0.71 37.66
N LYS A 205 -27.71 -0.02 37.50
CA LYS A 205 -28.79 0.01 38.48
C LYS A 205 -28.58 -1.12 39.48
N GLY A 206 -27.42 -1.10 40.12
CA GLY A 206 -27.03 -2.17 41.00
C GLY A 206 -26.14 -3.21 40.36
N ASP A 207 -25.18 -2.78 39.54
CA ASP A 207 -24.29 -3.70 38.84
C ASP A 207 -22.96 -3.78 39.58
N TYR A 208 -22.63 -4.96 40.11
CA TYR A 208 -21.40 -5.17 40.85
C TYR A 208 -20.60 -6.35 40.32
N THR A 209 -20.62 -6.58 39.01
CA THR A 209 -19.91 -7.71 38.44
C THR A 209 -18.41 -7.54 38.62
N VAL A 210 -17.74 -8.61 39.02
CA VAL A 210 -16.31 -8.58 39.31
C VAL A 210 -15.56 -8.86 38.02
N PRO A 211 -14.66 -7.98 37.58
CA PRO A 211 -13.96 -8.18 36.32
C PRO A 211 -12.90 -9.27 36.45
N PRO A 212 -12.42 -9.81 35.34
CA PRO A 212 -11.46 -10.92 35.42
C PRO A 212 -10.20 -10.63 36.23
N ALA A 213 -9.68 -9.40 36.17
CA ALA A 213 -8.47 -9.10 36.94
C ALA A 213 -8.72 -9.22 38.44
N ILE A 214 -9.87 -8.72 38.89
CA ILE A 214 -10.18 -8.80 40.32
C ILE A 214 -10.40 -10.25 40.73
N VAL A 215 -10.96 -11.07 39.85
CA VAL A 215 -11.09 -12.50 40.13
C VAL A 215 -9.71 -13.12 40.29
N ARG A 216 -8.76 -12.76 39.43
CA ARG A 216 -7.41 -13.28 39.59
C ARG A 216 -6.81 -12.84 40.92
N GLN A 217 -7.08 -11.59 41.32
CA GLN A 217 -6.61 -11.12 42.62
C GLN A 217 -7.27 -11.89 43.75
N PHE A 218 -8.50 -12.34 43.56
CA PHE A 218 -9.09 -13.27 44.52
C PHE A 218 -8.28 -14.55 44.59
N ARG A 219 -7.91 -15.10 43.44
CA ARG A 219 -7.20 -16.37 43.40
C ARG A 219 -5.81 -16.26 44.02
N GLU A 220 -5.21 -15.08 43.95
CA GLU A 220 -3.83 -14.93 44.42
C GLU A 220 -3.76 -14.89 45.94
N VAL A 221 -4.86 -14.56 46.61
CA VAL A 221 -4.88 -14.50 48.07
C VAL A 221 -5.57 -15.70 48.68
N GLY A 222 -5.98 -16.66 47.85
CA GLY A 222 -6.56 -17.90 48.35
C GLY A 222 -8.04 -17.88 48.61
N LEU A 223 -8.73 -16.79 48.29
CA LEU A 223 -10.15 -16.74 48.53
C LEU A 223 -10.92 -17.77 47.70
N VAL A 224 -10.52 -17.98 46.45
CA VAL A 224 -11.15 -18.96 45.59
C VAL A 224 -10.05 -19.84 45.01
N ASP A 225 -10.42 -21.07 44.67
CA ASP A 225 -9.48 -22.06 44.19
C ASP A 225 -10.01 -22.59 42.87
N ASP A 226 -9.33 -23.62 42.35
CA ASP A 226 -9.87 -24.31 41.18
C ASP A 226 -11.08 -25.15 41.54
N LEU A 227 -11.07 -25.77 42.72
CA LEU A 227 -12.22 -26.54 43.16
C LEU A 227 -13.44 -25.68 43.38
N THR A 228 -13.28 -24.54 44.06
CA THR A 228 -14.39 -23.71 44.50
C THR A 228 -14.18 -22.29 43.99
N PRO A 229 -14.30 -22.08 42.69
CA PRO A 229 -14.02 -20.75 42.14
C PRO A 229 -15.00 -19.69 42.57
N GLY A 230 -16.12 -20.05 43.17
CA GLY A 230 -17.11 -19.08 43.56
C GLY A 230 -17.90 -18.62 42.35
N PRO A 231 -18.82 -17.69 42.56
CA PRO A 231 -19.64 -17.19 41.45
C PRO A 231 -18.93 -16.09 40.65
N PHE A 232 -17.73 -16.39 40.18
CA PHE A 232 -16.94 -15.43 39.43
C PHE A 232 -16.55 -16.05 38.10
N LEU A 233 -16.16 -15.17 37.17
CA LEU A 233 -15.85 -15.62 35.82
C LEU A 233 -14.75 -16.66 35.84
N LYS A 234 -14.90 -17.70 35.00
CA LYS A 234 -13.92 -18.81 34.98
C LYS A 234 -12.59 -18.36 34.37
N VAL A 235 -11.54 -18.23 35.17
CA VAL A 235 -10.22 -17.86 34.71
C VAL A 235 -9.29 -19.04 34.91
N ASP A 236 -9.86 -20.25 34.86
CA ASP A 236 -9.07 -21.47 34.91
C ASP A 236 -8.44 -21.81 33.57
N CYS A 237 -8.87 -21.15 32.49
CA CYS A 237 -8.36 -21.43 31.16
C CYS A 237 -7.17 -20.57 30.79
N ASN A 238 -6.70 -19.72 31.70
CA ASN A 238 -5.51 -18.92 31.49
C ASN A 238 -4.26 -19.73 31.74
N PRO B 42 -20.67 10.24 0.88
CA PRO B 42 -21.95 10.24 0.15
C PRO B 42 -22.33 11.62 -0.37
N ASN B 43 -23.48 11.71 -1.01
CA ASN B 43 -23.92 12.99 -1.57
C ASN B 43 -24.24 13.96 -0.45
N PRO B 44 -23.82 15.23 -0.57
CA PRO B 44 -24.12 16.20 0.50
C PRO B 44 -25.61 16.40 0.73
N LEU B 45 -26.43 16.31 -0.32
CA LEU B 45 -27.87 16.48 -0.14
C LEU B 45 -28.47 15.32 0.63
N VAL B 46 -27.96 14.11 0.41
CA VAL B 46 -28.37 12.97 1.23
C VAL B 46 -28.01 13.23 2.69
N ILE B 47 -26.81 13.75 2.94
CA ILE B 47 -26.39 14.03 4.31
C ILE B 47 -27.30 15.07 4.95
N GLU B 48 -27.64 16.12 4.22
CA GLU B 48 -28.47 17.18 4.77
C GLU B 48 -29.90 16.70 5.05
N ARG B 49 -30.50 15.95 4.12
CA ARG B 49 -31.80 15.34 4.39
C ARG B 49 -31.74 14.42 5.59
N PHE B 50 -30.69 13.60 5.70
CA PHE B 50 -30.64 12.67 6.81
C PHE B 50 -30.39 13.40 8.12
N GLN B 51 -29.65 14.50 8.10
CA GLN B 51 -29.44 15.21 9.35
C GLN B 51 -30.74 15.88 9.79
N GLY B 52 -31.55 16.35 8.83
CA GLY B 52 -32.85 16.89 9.19
C GLY B 52 -33.76 15.85 9.82
N VAL B 53 -33.85 14.66 9.22
CA VAL B 53 -34.73 13.65 9.80
C VAL B 53 -34.15 13.11 11.11
N VAL B 54 -32.83 13.17 11.26
CA VAL B 54 -32.22 12.82 12.53
C VAL B 54 -32.64 13.82 13.61
N SER B 55 -32.67 15.10 13.28
CA SER B 55 -33.13 16.08 14.27
C SER B 55 -34.58 15.85 14.64
N GLN B 56 -35.43 15.54 13.65
CA GLN B 56 -36.83 15.25 13.97
C GLN B 56 -36.96 14.05 14.91
N LEU B 57 -36.29 12.95 14.58
CA LEU B 57 -36.36 11.78 15.45
C LEU B 57 -35.85 12.10 16.84
N PHE B 58 -34.73 12.81 16.94
CA PHE B 58 -34.20 13.16 18.25
C PHE B 58 -35.18 13.98 19.05
N GLN B 59 -35.86 14.92 18.41
CA GLN B 59 -37.00 15.59 19.03
C GLN B 59 -38.00 14.59 19.57
N GLN B 60 -38.25 13.50 18.85
CA GLN B 60 -39.21 12.51 19.32
C GLN B 60 -38.56 11.50 20.27
N ARG B 61 -37.41 11.84 20.85
CA ARG B 61 -36.68 10.96 21.78
C ARG B 61 -36.36 9.63 21.15
N ILE B 62 -35.66 9.65 20.03
CA ILE B 62 -35.22 8.46 19.33
C ILE B 62 -33.79 8.68 18.89
N VAL B 63 -32.84 8.21 19.68
CA VAL B 63 -31.46 8.23 19.24
C VAL B 63 -31.27 7.06 18.29
N ARG B 64 -30.14 7.05 17.58
CA ARG B 64 -29.91 5.98 16.64
C ARG B 64 -28.42 5.67 16.57
N LEU B 65 -28.12 4.38 16.45
CA LEU B 65 -26.76 3.88 16.34
C LEU B 65 -26.64 3.20 14.99
N GLY B 66 -26.04 3.87 14.03
CA GLY B 66 -25.87 3.33 12.69
C GLY B 66 -24.40 3.26 12.34
N GLY B 67 -24.06 2.26 11.56
CA GLY B 67 -22.69 2.12 11.10
C GLY B 67 -21.77 1.63 12.18
N ALA B 68 -20.53 1.38 11.78
CA ALA B 68 -19.52 0.89 12.71
C ALA B 68 -19.39 1.85 13.87
N VAL B 69 -19.43 1.32 15.09
CA VAL B 69 -19.47 2.15 16.28
C VAL B 69 -18.04 2.51 16.65
N ASP B 70 -17.49 3.53 16.00
CA ASP B 70 -16.16 4.00 16.32
C ASP B 70 -16.23 4.96 17.49
N ASP B 71 -15.10 5.57 17.83
CA ASP B 71 -15.08 6.47 18.98
C ASP B 71 -15.94 7.71 18.74
N ASP B 72 -15.96 8.21 17.50
CA ASP B 72 -16.71 9.42 17.21
C ASP B 72 -18.21 9.21 17.38
N MET B 73 -18.72 8.11 16.83
CA MET B 73 -20.14 7.82 16.98
C MET B 73 -20.51 7.60 18.43
N ALA B 74 -19.63 6.96 19.20
CA ALA B 74 -19.94 6.70 20.60
C ALA B 74 -19.88 7.96 21.45
N ASN B 75 -18.95 8.87 21.15
CA ASN B 75 -18.96 10.16 21.84
C ASN B 75 -20.24 10.92 21.52
N LEU B 76 -20.64 10.91 20.24
CA LEU B 76 -21.88 11.56 19.86
C LEU B 76 -23.07 10.95 20.57
N LEU B 77 -23.13 9.63 20.66
CA LEU B 77 -24.31 9.00 21.22
C LEU B 77 -24.33 9.13 22.75
N VAL B 78 -23.16 9.16 23.39
CA VAL B 78 -23.13 9.52 24.80
C VAL B 78 -23.67 10.93 24.99
N ALA B 79 -23.25 11.86 24.15
CA ALA B 79 -23.74 13.23 24.27
C ALA B 79 -25.26 13.27 24.12
N GLN B 80 -25.80 12.55 23.13
CA GLN B 80 -27.25 12.56 22.94
C GLN B 80 -27.96 11.97 24.15
N LEU B 81 -27.45 10.87 24.69
CA LEU B 81 -28.10 10.25 25.85
C LEU B 81 -28.08 11.18 27.06
N LEU B 82 -26.95 11.84 27.29
CA LEU B 82 -26.89 12.80 28.39
C LEU B 82 -27.88 13.94 28.20
N TYR B 83 -27.99 14.46 26.98
CA TYR B 83 -28.96 15.51 26.73
C TYR B 83 -30.37 15.02 27.01
N LEU B 84 -30.70 13.81 26.55
CA LEU B 84 -32.06 13.31 26.71
C LEU B 84 -32.36 13.01 28.17
N ASP B 85 -31.34 12.65 28.94
CA ASP B 85 -31.52 12.55 30.39
C ASP B 85 -31.81 13.91 31.00
N SER B 86 -31.09 14.94 30.58
CA SER B 86 -31.28 16.27 31.15
C SER B 86 -32.67 16.81 30.85
N VAL B 87 -33.17 16.59 29.63
CA VAL B 87 -34.45 17.17 29.23
C VAL B 87 -35.59 16.59 30.06
N ASP B 88 -35.60 15.28 30.23
CA ASP B 88 -36.67 14.62 30.96
C ASP B 88 -36.14 13.34 31.59
N ASN B 89 -36.45 13.13 32.87
CA ASN B 89 -35.88 12.04 33.63
C ASN B 89 -36.78 10.84 33.72
N LYS B 90 -37.93 10.85 33.06
CA LYS B 90 -38.91 9.78 33.21
C LYS B 90 -39.27 9.10 31.90
N ARG B 91 -39.47 9.87 30.84
CA ARG B 91 -39.92 9.29 29.57
C ARG B 91 -38.85 8.36 29.01
N ASP B 92 -39.32 7.31 28.33
CA ASP B 92 -38.42 6.35 27.71
C ASP B 92 -37.67 6.98 26.54
N ILE B 93 -36.48 6.47 26.30
CA ILE B 93 -35.70 6.77 25.11
C ILE B 93 -35.72 5.53 24.24
N THR B 94 -35.90 5.72 22.95
CA THR B 94 -35.89 4.61 22.01
C THR B 94 -34.61 4.64 21.18
N MET B 95 -33.81 3.59 21.27
CA MET B 95 -32.50 3.63 20.64
C MET B 95 -32.50 2.69 19.45
N TYR B 96 -32.41 3.28 18.26
CA TYR B 96 -32.38 2.57 16.99
C TYR B 96 -31.01 1.97 16.74
N VAL B 97 -30.91 0.65 16.83
CA VAL B 97 -29.67 -0.05 16.56
C VAL B 97 -29.71 -0.59 15.14
N ASN B 98 -28.75 -0.20 14.32
CA ASN B 98 -28.59 -0.75 12.98
C ASN B 98 -27.10 -0.67 12.66
N SER B 99 -26.35 -1.69 13.08
CA SER B 99 -24.92 -1.56 13.03
C SER B 99 -24.30 -2.86 12.58
N PRO B 100 -23.18 -2.80 11.85
CA PRO B 100 -22.49 -4.01 11.42
C PRO B 100 -21.35 -4.43 12.33
N GLY B 101 -21.08 -3.68 13.37
CA GLY B 101 -19.92 -3.94 14.22
C GLY B 101 -19.62 -2.71 15.04
N GLY B 102 -18.35 -2.55 15.37
CA GLY B 102 -17.90 -1.39 16.10
C GLY B 102 -16.83 -1.77 17.11
N SER B 103 -16.25 -0.75 17.70
CA SER B 103 -15.17 -0.95 18.66
C SER B 103 -15.73 -1.43 19.99
N VAL B 104 -14.99 -2.32 20.65
CA VAL B 104 -15.42 -2.82 21.95
C VAL B 104 -15.49 -1.68 22.95
N THR B 105 -14.45 -0.84 22.96
CA THR B 105 -14.36 0.23 23.93
C THR B 105 -15.44 1.29 23.73
N ALA B 106 -15.66 1.73 22.50
CA ALA B 106 -16.71 2.70 22.23
C ALA B 106 -18.10 2.11 22.47
N GLY B 107 -18.27 0.83 22.15
CA GLY B 107 -19.51 0.16 22.49
C GLY B 107 -19.75 0.14 23.99
N MET B 108 -18.71 -0.06 24.79
CA MET B 108 -18.90 -0.05 26.24
C MET B 108 -19.13 1.36 26.77
N ALA B 109 -18.57 2.38 26.12
CA ALA B 109 -18.94 3.75 26.47
C ALA B 109 -20.45 3.95 26.31
N VAL B 110 -20.98 3.56 25.16
CA VAL B 110 -22.42 3.70 24.94
C VAL B 110 -23.20 2.85 25.94
N PHE B 111 -22.69 1.65 26.25
CA PHE B 111 -23.43 0.72 27.10
C PHE B 111 -23.49 1.22 28.54
N ASP B 112 -22.38 1.70 29.07
CA ASP B 112 -22.43 2.28 30.42
C ASP B 112 -23.32 3.51 30.46
N THR B 113 -23.28 4.35 29.44
CA THR B 113 -24.16 5.52 29.50
C THR B 113 -25.63 5.10 29.44
N MET B 114 -25.93 4.04 28.69
CA MET B 114 -27.30 3.52 28.69
C MET B 114 -27.71 3.04 30.08
N ARG B 115 -26.83 2.31 30.74
CA ARG B 115 -27.19 1.73 32.04
C ARG B 115 -27.07 2.73 33.19
N HIS B 116 -26.52 3.92 32.96
CA HIS B 116 -26.37 4.90 34.03
C HIS B 116 -27.47 5.95 34.02
N ILE B 117 -27.93 6.38 32.86
CA ILE B 117 -28.89 7.47 32.82
C ILE B 117 -30.22 7.03 33.42
N ARG B 118 -31.07 8.02 33.71
CA ARG B 118 -32.35 7.75 34.36
C ARG B 118 -33.36 7.12 33.41
N PRO B 119 -33.69 7.70 32.25
CA PRO B 119 -34.73 7.11 31.41
C PRO B 119 -34.34 5.73 30.90
N ASP B 120 -35.33 4.86 30.76
CA ASP B 120 -35.07 3.51 30.30
C ASP B 120 -34.84 3.51 28.80
N VAL B 121 -33.65 3.11 28.38
CA VAL B 121 -33.30 3.10 26.97
C VAL B 121 -33.76 1.78 26.37
N SER B 122 -34.86 1.81 25.65
CA SER B 122 -35.41 0.66 24.96
C SER B 122 -34.75 0.55 23.59
N THR B 123 -33.92 -0.48 23.40
CA THR B 123 -33.21 -0.65 22.16
C THR B 123 -34.07 -1.43 21.19
N CYS B 124 -34.14 -0.96 19.94
CA CYS B 124 -34.90 -1.60 18.89
C CYS B 124 -33.98 -1.85 17.70
N CYS B 125 -33.97 -3.07 17.19
CA CYS B 125 -33.07 -3.43 16.09
C CYS B 125 -33.81 -3.42 14.77
N ILE B 126 -33.23 -2.76 13.78
CA ILE B 126 -33.79 -2.73 12.44
C ILE B 126 -32.67 -2.97 11.45
N GLY B 127 -32.82 -4.00 10.63
CA GLY B 127 -31.84 -4.36 9.63
C GLY B 127 -30.77 -5.34 10.09
N LEU B 128 -29.83 -4.87 10.89
CA LEU B 128 -28.68 -5.67 11.28
C LEU B 128 -28.10 -5.12 12.57
N ALA B 129 -28.16 -5.90 13.62
CA ALA B 129 -27.43 -5.61 14.85
C ALA B 129 -26.34 -6.65 14.94
N ALA B 130 -25.11 -6.28 14.60
CA ALA B 130 -24.05 -7.26 14.47
C ALA B 130 -22.86 -6.86 15.34
N SER B 131 -22.57 -7.68 16.33
CA SER B 131 -21.29 -7.83 17.01
C SER B 131 -20.91 -6.72 17.97
N MET B 132 -21.50 -5.55 17.84
CA MET B 132 -21.55 -4.61 18.95
C MET B 132 -22.85 -3.85 19.02
N GLY B 133 -23.56 -3.70 17.91
CA GLY B 133 -24.94 -3.29 18.00
C GLY B 133 -25.81 -4.40 18.51
N ALA B 134 -25.33 -5.64 18.40
CA ALA B 134 -26.05 -6.77 18.98
C ALA B 134 -25.88 -6.80 20.48
N PHE B 135 -24.67 -6.50 20.97
CA PHE B 135 -24.49 -6.33 22.40
C PHE B 135 -25.29 -5.17 22.93
N ILE B 136 -25.31 -4.05 22.20
CA ILE B 136 -26.09 -2.89 22.60
C ILE B 136 -27.57 -3.24 22.62
N LEU B 137 -28.04 -3.95 21.62
CA LEU B 137 -29.43 -4.39 21.59
C LEU B 137 -29.75 -5.31 22.75
N ALA B 138 -28.81 -6.19 23.09
CA ALA B 138 -28.99 -7.07 24.24
C ALA B 138 -29.16 -6.28 25.52
N SER B 139 -28.46 -5.16 25.65
CA SER B 139 -28.41 -4.40 26.88
C SER B 139 -29.51 -3.37 27.00
N GLY B 140 -30.48 -3.36 26.09
CA GLY B 140 -31.63 -2.48 26.27
C GLY B 140 -32.47 -2.90 27.46
N GLN B 141 -33.32 -1.97 27.90
CA GLN B 141 -34.08 -2.17 29.12
C GLN B 141 -34.83 -3.50 29.05
N ALA B 142 -34.66 -4.32 30.09
CA ALA B 142 -35.22 -5.66 30.09
C ALA B 142 -36.73 -5.60 29.86
N GLY B 143 -37.19 -6.37 28.89
CA GLY B 143 -38.57 -6.30 28.48
C GLY B 143 -38.86 -5.26 27.44
N LYS B 144 -37.87 -4.48 27.03
CA LYS B 144 -38.09 -3.43 26.04
C LYS B 144 -37.09 -3.46 24.90
N ARG B 145 -36.49 -4.60 24.61
CA ARG B 145 -35.66 -4.76 23.43
C ARG B 145 -36.50 -5.42 22.35
N TYR B 146 -36.55 -4.80 21.17
CA TYR B 146 -37.41 -5.29 20.12
C TYR B 146 -36.59 -5.49 18.85
N SER B 147 -37.24 -6.10 17.85
CA SER B 147 -36.61 -6.27 16.57
C SER B 147 -37.69 -6.49 15.53
N LEU B 148 -37.56 -5.82 14.40
CA LEU B 148 -38.46 -6.06 13.30
C LEU B 148 -38.24 -7.48 12.79
N PRO B 149 -39.25 -8.10 12.17
CA PRO B 149 -39.18 -9.54 11.94
C PRO B 149 -38.04 -10.00 11.06
N ASN B 150 -37.57 -9.20 10.12
CA ASN B 150 -36.61 -9.65 9.12
C ASN B 150 -35.19 -9.21 9.42
N SER B 151 -34.85 -8.97 10.68
CA SER B 151 -33.51 -8.51 11.02
C SER B 151 -32.60 -9.67 11.35
N ARG B 152 -31.31 -9.39 11.43
CA ARG B 152 -30.32 -10.40 11.77
C ARG B 152 -29.52 -9.90 12.96
N ILE B 153 -29.37 -10.75 13.97
CA ILE B 153 -28.55 -10.46 15.13
C ILE B 153 -27.33 -11.37 15.04
N MET B 154 -26.14 -10.79 15.09
CA MET B 154 -24.93 -11.58 15.13
C MET B 154 -24.14 -11.20 16.36
N ILE B 155 -23.88 -12.17 17.22
CA ILE B 155 -23.03 -11.99 18.38
C ILE B 155 -21.81 -12.87 18.19
N HIS B 156 -20.62 -12.30 18.36
CA HIS B 156 -19.41 -13.11 18.37
C HIS B 156 -18.44 -12.47 19.33
N GLN B 157 -17.21 -12.97 19.29
CA GLN B 157 -16.18 -12.49 20.19
C GLN B 157 -15.36 -11.40 19.53
N PRO B 158 -14.71 -10.55 20.33
CA PRO B 158 -13.91 -9.45 19.75
C PRO B 158 -12.81 -9.94 18.84
N LEU B 159 -12.65 -9.24 17.73
CA LEU B 159 -11.46 -9.35 16.91
C LEU B 159 -10.37 -8.50 17.53
N GLY B 160 -9.26 -8.36 16.83
CA GLY B 160 -8.20 -7.50 17.32
C GLY B 160 -6.87 -7.91 16.76
N GLY B 161 -5.82 -7.51 17.46
CA GLY B 161 -4.49 -7.85 17.04
C GLY B 161 -3.47 -7.58 18.12
N ALA B 162 -2.51 -8.47 18.28
CA ALA B 162 -1.41 -8.26 19.19
C ALA B 162 -0.13 -8.14 18.38
N GLN B 163 0.68 -7.14 18.70
CA GLN B 163 1.90 -6.90 17.96
C GLN B 163 2.99 -6.54 18.95
N GLY B 164 4.21 -6.92 18.63
CA GLY B 164 5.36 -6.58 19.44
C GLY B 164 5.98 -7.82 20.07
N GLN B 165 6.94 -7.56 20.97
CA GLN B 165 7.66 -8.61 21.64
C GLN B 165 6.69 -9.48 22.44
N ALA B 166 7.22 -10.60 22.96
CA ALA B 166 6.36 -11.59 23.60
C ALA B 166 5.55 -10.99 24.75
N THR B 167 6.18 -10.11 25.54
CA THR B 167 5.48 -9.55 26.69
C THR B 167 4.38 -8.58 26.26
N ASP B 168 4.64 -7.75 25.25
CA ASP B 168 3.59 -6.88 24.74
C ASP B 168 2.42 -7.70 24.21
N ILE B 169 2.71 -8.84 23.62
CA ILE B 169 1.64 -9.70 23.12
C ILE B 169 0.86 -10.32 24.26
N GLU B 170 1.52 -10.67 25.38
CA GLU B 170 0.73 -11.10 26.53
C GLU B 170 -0.17 -10.01 27.06
N ILE B 171 0.35 -8.79 27.19
CA ILE B 171 -0.48 -7.71 27.71
C ILE B 171 -1.67 -7.48 26.81
N GLN B 172 -1.45 -7.48 25.50
CA GLN B 172 -2.53 -7.20 24.58
C GLN B 172 -3.51 -8.38 24.46
N ALA B 173 -3.02 -9.61 24.62
CA ALA B 173 -3.91 -10.75 24.66
C ALA B 173 -4.75 -10.76 25.92
N ASN B 174 -4.21 -10.28 27.03
CA ASN B 174 -5.02 -10.11 28.23
C ASN B 174 -6.06 -9.00 28.04
N GLU B 175 -5.73 -7.96 27.30
CA GLU B 175 -6.79 -6.94 27.03
C GLU B 175 -7.90 -7.59 26.20
N ILE B 176 -7.57 -8.34 25.14
CA ILE B 176 -8.63 -8.88 24.31
C ILE B 176 -9.42 -9.94 25.06
N LEU B 177 -8.74 -10.77 25.85
CA LEU B 177 -9.45 -11.80 26.60
C LEU B 177 -10.29 -11.21 27.70
N HIS B 178 -9.87 -10.11 28.32
CA HIS B 178 -10.72 -9.44 29.28
C HIS B 178 -11.96 -8.90 28.62
N HIS B 179 -11.83 -8.31 27.44
CA HIS B 179 -13.02 -7.82 26.74
C HIS B 179 -13.96 -8.97 26.38
N LYS B 180 -13.41 -10.08 25.90
CA LYS B 180 -14.24 -11.23 25.57
C LYS B 180 -14.96 -11.77 26.78
N LEU B 181 -14.26 -11.91 27.91
CA LEU B 181 -14.88 -12.44 29.11
C LEU B 181 -15.95 -11.49 29.65
N THR B 182 -15.68 -10.19 29.61
CA THR B 182 -16.65 -9.21 30.10
C THR B 182 -17.91 -9.23 29.25
N LEU B 183 -17.76 -9.24 27.93
CA LEU B 183 -18.93 -9.24 27.05
C LEU B 183 -19.71 -10.54 27.17
N ASN B 184 -19.02 -11.68 27.32
CA ASN B 184 -19.75 -12.93 27.50
C ASN B 184 -20.47 -12.96 28.84
N GLY B 185 -19.84 -12.43 29.88
CA GLY B 185 -20.53 -12.34 31.17
C GLY B 185 -21.77 -11.48 31.10
N TYR B 186 -21.69 -10.38 30.35
CA TYR B 186 -22.85 -9.54 30.20
C TYR B 186 -23.94 -10.21 29.37
N LEU B 187 -23.56 -10.94 28.33
CA LEU B 187 -24.57 -11.63 27.54
C LEU B 187 -25.23 -12.72 28.36
N ALA B 188 -24.48 -13.38 29.23
CA ALA B 188 -25.08 -14.32 30.16
C ALA B 188 -26.06 -13.63 31.09
N GLN B 189 -25.72 -12.43 31.56
CA GLN B 189 -26.65 -11.70 32.41
C GLN B 189 -27.92 -11.31 31.68
N PHE B 190 -27.80 -10.85 30.44
CA PHE B 190 -28.98 -10.38 29.72
C PHE B 190 -29.88 -11.54 29.31
N THR B 191 -29.30 -12.58 28.72
CA THR B 191 -30.11 -13.59 28.06
C THR B 191 -30.60 -14.67 28.99
N GLY B 192 -30.11 -14.71 30.23
CA GLY B 192 -30.48 -15.80 31.09
C GLY B 192 -29.74 -17.09 30.81
N GLN B 193 -28.91 -17.13 29.78
CA GLN B 193 -28.13 -18.32 29.48
C GLN B 193 -26.99 -18.44 30.48
N SER B 194 -26.13 -19.44 30.25
CA SER B 194 -24.96 -19.62 31.07
C SER B 194 -23.72 -19.13 30.34
N MET B 195 -22.69 -18.82 31.12
CA MET B 195 -21.45 -18.28 30.56
C MET B 195 -20.82 -19.25 29.58
N GLU B 196 -20.97 -20.55 29.83
CA GLU B 196 -20.34 -21.54 28.96
C GLU B 196 -21.13 -21.76 27.69
N THR B 197 -22.46 -21.76 27.76
CA THR B 197 -23.28 -21.80 26.56
C THR B 197 -23.00 -20.60 25.68
N ILE B 198 -22.93 -19.41 26.28
CA ILE B 198 -22.62 -18.20 25.52
C ILE B 198 -21.24 -18.32 24.88
N THR B 199 -20.23 -18.72 25.66
CA THR B 199 -18.87 -18.79 25.13
C THR B 199 -18.78 -19.81 24.01
N LYS B 200 -19.58 -20.87 24.05
CA LYS B 200 -19.62 -21.83 22.96
C LYS B 200 -20.34 -21.27 21.75
N ASP B 201 -21.39 -20.48 21.98
CA ASP B 201 -22.20 -19.96 20.89
C ASP B 201 -21.54 -18.81 20.16
N THR B 202 -20.70 -18.03 20.85
CA THR B 202 -20.08 -16.87 20.23
C THR B 202 -18.64 -17.12 19.81
N ASP B 203 -18.21 -18.38 19.74
CA ASP B 203 -16.85 -18.66 19.31
C ASP B 203 -16.64 -18.22 17.87
N ARG B 204 -17.56 -18.53 16.99
CA ARG B 204 -17.57 -18.01 15.63
C ARG B 204 -18.84 -17.18 15.45
N ASP B 205 -18.96 -16.54 14.29
CA ASP B 205 -20.14 -15.73 14.01
C ASP B 205 -21.40 -16.55 14.13
N PHE B 206 -22.39 -16.01 14.84
CA PHE B 206 -23.60 -16.75 15.19
C PHE B 206 -24.81 -15.93 14.78
N PHE B 207 -25.22 -16.05 13.52
CA PHE B 207 -26.33 -15.28 13.01
C PHE B 207 -27.65 -15.85 13.47
N MET B 208 -28.58 -14.96 13.80
CA MET B 208 -29.84 -15.36 14.37
C MET B 208 -30.95 -14.49 13.81
N SER B 209 -32.07 -15.10 13.50
CA SER B 209 -33.27 -14.36 13.22
C SER B 209 -33.85 -13.85 14.53
N PRO B 210 -34.72 -12.83 14.49
CA PRO B 210 -35.29 -12.33 15.74
C PRO B 210 -36.12 -13.36 16.49
N GLN B 211 -36.72 -14.32 15.79
CA GLN B 211 -37.42 -15.40 16.49
C GLN B 211 -36.44 -16.21 17.32
N GLU B 212 -35.33 -16.61 16.72
CA GLU B 212 -34.31 -17.34 17.46
C GLU B 212 -33.74 -16.47 18.57
N ALA B 213 -33.71 -15.15 18.36
CA ALA B 213 -33.20 -14.24 19.38
C ALA B 213 -34.12 -14.21 20.59
N ILE B 214 -35.42 -14.13 20.36
CA ILE B 214 -36.36 -14.21 21.47
C ILE B 214 -36.19 -15.52 22.20
N GLU B 215 -36.13 -16.62 21.45
CA GLU B 215 -36.03 -17.94 22.06
C GLU B 215 -34.70 -18.10 22.78
N TYR B 216 -33.73 -17.24 22.45
CA TYR B 216 -32.44 -17.20 23.11
C TYR B 216 -32.48 -16.30 24.33
N GLY B 217 -32.90 -15.05 24.16
CA GLY B 217 -32.99 -14.12 25.25
C GLY B 217 -32.43 -12.76 24.90
N LEU B 218 -31.93 -12.64 23.67
CA LEU B 218 -31.31 -11.40 23.24
C LEU B 218 -32.33 -10.29 23.01
N VAL B 219 -33.50 -10.64 22.50
CA VAL B 219 -34.57 -9.71 22.16
C VAL B 219 -35.82 -10.21 22.86
N ASP B 220 -36.72 -9.28 23.17
CA ASP B 220 -37.90 -9.62 23.96
C ASP B 220 -39.20 -9.61 23.20
N ALA B 221 -39.26 -9.00 22.03
CA ALA B 221 -40.49 -9.02 21.26
C ALA B 221 -40.16 -8.69 19.82
N ILE B 222 -41.09 -9.03 18.93
CA ILE B 222 -40.98 -8.71 17.51
C ILE B 222 -42.04 -7.67 17.19
N ILE B 223 -41.65 -6.63 16.47
CA ILE B 223 -42.56 -5.57 16.06
C ILE B 223 -43.09 -5.89 14.67
N SER B 224 -44.40 -5.98 14.54
CA SER B 224 -45.00 -6.24 13.24
C SER B 224 -46.48 -5.93 13.32
N LYS B 225 -47.04 -5.52 12.19
CA LYS B 225 -48.47 -5.29 12.16
C LYS B 225 -49.18 -6.47 11.50
N PRO B 226 -50.48 -6.66 11.76
CA PRO B 226 -51.18 -7.80 11.15
C PRO B 226 -51.19 -7.69 9.64
N GLN B 227 -51.06 -8.83 8.98
CA GLN B 227 -51.22 -8.93 7.54
C GLN B 227 -52.55 -9.60 7.24
N MET B 228 -52.87 -9.72 5.95
CA MET B 228 -54.08 -10.42 5.54
C MET B 228 -53.73 -11.86 5.23
N LEU B 229 -54.26 -12.79 6.04
CA LEU B 229 -53.95 -14.21 5.84
C LEU B 229 -54.62 -14.67 4.55
N GLN B 230 -53.78 -15.03 3.58
CA GLN B 230 -54.23 -15.42 2.26
C GLN B 230 -55.00 -16.73 2.31
N SER B 231 -56.24 -16.72 1.87
CA SER B 231 -57.02 -17.95 1.79
C SER B 231 -56.56 -18.81 0.62
N ARG B 232 -56.30 -20.09 0.90
CA ARG B 232 -55.86 -21.02 -0.13
C ARG B 232 -57.03 -21.90 -0.57
N GLU B 233 -57.02 -22.29 -1.85
CA GLU B 233 -58.11 -23.08 -2.39
C GLU B 233 -58.19 -24.45 -1.71
N VAL B 234 -57.03 -25.05 -1.43
CA VAL B 234 -56.96 -26.34 -0.73
C VAL B 234 -57.77 -27.42 -1.41
N PRO C 17 -35.65 20.95 -3.35
CA PRO C 17 -35.37 19.85 -4.26
C PRO C 17 -36.07 18.57 -3.82
N PHE C 18 -35.31 17.69 -3.16
CA PHE C 18 -35.86 16.46 -2.61
C PHE C 18 -36.66 16.71 -1.35
N GLY C 19 -36.19 17.59 -0.47
CA GLY C 19 -36.93 17.86 0.76
C GLY C 19 -38.34 18.34 0.48
N LEU C 20 -38.50 19.14 -0.58
CA LEU C 20 -39.82 19.64 -0.92
C LEU C 20 -40.77 18.52 -1.26
N LEU C 21 -40.28 17.44 -1.84
CA LEU C 21 -41.12 16.29 -2.12
C LEU C 21 -41.36 15.45 -0.89
N LEU C 22 -40.38 15.38 0.01
CA LEU C 22 -40.60 14.70 1.29
C LEU C 22 -41.71 15.37 2.06
N ARG C 23 -41.88 16.68 1.88
CA ARG C 23 -43.04 17.36 2.43
C ARG C 23 -44.35 16.87 1.82
N GLN C 24 -44.30 16.18 0.68
CA GLN C 24 -45.49 15.59 0.08
C GLN C 24 -45.53 14.09 0.29
N ARG C 25 -44.74 13.57 1.23
CA ARG C 25 -44.66 12.14 1.52
C ARG C 25 -44.23 11.36 0.28
N ILE C 26 -42.99 11.60 -0.14
CA ILE C 26 -42.36 10.86 -1.22
C ILE C 26 -40.92 10.59 -0.82
N VAL C 27 -40.53 9.32 -0.86
CA VAL C 27 -39.19 8.90 -0.49
C VAL C 27 -38.49 8.41 -1.75
N PHE C 28 -37.37 9.03 -2.10
CA PHE C 28 -36.56 8.59 -3.23
C PHE C 28 -35.59 7.52 -2.78
N LEU C 29 -35.79 6.30 -3.25
CA LEU C 29 -34.83 5.22 -3.07
C LEU C 29 -33.96 5.18 -4.32
N GLY C 30 -33.01 6.10 -4.40
CA GLY C 30 -32.18 6.18 -5.56
C GLY C 30 -30.74 5.88 -5.26
N GLY C 31 -29.97 5.49 -6.28
CA GLY C 31 -28.59 5.12 -6.07
C GLY C 31 -28.44 3.78 -5.40
N GLU C 32 -27.22 3.26 -5.35
CA GLU C 32 -27.01 1.95 -4.75
C GLU C 32 -27.51 1.93 -3.32
N VAL C 33 -28.30 0.92 -3.00
CA VAL C 33 -28.67 0.68 -1.60
C VAL C 33 -27.40 0.41 -0.81
N GLU C 34 -27.20 1.18 0.25
CA GLU C 34 -26.00 1.06 1.05
C GLU C 34 -26.43 1.15 2.50
N ASP C 35 -25.46 1.02 3.41
CA ASP C 35 -25.77 1.15 4.83
C ASP C 35 -26.27 2.56 5.14
N PHE C 36 -25.51 3.58 4.75
CA PHE C 36 -25.90 4.95 5.03
C PHE C 36 -27.21 5.31 4.33
N GLY C 37 -27.32 4.94 3.06
CA GLY C 37 -28.53 5.24 2.30
C GLY C 37 -29.75 4.57 2.89
N ALA C 38 -29.63 3.28 3.22
CA ALA C 38 -30.75 2.56 3.81
C ALA C 38 -31.11 3.13 5.18
N ASP C 39 -30.11 3.54 5.97
CA ASP C 39 -30.41 4.18 7.24
C ASP C 39 -31.21 5.46 7.04
N ALA C 40 -30.82 6.26 6.04
CA ALA C 40 -31.57 7.47 5.74
C ALA C 40 -33.00 7.16 5.31
N ILE C 41 -33.18 6.17 4.43
CA ILE C 41 -34.53 5.85 3.97
C ILE C 41 -35.38 5.33 5.11
N ILE C 42 -34.82 4.50 5.99
CA ILE C 42 -35.59 4.00 7.12
C ILE C 42 -35.98 5.15 8.04
N SER C 43 -35.05 6.07 8.31
CA SER C 43 -35.40 7.19 9.18
C SER C 43 -36.51 8.04 8.58
N GLN C 44 -36.43 8.30 7.27
CA GLN C 44 -37.50 9.05 6.62
C GLN C 44 -38.83 8.31 6.72
N LEU C 45 -38.80 6.99 6.56
CA LEU C 45 -40.04 6.20 6.66
C LEU C 45 -40.62 6.23 8.06
N LEU C 46 -39.79 6.08 9.09
CA LEU C 46 -40.28 6.15 10.47
C LEU C 46 -40.87 7.52 10.77
N LEU C 47 -40.18 8.58 10.34
CA LEU C 47 -40.68 9.93 10.58
C LEU C 47 -41.99 10.17 9.85
N LEU C 48 -42.11 9.71 8.61
CA LEU C 48 -43.36 9.89 7.87
C LEU C 48 -44.47 9.03 8.43
N ASP C 49 -44.11 7.95 9.15
CA ASP C 49 -45.11 7.19 9.90
C ASP C 49 -45.59 7.98 11.11
N SER C 50 -44.68 8.59 11.85
CA SER C 50 -45.04 9.34 13.04
C SER C 50 -45.88 10.57 12.69
N GLN C 51 -45.54 11.26 11.61
CA GLN C 51 -46.20 12.52 11.29
C GLN C 51 -47.68 12.33 11.01
N ASP C 52 -48.04 11.31 10.24
CA ASP C 52 -49.45 11.09 9.97
C ASP C 52 -49.67 9.60 9.69
N PRO C 53 -50.59 8.95 10.40
CA PRO C 53 -50.75 7.50 10.24
C PRO C 53 -51.42 7.06 8.95
N THR C 54 -52.29 7.88 8.35
CA THR C 54 -53.18 7.38 7.31
C THR C 54 -52.99 8.05 5.95
N LYS C 55 -51.90 8.78 5.75
CA LYS C 55 -51.60 9.35 4.44
C LYS C 55 -50.57 8.51 3.72
N ASP C 56 -50.78 8.30 2.41
CA ASP C 56 -49.92 7.41 1.63
C ASP C 56 -48.48 7.90 1.61
N ILE C 57 -47.55 6.95 1.65
CA ILE C 57 -46.14 7.20 1.43
C ILE C 57 -45.81 6.67 0.04
N LYS C 58 -45.10 7.47 -0.74
CA LYS C 58 -44.69 7.07 -2.08
C LYS C 58 -43.19 6.88 -2.10
N ILE C 59 -42.73 5.71 -2.54
CA ILE C 59 -41.31 5.43 -2.64
C ILE C 59 -40.94 5.34 -4.11
N PHE C 60 -40.04 6.22 -4.53
CA PHE C 60 -39.54 6.24 -5.90
C PHE C 60 -38.24 5.46 -5.93
N ILE C 61 -38.13 4.52 -6.85
CA ILE C 61 -37.03 3.56 -6.88
C ILE C 61 -36.27 3.75 -8.18
N ASN C 62 -34.99 4.07 -8.08
CA ASN C 62 -34.08 4.05 -9.22
C ASN C 62 -32.71 3.68 -8.67
N SER C 63 -32.43 2.39 -8.63
CA SER C 63 -31.27 1.91 -7.90
C SER C 63 -30.84 0.56 -8.44
N PRO C 64 -29.54 0.35 -8.68
CA PRO C 64 -29.08 -0.95 -9.16
C PRO C 64 -29.03 -2.03 -8.09
N GLY C 65 -29.40 -1.72 -6.85
CA GLY C 65 -29.46 -2.69 -5.78
C GLY C 65 -28.52 -2.33 -4.66
N GLY C 66 -28.32 -3.29 -3.76
CA GLY C 66 -27.43 -3.06 -2.65
C GLY C 66 -27.39 -4.25 -1.73
N SER C 67 -26.87 -4.00 -0.52
CA SER C 67 -26.75 -5.06 0.47
C SER C 67 -28.11 -5.66 0.77
N VAL C 68 -28.11 -6.96 1.07
CA VAL C 68 -29.35 -7.64 1.38
C VAL C 68 -29.86 -7.22 2.75
N THR C 69 -28.96 -7.01 3.70
CA THR C 69 -29.38 -6.56 5.03
C THR C 69 -30.01 -5.18 4.98
N ALA C 70 -29.41 -4.26 4.22
CA ALA C 70 -30.00 -2.94 4.04
C ALA C 70 -31.35 -3.03 3.33
N GLY C 71 -31.42 -3.88 2.31
CA GLY C 71 -32.67 -4.01 1.58
C GLY C 71 -33.79 -4.56 2.43
N MET C 72 -33.50 -5.59 3.25
CA MET C 72 -34.54 -6.08 4.14
C MET C 72 -34.84 -5.11 5.27
N GLY C 73 -33.88 -4.28 5.67
CA GLY C 73 -34.20 -3.24 6.63
C GLY C 73 -35.19 -2.24 6.08
N ILE C 74 -34.98 -1.81 4.83
CA ILE C 74 -35.94 -0.91 4.19
C ILE C 74 -37.27 -1.62 4.00
N TYR C 75 -37.23 -2.91 3.67
CA TYR C 75 -38.46 -3.67 3.50
C TYR C 75 -39.24 -3.75 4.82
N ASP C 76 -38.54 -3.90 5.94
CA ASP C 76 -39.21 -3.93 7.23
C ASP C 76 -39.81 -2.59 7.58
N ALA C 77 -39.07 -1.51 7.36
CA ALA C 77 -39.65 -0.19 7.59
C ALA C 77 -40.85 0.04 6.69
N MET C 78 -40.84 -0.55 5.50
CA MET C 78 -41.97 -0.41 4.60
C MET C 78 -43.18 -1.18 5.11
N MET C 79 -42.96 -2.38 5.63
CA MET C 79 -44.08 -3.20 6.08
C MET C 79 -44.62 -2.74 7.42
N LEU C 80 -43.80 -2.09 8.23
CA LEU C 80 -44.22 -1.65 9.55
C LEU C 80 -45.21 -0.51 9.47
N CYS C 81 -45.15 0.30 8.43
CA CYS C 81 -45.96 1.50 8.35
C CYS C 81 -47.45 1.17 8.33
N ARG C 82 -48.25 2.01 8.99
CA ARG C 82 -49.69 1.88 8.93
C ARG C 82 -50.29 2.49 7.66
N ALA C 83 -49.47 3.15 6.85
CA ALA C 83 -49.91 3.85 5.66
C ALA C 83 -49.60 3.02 4.42
N ASP C 84 -50.53 3.00 3.47
CA ASP C 84 -50.28 2.32 2.22
C ASP C 84 -49.02 2.87 1.57
N VAL C 85 -48.13 1.97 1.15
CA VAL C 85 -46.83 2.39 0.64
C VAL C 85 -46.75 2.17 -0.86
N ASN C 86 -47.17 3.16 -1.62
CA ASN C 86 -47.05 3.09 -3.07
C ASN C 86 -45.59 3.02 -3.47
N THR C 87 -45.30 2.25 -4.51
CA THR C 87 -43.96 2.17 -5.06
C THR C 87 -43.99 2.56 -6.53
N TYR C 88 -42.91 3.20 -6.98
CA TYR C 88 -42.77 3.64 -8.35
C TYR C 88 -41.37 3.30 -8.84
N CYS C 89 -41.25 3.04 -10.14
CA CYS C 89 -39.98 2.71 -10.77
C CYS C 89 -39.67 3.78 -11.80
N PHE C 90 -38.43 4.27 -11.77
CA PHE C 90 -37.95 5.26 -12.73
C PHE C 90 -36.66 4.73 -13.34
N GLY C 91 -36.77 4.02 -14.45
CA GLY C 91 -35.56 3.56 -15.07
C GLY C 91 -35.17 2.16 -14.67
N LEU C 92 -34.34 2.01 -13.64
CA LEU C 92 -33.85 0.71 -13.24
C LEU C 92 -34.33 0.38 -11.84
N ALA C 93 -34.63 -0.88 -11.62
CA ALA C 93 -34.97 -1.41 -10.29
C ALA C 93 -34.35 -2.80 -10.24
N ALA C 94 -33.13 -2.91 -9.73
CA ALA C 94 -32.32 -4.10 -9.92
C ALA C 94 -31.88 -4.68 -8.59
N SER C 95 -32.37 -5.89 -8.29
CA SER C 95 -31.91 -6.79 -7.23
C SER C 95 -32.25 -6.37 -5.83
N MET C 96 -32.52 -5.09 -5.61
CA MET C 96 -33.14 -4.62 -4.39
C MET C 96 -34.12 -3.52 -4.62
N GLY C 97 -33.99 -2.75 -5.69
CA GLY C 97 -35.10 -1.92 -6.12
C GLY C 97 -36.29 -2.76 -6.53
N ALA C 98 -36.04 -3.92 -7.13
CA ALA C 98 -37.15 -4.75 -7.60
C ALA C 98 -37.84 -5.43 -6.44
N PHE C 99 -37.06 -5.97 -5.50
CA PHE C 99 -37.66 -6.60 -4.34
C PHE C 99 -38.46 -5.60 -3.53
N LEU C 100 -37.93 -4.40 -3.33
CA LEU C 100 -38.66 -3.38 -2.58
C LEU C 100 -39.77 -2.76 -3.39
N LEU C 101 -39.69 -2.83 -4.72
CA LEU C 101 -40.78 -2.33 -5.55
C LEU C 101 -41.98 -3.24 -5.45
N GLY C 102 -41.76 -4.54 -5.58
CA GLY C 102 -42.87 -5.45 -5.40
C GLY C 102 -43.39 -5.47 -3.98
N ALA C 103 -42.56 -5.08 -3.01
CA ALA C 103 -42.96 -5.10 -1.62
C ALA C 103 -43.88 -3.94 -1.25
N GLY C 104 -44.26 -3.11 -2.20
CA GLY C 104 -45.24 -2.09 -1.93
C GLY C 104 -46.61 -2.69 -1.73
N LYS C 105 -47.54 -1.85 -1.34
CA LYS C 105 -48.91 -2.30 -1.19
C LYS C 105 -49.41 -2.86 -2.51
N ARG C 106 -50.11 -3.99 -2.44
CA ARG C 106 -50.60 -4.61 -3.67
C ARG C 106 -51.65 -3.73 -4.31
N GLY C 107 -51.64 -3.67 -5.64
CA GLY C 107 -52.50 -2.79 -6.38
C GLY C 107 -51.99 -1.38 -6.47
N LYS C 108 -50.89 -1.07 -5.82
CA LYS C 108 -50.36 0.28 -5.74
C LYS C 108 -48.89 0.31 -6.11
N ARG C 109 -48.44 -0.68 -6.88
CA ARG C 109 -47.08 -0.72 -7.40
C ARG C 109 -47.13 -0.28 -8.85
N ASN C 110 -46.54 0.88 -9.14
CA ASN C 110 -46.54 1.44 -10.48
C ASN C 110 -45.14 1.40 -11.07
N SER C 111 -45.05 1.64 -12.37
CA SER C 111 -43.76 1.69 -13.03
C SER C 111 -43.87 2.58 -14.26
N MET C 112 -42.77 3.28 -14.57
CA MET C 112 -42.67 4.01 -15.82
C MET C 112 -42.56 3.05 -17.01
N PRO C 113 -43.17 3.40 -18.13
CA PRO C 113 -43.31 2.43 -19.23
C PRO C 113 -42.00 1.87 -19.74
N ASN C 114 -40.94 2.66 -19.76
CA ASN C 114 -39.67 2.23 -20.33
C ASN C 114 -38.63 1.89 -19.28
N SER C 115 -39.05 1.34 -18.15
CA SER C 115 -38.13 1.11 -17.06
C SER C 115 -37.81 -0.38 -16.91
N ARG C 116 -36.58 -0.67 -16.53
CA ARG C 116 -36.06 -2.03 -16.52
C ARG C 116 -36.08 -2.57 -15.10
N ILE C 117 -36.69 -3.73 -14.91
CA ILE C 117 -36.84 -4.33 -13.60
C ILE C 117 -36.10 -5.66 -13.62
N MET C 118 -35.00 -5.75 -12.88
CA MET C 118 -34.20 -6.97 -12.87
C MET C 118 -34.43 -7.76 -11.60
N ILE C 119 -34.69 -9.05 -11.74
CA ILE C 119 -34.80 -9.97 -10.63
C ILE C 119 -33.55 -10.82 -10.56
N HIS C 120 -33.08 -11.06 -9.35
CA HIS C 120 -31.69 -11.35 -9.06
C HIS C 120 -31.63 -12.00 -7.69
N GLN C 121 -30.97 -13.14 -7.61
CA GLN C 121 -30.75 -13.73 -6.31
C GLN C 121 -29.72 -12.92 -5.54
N PRO C 122 -29.78 -12.91 -4.22
CA PRO C 122 -28.91 -12.03 -3.44
C PRO C 122 -27.44 -12.32 -3.69
N LEU C 123 -26.63 -11.27 -3.63
CA LEU C 123 -25.19 -11.39 -3.68
C LEU C 123 -24.61 -11.40 -2.28
N GLY C 124 -23.65 -12.28 -2.08
CA GLY C 124 -22.92 -12.33 -0.83
C GLY C 124 -21.53 -12.84 -1.11
N GLY C 125 -20.67 -12.71 -0.12
CA GLY C 125 -19.29 -13.13 -0.26
C GLY C 125 -18.86 -13.99 0.91
N ALA C 126 -17.61 -14.43 0.87
CA ALA C 126 -17.06 -15.27 1.93
C ALA C 126 -15.55 -15.18 1.91
N SER C 127 -14.95 -15.08 3.09
CA SER C 127 -13.48 -14.95 3.21
C SER C 127 -13.05 -15.51 4.56
N GLY C 128 -11.87 -16.11 4.63
CA GLY C 128 -11.37 -16.57 5.94
C GLY C 128 -11.35 -18.07 6.04
N GLN C 129 -11.34 -18.59 7.27
CA GLN C 129 -11.21 -20.06 7.49
C GLN C 129 -12.47 -20.80 7.04
N ALA C 130 -12.39 -22.14 6.94
CA ALA C 130 -13.52 -22.94 6.43
C ALA C 130 -14.80 -22.72 7.26
N VAL C 131 -14.67 -22.38 8.54
CA VAL C 131 -15.86 -22.14 9.37
C VAL C 131 -16.48 -20.80 9.04
N ASP C 132 -15.65 -19.79 8.80
CA ASP C 132 -16.17 -18.51 8.34
C ASP C 132 -16.89 -18.69 7.01
N ILE C 133 -16.33 -19.49 6.10
CA ILE C 133 -16.95 -19.74 4.82
C ILE C 133 -18.29 -20.44 5.01
N GLU C 134 -18.33 -21.45 5.88
CA GLU C 134 -19.57 -22.18 6.10
C GLU C 134 -20.64 -21.27 6.69
N ILE C 135 -20.27 -20.41 7.62
CA ILE C 135 -21.23 -19.50 8.23
C ILE C 135 -21.77 -18.52 7.20
N GLN C 136 -20.89 -17.95 6.38
CA GLN C 136 -21.36 -16.99 5.40
C GLN C 136 -22.26 -17.65 4.36
N ALA C 137 -21.91 -18.88 3.95
CA ALA C 137 -22.77 -19.58 3.01
C ALA C 137 -24.12 -19.92 3.62
N LYS C 138 -24.14 -20.30 4.89
CA LYS C 138 -25.42 -20.59 5.54
C LYS C 138 -26.28 -19.34 5.61
N GLU C 139 -25.67 -18.19 5.93
CA GLU C 139 -26.42 -16.94 5.97
C GLU C 139 -26.97 -16.57 4.60
N ILE C 140 -26.16 -16.72 3.55
CA ILE C 140 -26.63 -16.36 2.22
C ILE C 140 -27.71 -17.31 1.75
N MET C 141 -27.64 -18.60 2.09
CA MET C 141 -28.73 -19.49 1.73
C MET C 141 -30.00 -19.13 2.47
N TYR C 142 -29.88 -18.69 3.72
CA TYR C 142 -31.05 -18.22 4.43
C TYR C 142 -31.67 -17.03 3.72
N HIS C 143 -30.85 -16.06 3.33
CA HIS C 143 -31.38 -14.88 2.67
C HIS C 143 -32.05 -15.23 1.36
N LYS C 144 -31.44 -16.14 0.60
CA LYS C 144 -32.02 -16.56 -0.66
C LYS C 144 -33.39 -17.19 -0.46
N ALA C 145 -33.50 -18.12 0.49
CA ALA C 145 -34.78 -18.75 0.76
C ALA C 145 -35.82 -17.74 1.21
N ASN C 146 -35.42 -16.83 2.10
CA ASN C 146 -36.36 -15.82 2.60
C ASN C 146 -36.85 -14.92 1.49
N LEU C 147 -35.93 -14.41 0.67
CA LEU C 147 -36.34 -13.53 -0.42
C LEU C 147 -37.21 -14.26 -1.41
N ASN C 148 -36.89 -15.51 -1.72
CA ASN C 148 -37.74 -16.27 -2.63
C ASN C 148 -39.14 -16.39 -2.07
N ARG C 149 -39.26 -16.67 -0.77
CA ARG C 149 -40.60 -16.79 -0.20
C ARG C 149 -41.36 -15.48 -0.28
N ILE C 150 -40.71 -14.36 0.04
CA ILE C 150 -41.42 -13.09 0.00
C ILE C 150 -41.82 -12.73 -1.42
N MET C 151 -40.91 -12.89 -2.38
CA MET C 151 -41.22 -12.54 -3.75
C MET C 151 -42.32 -13.44 -4.31
N ALA C 152 -42.31 -14.71 -3.97
CA ALA C 152 -43.40 -15.56 -4.42
C ALA C 152 -44.69 -15.25 -3.69
N ASP C 153 -44.60 -14.63 -2.51
CA ASP C 153 -45.80 -14.28 -1.78
C ASP C 153 -46.48 -13.07 -2.41
N TYR C 154 -45.71 -12.08 -2.85
CA TYR C 154 -46.38 -10.93 -3.47
C TYR C 154 -46.50 -11.02 -4.99
N CYS C 155 -45.71 -11.84 -5.67
CA CYS C 155 -45.93 -12.08 -7.09
C CYS C 155 -46.99 -13.14 -7.34
N GLN C 156 -47.38 -13.89 -6.32
CA GLN C 156 -48.36 -14.96 -6.45
C GLN C 156 -47.95 -15.98 -7.51
N GLN C 157 -46.68 -16.35 -7.50
CA GLN C 157 -46.11 -17.39 -8.34
C GLN C 157 -45.60 -18.52 -7.45
N PRO C 158 -45.39 -19.71 -8.02
CA PRO C 158 -44.77 -20.78 -7.24
C PRO C 158 -43.36 -20.40 -6.81
N LEU C 159 -42.94 -20.93 -5.66
CA LEU C 159 -41.56 -20.73 -5.21
C LEU C 159 -40.58 -21.31 -6.21
N SER C 160 -40.94 -22.40 -6.88
CA SER C 160 -40.06 -22.98 -7.88
C SER C 160 -39.82 -22.02 -9.03
N LYS C 161 -40.89 -21.36 -9.51
CA LYS C 161 -40.75 -20.43 -10.61
C LYS C 161 -39.84 -19.28 -10.24
N ILE C 162 -39.99 -18.76 -9.01
CA ILE C 162 -39.13 -17.68 -8.57
C ILE C 162 -37.69 -18.16 -8.50
N GLU C 163 -37.47 -19.38 -8.06
CA GLU C 163 -36.10 -19.89 -8.04
C GLU C 163 -35.51 -19.92 -9.44
N GLU C 164 -36.27 -20.42 -10.42
CA GLU C 164 -35.77 -20.46 -11.80
C GLU C 164 -35.47 -19.07 -12.33
N ASP C 165 -36.36 -18.10 -12.07
CA ASP C 165 -36.17 -16.77 -12.63
C ASP C 165 -35.04 -16.02 -11.95
N THR C 166 -34.95 -16.09 -10.63
CA THR C 166 -33.87 -15.45 -9.91
C THR C 166 -32.55 -16.17 -10.08
N ASP C 167 -32.52 -17.34 -10.70
CA ASP C 167 -31.27 -18.05 -10.92
C ASP C 167 -30.26 -17.14 -11.61
N ARG C 168 -30.63 -16.56 -12.73
CA ARG C 168 -29.78 -15.61 -13.45
C ARG C 168 -30.48 -14.26 -13.53
N ASP C 169 -29.71 -13.24 -13.86
CA ASP C 169 -30.20 -11.86 -13.94
C ASP C 169 -31.32 -11.81 -14.97
N ARG C 170 -32.56 -11.64 -14.52
CA ARG C 170 -33.68 -11.56 -15.47
C ARG C 170 -34.12 -10.10 -15.56
N TYR C 171 -34.01 -9.53 -16.75
CA TYR C 171 -34.50 -8.17 -16.99
C TYR C 171 -35.88 -8.23 -17.61
N MET C 172 -36.84 -7.56 -17.00
CA MET C 172 -38.16 -7.45 -17.61
C MET C 172 -38.54 -5.99 -17.82
N SER C 173 -39.29 -5.77 -18.87
CA SER C 173 -39.99 -4.51 -19.07
C SER C 173 -41.23 -4.51 -18.19
N PRO C 174 -41.87 -3.35 -18.02
CA PRO C 174 -43.04 -3.32 -17.13
C PRO C 174 -44.18 -4.20 -17.60
N LEU C 175 -44.24 -4.60 -18.86
CA LEU C 175 -45.26 -5.56 -19.26
C LEU C 175 -44.92 -6.96 -18.74
N GLU C 176 -43.68 -7.38 -18.90
CA GLU C 176 -43.26 -8.67 -18.39
C GLU C 176 -43.32 -8.70 -16.87
N ALA C 177 -42.99 -7.58 -16.24
CA ALA C 177 -43.09 -7.49 -14.79
C ALA C 177 -44.54 -7.49 -14.32
N LYS C 178 -45.42 -6.84 -15.08
CA LYS C 178 -46.82 -6.79 -14.67
C LYS C 178 -47.50 -8.13 -14.81
N GLU C 179 -47.21 -8.87 -15.89
CA GLU C 179 -47.76 -10.21 -16.00
C GLU C 179 -47.10 -11.16 -15.01
N TYR C 180 -45.82 -10.91 -14.70
CA TYR C 180 -45.10 -11.74 -13.75
C TYR C 180 -45.42 -11.38 -12.32
N GLY C 181 -46.04 -10.23 -12.08
CA GLY C 181 -46.61 -9.89 -10.79
C GLY C 181 -45.86 -8.88 -9.97
N LEU C 182 -44.72 -8.36 -10.43
CA LEU C 182 -43.97 -7.42 -9.60
C LEU C 182 -44.69 -6.09 -9.48
N ILE C 183 -45.27 -5.58 -10.56
CA ILE C 183 -45.97 -4.31 -10.51
C ILE C 183 -47.46 -4.57 -10.69
N ASP C 184 -48.24 -3.51 -10.53
CA ASP C 184 -49.68 -3.57 -10.68
C ASP C 184 -50.22 -2.59 -11.69
N HIS C 185 -49.52 -1.50 -11.96
CA HIS C 185 -49.93 -0.52 -12.96
C HIS C 185 -48.73 -0.14 -13.79
N ILE C 186 -48.99 0.30 -15.01
CA ILE C 186 -47.97 0.92 -15.85
C ILE C 186 -48.46 2.32 -16.14
N ILE C 187 -47.65 3.32 -15.83
CA ILE C 187 -48.16 4.67 -15.80
C ILE C 187 -48.57 5.16 -17.18
N GLY C 188 -47.89 4.77 -18.27
CA GLY C 188 -48.41 5.05 -19.62
C GLY C 188 -49.38 4.03 -20.19
N GLY C 189 -49.86 3.10 -19.37
CA GLY C 189 -50.70 2.03 -19.86
C GLY C 189 -50.01 1.21 -20.92
N GLU C 190 -50.44 1.34 -22.16
CA GLU C 190 -49.71 0.76 -23.29
C GLU C 190 -49.74 1.75 -24.45
N PRO D 42 -14.99 22.43 -8.88
CA PRO D 42 -14.23 21.81 -7.79
C PRO D 42 -14.20 22.68 -6.54
N ASN D 43 -14.57 23.94 -6.68
CA ASN D 43 -14.63 24.84 -5.54
C ASN D 43 -15.99 24.74 -4.87
N PRO D 44 -16.06 24.30 -3.60
CA PRO D 44 -17.36 24.25 -2.93
C PRO D 44 -18.05 25.60 -2.86
N LEU D 45 -17.30 26.70 -2.75
CA LEU D 45 -17.92 28.02 -2.74
C LEU D 45 -18.40 28.41 -4.14
N VAL D 46 -17.62 28.09 -5.17
CA VAL D 46 -18.08 28.31 -6.54
C VAL D 46 -19.23 27.39 -6.88
N ILE D 47 -19.21 26.17 -6.35
CA ILE D 47 -20.37 25.30 -6.47
C ILE D 47 -21.58 25.95 -5.82
N GLU D 48 -21.37 26.65 -4.70
CA GLU D 48 -22.48 27.34 -4.07
C GLU D 48 -23.02 28.47 -4.93
N ARG D 49 -22.14 29.24 -5.58
CA ARG D 49 -22.63 30.20 -6.57
C ARG D 49 -23.48 29.50 -7.63
N PHE D 50 -23.00 28.37 -8.14
CA PHE D 50 -23.69 27.70 -9.23
C PHE D 50 -25.06 27.21 -8.79
N GLN D 51 -25.16 26.66 -7.57
CA GLN D 51 -26.45 26.23 -7.07
C GLN D 51 -27.37 27.40 -6.77
N GLY D 52 -26.82 28.56 -6.42
CA GLY D 52 -27.66 29.75 -6.34
C GLY D 52 -28.26 30.10 -7.69
N VAL D 53 -27.43 30.08 -8.74
CA VAL D 53 -27.92 30.38 -10.08
C VAL D 53 -28.93 29.33 -10.52
N VAL D 54 -28.67 28.07 -10.21
CA VAL D 54 -29.57 26.98 -10.60
C VAL D 54 -30.92 27.14 -9.92
N SER D 55 -30.93 27.50 -8.64
CA SER D 55 -32.20 27.68 -7.94
C SER D 55 -32.96 28.88 -8.48
N GLN D 56 -32.25 29.98 -8.77
CA GLN D 56 -32.91 31.14 -9.35
C GLN D 56 -33.50 30.81 -10.71
N LEU D 57 -32.82 29.96 -11.49
CA LEU D 57 -33.38 29.47 -12.73
C LEU D 57 -34.62 28.62 -12.46
N PHE D 58 -34.50 27.69 -11.52
CA PHE D 58 -35.57 26.76 -11.19
C PHE D 58 -36.85 27.50 -10.88
N GLN D 59 -36.75 28.66 -10.23
CA GLN D 59 -37.95 29.46 -9.98
C GLN D 59 -38.60 29.91 -11.28
N GLN D 60 -37.87 29.90 -12.39
CA GLN D 60 -38.40 30.26 -13.70
C GLN D 60 -38.77 29.04 -14.53
N ARG D 61 -38.89 27.87 -13.90
CA ARG D 61 -39.22 26.63 -14.60
C ARG D 61 -38.19 26.27 -15.66
N ILE D 62 -36.94 26.66 -15.46
CA ILE D 62 -35.85 26.24 -16.32
C ILE D 62 -35.08 25.15 -15.62
N VAL D 63 -35.10 23.97 -16.17
CA VAL D 63 -34.44 22.81 -15.61
C VAL D 63 -33.16 22.57 -16.40
N ARG D 64 -32.17 21.96 -15.77
CA ARG D 64 -30.83 21.85 -16.34
C ARG D 64 -30.43 20.38 -16.44
N LEU D 65 -30.00 19.97 -17.63
CA LEU D 65 -29.42 18.63 -17.82
C LEU D 65 -27.95 18.81 -18.19
N GLY D 66 -27.09 18.75 -17.19
CA GLY D 66 -25.66 18.94 -17.39
C GLY D 66 -24.89 17.71 -17.00
N GLY D 67 -23.75 17.51 -17.65
CA GLY D 67 -22.86 16.42 -17.32
C GLY D 67 -23.44 15.08 -17.69
N ALA D 68 -22.63 14.04 -17.50
CA ALA D 68 -23.05 12.69 -17.83
C ALA D 68 -24.32 12.33 -17.06
N VAL D 69 -25.30 11.78 -17.78
CA VAL D 69 -26.50 11.30 -17.12
C VAL D 69 -26.15 10.07 -16.31
N ASP D 70 -26.38 10.13 -15.00
CA ASP D 70 -26.18 8.99 -14.14
C ASP D 70 -27.31 8.98 -13.12
N ASP D 71 -27.22 8.06 -12.16
CA ASP D 71 -28.37 7.80 -11.29
C ASP D 71 -28.76 9.03 -10.48
N ASP D 72 -27.79 9.66 -9.82
CA ASP D 72 -28.11 10.72 -8.88
C ASP D 72 -28.58 11.99 -9.58
N MET D 73 -27.89 12.39 -10.64
CA MET D 73 -28.31 13.55 -11.40
C MET D 73 -29.70 13.34 -11.98
N ALA D 74 -30.00 12.13 -12.44
CA ALA D 74 -31.31 11.84 -12.99
C ALA D 74 -32.39 11.84 -11.92
N ASN D 75 -32.08 11.34 -10.71
CA ASN D 75 -33.05 11.43 -9.62
C ASN D 75 -33.35 12.87 -9.26
N LEU D 76 -32.32 13.70 -9.19
CA LEU D 76 -32.54 15.13 -8.93
C LEU D 76 -33.39 15.76 -10.02
N LEU D 77 -33.08 15.43 -11.27
CA LEU D 77 -33.78 16.03 -12.41
C LEU D 77 -35.24 15.58 -12.44
N VAL D 78 -35.48 14.31 -12.09
CA VAL D 78 -36.85 13.80 -12.00
C VAL D 78 -37.61 14.49 -10.87
N ALA D 79 -36.95 14.72 -9.74
CA ALA D 79 -37.60 15.44 -8.64
C ALA D 79 -37.99 16.85 -9.05
N GLN D 80 -37.08 17.53 -9.76
CA GLN D 80 -37.38 18.88 -10.24
C GLN D 80 -38.56 18.88 -11.19
N LEU D 81 -38.58 17.95 -12.15
CA LEU D 81 -39.69 17.90 -13.10
C LEU D 81 -41.00 17.59 -12.40
N LEU D 82 -41.00 16.66 -11.44
CA LEU D 82 -42.23 16.31 -10.76
C LEU D 82 -42.75 17.48 -9.93
N TYR D 83 -41.87 18.21 -9.26
CA TYR D 83 -42.33 19.39 -8.53
C TYR D 83 -42.90 20.45 -9.46
N LEU D 84 -42.22 20.72 -10.57
CA LEU D 84 -42.72 21.74 -11.48
C LEU D 84 -44.03 21.31 -12.12
N ASP D 85 -44.25 20.01 -12.26
CA ASP D 85 -45.59 19.53 -12.57
C ASP D 85 -46.57 19.90 -11.47
N SER D 86 -46.16 19.68 -10.21
CA SER D 86 -47.08 19.89 -9.10
C SER D 86 -47.54 21.35 -9.02
N VAL D 87 -46.62 22.30 -9.23
CA VAL D 87 -46.97 23.71 -9.06
C VAL D 87 -48.08 24.11 -10.03
N ASP D 88 -47.91 23.83 -11.31
CA ASP D 88 -48.87 24.29 -12.31
C ASP D 88 -48.96 23.27 -13.43
N ASN D 89 -50.17 23.12 -13.96
CA ASN D 89 -50.46 22.09 -14.97
C ASN D 89 -50.57 22.67 -16.37
N LYS D 90 -50.18 23.91 -16.59
CA LYS D 90 -50.30 24.50 -17.91
C LYS D 90 -49.02 25.18 -18.38
N ARG D 91 -48.31 25.86 -17.50
CA ARG D 91 -47.15 26.63 -17.90
C ARG D 91 -46.05 25.72 -18.39
N ASP D 92 -45.38 26.13 -19.46
CA ASP D 92 -44.37 25.30 -20.10
C ASP D 92 -43.09 25.27 -19.28
N ILE D 93 -42.47 24.11 -19.25
CA ILE D 93 -41.15 23.94 -18.66
C ILE D 93 -40.14 23.95 -19.79
N THR D 94 -38.96 24.49 -19.50
CA THR D 94 -37.85 24.54 -20.44
C THR D 94 -36.71 23.73 -19.88
N MET D 95 -36.17 22.82 -20.67
CA MET D 95 -35.12 21.93 -20.22
C MET D 95 -33.86 22.23 -21.02
N TYR D 96 -32.96 22.97 -20.37
CA TYR D 96 -31.64 23.25 -20.96
C TYR D 96 -30.89 21.91 -20.96
N VAL D 97 -30.26 21.56 -22.06
CA VAL D 97 -29.59 20.28 -22.24
C VAL D 97 -28.15 20.54 -22.64
N ASN D 98 -27.21 20.01 -21.86
CA ASN D 98 -25.79 20.15 -22.18
C ASN D 98 -25.07 18.95 -21.57
N SER D 99 -25.01 17.86 -22.32
CA SER D 99 -24.48 16.64 -21.76
C SER D 99 -23.67 15.89 -22.80
N PRO D 100 -22.50 15.37 -22.42
CA PRO D 100 -21.75 14.50 -23.33
C PRO D 100 -22.15 13.04 -23.26
N GLY D 101 -23.25 12.70 -22.59
CA GLY D 101 -23.70 11.33 -22.58
C GLY D 101 -24.37 10.87 -21.30
N GLY D 102 -24.26 9.59 -21.00
CA GLY D 102 -24.77 9.04 -19.76
C GLY D 102 -25.43 7.70 -19.96
N SER D 103 -25.73 7.07 -18.84
CA SER D 103 -26.33 5.74 -18.84
C SER D 103 -27.70 5.78 -19.49
N VAL D 104 -28.14 4.63 -19.98
CA VAL D 104 -29.40 4.59 -20.72
C VAL D 104 -30.60 4.53 -19.79
N THR D 105 -30.46 3.87 -18.64
CA THR D 105 -31.60 3.72 -17.74
C THR D 105 -31.89 5.01 -16.98
N ALA D 106 -30.85 5.74 -16.57
CA ALA D 106 -31.07 7.04 -15.98
C ALA D 106 -31.68 8.01 -16.98
N GLY D 107 -31.13 8.03 -18.20
CA GLY D 107 -31.69 8.87 -19.23
C GLY D 107 -33.12 8.52 -19.56
N MET D 108 -33.46 7.24 -19.49
CA MET D 108 -34.84 6.85 -19.75
C MET D 108 -35.75 7.20 -18.57
N ALA D 109 -35.21 7.22 -17.35
CA ALA D 109 -35.99 7.75 -16.24
C ALA D 109 -36.36 9.20 -16.47
N VAL D 110 -35.37 10.00 -16.88
CA VAL D 110 -35.61 11.41 -17.19
C VAL D 110 -36.60 11.54 -18.35
N PHE D 111 -36.43 10.71 -19.37
CA PHE D 111 -37.29 10.78 -20.55
C PHE D 111 -38.73 10.45 -20.21
N ASP D 112 -38.96 9.42 -19.40
CA ASP D 112 -40.33 9.08 -19.02
C ASP D 112 -40.92 10.11 -18.09
N THR D 113 -40.12 10.70 -17.22
CA THR D 113 -40.64 11.78 -16.38
C THR D 113 -41.04 12.98 -17.23
N MET D 114 -40.25 13.30 -18.25
CA MET D 114 -40.62 14.37 -19.17
C MET D 114 -41.95 14.07 -19.84
N ARG D 115 -42.12 12.84 -20.31
CA ARG D 115 -43.33 12.54 -21.06
C ARG D 115 -44.54 12.26 -20.18
N HIS D 116 -44.35 12.07 -18.87
CA HIS D 116 -45.48 11.77 -18.00
C HIS D 116 -46.19 13.02 -17.53
N ILE D 117 -45.42 14.04 -17.13
CA ILE D 117 -45.99 15.22 -16.50
C ILE D 117 -46.93 15.94 -17.47
N ARG D 118 -47.76 16.82 -16.91
CA ARG D 118 -48.71 17.55 -17.76
C ARG D 118 -48.04 18.63 -18.60
N PRO D 119 -47.21 19.52 -18.05
CA PRO D 119 -46.70 20.62 -18.87
C PRO D 119 -45.85 20.11 -20.02
N ASP D 120 -45.87 20.87 -21.11
CA ASP D 120 -45.01 20.55 -22.25
C ASP D 120 -43.60 20.97 -21.93
N VAL D 121 -42.66 20.03 -21.95
CA VAL D 121 -41.25 20.31 -21.70
C VAL D 121 -40.59 20.59 -23.03
N SER D 122 -40.08 21.80 -23.19
CA SER D 122 -39.35 22.18 -24.40
C SER D 122 -37.87 22.05 -24.13
N THR D 123 -37.21 21.14 -24.83
CA THR D 123 -35.78 20.92 -24.66
C THR D 123 -35.00 21.88 -25.55
N CYS D 124 -33.86 22.34 -25.06
CA CYS D 124 -33.03 23.31 -25.78
C CYS D 124 -31.57 22.94 -25.59
N CYS D 125 -30.87 22.67 -26.68
CA CYS D 125 -29.50 22.20 -26.59
C CYS D 125 -28.51 23.37 -26.64
N ILE D 126 -27.72 23.51 -25.57
CA ILE D 126 -26.66 24.57 -25.54
C ILE D 126 -25.32 23.87 -25.29
N GLY D 127 -24.37 23.98 -26.22
CA GLY D 127 -23.07 23.37 -26.11
C GLY D 127 -22.93 22.07 -26.87
N LEU D 128 -23.54 21.00 -26.39
CA LEU D 128 -23.44 19.69 -27.01
C LEU D 128 -24.42 18.75 -26.32
N ALA D 129 -25.12 17.95 -27.12
CA ALA D 129 -26.07 16.96 -26.63
C ALA D 129 -25.68 15.62 -27.25
N ALA D 130 -24.88 14.83 -26.55
CA ALA D 130 -24.26 13.64 -27.12
C ALA D 130 -24.88 12.38 -26.55
N SER D 131 -25.70 11.72 -27.34
CA SER D 131 -26.05 10.31 -27.21
C SER D 131 -26.99 9.95 -26.08
N MET D 132 -27.15 10.82 -25.10
CA MET D 132 -28.36 10.85 -24.30
C MET D 132 -28.87 12.26 -24.04
N GLY D 133 -28.01 13.28 -24.13
CA GLY D 133 -28.53 14.61 -24.32
C GLY D 133 -29.23 14.73 -25.65
N ALA D 134 -28.77 14.00 -26.66
CA ALA D 134 -29.46 14.00 -27.95
C ALA D 134 -30.82 13.33 -27.84
N PHE D 135 -30.89 12.21 -27.12
CA PHE D 135 -32.17 11.53 -26.99
C PHE D 135 -33.16 12.36 -26.19
N ILE D 136 -32.71 12.97 -25.10
CA ILE D 136 -33.60 13.82 -24.32
C ILE D 136 -34.00 15.03 -25.13
N LEU D 137 -33.06 15.61 -25.88
CA LEU D 137 -33.36 16.77 -26.70
C LEU D 137 -34.41 16.44 -27.76
N ALA D 138 -34.28 15.27 -28.39
CA ALA D 138 -35.28 14.85 -29.37
C ALA D 138 -36.60 14.55 -28.71
N SER D 139 -36.59 14.10 -27.46
CA SER D 139 -37.80 13.65 -26.80
C SER D 139 -38.66 14.78 -26.29
N GLY D 140 -38.17 16.01 -26.36
CA GLY D 140 -38.90 17.17 -25.88
C GLY D 140 -40.22 17.35 -26.59
N GLN D 141 -41.03 18.29 -26.12
CA GLN D 141 -42.37 18.45 -26.66
C GLN D 141 -42.32 18.69 -28.15
N ALA D 142 -43.13 17.96 -28.90
CA ALA D 142 -43.13 18.09 -30.34
C ALA D 142 -43.49 19.51 -30.73
N GLY D 143 -42.64 20.12 -31.55
CA GLY D 143 -42.79 21.52 -31.89
C GLY D 143 -42.06 22.48 -30.99
N LYS D 144 -41.38 21.99 -29.95
CA LYS D 144 -40.71 22.85 -28.99
C LYS D 144 -39.32 22.32 -28.68
N ARG D 145 -38.68 21.69 -29.65
CA ARG D 145 -37.29 21.27 -29.52
C ARG D 145 -36.42 22.28 -30.23
N TYR D 146 -35.81 23.18 -29.47
CA TYR D 146 -34.97 24.19 -30.06
C TYR D 146 -33.51 23.84 -29.86
N SER D 147 -32.63 24.65 -30.43
CA SER D 147 -31.20 24.51 -30.22
C SER D 147 -30.53 25.81 -30.62
N LEU D 148 -29.39 26.09 -30.00
CA LEU D 148 -28.64 27.28 -30.35
C LEU D 148 -27.84 27.04 -31.62
N PRO D 149 -27.54 28.10 -32.38
CA PRO D 149 -27.01 27.92 -33.74
C PRO D 149 -25.71 27.12 -33.82
N ASN D 150 -24.81 27.28 -32.86
CA ASN D 150 -23.51 26.63 -32.94
C ASN D 150 -23.41 25.38 -32.09
N SER D 151 -24.52 24.89 -31.55
CA SER D 151 -24.46 23.70 -30.74
C SER D 151 -24.11 22.48 -31.59
N ARG D 152 -24.00 21.35 -30.95
CA ARG D 152 -23.55 20.13 -31.59
C ARG D 152 -24.36 18.96 -31.08
N ILE D 153 -24.95 18.19 -31.98
CA ILE D 153 -25.86 17.12 -31.60
C ILE D 153 -25.30 15.81 -32.12
N MET D 154 -25.08 14.87 -31.22
CA MET D 154 -24.45 13.61 -31.53
C MET D 154 -25.34 12.44 -31.15
N ILE D 155 -25.51 11.51 -32.06
CA ILE D 155 -26.28 10.30 -31.78
C ILE D 155 -25.45 9.10 -32.15
N HIS D 156 -25.50 8.07 -31.31
CA HIS D 156 -24.85 6.80 -31.62
C HIS D 156 -25.47 5.72 -30.74
N GLN D 157 -25.22 4.47 -31.10
CA GLN D 157 -25.80 3.35 -30.39
C GLN D 157 -25.16 3.19 -29.02
N PRO D 158 -25.87 2.59 -28.07
CA PRO D 158 -25.40 2.59 -26.69
C PRO D 158 -24.02 1.98 -26.53
N LEU D 159 -23.22 2.59 -25.66
CA LEU D 159 -21.99 2.02 -25.16
C LEU D 159 -22.29 1.34 -23.84
N GLY D 160 -21.49 0.34 -23.50
CA GLY D 160 -21.76 -0.35 -22.26
C GLY D 160 -20.68 -1.32 -21.87
N GLY D 161 -21.08 -2.47 -21.35
CA GLY D 161 -20.14 -3.49 -20.97
C GLY D 161 -20.88 -4.74 -20.54
N ALA D 162 -20.13 -5.82 -20.43
CA ALA D 162 -20.67 -7.09 -19.96
C ALA D 162 -19.53 -7.93 -19.43
N GLN D 163 -19.71 -8.50 -18.25
CA GLN D 163 -18.70 -9.36 -17.66
C GLN D 163 -19.39 -10.48 -16.92
N GLY D 164 -18.68 -11.57 -16.75
CA GLY D 164 -19.17 -12.73 -16.04
C GLY D 164 -19.04 -13.97 -16.89
N GLN D 165 -19.75 -15.01 -16.48
CA GLN D 165 -19.75 -16.26 -17.22
C GLN D 165 -20.42 -16.05 -18.58
N ALA D 166 -20.38 -17.09 -19.41
CA ALA D 166 -20.93 -16.98 -20.75
C ALA D 166 -22.41 -16.65 -20.73
N THR D 167 -23.19 -17.34 -19.90
CA THR D 167 -24.64 -17.11 -19.89
C THR D 167 -25.00 -15.72 -19.38
N ASP D 168 -24.24 -15.21 -18.41
CA ASP D 168 -24.42 -13.83 -17.96
C ASP D 168 -24.12 -12.86 -19.09
N ILE D 169 -23.15 -13.19 -19.95
CA ILE D 169 -22.86 -12.34 -21.10
C ILE D 169 -23.98 -12.41 -22.13
N GLU D 170 -24.57 -13.58 -22.34
CA GLU D 170 -25.80 -13.61 -23.13
C GLU D 170 -26.80 -12.61 -22.60
N ILE D 171 -27.06 -12.66 -21.29
CA ILE D 171 -28.08 -11.80 -20.71
C ILE D 171 -27.73 -10.33 -20.92
N GLN D 172 -26.48 -9.96 -20.66
CA GLN D 172 -26.10 -8.56 -20.73
C GLN D 172 -26.07 -8.06 -22.17
N ALA D 173 -25.62 -8.89 -23.10
CA ALA D 173 -25.65 -8.50 -24.51
C ALA D 173 -27.08 -8.34 -24.99
N ASN D 174 -27.98 -9.23 -24.57
CA ASN D 174 -29.37 -9.07 -24.96
C ASN D 174 -29.96 -7.80 -24.40
N GLU D 175 -29.55 -7.41 -23.20
CA GLU D 175 -30.07 -6.17 -22.63
C GLU D 175 -29.53 -4.95 -23.34
N ILE D 176 -28.24 -4.94 -23.69
CA ILE D 176 -27.71 -3.81 -24.44
C ILE D 176 -28.40 -3.70 -25.79
N LEU D 177 -28.62 -4.84 -26.44
CA LEU D 177 -29.31 -4.81 -27.72
C LEU D 177 -30.75 -4.33 -27.56
N HIS D 178 -31.39 -4.64 -26.44
CA HIS D 178 -32.74 -4.10 -26.22
C HIS D 178 -32.70 -2.59 -26.02
N HIS D 179 -31.69 -2.09 -25.32
CA HIS D 179 -31.57 -0.64 -25.19
C HIS D 179 -31.39 0.01 -26.55
N LYS D 180 -30.54 -0.59 -27.39
CA LYS D 180 -30.34 -0.06 -28.74
C LYS D 180 -31.65 -0.08 -29.52
N LEU D 181 -32.41 -1.17 -29.43
CA LEU D 181 -33.67 -1.26 -30.16
C LEU D 181 -34.66 -0.21 -29.68
N THR D 182 -34.74 0.04 -28.37
CA THR D 182 -35.67 1.03 -27.86
C THR D 182 -35.25 2.44 -28.24
N LEU D 183 -33.96 2.76 -28.10
CA LEU D 183 -33.50 4.09 -28.48
C LEU D 183 -33.73 4.34 -29.95
N ASN D 184 -33.42 3.36 -30.80
CA ASN D 184 -33.61 3.55 -32.23
C ASN D 184 -35.08 3.64 -32.59
N GLY D 185 -35.94 2.86 -31.92
CA GLY D 185 -37.35 2.97 -32.20
C GLY D 185 -37.90 4.34 -31.84
N TYR D 186 -37.50 4.87 -30.68
CA TYR D 186 -37.99 6.18 -30.30
C TYR D 186 -37.41 7.27 -31.18
N LEU D 187 -36.14 7.13 -31.58
CA LEU D 187 -35.55 8.13 -32.46
C LEU D 187 -36.24 8.12 -33.82
N ALA D 188 -36.57 6.94 -34.33
CA ALA D 188 -37.32 6.88 -35.57
C ALA D 188 -38.71 7.48 -35.40
N GLN D 189 -39.34 7.25 -34.26
CA GLN D 189 -40.66 7.81 -34.00
C GLN D 189 -40.60 9.34 -33.94
N PHE D 190 -39.56 9.89 -33.32
CA PHE D 190 -39.47 11.33 -33.14
C PHE D 190 -39.03 12.02 -34.43
N THR D 191 -37.87 11.61 -34.96
CA THR D 191 -37.26 12.27 -36.10
C THR D 191 -38.04 12.13 -37.39
N GLY D 192 -39.04 11.27 -37.46
CA GLY D 192 -39.81 11.11 -38.66
C GLY D 192 -39.17 10.23 -39.71
N GLN D 193 -38.01 9.65 -39.44
CA GLN D 193 -37.33 8.76 -40.36
C GLN D 193 -37.83 7.33 -40.16
N SER D 194 -37.27 6.42 -40.94
CA SER D 194 -37.54 5.00 -40.75
C SER D 194 -36.54 4.42 -39.76
N MET D 195 -36.96 3.34 -39.10
CA MET D 195 -36.09 2.70 -38.12
C MET D 195 -34.80 2.22 -38.76
N GLU D 196 -34.84 1.89 -40.06
CA GLU D 196 -33.64 1.45 -40.75
C GLU D 196 -32.64 2.60 -40.90
N THR D 197 -33.13 3.79 -41.27
CA THR D 197 -32.24 4.92 -41.46
C THR D 197 -31.54 5.31 -40.17
N ILE D 198 -32.29 5.33 -39.05
CA ILE D 198 -31.69 5.63 -37.76
C ILE D 198 -30.72 4.53 -37.36
N THR D 199 -31.10 3.27 -37.56
CA THR D 199 -30.24 2.16 -37.19
C THR D 199 -28.91 2.25 -37.92
N LYS D 200 -28.94 2.71 -39.17
CA LYS D 200 -27.73 2.73 -39.97
C LYS D 200 -26.91 4.00 -39.73
N ASP D 201 -27.58 5.12 -39.45
CA ASP D 201 -26.84 6.34 -39.11
C ASP D 201 -26.16 6.24 -37.76
N THR D 202 -26.90 5.87 -36.73
CA THR D 202 -26.38 5.84 -35.37
C THR D 202 -25.40 4.70 -35.14
N ASP D 203 -25.19 3.84 -36.13
CA ASP D 203 -24.25 2.73 -35.99
C ASP D 203 -22.91 3.21 -35.50
N ARG D 204 -22.43 4.33 -36.02
CA ARG D 204 -21.24 4.99 -35.52
C ARG D 204 -21.60 6.41 -35.09
N ASP D 205 -20.61 7.10 -34.56
CA ASP D 205 -20.81 8.42 -34.00
C ASP D 205 -21.29 9.38 -35.08
N PHE D 206 -22.54 9.82 -34.99
CA PHE D 206 -23.10 10.74 -35.98
C PHE D 206 -23.16 12.13 -35.36
N PHE D 207 -22.36 13.06 -35.91
CA PHE D 207 -22.31 14.44 -35.45
C PHE D 207 -23.09 15.34 -36.38
N MET D 208 -23.76 16.33 -35.80
CA MET D 208 -24.60 17.22 -36.59
C MET D 208 -24.60 18.63 -36.04
N SER D 209 -24.53 19.58 -36.95
CA SER D 209 -24.80 20.97 -36.66
C SER D 209 -26.31 21.16 -36.53
N PRO D 210 -26.76 22.21 -35.84
CA PRO D 210 -28.20 22.34 -35.57
C PRO D 210 -29.07 22.59 -36.80
N GLN D 211 -28.61 23.33 -37.83
CA GLN D 211 -29.38 23.37 -39.07
C GLN D 211 -29.51 21.98 -39.65
N GLU D 212 -28.40 21.23 -39.61
CA GLU D 212 -28.43 19.83 -40.02
C GLU D 212 -29.43 19.02 -39.22
N ALA D 213 -29.55 19.28 -37.92
CA ALA D 213 -30.49 18.51 -37.12
C ALA D 213 -31.93 18.96 -37.36
N ILE D 214 -32.15 20.22 -37.75
CA ILE D 214 -33.48 20.61 -38.19
C ILE D 214 -33.89 19.79 -39.40
N GLU D 215 -33.00 19.70 -40.39
CA GLU D 215 -33.32 18.94 -41.58
C GLU D 215 -33.49 17.45 -41.27
N TYR D 216 -32.66 16.92 -40.38
CA TYR D 216 -32.70 15.49 -40.08
C TYR D 216 -33.96 15.10 -39.32
N GLY D 217 -34.32 15.88 -38.30
CA GLY D 217 -35.57 15.66 -37.61
C GLY D 217 -35.56 15.87 -36.11
N LEU D 218 -34.39 15.99 -35.50
CA LEU D 218 -34.31 16.04 -34.05
C LEU D 218 -34.82 17.35 -33.50
N VAL D 219 -34.22 18.45 -33.92
CA VAL D 219 -34.54 19.77 -33.41
C VAL D 219 -35.63 20.38 -34.29
N ASP D 220 -36.33 21.38 -33.76
CA ASP D 220 -37.44 21.99 -34.47
C ASP D 220 -37.25 23.47 -34.79
N ALA D 221 -36.26 24.13 -34.21
CA ALA D 221 -35.97 25.51 -34.56
C ALA D 221 -34.58 25.83 -34.05
N ILE D 222 -34.04 26.94 -34.53
CA ILE D 222 -32.75 27.45 -34.06
C ILE D 222 -32.98 28.83 -33.50
N ILE D 223 -32.50 29.05 -32.28
CA ILE D 223 -32.74 30.30 -31.55
C ILE D 223 -31.54 31.20 -31.80
N SER D 224 -31.73 32.21 -32.64
CA SER D 224 -30.74 33.23 -32.91
C SER D 224 -31.43 34.54 -33.20
N LYS D 225 -30.74 35.65 -32.94
CA LYS D 225 -31.32 36.96 -33.15
C LYS D 225 -30.75 37.59 -34.40
N PRO D 226 -31.51 38.45 -35.07
CA PRO D 226 -31.02 39.06 -36.31
C PRO D 226 -29.75 39.86 -36.07
N GLN D 227 -28.79 39.68 -36.97
CA GLN D 227 -27.50 40.36 -36.89
C GLN D 227 -27.37 41.32 -38.06
N MET D 228 -26.79 42.49 -37.79
CA MET D 228 -26.72 43.53 -38.81
C MET D 228 -25.98 43.04 -40.03
N LEU D 229 -26.57 43.27 -41.20
CA LEU D 229 -26.04 42.73 -42.45
C LEU D 229 -24.90 43.60 -42.94
N GLN D 230 -23.69 43.06 -42.86
CA GLN D 230 -22.50 43.77 -43.30
C GLN D 230 -22.53 43.91 -44.82
N SER D 231 -22.27 45.12 -45.31
CA SER D 231 -22.35 45.40 -46.74
C SER D 231 -20.97 45.30 -47.38
N ARG D 232 -20.88 44.48 -48.44
CA ARG D 232 -19.66 44.30 -49.20
C ARG D 232 -19.67 45.20 -50.43
N GLU D 233 -18.56 45.18 -51.16
CA GLU D 233 -18.38 46.11 -52.27
C GLU D 233 -19.10 45.62 -53.52
N VAL D 234 -18.79 46.28 -54.65
CA VAL D 234 -19.38 45.92 -55.93
C VAL D 234 -18.41 45.10 -56.77
N PRO E 17 -17.51 37.10 -3.10
CA PRO E 17 -17.16 38.29 -3.87
C PRO E 17 -17.70 38.23 -5.29
N PHE E 18 -17.73 37.03 -5.87
CA PHE E 18 -18.26 36.87 -7.22
C PHE E 18 -19.76 37.13 -7.27
N GLY E 19 -20.51 36.57 -6.32
CA GLY E 19 -21.95 36.82 -6.30
C GLY E 19 -22.27 38.28 -6.08
N LEU E 20 -21.44 38.98 -5.30
CA LEU E 20 -21.68 40.39 -5.05
C LEU E 20 -21.39 41.22 -6.29
N LEU E 21 -20.68 40.64 -7.26
CA LEU E 21 -20.56 41.26 -8.58
C LEU E 21 -21.66 40.79 -9.52
N LEU E 22 -22.18 39.58 -9.30
CA LEU E 22 -23.24 39.04 -10.15
C LEU E 22 -24.54 39.81 -9.98
N ARG E 23 -24.66 40.62 -8.93
CA ARG E 23 -25.74 41.58 -8.84
C ARG E 23 -25.43 42.87 -9.60
N GLN E 24 -24.16 43.11 -9.90
CA GLN E 24 -23.76 44.23 -10.76
C GLN E 24 -23.57 43.80 -12.20
N ARG E 25 -24.10 42.64 -12.59
CA ARG E 25 -24.01 42.13 -13.95
C ARG E 25 -22.55 42.03 -14.39
N ILE E 26 -21.82 41.16 -13.71
CA ILE E 26 -20.44 40.83 -14.08
C ILE E 26 -20.28 39.32 -13.96
N VAL E 27 -19.63 38.71 -14.94
CA VAL E 27 -19.39 37.27 -14.98
C VAL E 27 -17.90 37.06 -15.11
N PHE E 28 -17.33 36.18 -14.29
CA PHE E 28 -15.91 35.86 -14.36
C PHE E 28 -15.72 34.56 -15.10
N LEU E 29 -15.15 34.65 -16.29
CA LEU E 29 -14.80 33.46 -17.06
C LEU E 29 -13.34 33.09 -16.80
N GLY E 30 -12.96 33.09 -15.54
CA GLY E 30 -11.59 32.82 -15.18
C GLY E 30 -11.28 31.35 -15.12
N GLY E 31 -10.00 31.03 -15.26
CA GLY E 31 -9.55 29.66 -15.21
C GLY E 31 -9.87 28.90 -16.48
N GLU E 32 -9.33 27.68 -16.55
CA GLU E 32 -9.53 26.84 -17.72
C GLU E 32 -11.01 26.53 -17.91
N VAL E 33 -11.47 26.61 -19.15
CA VAL E 33 -12.84 26.29 -19.47
C VAL E 33 -12.99 24.78 -19.48
N GLU E 34 -13.93 24.27 -18.70
CA GLU E 34 -14.22 22.85 -18.67
C GLU E 34 -15.72 22.67 -18.65
N ASP E 35 -16.18 21.43 -18.56
CA ASP E 35 -17.60 21.17 -18.69
C ASP E 35 -18.38 21.84 -17.56
N PHE E 36 -17.89 21.73 -16.33
CA PHE E 36 -18.62 22.27 -15.19
C PHE E 36 -18.60 23.79 -15.20
N GLY E 37 -17.41 24.40 -15.38
CA GLY E 37 -17.32 25.85 -15.38
C GLY E 37 -18.10 26.48 -16.51
N ALA E 38 -17.99 25.90 -17.71
CA ALA E 38 -18.76 26.42 -18.84
C ALA E 38 -20.25 26.27 -18.62
N ASP E 39 -20.68 25.15 -18.02
CA ASP E 39 -22.09 24.99 -17.70
C ASP E 39 -22.55 26.05 -16.72
N ALA E 40 -21.72 26.35 -15.73
CA ALA E 40 -22.04 27.42 -14.78
C ALA E 40 -22.20 28.76 -15.49
N ILE E 41 -21.29 29.06 -16.41
CA ILE E 41 -21.35 30.36 -17.08
C ILE E 41 -22.59 30.44 -17.97
N ILE E 42 -22.92 29.34 -18.66
CA ILE E 42 -24.13 29.33 -19.47
C ILE E 42 -25.34 29.58 -18.61
N SER E 43 -25.40 28.93 -17.45
CA SER E 43 -26.52 29.14 -16.53
C SER E 43 -26.59 30.59 -16.06
N GLN E 44 -25.45 31.18 -15.71
CA GLN E 44 -25.45 32.57 -15.27
C GLN E 44 -25.94 33.49 -16.37
N LEU E 45 -25.56 33.22 -17.61
CA LEU E 45 -25.99 34.08 -18.72
C LEU E 45 -27.48 33.91 -19.00
N LEU E 46 -28.01 32.69 -18.83
CA LEU E 46 -29.47 32.53 -18.88
C LEU E 46 -30.14 33.36 -17.79
N LEU E 47 -29.60 33.30 -16.57
CA LEU E 47 -30.17 34.06 -15.46
C LEU E 47 -30.15 35.55 -15.74
N LEU E 48 -29.02 36.06 -16.24
CA LEU E 48 -28.90 37.49 -16.48
C LEU E 48 -29.76 37.95 -17.63
N ASP E 49 -29.96 37.10 -18.65
CA ASP E 49 -31.00 37.39 -19.64
C ASP E 49 -32.37 37.47 -18.98
N SER E 50 -32.63 36.59 -18.02
CA SER E 50 -33.92 36.60 -17.35
C SER E 50 -34.15 37.89 -16.58
N GLN E 51 -33.12 38.38 -15.90
CA GLN E 51 -33.32 39.50 -14.97
C GLN E 51 -33.68 40.80 -15.70
N ASP E 52 -32.93 41.14 -16.76
CA ASP E 52 -33.22 42.38 -17.47
C ASP E 52 -32.79 42.32 -18.93
N PRO E 53 -33.74 42.28 -19.85
CA PRO E 53 -33.39 42.26 -21.28
C PRO E 53 -32.71 43.52 -21.81
N THR E 54 -32.27 44.43 -20.96
CA THR E 54 -31.67 45.65 -21.49
C THR E 54 -30.31 45.99 -20.91
N LYS E 55 -30.10 45.79 -19.61
CA LYS E 55 -28.87 46.25 -18.97
C LYS E 55 -27.66 45.47 -19.45
N ASP E 56 -26.52 46.15 -19.46
CA ASP E 56 -25.29 45.58 -19.98
C ASP E 56 -24.85 44.39 -19.13
N ILE E 57 -24.22 43.42 -19.77
CA ILE E 57 -23.62 42.28 -19.09
C ILE E 57 -22.13 42.31 -19.38
N LYS E 58 -21.31 42.42 -18.35
CA LYS E 58 -19.86 42.47 -18.52
C LYS E 58 -19.27 41.13 -18.16
N ILE E 59 -18.35 40.65 -18.98
CA ILE E 59 -17.70 39.36 -18.76
C ILE E 59 -16.20 39.59 -18.68
N PHE E 60 -15.60 39.21 -17.55
CA PHE E 60 -14.17 39.31 -17.36
C PHE E 60 -13.55 37.96 -17.66
N ILE E 61 -12.47 37.97 -18.44
CA ILE E 61 -11.89 36.76 -19.00
C ILE E 61 -10.46 36.64 -18.52
N ASN E 62 -10.09 35.45 -18.03
CA ASN E 62 -8.71 35.17 -17.66
C ASN E 62 -8.54 33.66 -17.74
N SER E 63 -8.00 33.18 -18.86
CA SER E 63 -8.04 31.73 -19.04
C SER E 63 -7.04 31.26 -20.07
N PRO E 64 -6.36 30.14 -19.83
CA PRO E 64 -5.64 29.45 -20.90
C PRO E 64 -6.53 28.63 -21.83
N GLY E 65 -7.83 28.89 -21.85
CA GLY E 65 -8.73 28.19 -22.74
C GLY E 65 -9.19 26.87 -22.18
N GLY E 66 -9.85 26.11 -23.04
CA GLY E 66 -10.34 24.82 -22.64
C GLY E 66 -10.97 24.11 -23.82
N SER E 67 -12.06 23.39 -23.54
CA SER E 67 -12.73 22.63 -24.57
C SER E 67 -13.33 23.57 -25.61
N VAL E 68 -13.29 23.14 -26.87
CA VAL E 68 -13.95 23.90 -27.92
C VAL E 68 -15.46 23.66 -27.93
N THR E 69 -15.91 22.50 -27.44
CA THR E 69 -17.33 22.28 -27.26
C THR E 69 -17.93 23.25 -26.25
N ALA E 70 -17.32 23.31 -25.06
CA ALA E 70 -17.81 24.20 -24.02
C ALA E 70 -17.65 25.66 -24.42
N GLY E 71 -16.54 26.00 -25.07
CA GLY E 71 -16.36 27.36 -25.52
C GLY E 71 -17.38 27.79 -26.54
N MET E 72 -17.74 26.88 -27.45
CA MET E 72 -18.76 27.23 -28.43
C MET E 72 -20.12 27.36 -27.76
N GLY E 73 -20.37 26.56 -26.72
CA GLY E 73 -21.59 26.74 -25.95
C GLY E 73 -21.67 28.10 -25.26
N ILE E 74 -20.55 28.54 -24.69
CA ILE E 74 -20.51 29.87 -24.08
C ILE E 74 -20.73 30.94 -25.14
N TYR E 75 -20.14 30.75 -26.32
CA TYR E 75 -20.33 31.71 -27.41
C TYR E 75 -21.80 31.80 -27.80
N ASP E 76 -22.47 30.65 -27.92
CA ASP E 76 -23.88 30.66 -28.23
C ASP E 76 -24.68 31.37 -27.16
N ALA E 77 -24.37 31.14 -25.89
CA ALA E 77 -25.07 31.83 -24.82
C ALA E 77 -24.84 33.34 -24.89
N MET E 78 -23.61 33.75 -25.19
CA MET E 78 -23.29 35.17 -25.28
C MET E 78 -24.06 35.85 -26.41
N MET E 79 -24.20 35.16 -27.54
CA MET E 79 -24.98 35.73 -28.62
C MET E 79 -26.47 35.39 -28.54
N LEU E 80 -26.91 34.69 -27.49
CA LEU E 80 -28.34 34.60 -27.22
C LEU E 80 -28.84 35.81 -26.43
N CYS E 81 -27.97 36.46 -25.66
CA CYS E 81 -28.40 37.50 -24.75
C CYS E 81 -28.93 38.72 -25.50
N ARG E 82 -30.19 39.05 -25.27
CA ARG E 82 -30.77 40.24 -25.89
C ARG E 82 -30.17 41.51 -25.33
N ALA E 83 -29.53 41.41 -24.17
CA ALA E 83 -28.76 42.51 -23.61
C ALA E 83 -27.41 42.62 -24.30
N ASP E 84 -26.80 43.79 -24.13
CA ASP E 84 -25.42 43.99 -24.56
C ASP E 84 -24.45 43.15 -23.74
N VAL E 85 -23.39 42.68 -24.39
CA VAL E 85 -22.34 41.93 -23.71
C VAL E 85 -21.00 42.63 -23.95
N ASN E 86 -20.41 43.15 -22.88
CA ASN E 86 -19.07 43.67 -22.85
C ASN E 86 -18.12 42.55 -22.47
N THR E 87 -16.92 42.57 -23.01
CA THR E 87 -15.89 41.64 -22.60
C THR E 87 -14.68 42.45 -22.16
N TYR E 88 -14.07 42.05 -21.04
CA TYR E 88 -12.83 42.62 -20.56
C TYR E 88 -11.84 41.50 -20.37
N CYS E 89 -10.58 41.74 -20.71
CA CYS E 89 -9.53 40.75 -20.60
C CYS E 89 -8.63 41.11 -19.45
N PHE E 90 -8.43 40.19 -18.52
CA PHE E 90 -7.46 40.33 -17.45
C PHE E 90 -6.36 39.31 -17.71
N GLY E 91 -5.15 39.78 -17.93
CA GLY E 91 -4.04 38.87 -18.07
C GLY E 91 -4.13 37.95 -19.27
N LEU E 92 -4.40 36.67 -19.04
CA LEU E 92 -4.29 35.66 -20.08
C LEU E 92 -5.66 35.37 -20.68
N ALA E 93 -5.79 35.60 -21.98
CA ALA E 93 -6.89 35.07 -22.78
C ALA E 93 -6.25 34.21 -23.86
N ALA E 94 -6.40 32.89 -23.77
CA ALA E 94 -5.63 31.98 -24.61
C ALA E 94 -6.52 30.90 -25.19
N SER E 95 -6.76 30.98 -26.49
CA SER E 95 -7.29 29.92 -27.33
C SER E 95 -8.78 29.63 -27.16
N MET E 96 -9.38 30.04 -26.05
CA MET E 96 -10.84 30.13 -25.96
C MET E 96 -11.32 31.33 -25.19
N GLY E 97 -10.49 31.93 -24.33
CA GLY E 97 -10.80 33.22 -23.80
C GLY E 97 -10.55 34.32 -24.82
N ALA E 98 -9.69 34.06 -25.80
CA ALA E 98 -9.53 34.99 -26.91
C ALA E 98 -10.74 34.95 -27.83
N PHE E 99 -11.20 33.74 -28.14
CA PHE E 99 -12.39 33.57 -28.97
C PHE E 99 -13.60 34.22 -28.30
N LEU E 100 -13.77 34.02 -27.00
CA LEU E 100 -14.89 34.62 -26.30
C LEU E 100 -14.63 36.07 -25.94
N LEU E 101 -13.38 36.52 -26.04
CA LEU E 101 -13.08 37.94 -25.85
C LEU E 101 -13.51 38.74 -27.05
N GLY E 102 -13.25 38.22 -28.25
CA GLY E 102 -13.68 38.93 -29.44
C GLY E 102 -15.18 38.85 -29.67
N ALA E 103 -15.87 37.99 -28.94
CA ALA E 103 -17.29 37.77 -29.19
C ALA E 103 -18.20 38.83 -28.57
N GLY E 104 -17.64 39.82 -27.88
CA GLY E 104 -18.46 40.87 -27.32
C GLY E 104 -19.04 41.74 -28.41
N LYS E 105 -19.84 42.73 -28.06
CA LYS E 105 -20.42 43.59 -29.08
C LYS E 105 -19.31 44.34 -29.80
N ARG E 106 -19.53 44.64 -31.06
CA ARG E 106 -18.59 45.47 -31.80
C ARG E 106 -18.53 46.84 -31.14
N GLY E 107 -17.37 47.19 -30.60
CA GLY E 107 -17.18 48.45 -29.92
C GLY E 107 -17.16 48.38 -28.41
N LYS E 108 -17.19 47.18 -27.84
CA LYS E 108 -17.23 47.02 -26.39
C LYS E 108 -16.37 45.86 -25.92
N ARG E 109 -15.21 45.68 -26.54
CA ARG E 109 -14.26 44.64 -26.15
C ARG E 109 -12.99 45.31 -25.66
N ASN E 110 -12.59 44.99 -24.43
CA ASN E 110 -11.55 45.71 -23.72
C ASN E 110 -10.53 44.73 -23.17
N SER E 111 -9.32 45.22 -22.92
CA SER E 111 -8.33 44.40 -22.25
C SER E 111 -7.46 45.27 -21.36
N MET E 112 -6.80 44.64 -20.40
CA MET E 112 -5.82 45.37 -19.63
C MET E 112 -4.55 45.57 -20.45
N PRO E 113 -3.86 46.69 -20.27
CA PRO E 113 -2.70 46.98 -21.11
C PRO E 113 -1.64 45.90 -21.06
N ASN E 114 -1.54 45.17 -19.96
CA ASN E 114 -0.53 44.14 -19.81
C ASN E 114 -1.09 42.73 -20.00
N SER E 115 -2.30 42.61 -20.51
CA SER E 115 -2.89 41.31 -20.81
C SER E 115 -2.28 40.71 -22.06
N ARG E 116 -2.19 39.40 -22.08
CA ARG E 116 -1.71 38.66 -23.24
C ARG E 116 -2.87 37.97 -23.91
N ILE E 117 -2.96 38.05 -25.23
CA ILE E 117 -4.01 37.40 -25.98
C ILE E 117 -3.38 36.46 -27.00
N MET E 118 -3.76 35.19 -26.98
CA MET E 118 -3.16 34.23 -27.88
C MET E 118 -4.25 33.46 -28.61
N ILE E 119 -4.13 33.36 -29.94
CA ILE E 119 -5.13 32.73 -30.78
C ILE E 119 -4.68 31.32 -31.16
N HIS E 120 -5.63 30.40 -31.26
CA HIS E 120 -5.28 29.01 -31.47
C HIS E 120 -6.42 28.24 -32.09
N GLN E 121 -6.11 27.06 -32.56
CA GLN E 121 -7.05 26.14 -33.20
C GLN E 121 -7.41 25.00 -32.25
N PRO E 122 -8.61 24.43 -32.39
CA PRO E 122 -9.14 23.55 -31.35
C PRO E 122 -8.34 22.26 -31.19
N LEU E 123 -8.68 21.51 -30.13
CA LEU E 123 -8.07 20.23 -29.81
C LEU E 123 -9.16 19.23 -29.44
N GLY E 124 -8.90 17.95 -29.71
CA GLY E 124 -9.89 16.90 -29.56
C GLY E 124 -9.49 15.79 -28.62
N GLY E 125 -10.47 14.94 -28.31
CA GLY E 125 -10.31 13.81 -27.42
C GLY E 125 -10.26 12.47 -28.14
N ALA E 126 -9.98 11.40 -27.40
CA ALA E 126 -9.69 10.11 -28.01
C ALA E 126 -10.57 9.01 -27.44
N SER E 127 -11.20 8.25 -28.33
CA SER E 127 -11.95 7.07 -27.91
C SER E 127 -11.42 5.76 -28.52
N GLY E 128 -11.41 5.66 -29.85
CA GLY E 128 -11.38 4.35 -30.47
C GLY E 128 -10.45 4.08 -31.63
N GLN E 129 -11.01 3.61 -32.75
CA GLN E 129 -10.28 3.11 -33.91
C GLN E 129 -10.33 4.09 -35.07
N ALA E 130 -9.83 3.62 -36.22
CA ALA E 130 -9.59 4.50 -37.37
C ALA E 130 -10.88 5.09 -37.93
N VAL E 131 -11.99 4.36 -37.85
CA VAL E 131 -13.27 4.95 -38.26
C VAL E 131 -13.72 6.00 -37.26
N ASP E 132 -13.57 5.70 -35.97
CA ASP E 132 -13.89 6.68 -34.94
C ASP E 132 -12.96 7.89 -35.02
N ILE E 133 -11.69 7.67 -35.35
CA ILE E 133 -10.77 8.78 -35.54
C ILE E 133 -11.16 9.60 -36.76
N GLU E 134 -11.61 8.94 -37.83
CA GLU E 134 -12.21 9.69 -38.93
C GLU E 134 -13.34 10.58 -38.44
N ILE E 135 -14.23 10.04 -37.61
CA ILE E 135 -15.38 10.80 -37.14
C ILE E 135 -14.92 12.04 -36.38
N GLN E 136 -13.94 11.85 -35.49
CA GLN E 136 -13.44 12.96 -34.69
C GLN E 136 -12.66 13.97 -35.53
N ALA E 137 -11.94 13.52 -36.53
CA ALA E 137 -11.22 14.46 -37.39
C ALA E 137 -12.18 15.27 -38.23
N LYS E 138 -13.31 14.67 -38.64
CA LYS E 138 -14.34 15.47 -39.30
C LYS E 138 -14.93 16.49 -38.34
N GLU E 139 -15.20 16.08 -37.09
CA GLU E 139 -15.63 17.06 -36.09
C GLU E 139 -14.69 18.24 -36.04
N ILE E 140 -13.39 17.97 -35.93
CA ILE E 140 -12.46 19.04 -35.61
C ILE E 140 -12.14 19.88 -36.84
N MET E 141 -12.16 19.29 -38.03
CA MET E 141 -12.16 20.15 -39.21
C MET E 141 -13.35 21.08 -39.22
N TYR E 142 -14.54 20.56 -38.89
CA TYR E 142 -15.70 21.45 -38.87
C TYR E 142 -15.50 22.55 -37.84
N HIS E 143 -14.98 22.22 -36.67
CA HIS E 143 -14.79 23.21 -35.62
C HIS E 143 -13.78 24.26 -36.03
N LYS E 144 -12.68 23.85 -36.66
CA LYS E 144 -11.68 24.80 -37.12
C LYS E 144 -12.26 25.72 -38.19
N ALA E 145 -13.04 25.16 -39.11
CA ALA E 145 -13.69 25.98 -40.11
C ALA E 145 -14.63 26.98 -39.48
N ASN E 146 -15.38 26.56 -38.46
CA ASN E 146 -16.34 27.45 -37.83
C ASN E 146 -15.65 28.54 -37.01
N LEU E 147 -14.63 28.18 -36.25
CA LEU E 147 -13.88 29.19 -35.50
C LEU E 147 -13.24 30.19 -36.43
N ASN E 148 -12.59 29.71 -37.50
CA ASN E 148 -11.99 30.64 -38.45
C ASN E 148 -13.04 31.54 -39.07
N ARG E 149 -14.19 30.98 -39.43
CA ARG E 149 -15.23 31.78 -40.05
C ARG E 149 -15.72 32.88 -39.12
N ILE E 150 -16.11 32.52 -37.90
CA ILE E 150 -16.66 33.52 -36.99
C ILE E 150 -15.60 34.54 -36.61
N MET E 151 -14.40 34.06 -36.32
CA MET E 151 -13.33 34.95 -35.90
C MET E 151 -12.95 35.92 -37.02
N ALA E 152 -12.89 35.44 -38.26
CA ALA E 152 -12.65 36.32 -39.39
C ALA E 152 -13.87 37.17 -39.71
N ASP E 153 -15.01 36.86 -39.12
CA ASP E 153 -16.17 37.73 -39.30
C ASP E 153 -16.13 38.91 -38.36
N TYR E 154 -15.92 38.69 -37.05
CA TYR E 154 -15.92 39.85 -36.16
C TYR E 154 -14.60 40.60 -36.14
N CYS E 155 -13.51 40.02 -36.64
CA CYS E 155 -12.31 40.83 -36.77
C CYS E 155 -12.26 41.61 -38.07
N GLN E 156 -13.22 41.38 -38.97
CA GLN E 156 -13.22 41.99 -40.30
C GLN E 156 -11.90 41.73 -41.02
N GLN E 157 -11.48 40.47 -41.02
CA GLN E 157 -10.25 40.07 -41.66
C GLN E 157 -10.52 38.94 -42.63
N PRO E 158 -9.73 38.80 -43.69
CA PRO E 158 -9.92 37.68 -44.60
C PRO E 158 -9.56 36.36 -43.93
N LEU E 159 -10.18 35.29 -44.43
CA LEU E 159 -9.94 33.97 -43.86
C LEU E 159 -8.52 33.50 -44.05
N SER E 160 -7.80 34.04 -45.02
CA SER E 160 -6.45 33.57 -45.32
C SER E 160 -5.52 33.79 -44.14
N LYS E 161 -5.45 35.01 -43.62
CA LYS E 161 -4.51 35.27 -42.55
C LYS E 161 -5.05 34.80 -41.21
N ILE E 162 -6.35 34.62 -41.07
CA ILE E 162 -6.83 33.99 -39.85
C ILE E 162 -6.41 32.53 -39.81
N GLU E 163 -6.57 31.80 -40.93
CA GLU E 163 -6.05 30.45 -40.99
C GLU E 163 -4.55 30.43 -40.73
N GLU E 164 -3.83 31.44 -41.24
CA GLU E 164 -2.39 31.49 -41.06
C GLU E 164 -2.00 31.70 -39.60
N ASP E 165 -2.58 32.70 -38.94
CA ASP E 165 -2.19 33.04 -37.57
C ASP E 165 -2.71 32.07 -36.51
N THR E 166 -3.91 31.52 -36.68
CA THR E 166 -4.40 30.58 -35.67
C THR E 166 -3.51 29.34 -35.59
N ASP E 167 -3.00 28.86 -36.72
CA ASP E 167 -2.20 27.65 -36.73
C ASP E 167 -0.84 27.82 -36.06
N ARG E 168 -0.42 29.05 -35.76
CA ARG E 168 0.82 29.32 -35.04
C ARG E 168 0.48 30.05 -33.75
N ASP E 169 0.75 29.41 -32.61
CA ASP E 169 0.42 30.03 -31.32
C ASP E 169 1.39 31.16 -31.04
N ARG E 170 0.89 32.39 -31.10
CA ARG E 170 1.71 33.57 -30.92
C ARG E 170 0.98 34.55 -30.02
N TYR E 171 1.57 34.85 -28.87
CA TYR E 171 0.97 35.79 -27.93
C TYR E 171 1.01 37.20 -28.49
N MET E 172 0.01 38.00 -28.14
CA MET E 172 -0.18 39.32 -28.69
C MET E 172 -0.47 40.32 -27.58
N SER E 173 0.18 41.47 -27.63
CA SER E 173 -0.08 42.54 -26.70
C SER E 173 -1.39 43.23 -27.08
N PRO E 174 -2.04 43.89 -26.13
CA PRO E 174 -3.35 44.49 -26.41
C PRO E 174 -3.35 45.50 -27.53
N LEU E 175 -2.30 46.30 -27.70
CA LEU E 175 -2.29 47.21 -28.83
C LEU E 175 -2.15 46.44 -30.14
N GLU E 176 -1.33 45.38 -30.13
CA GLU E 176 -1.18 44.55 -31.32
C GLU E 176 -2.49 43.87 -31.69
N ALA E 177 -3.18 43.30 -30.69
CA ALA E 177 -4.46 42.66 -30.96
C ALA E 177 -5.51 43.68 -31.36
N LYS E 178 -5.45 44.89 -30.81
CA LYS E 178 -6.40 45.93 -31.17
C LYS E 178 -6.22 46.32 -32.64
N GLU E 179 -4.98 46.41 -33.09
CA GLU E 179 -4.74 46.55 -34.52
C GLU E 179 -5.23 45.33 -35.29
N TYR E 180 -5.14 44.14 -34.67
CA TYR E 180 -5.66 42.93 -35.30
C TYR E 180 -7.17 42.98 -35.43
N GLY E 181 -7.87 43.28 -34.34
CA GLY E 181 -9.31 43.43 -34.39
C GLY E 181 -10.08 42.82 -33.24
N LEU E 182 -9.40 42.08 -32.36
CA LEU E 182 -10.10 41.40 -31.28
C LEU E 182 -10.76 42.38 -30.33
N ILE E 183 -10.06 43.46 -29.96
CA ILE E 183 -10.53 44.34 -28.92
C ILE E 183 -10.71 45.74 -29.46
N ASP E 184 -11.62 46.49 -28.84
CA ASP E 184 -11.93 47.83 -29.29
C ASP E 184 -11.28 48.92 -28.44
N HIS E 185 -10.94 48.62 -27.19
CA HIS E 185 -10.37 49.64 -26.33
C HIS E 185 -9.36 48.99 -25.39
N ILE E 186 -8.40 49.80 -24.95
CA ILE E 186 -7.44 49.40 -23.93
C ILE E 186 -7.61 50.36 -22.75
N ILE E 187 -7.75 49.81 -21.56
CA ILE E 187 -8.19 50.58 -20.42
C ILE E 187 -7.04 51.40 -19.83
N GLY E 188 -6.90 52.68 -20.23
CA GLY E 188 -5.66 53.43 -19.98
C GLY E 188 -4.95 53.93 -21.21
N GLY E 189 -5.30 53.41 -22.38
CA GLY E 189 -4.60 53.73 -23.61
C GLY E 189 -3.23 53.12 -23.72
N GLU E 190 -2.80 52.34 -22.74
CA GLU E 190 -1.47 51.76 -22.70
C GLU E 190 -1.48 50.32 -23.23
N VAL F 54 -11.54 36.09 6.21
CA VAL F 54 -11.26 37.01 5.11
C VAL F 54 -12.33 38.10 5.03
N SER F 55 -13.59 37.72 5.19
CA SER F 55 -14.68 38.70 5.19
C SER F 55 -14.48 39.70 6.32
N GLN F 56 -14.10 39.20 7.49
CA GLN F 56 -13.81 40.05 8.64
C GLN F 56 -12.75 41.10 8.29
N LEU F 57 -11.76 40.70 7.50
CA LEU F 57 -10.82 41.68 6.95
C LEU F 57 -11.44 42.44 5.79
N PHE F 58 -12.25 41.77 4.98
CA PHE F 58 -12.73 42.34 3.73
C PHE F 58 -13.54 43.61 3.95
N GLN F 59 -14.42 43.60 4.95
CA GLN F 59 -15.19 44.79 5.26
C GLN F 59 -14.30 45.94 5.74
N GLN F 60 -13.08 45.65 6.16
CA GLN F 60 -12.13 46.69 6.52
C GLN F 60 -11.33 47.20 5.33
N ARG F 61 -11.81 46.95 4.10
CA ARG F 61 -11.11 47.34 2.88
C ARG F 61 -9.72 46.75 2.84
N ILE F 62 -9.60 45.53 3.36
CA ILE F 62 -8.34 44.80 3.38
C ILE F 62 -8.41 43.69 2.37
N VAL F 63 -7.48 43.69 1.43
CA VAL F 63 -7.37 42.68 0.41
C VAL F 63 -6.09 41.91 0.69
N ARG F 64 -6.19 40.60 0.86
CA ARG F 64 -5.02 39.81 1.22
C ARG F 64 -4.44 39.15 -0.02
N LEU F 65 -3.24 39.56 -0.41
CA LEU F 65 -2.44 38.81 -1.37
C LEU F 65 -1.52 37.92 -0.55
N GLY F 66 -2.00 36.76 -0.15
CA GLY F 66 -1.22 35.84 0.64
C GLY F 66 -0.93 34.57 -0.11
N GLY F 67 0.25 34.00 0.15
CA GLY F 67 0.65 32.78 -0.49
C GLY F 67 0.96 32.94 -1.97
N ALA F 68 1.66 31.96 -2.54
CA ALA F 68 2.08 32.05 -3.93
C ALA F 68 0.89 32.22 -4.85
N VAL F 69 0.98 33.18 -5.76
CA VAL F 69 -0.14 33.56 -6.60
C VAL F 69 -0.40 32.47 -7.64
N ASP F 70 -1.67 32.33 -8.02
CA ASP F 70 -2.06 31.49 -9.14
C ASP F 70 -3.20 32.21 -9.84
N ASP F 71 -3.85 31.54 -10.79
CA ASP F 71 -4.95 32.18 -11.50
C ASP F 71 -6.22 32.24 -10.65
N ASP F 72 -6.43 31.26 -9.76
CA ASP F 72 -7.60 31.29 -8.89
C ASP F 72 -7.45 32.38 -7.83
N MET F 73 -6.27 32.47 -7.23
CA MET F 73 -6.02 33.54 -6.28
C MET F 73 -6.14 34.90 -6.96
N ALA F 74 -5.62 35.02 -8.17
CA ALA F 74 -5.74 36.28 -8.91
C ALA F 74 -7.21 36.60 -9.20
N ASN F 75 -8.01 35.59 -9.54
CA ASN F 75 -9.42 35.84 -9.76
C ASN F 75 -10.09 36.37 -8.51
N LEU F 76 -9.76 35.78 -7.35
CA LEU F 76 -10.35 36.22 -6.10
C LEU F 76 -9.92 37.65 -5.75
N LEU F 77 -8.62 37.95 -5.91
CA LEU F 77 -8.14 39.31 -5.68
C LEU F 77 -8.83 40.30 -6.60
N VAL F 78 -8.98 39.96 -7.87
CA VAL F 78 -9.55 40.89 -8.83
C VAL F 78 -11.02 41.14 -8.53
N ALA F 79 -11.76 40.09 -8.17
CA ALA F 79 -13.16 40.26 -7.79
C ALA F 79 -13.29 41.13 -6.55
N GLN F 80 -12.45 40.89 -5.54
CA GLN F 80 -12.49 41.72 -4.34
C GLN F 80 -12.22 43.18 -4.69
N LEU F 81 -11.18 43.43 -5.50
CA LEU F 81 -10.81 44.80 -5.81
C LEU F 81 -11.90 45.51 -6.61
N LEU F 82 -12.49 44.82 -7.57
CA LEU F 82 -13.54 45.45 -8.36
C LEU F 82 -14.78 45.72 -7.52
N TYR F 83 -15.15 44.78 -6.64
CA TYR F 83 -16.30 45.03 -5.78
C TYR F 83 -16.02 46.23 -4.88
N LEU F 84 -14.82 46.28 -4.30
CA LEU F 84 -14.48 47.36 -3.37
C LEU F 84 -14.43 48.70 -4.07
N ASP F 85 -14.02 48.73 -5.34
CA ASP F 85 -14.10 49.98 -6.09
C ASP F 85 -15.54 50.34 -6.38
N SER F 86 -16.40 49.35 -6.58
CA SER F 86 -17.81 49.65 -6.79
C SER F 86 -18.44 50.24 -5.55
N VAL F 87 -18.00 49.78 -4.36
CA VAL F 87 -18.60 50.27 -3.12
C VAL F 87 -18.24 51.73 -2.89
N ASP F 88 -16.96 52.09 -3.04
CA ASP F 88 -16.50 53.42 -2.66
C ASP F 88 -15.27 53.74 -3.50
N ASN F 89 -15.36 54.75 -4.35
CA ASN F 89 -14.28 55.11 -5.25
C ASN F 89 -13.23 56.00 -4.59
N LYS F 90 -13.52 56.59 -3.44
CA LYS F 90 -12.59 57.48 -2.77
C LYS F 90 -11.82 56.79 -1.64
N ARG F 91 -12.54 56.27 -0.65
CA ARG F 91 -11.90 55.79 0.56
C ARG F 91 -11.00 54.59 0.24
N ASP F 92 -9.83 54.58 0.89
CA ASP F 92 -8.67 53.83 0.44
C ASP F 92 -8.86 52.33 0.62
N ILE F 93 -8.11 51.57 -0.15
CA ILE F 93 -7.96 50.14 0.02
C ILE F 93 -6.55 49.85 0.51
N THR F 94 -6.41 48.99 1.50
CA THR F 94 -5.10 48.52 1.95
C THR F 94 -5.03 47.03 1.69
N MET F 95 -3.82 46.52 1.48
CA MET F 95 -3.65 45.18 0.94
C MET F 95 -2.39 44.54 1.49
N TYR F 96 -2.56 43.47 2.26
CA TYR F 96 -1.43 42.79 2.90
C TYR F 96 -0.78 41.82 1.93
N VAL F 97 0.53 41.91 1.81
CA VAL F 97 1.30 41.12 0.86
C VAL F 97 2.11 40.10 1.66
N ASN F 98 1.94 38.83 1.33
CA ASN F 98 2.77 37.78 1.91
C ASN F 98 2.80 36.63 0.91
N SER F 99 3.78 36.68 -0.01
CA SER F 99 3.75 35.68 -1.05
C SER F 99 5.14 35.37 -1.59
N PRO F 100 5.45 34.10 -1.83
CA PRO F 100 6.77 33.73 -2.34
C PRO F 100 6.90 33.79 -3.85
N GLY F 101 5.87 34.14 -4.58
CA GLY F 101 5.97 34.20 -6.01
C GLY F 101 4.60 34.19 -6.66
N GLY F 102 4.51 33.48 -7.75
CA GLY F 102 3.26 33.35 -8.49
C GLY F 102 3.53 33.38 -9.97
N SER F 103 2.50 33.00 -10.72
CA SER F 103 2.57 33.10 -12.17
C SER F 103 2.61 34.57 -12.59
N VAL F 104 3.40 34.85 -13.63
CA VAL F 104 3.60 36.24 -14.03
C VAL F 104 2.31 36.84 -14.56
N THR F 105 1.51 36.04 -15.25
CA THR F 105 0.29 36.57 -15.85
C THR F 105 -0.73 36.95 -14.79
N ALA F 106 -0.88 36.12 -13.76
CA ALA F 106 -1.80 36.45 -12.67
C ALA F 106 -1.34 37.70 -11.93
N GLY F 107 -0.04 37.80 -11.67
CA GLY F 107 0.47 39.00 -11.04
C GLY F 107 0.25 40.24 -11.90
N MET F 108 0.38 40.09 -13.21
CA MET F 108 0.14 41.21 -14.10
C MET F 108 -1.34 41.60 -14.08
N ALA F 109 -2.22 40.62 -14.01
CA ALA F 109 -3.65 40.89 -13.90
C ALA F 109 -3.96 41.67 -12.62
N VAL F 110 -3.40 41.22 -11.50
CA VAL F 110 -3.62 41.91 -10.23
C VAL F 110 -3.05 43.32 -10.29
N PHE F 111 -1.87 43.48 -10.90
CA PHE F 111 -1.24 44.79 -10.97
C PHE F 111 -2.07 45.74 -11.81
N ASP F 112 -2.62 45.28 -12.92
CA ASP F 112 -3.45 46.16 -13.74
C ASP F 112 -4.76 46.49 -13.06
N THR F 113 -5.38 45.51 -12.40
CA THR F 113 -6.61 45.79 -11.65
C THR F 113 -6.34 46.81 -10.55
N MET F 114 -5.22 46.68 -9.86
CA MET F 114 -4.81 47.70 -8.88
C MET F 114 -4.66 49.05 -9.53
N ARG F 115 -4.01 49.09 -10.69
CA ARG F 115 -3.71 50.39 -11.29
C ARG F 115 -4.98 51.13 -11.67
N HIS F 116 -5.87 50.51 -12.44
CA HIS F 116 -6.88 51.34 -13.08
C HIS F 116 -8.11 51.59 -12.20
N ILE F 117 -8.29 50.89 -11.08
CA ILE F 117 -9.39 51.20 -10.19
C ILE F 117 -9.17 52.57 -9.54
N ARG F 118 -10.21 53.08 -8.89
CA ARG F 118 -10.16 54.46 -8.42
C ARG F 118 -9.51 54.60 -7.05
N PRO F 119 -9.86 53.82 -6.02
CA PRO F 119 -9.16 53.95 -4.75
C PRO F 119 -7.68 53.58 -4.87
N ASP F 120 -6.84 54.28 -4.12
CA ASP F 120 -5.44 53.89 -4.04
C ASP F 120 -5.33 52.56 -3.30
N VAL F 121 -4.56 51.65 -3.86
CA VAL F 121 -4.33 50.36 -3.21
C VAL F 121 -2.99 50.48 -2.51
N SER F 122 -3.03 50.89 -1.25
CA SER F 122 -1.84 50.85 -0.42
C SER F 122 -1.47 49.40 -0.15
N THR F 123 -0.20 49.08 -0.31
CA THR F 123 0.28 47.71 -0.09
C THR F 123 1.16 47.67 1.14
N CYS F 124 0.79 46.85 2.11
CA CYS F 124 1.57 46.68 3.33
C CYS F 124 2.14 45.27 3.31
N CYS F 125 3.46 45.16 3.35
CA CYS F 125 4.10 43.85 3.34
C CYS F 125 4.14 43.30 4.76
N ILE F 126 3.64 42.08 4.93
CA ILE F 126 3.72 41.37 6.20
C ILE F 126 4.45 40.06 5.94
N GLY F 127 5.57 39.86 6.62
CA GLY F 127 6.28 38.61 6.45
C GLY F 127 7.28 38.57 5.31
N LEU F 128 6.80 38.51 4.07
CA LEU F 128 7.70 38.28 2.94
C LEU F 128 7.03 38.75 1.65
N ALA F 129 7.85 39.15 0.69
CA ALA F 129 7.37 39.50 -0.64
C ALA F 129 8.46 39.10 -1.63
N ALA F 130 8.18 38.14 -2.51
CA ALA F 130 9.22 37.46 -3.26
C ALA F 130 8.98 37.48 -4.77
N SER F 131 9.47 38.51 -5.44
CA SER F 131 9.76 38.54 -6.87
C SER F 131 8.53 38.58 -7.75
N MET F 132 7.39 38.26 -7.20
CA MET F 132 6.14 38.52 -7.88
C MET F 132 5.14 39.17 -6.94
N GLY F 133 5.15 38.77 -5.67
CA GLY F 133 4.50 39.57 -4.65
C GLY F 133 5.30 40.80 -4.32
N ALA F 134 6.60 40.77 -4.60
CA ALA F 134 7.42 41.95 -4.40
C ALA F 134 7.12 43.00 -5.45
N PHE F 135 6.92 42.59 -6.70
CA PHE F 135 6.52 43.55 -7.73
C PHE F 135 5.16 44.14 -7.41
N ILE F 136 4.23 43.32 -6.93
CA ILE F 136 2.92 43.83 -6.55
C ILE F 136 3.05 44.81 -5.39
N LEU F 137 3.87 44.47 -4.40
CA LEU F 137 4.11 45.38 -3.28
C LEU F 137 4.73 46.69 -3.76
N ALA F 138 5.66 46.61 -4.70
CA ALA F 138 6.30 47.81 -5.21
C ALA F 138 5.36 48.66 -6.04
N SER F 139 4.19 48.13 -6.40
CA SER F 139 3.28 48.85 -7.26
C SER F 139 2.14 49.54 -6.51
N GLY F 140 2.14 49.52 -5.19
CA GLY F 140 1.15 50.27 -4.46
C GLY F 140 1.28 51.75 -4.69
N GLN F 141 0.24 52.48 -4.29
CA GLN F 141 0.19 53.91 -4.53
C GLN F 141 1.43 54.57 -3.93
N ALA F 142 2.02 55.51 -4.67
CA ALA F 142 3.23 56.18 -4.21
C ALA F 142 2.98 56.83 -2.86
N GLY F 143 3.93 56.67 -1.95
CA GLY F 143 3.79 57.15 -0.60
C GLY F 143 3.03 56.23 0.32
N LYS F 144 2.54 55.10 -0.17
CA LYS F 144 1.69 54.20 0.60
C LYS F 144 2.08 52.75 0.38
N ARG F 145 3.37 52.48 0.22
CA ARG F 145 3.89 51.12 0.17
C ARG F 145 4.67 50.88 1.46
N TYR F 146 4.01 50.25 2.43
CA TYR F 146 4.56 50.05 3.76
C TYR F 146 5.14 48.66 3.91
N SER F 147 6.03 48.52 4.89
CA SER F 147 6.59 47.24 5.26
C SER F 147 6.57 47.09 6.77
N LEU F 148 6.44 45.86 7.24
CA LEU F 148 6.69 45.59 8.63
C LEU F 148 8.19 45.55 8.89
N PRO F 149 8.63 45.89 10.11
CA PRO F 149 10.07 46.08 10.33
C PRO F 149 10.91 44.84 10.12
N ASN F 150 10.33 43.66 10.18
CA ASN F 150 11.09 42.41 10.11
C ASN F 150 10.82 41.62 8.82
N SER F 151 10.04 42.17 7.90
CA SER F 151 9.71 41.51 6.66
C SER F 151 10.90 41.57 5.70
N ARG F 152 10.94 40.62 4.77
CA ARG F 152 12.01 40.55 3.79
C ARG F 152 11.44 40.69 2.39
N ILE F 153 12.24 41.24 1.48
CA ILE F 153 11.80 41.57 0.14
C ILE F 153 12.78 40.95 -0.86
N MET F 154 12.26 40.20 -1.82
CA MET F 154 13.06 39.47 -2.80
C MET F 154 12.66 39.89 -4.21
N ILE F 155 13.65 40.07 -5.08
CA ILE F 155 13.36 40.24 -6.50
C ILE F 155 14.24 39.30 -7.32
N HIS F 156 13.65 38.70 -8.35
CA HIS F 156 14.32 37.73 -9.20
C HIS F 156 13.49 37.55 -10.47
N GLN F 157 14.12 36.97 -11.49
CA GLN F 157 13.59 36.89 -12.86
C GLN F 157 12.42 35.92 -12.96
N PRO F 158 11.66 35.99 -14.08
CA PRO F 158 10.53 35.08 -14.26
C PRO F 158 10.97 33.64 -14.45
N LEU F 159 10.00 32.75 -14.40
CA LEU F 159 10.24 31.32 -14.47
C LEU F 159 9.11 30.66 -15.25
N GLY F 160 9.33 29.41 -15.64
CA GLY F 160 8.32 28.67 -16.36
C GLY F 160 8.96 27.75 -17.38
N GLY F 161 8.21 26.73 -17.76
CA GLY F 161 8.74 25.73 -18.67
C GLY F 161 8.11 25.88 -20.04
N ALA F 162 8.54 25.01 -20.95
CA ALA F 162 8.00 24.97 -22.31
C ALA F 162 8.32 23.64 -22.95
N GLN F 163 7.47 23.25 -23.91
CA GLN F 163 7.61 22.01 -24.64
C GLN F 163 7.01 22.20 -26.02
N GLY F 164 7.59 21.55 -27.02
CA GLY F 164 7.10 21.62 -28.37
C GLY F 164 8.25 21.71 -29.35
N GLN F 165 7.90 22.07 -30.59
CA GLN F 165 8.87 22.17 -31.66
C GLN F 165 9.88 23.29 -31.37
N ALA F 166 10.90 23.39 -32.22
CA ALA F 166 11.83 24.51 -32.12
C ALA F 166 11.09 25.85 -32.17
N THR F 167 10.11 25.96 -33.06
CA THR F 167 9.35 27.20 -33.19
C THR F 167 8.56 27.52 -31.94
N ASP F 168 7.79 26.56 -31.42
CA ASP F 168 6.90 26.85 -30.30
C ASP F 168 7.68 27.20 -29.03
N ILE F 169 8.77 26.48 -28.78
CA ILE F 169 9.49 26.74 -27.53
C ILE F 169 10.37 27.97 -27.69
N GLU F 170 10.77 28.30 -28.92
CA GLU F 170 11.38 29.61 -29.13
C GLU F 170 10.37 30.73 -28.88
N ILE F 171 9.10 30.51 -29.25
CA ILE F 171 8.07 31.51 -28.96
C ILE F 171 7.88 31.65 -27.46
N GLN F 172 7.89 30.53 -26.75
CA GLN F 172 7.80 30.62 -25.30
C GLN F 172 9.01 31.36 -24.73
N ALA F 173 10.19 31.14 -25.32
CA ALA F 173 11.39 31.84 -24.89
C ALA F 173 11.25 33.34 -25.06
N ASN F 174 10.76 33.79 -26.21
CA ASN F 174 10.73 35.25 -26.36
C ASN F 174 9.52 35.86 -25.67
N GLU F 175 8.49 35.08 -25.30
CA GLU F 175 7.50 35.66 -24.41
C GLU F 175 8.05 35.80 -23.00
N ILE F 176 8.93 34.88 -22.58
CA ILE F 176 9.57 35.06 -21.28
C ILE F 176 10.47 36.29 -21.31
N LEU F 177 11.15 36.52 -22.43
CA LEU F 177 11.89 37.77 -22.58
C LEU F 177 10.96 38.98 -22.51
N HIS F 178 9.75 38.86 -23.08
CA HIS F 178 8.80 39.97 -22.99
C HIS F 178 8.40 40.24 -21.54
N HIS F 179 8.12 39.18 -20.79
CA HIS F 179 7.81 39.36 -19.37
C HIS F 179 8.95 40.07 -18.67
N LYS F 180 10.18 39.63 -18.93
CA LYS F 180 11.34 40.21 -18.28
C LYS F 180 11.46 41.70 -18.60
N LEU F 181 11.30 42.05 -19.87
CA LEU F 181 11.40 43.46 -20.26
C LEU F 181 10.30 44.29 -19.60
N THR F 182 9.06 43.80 -19.62
CA THR F 182 7.97 44.56 -19.05
C THR F 182 8.16 44.77 -17.56
N LEU F 183 8.56 43.71 -16.85
CA LEU F 183 8.76 43.82 -15.41
C LEU F 183 9.88 44.79 -15.09
N ASN F 184 10.97 44.74 -15.86
CA ASN F 184 12.06 45.69 -15.59
C ASN F 184 11.62 47.12 -15.85
N GLY F 185 10.87 47.35 -16.92
CA GLY F 185 10.39 48.70 -17.18
C GLY F 185 9.50 49.22 -16.08
N TYR F 186 8.58 48.39 -15.61
CA TYR F 186 7.69 48.82 -14.54
C TYR F 186 8.46 49.04 -13.23
N LEU F 187 9.42 48.17 -12.93
CA LEU F 187 10.22 48.37 -11.73
C LEU F 187 11.03 49.66 -11.82
N ALA F 188 11.53 49.99 -13.01
CA ALA F 188 12.21 51.26 -13.18
C ALA F 188 11.26 52.42 -12.96
N GLN F 189 10.01 52.28 -13.38
CA GLN F 189 9.04 53.32 -13.10
C GLN F 189 8.79 53.46 -11.59
N PHE F 190 8.78 52.33 -10.88
CA PHE F 190 8.35 52.35 -9.48
C PHE F 190 9.44 52.70 -8.50
N THR F 191 10.69 52.31 -8.75
CA THR F 191 11.78 52.63 -7.82
C THR F 191 12.48 53.94 -8.14
N GLY F 192 12.75 54.20 -9.41
CA GLY F 192 13.58 55.32 -9.81
C GLY F 192 14.96 54.94 -10.27
N GLN F 193 15.39 53.71 -10.01
CA GLN F 193 16.67 53.25 -10.52
C GLN F 193 16.57 52.94 -12.01
N SER F 194 17.72 52.90 -12.67
CA SER F 194 17.75 52.74 -14.11
C SER F 194 17.54 51.28 -14.51
N MET F 195 17.30 51.07 -15.81
CA MET F 195 17.09 49.73 -16.33
C MET F 195 18.26 48.81 -16.02
N GLU F 196 19.48 49.35 -15.99
CA GLU F 196 20.67 48.53 -15.82
C GLU F 196 20.78 48.01 -14.39
N THR F 197 20.64 48.89 -13.40
CA THR F 197 20.69 48.44 -12.02
C THR F 197 19.57 47.45 -11.71
N ILE F 198 18.36 47.74 -12.20
CA ILE F 198 17.24 46.86 -11.94
C ILE F 198 17.42 45.52 -12.63
N THR F 199 17.97 45.52 -13.85
CA THR F 199 18.18 44.26 -14.55
C THR F 199 19.25 43.43 -13.84
N LYS F 200 20.30 44.08 -13.36
CA LYS F 200 21.30 43.36 -12.58
C LYS F 200 20.69 42.79 -11.31
N ASP F 201 19.82 43.56 -10.66
CA ASP F 201 19.22 43.11 -9.41
C ASP F 201 18.31 41.91 -9.64
N THR F 202 17.42 42.02 -10.62
CA THR F 202 16.49 40.94 -10.95
C THR F 202 17.20 39.74 -11.55
N ASP F 203 18.42 39.91 -12.05
CA ASP F 203 19.13 38.80 -12.70
C ASP F 203 19.38 37.66 -11.73
N ARG F 204 19.83 37.97 -10.51
CA ARG F 204 20.14 36.96 -9.51
C ARG F 204 19.32 37.23 -8.26
N ASP F 205 19.06 36.16 -7.50
CA ASP F 205 18.23 36.27 -6.30
C ASP F 205 18.68 37.44 -5.44
N PHE F 206 17.84 38.47 -5.34
CA PHE F 206 18.24 39.69 -4.59
C PHE F 206 17.42 39.79 -3.30
N PHE F 207 17.89 39.20 -2.21
CA PHE F 207 17.18 39.34 -0.92
C PHE F 207 17.53 40.71 -0.31
N MET F 208 16.53 41.39 0.27
CA MET F 208 16.77 42.77 0.78
C MET F 208 16.09 42.94 2.13
N SER F 209 16.53 43.93 2.90
CA SER F 209 15.88 44.23 4.20
C SER F 209 14.84 45.35 3.98
N PRO F 210 13.83 45.62 4.85
CA PRO F 210 12.88 46.71 4.55
C PRO F 210 13.55 48.07 4.41
N GLN F 211 14.55 48.35 5.23
CA GLN F 211 15.19 49.66 5.17
C GLN F 211 15.87 49.86 3.82
N GLU F 212 16.64 48.86 3.37
CA GLU F 212 17.27 48.95 2.07
C GLU F 212 16.23 49.22 0.99
N ALA F 213 15.11 48.53 1.06
CA ALA F 213 14.02 48.77 0.14
C ALA F 213 13.51 50.21 0.25
N ILE F 214 13.59 50.81 1.43
CA ILE F 214 13.26 52.24 1.52
C ILE F 214 14.21 53.05 0.66
N GLU F 215 15.51 52.85 0.83
CA GLU F 215 16.41 53.67 0.02
C GLU F 215 16.59 53.09 -1.38
N TYR F 216 16.07 51.89 -1.63
CA TYR F 216 16.05 51.36 -2.99
C TYR F 216 14.71 51.52 -3.66
N GLY F 217 13.74 52.13 -2.99
CA GLY F 217 12.53 52.63 -3.63
C GLY F 217 11.31 51.73 -3.60
N LEU F 218 11.43 50.44 -3.27
CA LEU F 218 10.25 49.59 -3.26
C LEU F 218 9.23 50.01 -2.21
N VAL F 219 9.68 50.37 -1.01
CA VAL F 219 8.75 50.73 0.06
C VAL F 219 8.87 52.21 0.34
N ASP F 220 7.82 52.75 0.96
CA ASP F 220 7.76 54.17 1.28
C ASP F 220 8.06 54.45 2.74
N ALA F 221 7.77 53.51 3.62
CA ALA F 221 7.96 53.69 5.05
C ALA F 221 7.93 52.32 5.71
N ILE F 222 8.16 52.31 7.02
CA ILE F 222 8.00 51.12 7.84
C ILE F 222 6.92 51.40 8.87
N ILE F 223 6.16 50.38 9.22
CA ILE F 223 5.26 50.50 10.36
C ILE F 223 6.03 50.06 11.59
N SER F 224 6.87 50.95 12.15
CA SER F 224 7.24 50.92 13.58
C SER F 224 6.28 51.74 14.42
N LYS F 225 5.37 52.47 13.78
CA LYS F 225 4.46 53.36 14.46
C LYS F 225 3.46 52.60 15.33
N PRO G 17 -16.83 29.36 22.03
CA PRO G 17 -16.14 29.70 23.26
C PRO G 17 -14.96 30.62 23.03
N PHE G 18 -14.29 30.47 21.88
CA PHE G 18 -13.21 31.37 21.50
C PHE G 18 -13.71 32.76 21.18
N GLY G 19 -14.99 32.90 20.84
CA GLY G 19 -15.55 34.23 20.66
C GLY G 19 -15.61 35.01 21.95
N LEU G 20 -16.06 34.35 23.03
CA LEU G 20 -16.08 35.01 24.33
C LEU G 20 -14.68 35.38 24.80
N LEU G 21 -13.73 34.48 24.57
CA LEU G 21 -12.35 34.77 24.97
C LEU G 21 -11.76 35.89 24.13
N LEU G 22 -12.12 35.96 22.84
CA LEU G 22 -11.64 37.07 22.03
C LEU G 22 -12.27 38.38 22.46
N ARG G 23 -13.51 38.33 22.94
CA ARG G 23 -14.09 39.51 23.58
C ARG G 23 -13.30 39.90 24.82
N GLN G 24 -12.82 38.92 25.57
CA GLN G 24 -12.03 39.21 26.77
C GLN G 24 -10.59 39.57 26.46
N ARG G 25 -10.28 39.87 25.20
CA ARG G 25 -8.92 40.20 24.77
C ARG G 25 -7.95 39.05 25.07
N ILE G 26 -8.37 37.83 24.73
CA ILE G 26 -7.52 36.66 24.84
C ILE G 26 -7.39 36.06 23.46
N VAL G 27 -6.16 35.90 23.00
CA VAL G 27 -5.87 35.37 21.69
C VAL G 27 -5.13 34.06 21.88
N PHE G 28 -5.56 33.03 21.18
CA PHE G 28 -4.92 31.72 21.28
C PHE G 28 -4.03 31.52 20.07
N LEU G 29 -2.79 31.11 20.33
CA LEU G 29 -1.87 30.70 19.29
C LEU G 29 -1.48 29.26 19.60
N GLY G 30 -2.21 28.31 19.03
CA GLY G 30 -2.03 26.92 19.37
C GLY G 30 -1.77 26.07 18.15
N GLY G 31 -0.97 25.04 18.34
CA GLY G 31 -0.55 24.21 17.23
C GLY G 31 0.51 24.88 16.40
N GLU G 32 0.89 24.18 15.32
CA GLU G 32 1.93 24.68 14.43
C GLU G 32 1.56 26.06 13.90
N VAL G 33 2.52 26.98 13.95
CA VAL G 33 2.32 28.32 13.43
C VAL G 33 2.72 28.31 11.97
N GLU G 34 1.86 28.87 11.10
CA GLU G 34 2.12 28.84 9.64
C GLU G 34 1.76 30.18 9.03
N ASP G 35 1.94 30.35 7.71
CA ASP G 35 1.71 31.66 7.04
C ASP G 35 0.27 32.12 7.29
N PHE G 36 -0.72 31.30 6.95
CA PHE G 36 -2.14 31.72 7.09
C PHE G 36 -2.47 31.89 8.58
N GLY G 37 -2.02 30.96 9.42
CA GLY G 37 -2.23 31.09 10.88
C GLY G 37 -1.72 32.43 11.36
N ALA G 38 -0.53 32.84 10.92
CA ALA G 38 0.02 34.16 11.28
C ALA G 38 -0.94 35.26 10.86
N ASP G 39 -1.32 35.31 9.57
CA ASP G 39 -2.19 36.40 9.06
C ASP G 39 -3.43 36.52 9.94
N ALA G 40 -4.05 35.39 10.30
CA ALA G 40 -5.24 35.41 11.18
C ALA G 40 -4.90 36.09 12.52
N ILE G 41 -3.83 35.65 13.18
CA ILE G 41 -3.46 36.21 14.52
C ILE G 41 -3.10 37.69 14.38
N ILE G 42 -2.30 38.05 13.36
CA ILE G 42 -1.95 39.48 13.11
C ILE G 42 -3.24 40.30 13.09
N SER G 43 -4.25 39.84 12.34
CA SER G 43 -5.50 40.56 12.22
C SER G 43 -6.21 40.68 13.56
N GLN G 44 -6.22 39.60 14.35
CA GLN G 44 -6.87 39.66 15.66
C GLN G 44 -6.22 40.70 16.55
N LEU G 45 -4.89 40.75 16.57
CA LEU G 45 -4.19 41.72 17.39
C LEU G 45 -4.45 43.15 16.91
N LEU G 46 -4.47 43.36 15.60
CA LEU G 46 -4.79 44.69 15.07
C LEU G 46 -6.21 45.09 15.43
N LEU G 47 -7.16 44.15 15.36
CA LEU G 47 -8.53 44.46 15.76
C LEU G 47 -8.61 44.85 17.23
N LEU G 48 -7.94 44.07 18.08
CA LEU G 48 -7.99 44.35 19.52
C LEU G 48 -7.33 45.67 19.85
N ASP G 49 -6.29 46.05 19.10
CA ASP G 49 -5.67 47.36 19.30
C ASP G 49 -6.58 48.49 18.83
N SER G 50 -7.15 48.37 17.63
CA SER G 50 -7.93 49.47 17.08
C SER G 50 -9.24 49.65 17.81
N GLN G 51 -9.77 48.56 18.41
CA GLN G 51 -10.95 48.71 19.24
C GLN G 51 -10.64 49.41 20.57
N ASP G 52 -9.60 48.96 21.26
CA ASP G 52 -9.34 49.37 22.65
C ASP G 52 -7.84 49.50 22.84
N PRO G 53 -7.35 50.70 23.16
CA PRO G 53 -5.90 50.92 23.24
C PRO G 53 -5.29 50.84 24.63
N THR G 54 -6.09 50.79 25.69
CA THR G 54 -5.57 50.85 27.04
C THR G 54 -5.65 49.53 27.79
N LYS G 55 -6.32 48.52 27.24
CA LYS G 55 -6.57 47.27 27.93
C LYS G 55 -5.69 46.19 27.33
N ASP G 56 -4.97 45.48 28.21
CA ASP G 56 -3.97 44.52 27.78
C ASP G 56 -4.58 43.36 27.01
N ILE G 57 -3.75 42.74 26.17
CA ILE G 57 -4.08 41.54 25.43
C ILE G 57 -3.34 40.38 26.09
N LYS G 58 -3.91 39.19 26.04
CA LYS G 58 -3.24 37.98 26.48
C LYS G 58 -3.17 37.01 25.31
N ILE G 59 -1.97 36.52 25.02
CA ILE G 59 -1.74 35.59 23.92
C ILE G 59 -1.27 34.29 24.53
N PHE G 60 -1.94 33.19 24.21
CA PHE G 60 -1.57 31.90 24.77
C PHE G 60 -0.86 31.08 23.71
N ILE G 61 0.31 30.57 24.05
CA ILE G 61 1.21 29.95 23.10
C ILE G 61 1.39 28.49 23.49
N ASN G 62 0.84 27.60 22.67
CA ASN G 62 1.10 26.16 22.78
C ASN G 62 1.45 25.72 21.38
N SER G 63 2.71 25.90 20.99
CA SER G 63 3.04 25.69 19.61
C SER G 63 4.40 25.06 19.43
N PRO G 64 4.51 24.00 18.62
CA PRO G 64 5.76 23.27 18.47
C PRO G 64 6.74 23.89 17.50
N GLY G 65 6.54 25.14 17.08
CA GLY G 65 7.44 25.75 16.13
C GLY G 65 6.72 26.65 15.16
N GLY G 66 7.16 26.65 13.92
CA GLY G 66 6.52 27.47 12.90
C GLY G 66 7.52 27.84 11.82
N SER G 67 7.09 28.78 10.98
CA SER G 67 7.98 29.34 9.98
C SER G 67 8.59 30.63 10.51
N VAL G 68 9.86 30.86 10.17
CA VAL G 68 10.53 32.07 10.65
C VAL G 68 9.82 33.30 10.09
N THR G 69 9.41 33.24 8.83
CA THR G 69 8.70 34.36 8.21
C THR G 69 7.38 34.66 8.93
N ALA G 70 6.55 33.64 9.10
CA ALA G 70 5.27 33.82 9.78
C ALA G 70 5.48 34.22 11.24
N GLY G 71 6.45 33.60 11.90
CA GLY G 71 6.74 33.96 13.28
C GLY G 71 7.14 35.42 13.42
N MET G 72 8.00 35.90 12.53
CA MET G 72 8.38 37.31 12.61
C MET G 72 7.23 38.22 12.23
N GLY G 73 6.31 37.76 11.37
CA GLY G 73 5.10 38.54 11.15
C GLY G 73 4.30 38.72 12.43
N ILE G 74 4.08 37.63 13.16
CA ILE G 74 3.32 37.74 14.41
C ILE G 74 4.08 38.59 15.42
N TYR G 75 5.41 38.47 15.43
CA TYR G 75 6.21 39.25 16.37
C TYR G 75 6.11 40.74 16.08
N ASP G 76 6.13 41.10 14.80
CA ASP G 76 5.93 42.50 14.45
C ASP G 76 4.56 42.98 14.89
N ALA G 77 3.53 42.15 14.68
CA ALA G 77 2.20 42.54 15.14
C ALA G 77 2.18 42.75 16.65
N MET G 78 2.82 41.86 17.39
CA MET G 78 2.87 41.98 18.85
C MET G 78 3.58 43.25 19.27
N MET G 79 4.68 43.59 18.60
CA MET G 79 5.43 44.78 18.98
C MET G 79 4.75 46.06 18.54
N LEU G 80 3.81 46.00 17.60
CA LEU G 80 3.07 47.21 17.22
C LEU G 80 2.03 47.59 18.25
N CYS G 81 1.48 46.61 18.97
CA CYS G 81 0.29 46.84 19.79
C CYS G 81 0.56 47.83 20.90
N ARG G 82 -0.21 48.93 20.92
CA ARG G 82 -0.11 49.88 22.02
C ARG G 82 -0.49 49.23 23.33
N ALA G 83 -1.53 48.40 23.34
CA ALA G 83 -1.97 47.74 24.54
C ALA G 83 -1.03 46.60 24.90
N ASP G 84 -0.47 46.66 26.10
CA ASP G 84 0.58 45.73 26.49
C ASP G 84 0.13 44.29 26.32
N VAL G 85 0.95 43.51 25.62
CA VAL G 85 0.55 42.18 25.16
C VAL G 85 1.28 41.15 26.02
N ASN G 86 0.56 40.56 26.96
CA ASN G 86 1.09 39.50 27.81
C ASN G 86 1.04 38.18 27.06
N THR G 87 1.88 37.25 27.48
CA THR G 87 1.84 35.91 26.89
C THR G 87 1.80 34.87 27.98
N TYR G 88 1.11 33.76 27.72
CA TYR G 88 0.91 32.71 28.75
C TYR G 88 1.11 31.34 28.09
N CYS G 89 2.32 30.80 28.17
CA CYS G 89 2.63 29.51 27.50
C CYS G 89 2.04 28.32 28.27
N PHE G 90 1.50 27.34 27.55
CA PHE G 90 0.98 26.10 28.20
C PHE G 90 1.47 24.89 27.39
N GLY G 91 2.10 23.91 28.03
CA GLY G 91 2.49 22.68 27.32
C GLY G 91 3.80 22.80 26.58
N LEU G 92 3.77 23.21 25.30
CA LEU G 92 4.97 23.35 24.51
C LEU G 92 5.14 24.79 24.02
N ALA G 93 6.39 25.19 23.85
CA ALA G 93 6.73 26.41 23.12
C ALA G 93 8.10 26.17 22.49
N ALA G 94 8.11 25.71 21.25
CA ALA G 94 9.29 25.10 20.66
C ALA G 94 9.88 25.98 19.56
N SER G 95 10.87 26.78 19.93
CA SER G 95 11.82 27.41 19.02
C SER G 95 11.23 28.52 18.18
N MET G 96 9.91 28.59 18.11
CA MET G 96 9.28 29.78 17.57
C MET G 96 8.13 30.29 18.43
N GLY G 97 7.38 29.41 19.10
CA GLY G 97 6.49 29.87 20.13
C GLY G 97 7.26 30.42 21.32
N ALA G 98 8.42 29.85 21.61
CA ALA G 98 9.22 30.34 22.73
C ALA G 98 9.73 31.75 22.48
N PHE G 99 10.12 32.04 21.25
CA PHE G 99 10.55 33.40 20.92
C PHE G 99 9.42 34.39 21.10
N LEU G 100 8.23 34.05 20.61
CA LEU G 100 7.07 34.94 20.76
C LEU G 100 6.69 35.11 22.22
N LEU G 101 6.75 34.02 22.99
CA LEU G 101 6.52 34.11 24.43
C LEU G 101 7.53 35.02 25.10
N GLY G 102 8.77 34.98 24.64
CA GLY G 102 9.75 35.91 25.12
C GLY G 102 9.58 37.31 24.61
N ALA G 103 8.70 37.50 23.64
CA ALA G 103 8.39 38.82 23.09
C ALA G 103 7.14 39.45 23.67
N GLY G 104 6.64 38.95 24.80
CA GLY G 104 5.62 39.67 25.52
C GLY G 104 6.21 40.82 26.31
N LYS G 105 5.36 41.63 26.90
CA LYS G 105 5.88 42.75 27.67
C LYS G 105 6.65 42.23 28.88
N ARG G 106 7.80 42.85 29.15
CA ARG G 106 8.60 42.45 30.30
C ARG G 106 7.79 42.56 31.57
N GLY G 107 7.87 41.53 32.41
CA GLY G 107 7.12 41.47 33.63
C GLY G 107 5.73 40.90 33.50
N LYS G 108 5.26 40.67 32.27
CA LYS G 108 3.93 40.14 32.05
C LYS G 108 3.96 38.92 31.13
N ARG G 109 5.04 38.16 31.19
CA ARG G 109 5.12 36.87 30.54
C ARG G 109 4.94 35.80 31.59
N ASN G 110 4.09 34.82 31.33
CA ASN G 110 3.75 33.79 32.29
C ASN G 110 3.82 32.42 31.66
N SER G 111 3.98 31.41 32.49
CA SER G 111 3.95 30.05 31.99
C SER G 111 3.32 29.15 33.04
N MET G 112 2.86 28.00 32.59
CA MET G 112 2.36 26.97 33.48
C MET G 112 3.52 26.32 34.22
N PRO G 113 3.25 25.69 35.37
CA PRO G 113 4.36 25.17 36.17
C PRO G 113 5.13 24.07 35.48
N ASN G 114 4.53 23.43 34.48
CA ASN G 114 5.12 22.27 33.81
C ASN G 114 5.08 22.41 32.31
N SER G 115 5.13 23.63 31.80
CA SER G 115 5.32 23.79 30.36
C SER G 115 6.77 23.51 30.01
N ARG G 116 7.00 23.21 28.74
CA ARG G 116 8.33 22.92 28.25
C ARG G 116 8.70 23.98 27.24
N ILE G 117 9.83 24.65 27.46
CA ILE G 117 10.27 25.75 26.62
C ILE G 117 11.53 25.34 25.87
N MET G 118 11.51 25.48 24.55
CA MET G 118 12.64 25.11 23.71
C MET G 118 13.10 26.32 22.93
N ILE G 119 14.41 26.51 22.85
CA ILE G 119 15.01 27.55 22.02
C ILE G 119 15.90 26.85 21.00
N HIS G 120 15.65 27.07 19.72
CA HIS G 120 16.53 26.39 18.79
C HIS G 120 16.45 27.03 17.40
N GLN G 121 17.52 26.81 16.63
CA GLN G 121 17.69 27.37 15.30
C GLN G 121 16.70 26.76 14.31
N PRO G 122 16.52 27.37 13.14
CA PRO G 122 15.68 26.78 12.11
C PRO G 122 16.47 25.86 11.19
N LEU G 123 15.74 25.02 10.48
CA LEU G 123 16.28 24.14 9.47
C LEU G 123 16.31 24.88 8.13
N GLY G 124 16.43 24.13 7.05
CA GLY G 124 16.36 24.74 5.74
C GLY G 124 16.88 23.80 4.67
N GLY G 125 17.30 24.42 3.57
CA GLY G 125 17.89 23.70 2.47
C GLY G 125 17.98 24.61 1.27
N ALA G 126 18.53 24.06 0.19
CA ALA G 126 18.57 24.70 -1.10
C ALA G 126 18.87 23.62 -2.12
N SER G 127 18.81 24.00 -3.40
CA SER G 127 18.96 23.00 -4.46
C SER G 127 19.41 23.68 -5.75
N GLY G 128 19.82 22.86 -6.71
CA GLY G 128 20.20 23.33 -8.03
C GLY G 128 21.55 24.00 -8.08
N GLN G 129 21.65 25.07 -8.87
CA GLN G 129 22.84 25.89 -8.87
C GLN G 129 23.11 26.42 -7.47
N ALA G 130 24.37 26.32 -7.04
CA ALA G 130 24.70 26.67 -5.67
C ALA G 130 24.76 28.17 -5.44
N VAL G 131 24.43 28.98 -6.45
CA VAL G 131 24.21 30.40 -6.19
C VAL G 131 23.05 30.58 -5.23
N ASP G 132 21.93 29.93 -5.53
CA ASP G 132 20.80 29.93 -4.61
C ASP G 132 21.15 29.22 -3.31
N ILE G 133 22.08 28.27 -3.36
CA ILE G 133 22.50 27.61 -2.12
C ILE G 133 23.23 28.58 -1.21
N GLU G 134 24.15 29.37 -1.77
CA GLU G 134 24.81 30.38 -0.95
C GLU G 134 23.84 31.45 -0.47
N ILE G 135 22.85 31.79 -1.31
CA ILE G 135 21.86 32.77 -0.89
C ILE G 135 20.97 32.22 0.23
N GLN G 136 20.63 30.93 0.18
CA GLN G 136 19.87 30.32 1.26
C GLN G 136 20.69 30.21 2.54
N ALA G 137 21.98 29.86 2.42
CA ALA G 137 22.83 29.85 3.60
C ALA G 137 22.91 31.24 4.22
N LYS G 138 23.00 32.27 3.37
CA LYS G 138 23.05 33.67 3.87
C LYS G 138 21.72 34.00 4.56
N GLU G 139 20.60 33.53 4.03
CA GLU G 139 19.27 33.88 4.60
C GLU G 139 19.05 33.13 5.92
N ILE G 140 19.47 31.87 5.99
CA ILE G 140 19.35 31.08 7.26
C ILE G 140 20.25 31.75 8.30
N MET G 141 21.44 32.19 7.89
CA MET G 141 22.37 32.89 8.83
C MET G 141 21.74 34.22 9.27
N TYR G 142 21.03 34.91 8.38
CA TYR G 142 20.33 36.15 8.80
C TYR G 142 19.31 35.81 9.88
N HIS G 143 18.45 34.82 9.61
CA HIS G 143 17.41 34.42 10.59
C HIS G 143 18.10 34.17 11.94
N LYS G 144 19.18 33.38 11.96
CA LYS G 144 19.94 33.14 13.21
C LYS G 144 20.23 34.47 13.91
N ALA G 145 20.96 35.37 13.25
CA ALA G 145 21.37 36.65 13.88
C ALA G 145 20.15 37.45 14.33
N ASN G 146 19.16 37.65 13.44
CA ASN G 146 17.97 38.48 13.77
C ASN G 146 17.33 37.96 15.06
N LEU G 147 16.87 36.70 15.06
CA LEU G 147 16.17 36.14 16.25
C LEU G 147 17.06 36.32 17.49
N ASN G 148 18.33 35.88 17.41
CA ASN G 148 19.22 35.93 18.60
C ASN G 148 19.37 37.36 19.13
N ARG G 149 19.45 38.36 18.25
CA ARG G 149 19.68 39.75 18.72
C ARG G 149 18.51 40.15 19.65
N ILE G 150 17.27 39.92 19.24
CA ILE G 150 16.12 40.36 20.08
C ILE G 150 16.00 39.43 21.29
N MET G 151 16.29 38.14 21.11
CA MET G 151 16.26 37.20 22.25
C MET G 151 17.21 37.70 23.34
N ALA G 152 18.44 38.06 22.98
CA ALA G 152 19.42 38.58 23.95
C ALA G 152 18.85 39.79 24.69
N ASP G 153 18.20 40.70 23.97
CA ASP G 153 17.70 41.95 24.61
C ASP G 153 16.68 41.64 25.70
N TYR G 154 15.70 40.77 25.42
CA TYR G 154 14.62 40.56 26.42
C TYR G 154 15.03 39.55 27.51
N CYS G 155 15.88 38.58 27.18
CA CYS G 155 16.39 37.62 28.20
C CYS G 155 17.37 38.35 29.11
N GLN G 156 17.85 39.53 28.70
CA GLN G 156 18.84 40.32 29.48
C GLN G 156 20.10 39.50 29.71
N GLN G 157 20.49 38.68 28.73
CA GLN G 157 21.72 37.85 28.84
C GLN G 157 22.68 38.21 27.70
N PRO G 158 24.01 38.11 27.90
CA PRO G 158 24.99 38.38 26.83
C PRO G 158 24.65 37.71 25.49
N LEU G 159 24.79 38.44 24.39
CA LEU G 159 24.49 37.89 23.07
C LEU G 159 25.30 36.63 22.77
N SER G 160 26.52 36.53 23.29
CA SER G 160 27.31 35.32 23.08
C SER G 160 26.65 34.11 23.73
N LYS G 161 26.16 34.28 24.96
CA LYS G 161 25.50 33.17 25.64
C LYS G 161 24.21 32.78 24.94
N ILE G 162 23.47 33.77 24.43
CA ILE G 162 22.23 33.45 23.73
C ILE G 162 22.53 32.73 22.42
N GLU G 163 23.56 33.17 21.69
CA GLU G 163 23.96 32.48 20.47
C GLU G 163 24.37 31.05 20.74
N GLU G 164 25.09 30.83 21.84
CA GLU G 164 25.46 29.46 22.19
C GLU G 164 24.26 28.62 22.60
N ASP G 165 23.31 29.22 23.32
CA ASP G 165 22.17 28.45 23.83
C ASP G 165 21.18 28.12 22.73
N THR G 166 20.95 29.04 21.79
CA THR G 166 20.04 28.80 20.70
C THR G 166 20.54 27.70 19.77
N ASP G 167 21.80 27.31 19.90
CA ASP G 167 22.32 26.16 19.19
C ASP G 167 21.90 24.83 19.78
N ARG G 168 21.78 24.76 21.11
CA ARG G 168 21.72 23.49 21.81
C ARG G 168 20.28 23.01 21.86
N ASP G 169 20.05 21.79 21.37
CA ASP G 169 18.72 21.18 21.36
C ASP G 169 18.37 20.71 22.77
N ARG G 170 17.34 21.33 23.36
CA ARG G 170 17.08 21.12 24.77
C ARG G 170 15.74 21.77 25.12
N TYR G 171 15.00 21.13 26.00
CA TYR G 171 13.85 21.72 26.65
C TYR G 171 14.27 22.27 28.01
N MET G 172 13.48 23.20 28.53
CA MET G 172 13.70 23.67 29.88
C MET G 172 12.37 23.85 30.57
N SER G 173 12.38 23.66 31.89
CA SER G 173 11.21 23.91 32.70
C SER G 173 11.02 25.40 32.87
N PRO G 174 9.81 25.84 33.20
CA PRO G 174 9.61 27.28 33.40
C PRO G 174 10.44 27.85 34.51
N LEU G 175 10.92 27.02 35.45
CA LEU G 175 11.84 27.52 36.46
C LEU G 175 13.18 27.87 35.84
N GLU G 176 13.71 26.99 35.00
CA GLU G 176 14.97 27.28 34.32
C GLU G 176 14.84 28.50 33.43
N ALA G 177 13.74 28.61 32.68
CA ALA G 177 13.54 29.77 31.82
C ALA G 177 13.38 31.04 32.64
N LYS G 178 12.60 30.99 33.72
CA LYS G 178 12.44 32.16 34.56
C LYS G 178 13.78 32.63 35.09
N GLU G 179 14.69 31.70 35.40
CA GLU G 179 16.05 32.10 35.73
C GLU G 179 16.75 32.69 34.51
N TYR G 180 16.51 32.10 33.34
CA TYR G 180 17.24 32.44 32.12
C TYR G 180 16.79 33.77 31.52
N GLY G 181 15.70 34.33 32.01
CA GLY G 181 15.23 35.64 31.59
C GLY G 181 14.10 35.63 30.59
N LEU G 182 13.70 34.45 30.12
CA LEU G 182 12.68 34.39 29.07
C LEU G 182 11.31 34.75 29.62
N ILE G 183 10.80 33.96 30.55
CA ILE G 183 9.52 34.26 31.19
C ILE G 183 9.79 34.93 32.54
N ASP G 184 8.74 35.46 33.13
CA ASP G 184 8.86 36.27 34.32
C ASP G 184 7.98 35.78 35.48
N HIS G 185 6.94 35.02 35.20
CA HIS G 185 6.07 34.49 36.24
C HIS G 185 5.66 33.08 35.88
N ILE G 186 5.42 32.26 36.89
CA ILE G 186 4.93 30.90 36.70
C ILE G 186 3.57 30.79 37.39
N ILE G 187 2.56 30.42 36.62
CA ILE G 187 1.19 30.38 37.13
C ILE G 187 0.96 29.09 37.87
N GLY G 188 0.91 29.14 39.21
CA GLY G 188 1.08 27.97 40.07
C GLY G 188 2.02 28.18 41.24
N GLY G 189 2.69 29.34 41.26
CA GLY G 189 3.56 29.72 42.39
C GLY G 189 4.72 28.75 42.58
N GLU G 190 5.18 28.10 41.52
CA GLU G 190 6.30 27.12 41.60
C GLU G 190 6.00 26.07 42.66
N GLU G 191 4.75 25.64 42.77
CA GLU G 191 4.37 24.60 43.77
C GLU G 191 4.13 23.29 43.00
N ALA G 192 3.88 23.39 41.69
CA ALA G 192 3.69 22.17 40.87
C ALA G 192 4.81 22.12 39.82
N VAL G 193 5.87 22.92 39.98
CA VAL G 193 7.02 22.82 39.03
C VAL G 193 7.71 21.47 39.26
N PHE G 194 7.61 20.56 38.29
CA PHE G 194 8.26 19.23 38.40
C PHE G 194 9.38 19.17 37.36
N ASN G 195 10.47 18.48 37.68
CA ASN G 195 11.63 18.42 36.75
C ASN G 195 11.43 17.27 35.76
N SER H 30 37.93 -31.91 6.39
CA SER H 30 37.94 -30.97 7.51
C SER H 30 36.91 -31.42 8.55
N LYS H 31 37.40 -32.01 9.64
CA LYS H 31 36.53 -32.59 10.66
C LYS H 31 35.93 -31.51 11.55
N LYS H 32 35.93 -30.26 11.10
CA LYS H 32 35.29 -29.14 11.78
C LYS H 32 34.56 -28.31 10.75
N VAL H 33 33.45 -27.72 11.15
CA VAL H 33 32.67 -26.85 10.29
C VAL H 33 32.73 -25.44 10.86
N PHE H 34 33.49 -24.57 10.21
CA PHE H 34 33.68 -23.20 10.66
C PHE H 34 32.48 -22.39 10.19
N MET H 35 31.85 -21.66 11.10
CA MET H 35 30.63 -20.94 10.77
C MET H 35 30.80 -19.50 11.21
N ILE H 36 30.83 -18.58 10.26
CA ILE H 36 31.21 -17.20 10.49
C ILE H 36 29.94 -16.37 10.63
N ILE H 37 29.82 -15.63 11.73
CA ILE H 37 28.57 -15.00 12.13
C ILE H 37 28.69 -13.49 11.99
N ASN H 38 27.79 -12.89 11.22
CA ASN H 38 27.57 -11.45 11.29
C ASN H 38 26.19 -11.18 10.71
N SER H 39 25.17 -11.12 11.57
CA SER H 39 23.83 -10.92 11.04
C SER H 39 22.94 -10.25 12.07
N PHE H 40 22.19 -9.24 11.62
CA PHE H 40 21.47 -8.32 12.48
C PHE H 40 20.12 -8.83 12.94
N GLY H 41 19.75 -10.05 12.57
CA GLY H 41 18.49 -10.56 13.08
C GLY H 41 18.02 -11.83 12.41
N GLY H 42 16.74 -11.87 12.08
CA GLY H 42 16.15 -13.07 11.55
C GLY H 42 15.20 -13.67 12.55
N SER H 43 14.17 -14.37 12.08
CA SER H 43 13.22 -14.96 12.99
C SER H 43 13.93 -15.95 13.90
N VAL H 44 13.48 -16.00 15.16
CA VAL H 44 14.16 -16.82 16.16
C VAL H 44 14.02 -18.30 15.82
N GLY H 45 12.94 -18.69 15.15
CA GLY H 45 12.81 -20.08 14.75
C GLY H 45 13.96 -20.54 13.87
N ASN H 46 14.46 -19.67 13.02
CA ASN H 46 15.62 -20.01 12.21
C ASN H 46 16.86 -20.17 13.07
N GLY H 47 17.02 -19.33 14.09
CA GLY H 47 18.12 -19.53 15.01
C GLY H 47 18.03 -20.85 15.75
N ILE H 48 16.81 -21.25 16.12
CA ILE H 48 16.63 -22.54 16.76
C ILE H 48 16.98 -23.66 15.80
N THR H 49 16.59 -23.54 14.53
CA THR H 49 16.90 -24.58 13.57
C THR H 49 18.40 -24.73 13.36
N VAL H 50 19.11 -23.61 13.26
CA VAL H 50 20.55 -23.67 13.08
C VAL H 50 21.24 -24.18 14.34
N HIS H 51 20.69 -23.83 15.52
CA HIS H 51 21.24 -24.33 16.77
C HIS H 51 21.08 -25.85 16.87
N ASP H 52 19.89 -26.35 16.54
CA ASP H 52 19.65 -27.79 16.58
C ASP H 52 20.52 -28.52 15.57
N ALA H 53 20.62 -28.00 14.36
CA ALA H 53 21.47 -28.65 13.36
C ALA H 53 22.91 -28.68 13.80
N LEU H 54 23.42 -27.57 14.34
CA LEU H 54 24.81 -27.52 14.77
C LEU H 54 25.05 -28.46 15.94
N GLN H 55 24.03 -28.68 16.77
CA GLN H 55 24.17 -29.62 17.88
C GLN H 55 23.92 -31.05 17.45
N PHE H 56 23.42 -31.27 16.25
CA PHE H 56 23.09 -32.61 15.76
C PHE H 56 24.24 -33.26 14.98
N ILE H 57 24.93 -32.50 14.12
CA ILE H 57 25.96 -33.09 13.29
C ILE H 57 27.09 -33.62 14.17
N LYS H 58 27.68 -34.73 13.75
CA LYS H 58 28.77 -35.32 14.52
C LYS H 58 29.98 -34.41 14.58
N ALA H 59 30.32 -33.78 13.46
CA ALA H 59 31.55 -33.00 13.37
C ALA H 59 31.48 -31.77 14.27
N GLY H 60 32.64 -31.35 14.77
CA GLY H 60 32.72 -30.19 15.64
C GLY H 60 32.26 -28.93 14.95
N SER H 61 32.37 -27.79 15.62
CA SER H 61 31.95 -26.52 15.01
C SER H 61 32.70 -25.40 15.70
N LEU H 62 33.26 -24.50 14.91
CA LEU H 62 33.93 -23.31 15.42
C LEU H 62 33.18 -22.10 14.89
N THR H 63 32.42 -21.43 15.74
CA THR H 63 31.58 -20.33 15.31
C THR H 63 32.23 -19.01 15.66
N LEU H 64 32.54 -18.20 14.66
CA LEU H 64 33.20 -16.92 14.82
C LEU H 64 32.21 -15.80 14.60
N ALA H 65 32.19 -14.83 15.50
CA ALA H 65 31.33 -13.65 15.37
C ALA H 65 32.16 -12.46 14.93
N LEU H 66 31.77 -11.84 13.81
CA LEU H 66 32.38 -10.61 13.33
C LEU H 66 31.36 -9.49 13.48
N GLY H 67 31.70 -8.46 14.23
CA GLY H 67 30.82 -7.31 14.28
C GLY H 67 29.61 -7.48 15.17
N VAL H 68 28.62 -8.26 14.74
CA VAL H 68 27.38 -8.39 15.50
C VAL H 68 26.90 -9.83 15.43
N ALA H 69 26.05 -10.19 16.39
CA ALA H 69 25.28 -11.44 16.34
C ALA H 69 23.97 -11.16 17.07
N ALA H 70 22.92 -10.92 16.31
CA ALA H 70 21.62 -10.61 16.89
C ALA H 70 20.93 -11.90 17.33
N SER H 71 19.61 -11.84 17.48
CA SER H 71 18.85 -12.94 18.08
C SER H 71 19.22 -14.29 17.45
N ALA H 72 18.83 -14.50 16.20
CA ALA H 72 19.09 -15.78 15.57
C ALA H 72 20.58 -16.05 15.45
N ALA H 73 21.36 -15.01 15.17
CA ALA H 73 22.80 -15.19 15.13
C ALA H 73 23.40 -15.48 16.50
N SER H 74 22.81 -14.95 17.57
CA SER H 74 23.29 -15.31 18.89
C SER H 74 22.98 -16.76 19.21
N LEU H 75 21.85 -17.26 18.72
CA LEU H 75 21.56 -18.67 18.87
C LEU H 75 22.53 -19.52 18.08
N ALA H 76 22.88 -19.08 16.86
CA ALA H 76 23.83 -19.81 16.04
C ALA H 76 25.23 -19.74 16.61
N LEU H 77 25.56 -18.65 17.30
CA LEU H 77 26.87 -18.52 17.92
C LEU H 77 26.97 -19.38 19.17
N ALA H 78 25.94 -19.38 19.99
CA ALA H 78 25.92 -20.25 21.16
C ALA H 78 25.82 -21.72 20.76
N GLY H 79 25.51 -22.01 19.50
CA GLY H 79 25.29 -23.37 19.07
C GLY H 79 26.52 -24.16 18.72
N GLY H 80 27.68 -23.52 18.61
CA GLY H 80 28.86 -24.23 18.21
C GLY H 80 29.41 -25.11 19.31
N THR H 81 30.47 -25.85 18.99
CA THR H 81 31.13 -26.65 20.00
C THR H 81 31.59 -25.77 21.14
N ILE H 82 31.29 -26.19 22.37
CA ILE H 82 31.64 -25.39 23.53
C ILE H 82 33.15 -25.39 23.70
N GLY H 83 33.72 -24.20 23.79
CA GLY H 83 35.16 -24.05 23.80
C GLY H 83 35.73 -23.51 22.52
N GLU H 84 34.94 -23.44 21.46
CA GLU H 84 35.35 -22.94 20.17
C GLU H 84 34.28 -22.02 19.62
N ARG H 85 33.78 -21.12 20.45
CA ARG H 85 32.82 -20.11 20.05
C ARG H 85 33.53 -18.77 20.19
N TYR H 86 34.12 -18.32 19.10
CA TYR H 86 34.98 -17.15 19.13
C TYR H 86 34.21 -15.88 18.81
N VAL H 87 34.70 -14.78 19.37
CA VAL H 87 34.09 -13.48 19.18
C VAL H 87 35.20 -12.44 19.16
N THR H 88 35.17 -11.54 18.18
CA THR H 88 36.25 -10.58 18.04
C THR H 88 36.20 -9.55 19.18
N GLU H 89 37.21 -8.67 19.22
CA GLU H 89 37.23 -7.63 20.23
C GLU H 89 36.10 -6.64 20.02
N GLY H 90 35.75 -6.37 18.77
CA GLY H 90 34.78 -5.34 18.46
C GLY H 90 33.39 -5.86 18.17
N CYS H 91 33.11 -7.09 18.58
CA CYS H 91 31.81 -7.67 18.32
C CYS H 91 30.82 -7.31 19.42
N HIS H 92 29.54 -7.28 19.05
CA HIS H 92 28.45 -7.09 19.98
C HIS H 92 27.47 -8.25 19.81
N THR H 93 26.88 -8.67 20.91
CA THR H 93 25.92 -9.76 20.89
C THR H 93 24.65 -9.25 21.58
N MET H 94 23.57 -9.13 20.82
CA MET H 94 22.32 -8.67 21.37
C MET H 94 21.31 -9.80 21.31
N ILE H 95 20.74 -10.13 22.45
CA ILE H 95 19.73 -11.18 22.55
C ILE H 95 18.43 -10.56 23.01
N HIS H 96 17.36 -10.82 22.29
CA HIS H 96 16.05 -10.30 22.68
C HIS H 96 15.03 -11.40 22.56
N GLN H 97 13.95 -11.25 23.32
CA GLN H 97 12.89 -12.22 23.34
C GLN H 97 12.19 -12.26 21.98
N PRO H 98 11.56 -13.38 21.64
CA PRO H 98 10.85 -13.46 20.37
C PRO H 98 9.80 -12.37 20.28
N GLU H 99 9.75 -11.72 19.12
CA GLU H 99 8.72 -10.74 18.85
C GLU H 99 7.89 -11.23 17.68
N GLY H 100 6.58 -11.14 17.83
CA GLY H 100 5.66 -11.67 16.84
C GLY H 100 4.56 -10.69 16.59
N GLY H 101 3.76 -10.98 15.56
CA GLY H 101 2.59 -10.20 15.25
C GLY H 101 1.49 -11.12 14.77
N LEU H 102 0.26 -10.73 15.07
CA LEU H 102 -0.83 -11.70 14.98
C LEU H 102 -2.17 -11.00 15.13
N ASN H 103 -3.12 -11.40 14.29
CA ASN H 103 -4.42 -10.76 14.19
C ASN H 103 -5.47 -11.85 14.17
N GLY H 104 -6.69 -11.52 14.52
CA GLY H 104 -7.75 -12.50 14.48
C GLY H 104 -8.63 -12.39 15.69
N GLN H 105 -9.41 -13.42 15.93
CA GLN H 105 -10.37 -13.39 17.01
C GLN H 105 -9.67 -13.51 18.35
N ALA H 106 -10.44 -13.35 19.43
CA ALA H 106 -9.85 -13.36 20.77
C ALA H 106 -9.17 -14.69 21.06
N SER H 107 -9.79 -15.80 20.67
CA SER H 107 -9.17 -17.10 20.92
C SER H 107 -7.90 -17.29 20.10
N ASP H 108 -7.90 -16.80 18.86
CA ASP H 108 -6.69 -16.90 18.04
C ASP H 108 -5.55 -16.07 18.60
N ILE H 109 -5.84 -14.85 19.07
CA ILE H 109 -4.82 -14.04 19.73
C ILE H 109 -4.29 -14.77 20.94
N TRP H 110 -5.19 -15.37 21.71
CA TRP H 110 -4.77 -16.08 22.92
C TRP H 110 -3.84 -17.24 22.60
N ILE H 111 -4.21 -18.06 21.62
CA ILE H 111 -3.42 -19.24 21.29
C ILE H 111 -2.06 -18.85 20.75
N ASP H 112 -2.00 -17.85 19.86
CA ASP H 112 -0.72 -17.40 19.35
C ASP H 112 0.12 -16.78 20.46
N SER H 113 -0.52 -16.07 21.38
CA SER H 113 0.18 -15.56 22.56
C SER H 113 0.85 -16.68 23.34
N GLN H 114 0.10 -17.74 23.65
CA GLN H 114 0.68 -18.84 24.41
C GLN H 114 1.83 -19.47 23.67
N GLU H 115 1.71 -19.58 22.35
CA GLU H 115 2.81 -20.15 21.59
C GLU H 115 4.05 -19.25 21.65
N ILE H 116 3.88 -17.94 21.56
CA ILE H 116 5.04 -17.05 21.58
C ILE H 116 5.72 -17.10 22.94
N MET H 117 4.94 -17.24 24.01
CA MET H 117 5.55 -17.46 25.32
C MET H 117 6.32 -18.76 25.36
N LYS H 118 5.79 -19.81 24.72
CA LYS H 118 6.53 -21.07 24.72
C LYS H 118 7.83 -20.94 23.95
N ILE H 119 7.84 -20.15 22.90
CA ILE H 119 9.08 -19.89 22.16
C ILE H 119 10.06 -19.13 23.02
N ARG H 120 9.57 -18.14 23.78
CA ARG H 120 10.44 -17.40 24.68
C ARG H 120 11.09 -18.33 25.70
N LEU H 121 10.31 -19.29 26.22
CA LEU H 121 10.88 -20.25 27.15
C LEU H 121 11.87 -21.19 26.47
N ASP H 122 11.60 -21.60 25.22
CA ASP H 122 12.55 -22.42 24.48
C ASP H 122 13.88 -21.70 24.34
N VAL H 123 13.83 -20.42 23.98
CA VAL H 123 15.05 -19.65 23.78
C VAL H 123 15.78 -19.43 25.09
N ALA H 124 15.03 -19.15 26.16
CA ALA H 124 15.66 -18.99 27.46
C ALA H 124 16.35 -20.27 27.88
N GLU H 125 15.72 -21.42 27.67
CA GLU H 125 16.33 -22.69 28.07
C GLU H 125 17.57 -22.99 27.24
N ILE H 126 17.53 -22.69 25.94
CA ILE H 126 18.69 -22.90 25.09
C ILE H 126 19.87 -22.03 25.55
N TYR H 127 19.61 -20.76 25.85
CA TYR H 127 20.68 -19.92 26.37
C TYR H 127 21.17 -20.40 27.72
N SER H 128 20.25 -20.88 28.55
CA SER H 128 20.61 -21.37 29.87
C SER H 128 21.52 -22.58 29.76
N LEU H 129 21.31 -23.42 28.77
CA LEU H 129 22.12 -24.62 28.64
C LEU H 129 23.42 -24.32 27.91
N SER H 130 23.43 -23.29 27.05
CA SER H 130 24.65 -22.90 26.35
C SER H 130 25.60 -22.13 27.24
N THR H 131 25.09 -21.37 28.20
CA THR H 131 25.89 -20.47 29.00
C THR H 131 26.02 -20.88 30.45
N TYR H 132 25.19 -21.83 30.90
CA TYR H 132 25.09 -22.33 32.28
C TYR H 132 24.46 -21.32 33.24
N ARG H 133 23.91 -20.25 32.75
CA ARG H 133 23.15 -19.36 33.61
C ARG H 133 21.77 -19.95 33.86
N PRO H 134 21.14 -19.61 34.99
CA PRO H 134 19.78 -20.11 35.24
C PRO H 134 18.80 -19.51 34.26
N ARG H 135 17.73 -20.27 33.98
CA ARG H 135 16.72 -19.80 33.00
C ARG H 135 16.09 -18.51 33.49
N HIS H 136 16.06 -18.29 34.81
CA HIS H 136 15.38 -17.09 35.36
C HIS H 136 16.20 -15.82 35.14
N LYS H 137 17.52 -15.93 35.10
CA LYS H 137 18.38 -14.74 34.82
C LYS H 137 18.38 -14.50 33.31
N ILE H 138 18.25 -15.57 32.53
CA ILE H 138 18.16 -15.41 31.05
C ILE H 138 16.81 -14.75 30.75
N LEU H 139 15.72 -15.24 31.34
CA LEU H 139 14.41 -14.65 31.09
C LEU H 139 14.37 -13.20 31.54
N ARG H 140 15.04 -12.89 32.65
CA ARG H 140 15.11 -11.51 33.10
C ARG H 140 15.81 -10.62 32.08
N ASP H 141 16.77 -11.19 31.35
CA ASP H 141 17.54 -10.41 30.38
C ASP H 141 16.82 -10.27 29.05
N LEU H 142 16.09 -11.31 28.63
CA LEU H 142 15.27 -11.21 27.43
C LEU H 142 14.08 -10.29 27.61
N ASP H 143 13.86 -9.74 28.80
CA ASP H 143 12.80 -8.76 29.00
C ASP H 143 12.95 -7.58 28.07
N ARG H 144 14.19 -7.20 27.77
CA ARG H 144 14.47 -6.05 26.93
C ARG H 144 15.67 -6.37 26.06
N ASP H 145 15.79 -5.63 24.96
CA ASP H 145 16.92 -5.81 24.06
C ASP H 145 18.21 -5.64 24.85
N PHE H 146 19.15 -6.55 24.64
CA PHE H 146 20.27 -6.77 25.55
C PHE H 146 21.55 -6.86 24.75
N TYR H 147 22.40 -5.84 24.85
CA TYR H 147 23.65 -5.74 24.11
C TYR H 147 24.81 -6.13 25.00
N LEU H 148 25.77 -6.87 24.44
CA LEU H 148 26.90 -7.40 25.19
C LEU H 148 28.17 -7.17 24.38
N THR H 149 29.22 -6.70 25.02
CA THR H 149 30.48 -6.52 24.31
C THR H 149 31.24 -7.85 24.25
N ALA H 150 32.49 -7.80 23.83
CA ALA H 150 33.29 -9.02 23.74
C ALA H 150 33.54 -9.61 25.13
N MET H 151 34.04 -8.79 26.05
CA MET H 151 34.23 -9.26 27.42
C MET H 151 32.90 -9.63 28.06
N GLU H 152 31.87 -8.83 27.82
CA GLU H 152 30.56 -9.13 28.40
C GLU H 152 30.01 -10.43 27.83
N THR H 153 30.20 -10.67 26.53
CA THR H 153 29.70 -11.89 25.91
C THR H 153 30.44 -13.11 26.41
N ILE H 154 31.76 -13.02 26.55
CA ILE H 154 32.52 -14.17 27.02
C ILE H 154 32.23 -14.44 28.49
N TYR H 155 32.15 -13.39 29.30
CA TYR H 155 31.75 -13.54 30.70
C TYR H 155 30.38 -14.17 30.81
N TYR H 156 29.45 -13.74 29.97
CA TYR H 156 28.09 -14.20 30.06
C TYR H 156 28.00 -15.67 29.66
N GLY H 157 28.80 -16.08 28.69
CA GLY H 157 28.93 -17.48 28.30
C GLY H 157 28.56 -17.78 26.86
N LEU H 158 28.05 -16.80 26.11
CA LEU H 158 27.64 -17.06 24.73
C LEU H 158 28.82 -17.35 23.81
N ALA H 159 30.01 -16.85 24.14
CA ALA H 159 31.21 -17.14 23.37
C ALA H 159 32.29 -17.51 24.36
N ASP H 160 33.39 -18.05 23.86
CA ASP H 160 34.39 -18.63 24.74
C ASP H 160 35.77 -18.02 24.62
N GLU H 161 36.13 -17.44 23.48
CA GLU H 161 37.46 -16.88 23.34
C GLU H 161 37.42 -15.66 22.43
N ILE H 162 38.21 -14.66 22.79
CA ILE H 162 38.49 -13.55 21.89
C ILE H 162 39.15 -14.09 20.62
N ALA H 163 38.71 -13.58 19.47
CA ALA H 163 39.28 -13.99 18.19
C ALA H 163 40.48 -13.11 17.89
N THR H 164 41.67 -13.65 18.11
CA THR H 164 42.90 -13.01 17.69
C THR H 164 43.33 -13.54 16.33
N ASN H 165 44.20 -12.80 15.66
CA ASN H 165 44.55 -13.09 14.27
C ASN H 165 45.03 -14.52 14.09
N GLU H 166 45.72 -15.07 15.11
CA GLU H 166 46.26 -16.42 15.00
C GLU H 166 45.16 -17.46 14.96
N VAL H 167 44.01 -17.17 15.57
CA VAL H 167 42.90 -18.12 15.56
C VAL H 167 42.54 -18.53 14.14
N MET H 168 42.11 -17.58 13.31
CA MET H 168 41.74 -18.02 11.98
C MET H 168 42.91 -17.95 11.00
N HIS H 169 44.09 -17.53 11.46
CA HIS H 169 45.29 -18.00 10.78
C HIS H 169 45.23 -19.51 10.68
N SER H 170 45.07 -20.15 11.84
CA SER H 170 44.99 -21.60 11.92
C SER H 170 43.72 -22.14 11.25
N ILE H 171 42.62 -21.38 11.31
CA ILE H 171 41.38 -21.84 10.68
C ILE H 171 41.56 -21.96 9.16
N VAL H 172 42.09 -20.90 8.54
CA VAL H 172 42.40 -20.95 7.12
C VAL H 172 43.38 -22.06 6.83
N GLU H 173 44.38 -22.24 7.71
CA GLU H 173 45.35 -23.29 7.48
C GLU H 173 44.70 -24.67 7.58
N MET H 174 43.72 -24.85 8.46
CA MET H 174 42.97 -26.11 8.51
C MET H 174 42.18 -26.32 7.23
N THR H 175 41.51 -25.29 6.74
CA THR H 175 40.76 -25.44 5.49
C THR H 175 41.70 -25.77 4.34
N ASN H 176 42.95 -25.36 4.46
CA ASN H 176 43.97 -25.62 3.47
C ASN H 176 44.80 -26.87 3.74
N GLN H 177 44.66 -27.48 4.91
CA GLN H 177 45.50 -28.63 5.25
C GLN H 177 44.64 -29.80 5.72
N TYR I 8 34.16 -35.57 -6.48
CA TYR I 8 34.72 -35.89 -5.18
C TYR I 8 36.02 -35.16 -4.80
N PRO I 9 37.04 -35.18 -5.67
CA PRO I 9 38.38 -34.73 -5.23
C PRO I 9 38.36 -33.29 -4.75
N GLU I 10 39.17 -33.02 -3.73
CA GLU I 10 39.28 -31.66 -3.22
C GLU I 10 39.86 -30.74 -4.29
N GLY I 11 39.02 -29.89 -4.84
CA GLY I 11 39.47 -28.96 -5.86
C GLY I 11 40.10 -27.73 -5.27
N ARG I 12 41.42 -27.65 -5.35
CA ARG I 12 42.16 -26.58 -4.71
C ARG I 12 42.24 -25.36 -5.61
N PRO I 13 41.84 -24.19 -5.16
CA PRO I 13 42.03 -22.98 -5.96
C PRO I 13 43.50 -22.64 -6.10
N LEU I 14 43.98 -22.62 -7.34
CA LEU I 14 45.37 -22.31 -7.61
C LEU I 14 45.53 -20.83 -7.90
N PHE I 15 46.64 -20.28 -7.44
CA PHE I 15 46.84 -18.84 -7.36
C PHE I 15 47.83 -18.38 -8.42
N LEU I 16 48.01 -17.07 -8.48
CA LEU I 16 48.60 -16.41 -9.65
C LEU I 16 49.95 -16.99 -10.11
N PRO I 17 50.89 -17.30 -9.21
CA PRO I 17 52.18 -17.81 -9.68
C PRO I 17 52.01 -19.02 -10.59
N GLU I 18 51.09 -19.91 -10.22
CA GLU I 18 50.81 -21.10 -11.00
C GLU I 18 49.56 -20.98 -11.85
N ALA I 19 48.78 -19.91 -11.67
CA ALA I 19 47.58 -19.72 -12.48
C ALA I 19 47.79 -18.72 -13.60
N GLU I 20 49.00 -18.21 -13.79
CA GLU I 20 49.24 -17.37 -14.95
C GLU I 20 49.10 -18.15 -16.25
N ARG I 21 49.18 -19.48 -16.16
CA ARG I 21 49.04 -20.34 -17.33
C ARG I 21 47.59 -20.66 -17.68
N PHE I 22 46.64 -20.26 -16.85
CA PHE I 22 45.23 -20.51 -17.13
C PHE I 22 44.53 -19.30 -17.73
N GLY I 23 45.28 -18.27 -18.10
CA GLY I 23 44.73 -17.12 -18.79
C GLY I 23 44.21 -16.05 -17.83
N ASN I 24 43.63 -15.02 -18.41
CA ASN I 24 43.00 -13.94 -17.69
C ASN I 24 41.62 -14.36 -17.21
N PRO I 25 41.12 -13.75 -16.14
CA PRO I 25 39.78 -14.06 -15.71
C PRO I 25 38.76 -13.48 -16.67
N PRO I 26 37.53 -13.99 -16.67
CA PRO I 26 36.57 -13.53 -17.67
C PRO I 26 36.17 -12.07 -17.52
N ASP I 27 35.70 -11.67 -16.33
CA ASP I 27 35.12 -10.35 -16.16
C ASP I 27 36.06 -9.49 -15.34
N LEU I 28 35.55 -8.33 -14.92
CA LEU I 28 36.38 -7.36 -14.20
C LEU I 28 36.57 -7.67 -12.73
N PRO I 29 35.53 -7.97 -11.94
CA PRO I 29 35.77 -8.22 -10.52
C PRO I 29 36.72 -9.37 -10.27
N SER I 30 36.67 -10.41 -11.11
CA SER I 30 37.64 -11.48 -11.01
C SER I 30 39.05 -10.98 -11.31
N LEU I 31 39.18 -10.05 -12.25
CA LEU I 31 40.48 -9.45 -12.52
C LEU I 31 41.02 -8.74 -11.30
N LEU I 32 40.20 -7.88 -10.69
CA LEU I 32 40.66 -7.11 -9.54
C LEU I 32 40.98 -8.03 -8.36
N LEU I 33 40.14 -9.02 -8.10
CA LEU I 33 40.45 -9.99 -7.07
C LEU I 33 41.79 -10.67 -7.35
N GLN I 34 42.07 -10.98 -8.61
CA GLN I 34 43.36 -11.60 -8.90
C GLN I 34 44.51 -10.64 -8.63
N GLN I 35 44.32 -9.36 -8.92
CA GLN I 35 45.35 -8.35 -8.67
C GLN I 35 45.47 -7.99 -7.19
N ARG I 36 44.75 -8.69 -6.31
CA ARG I 36 44.68 -8.38 -4.89
C ARG I 36 44.16 -6.97 -4.63
N VAL I 37 43.23 -6.50 -5.45
CA VAL I 37 42.55 -5.23 -5.23
C VAL I 37 41.15 -5.56 -4.78
N ILE I 38 40.74 -4.99 -3.66
CA ILE I 38 39.38 -5.11 -3.16
C ILE I 38 38.74 -3.74 -3.34
N TYR I 39 37.96 -3.57 -4.39
CA TYR I 39 37.36 -2.28 -4.72
C TYR I 39 36.04 -2.18 -3.99
N ILE I 40 35.97 -1.27 -3.02
CA ILE I 40 34.75 -1.04 -2.25
C ILE I 40 34.08 0.19 -2.85
N SER I 41 33.20 -0.03 -3.83
CA SER I 41 32.56 1.06 -4.54
C SER I 41 31.17 1.38 -4.01
N MET I 42 30.65 0.60 -3.08
CA MET I 42 29.26 0.72 -2.68
C MET I 42 29.18 0.82 -1.16
N PRO I 43 28.21 1.55 -0.62
CA PRO I 43 28.15 1.75 0.83
C PRO I 43 28.15 0.43 1.60
N PHE I 44 28.56 0.52 2.86
CA PHE I 44 28.82 -0.68 3.66
C PHE I 44 27.48 -1.32 4.03
N LEU I 45 26.90 -1.97 3.05
CA LEU I 45 25.69 -2.75 3.27
C LEU I 45 26.07 -4.17 3.63
N PRO I 46 25.14 -4.96 4.14
CA PRO I 46 25.48 -6.36 4.46
C PRO I 46 26.00 -7.12 3.26
N SER I 47 25.58 -6.76 2.04
CA SER I 47 26.12 -7.40 0.86
C SER I 47 27.61 -7.12 0.69
N VAL I 48 28.01 -5.85 0.78
CA VAL I 48 29.43 -5.52 0.66
C VAL I 48 30.22 -6.22 1.75
N THR I 49 29.68 -6.28 2.96
CA THR I 49 30.38 -6.95 4.04
C THR I 49 30.60 -8.42 3.72
N GLU I 50 29.56 -9.10 3.23
CA GLU I 50 29.70 -10.51 2.90
C GLU I 50 30.74 -10.71 1.82
N LEU I 51 30.67 -9.89 0.77
CA LEU I 51 31.57 -10.04 -0.36
C LEU I 51 33.01 -9.77 0.05
N VAL I 52 33.23 -8.74 0.86
CA VAL I 52 34.57 -8.39 1.28
C VAL I 52 35.15 -9.44 2.21
N VAL I 53 34.29 -10.01 3.09
CA VAL I 53 34.75 -11.08 4.01
C VAL I 53 35.19 -12.28 3.17
N ALA I 54 34.42 -12.63 2.14
CA ALA I 54 34.76 -13.79 1.29
C ALA I 54 36.04 -13.52 0.51
N GLN I 55 36.20 -12.30 0.00
CA GLN I 55 37.44 -11.92 -0.74
C GLN I 55 38.63 -12.05 0.20
N CYS I 56 38.52 -11.53 1.42
CA CYS I 56 39.61 -11.63 2.42
C CYS I 56 39.90 -13.11 2.68
N TYR I 57 38.85 -13.91 2.89
CA TYR I 57 39.04 -15.36 3.18
C TYR I 57 39.76 -16.03 2.01
N TYR I 58 39.47 -15.62 0.78
CA TYR I 58 40.13 -16.22 -0.41
C TYR I 58 41.57 -15.69 -0.53
N LEU I 59 41.81 -14.44 -0.15
CA LEU I 59 43.14 -13.87 -0.36
C LEU I 59 44.13 -14.37 0.69
N ASP I 60 43.69 -14.49 1.94
CA ASP I 60 44.60 -15.10 2.92
C ASP I 60 44.48 -16.61 2.94
N PHE I 61 43.80 -17.20 1.95
CA PHE I 61 43.63 -18.64 1.90
C PHE I 61 44.91 -19.37 1.50
N ASP I 62 45.44 -19.10 0.32
CA ASP I 62 46.67 -19.74 -0.16
C ASP I 62 47.64 -18.76 -0.80
N ASP I 63 47.96 -17.66 -0.14
CA ASP I 63 49.11 -16.89 -0.60
C ASP I 63 50.38 -17.56 -0.06
N ARG I 64 51.35 -17.78 -0.93
CA ARG I 64 52.60 -18.39 -0.49
C ARG I 64 53.35 -17.45 0.45
N ASN I 65 53.52 -16.20 0.04
CA ASN I 65 54.26 -15.24 0.83
C ASN I 65 53.38 -14.30 1.66
N ARG I 66 52.12 -14.10 1.25
CA ARG I 66 51.15 -13.23 1.91
C ARG I 66 51.81 -11.95 2.40
N GLN I 67 52.77 -11.45 1.62
CA GLN I 67 53.31 -10.12 1.77
C GLN I 67 52.91 -9.21 0.62
N ARG I 68 52.45 -9.79 -0.49
CA ARG I 68 51.83 -8.98 -1.53
C ARG I 68 50.69 -8.19 -0.93
N PRO I 69 50.77 -6.86 -0.91
CA PRO I 69 49.78 -6.08 -0.19
C PRO I 69 48.40 -6.21 -0.80
N ILE I 70 47.38 -5.94 0.01
CA ILE I 70 46.00 -5.92 -0.43
C ILE I 70 45.59 -4.47 -0.60
N TYR I 71 45.07 -4.14 -1.77
CA TYR I 71 44.63 -2.79 -2.07
C TYR I 71 43.14 -2.65 -1.77
N VAL I 72 42.77 -1.57 -1.11
CA VAL I 72 41.38 -1.30 -0.76
C VAL I 72 41.05 0.08 -1.26
N TYR I 73 40.46 0.17 -2.44
CA TYR I 73 40.03 1.45 -2.98
C TYR I 73 38.60 1.71 -2.55
N LEU I 74 38.31 2.95 -2.19
CA LEU I 74 37.05 3.31 -1.58
C LEU I 74 36.32 4.33 -2.44
N ASN I 75 35.04 4.08 -2.70
CA ASN I 75 34.15 5.07 -3.28
C ASN I 75 32.81 5.03 -2.56
N SER I 76 32.85 4.95 -1.24
CA SER I 76 31.65 4.79 -0.44
C SER I 76 31.60 5.83 0.67
N THR I 77 30.38 6.27 0.98
CA THR I 77 30.13 7.15 2.11
C THR I 77 29.96 6.37 3.41
N GLY I 78 30.48 5.16 3.48
CA GLY I 78 30.42 4.42 4.72
C GLY I 78 29.02 3.94 5.01
N CYS I 79 28.67 3.96 6.29
CA CYS I 79 27.41 3.43 6.78
C CYS I 79 26.34 4.50 6.92
N ILE I 80 26.51 5.66 6.29
CA ILE I 80 25.57 6.77 6.41
C ILE I 80 25.20 7.26 5.02
N ASN I 81 23.91 7.48 4.81
CA ASN I 81 23.39 7.87 3.52
C ASN I 81 23.84 9.28 3.17
N ASP I 82 23.62 9.65 1.90
CA ASP I 82 24.03 10.96 1.40
C ASP I 82 23.41 12.11 2.18
N LYS I 83 22.15 11.96 2.62
CA LYS I 83 21.46 13.02 3.37
C LYS I 83 21.74 12.97 4.85
N GLY I 84 22.82 12.30 5.27
CA GLY I 84 23.24 12.32 6.66
C GLY I 84 22.49 11.37 7.58
N GLN I 85 21.49 10.63 7.08
CA GLN I 85 20.84 9.65 8.00
C GLN I 85 21.38 8.24 7.74
N ALA I 86 21.91 7.57 8.77
CA ALA I 86 22.48 6.21 8.66
C ALA I 86 21.71 5.29 7.70
N ILE I 87 22.40 4.69 6.73
CA ILE I 87 21.75 3.73 5.79
C ILE I 87 22.00 2.31 6.30
N SER I 88 23.05 2.11 7.09
CA SER I 88 23.34 0.78 7.69
C SER I 88 23.93 1.00 9.09
N ALA I 89 24.46 -0.05 9.72
CA ALA I 89 24.93 0.11 11.11
C ALA I 89 26.46 0.12 11.18
N ASP I 90 27.02 0.32 12.37
CA ASP I 90 28.50 0.41 12.53
C ASP I 90 29.08 -1.01 12.56
N ASN I 91 28.24 -2.02 12.73
CA ASN I 91 28.74 -3.43 12.84
C ASN I 91 29.17 -3.93 11.46
N GLU I 92 28.62 -3.35 10.39
CA GLU I 92 29.08 -3.72 9.02
C GLU I 92 30.54 -3.28 8.88
N PHE I 93 30.87 -2.08 9.38
CA PHE I 93 32.28 -1.62 9.35
C PHE I 93 33.13 -2.59 10.16
N TYR I 94 32.71 -2.91 11.40
CA TYR I 94 33.55 -3.77 12.26
C TYR I 94 33.84 -5.07 11.52
N ALA I 95 32.83 -5.71 10.94
CA ALA I 95 32.98 -6.97 10.21
C ALA I 95 33.97 -6.82 9.08
N ILE I 96 33.89 -5.72 8.32
CA ILE I 96 34.86 -5.50 7.27
C ILE I 96 36.23 -5.31 7.89
N TRP I 97 36.32 -4.40 8.85
CA TRP I 97 37.60 -4.09 9.45
C TRP I 97 38.23 -5.33 10.07
N ALA I 98 37.47 -6.01 10.92
CA ALA I 98 37.95 -7.27 11.51
C ALA I 98 38.42 -8.21 10.42
N ALA I 99 37.64 -8.37 9.35
CA ALA I 99 38.04 -9.29 8.29
C ALA I 99 39.37 -8.88 7.69
N LEU I 100 39.51 -7.59 7.37
CA LEU I 100 40.74 -7.13 6.75
C LEU I 100 41.92 -7.27 7.68
N GLY I 101 41.67 -7.47 8.97
CA GLY I 101 42.78 -7.67 9.90
C GLY I 101 43.21 -9.11 10.02
N PHE I 102 42.32 -10.07 9.74
CA PHE I 102 42.71 -11.47 9.88
C PHE I 102 43.56 -11.96 8.71
N THR I 103 43.87 -11.10 7.75
CA THR I 103 44.84 -11.46 6.74
C THR I 103 46.26 -11.18 7.24
N ARG I 104 47.23 -11.39 6.36
CA ARG I 104 48.64 -11.16 6.70
C ARG I 104 49.25 -9.98 5.97
N ALA I 105 48.73 -9.63 4.84
CA ALA I 105 49.46 -8.72 3.99
C ALA I 105 49.25 -7.28 4.43
N PRO I 106 50.20 -6.40 4.14
CA PRO I 106 49.98 -4.99 4.39
C PRO I 106 48.76 -4.52 3.64
N LEU I 107 47.98 -3.68 4.29
CA LEU I 107 46.68 -3.26 3.77
C LEU I 107 46.81 -1.82 3.30
N TYR I 108 46.98 -1.65 2.00
CA TYR I 108 47.05 -0.33 1.39
C TYR I 108 45.65 0.14 1.06
N THR I 109 45.35 1.40 1.34
CA THR I 109 44.03 1.94 1.07
C THR I 109 44.13 3.17 0.20
N GLY I 110 43.11 3.40 -0.62
CA GLY I 110 43.06 4.57 -1.46
C GLY I 110 41.64 5.05 -1.60
N VAL I 111 41.50 6.31 -1.97
CA VAL I 111 40.20 6.94 -2.20
C VAL I 111 40.12 7.36 -3.66
N THR I 112 39.04 6.98 -4.33
CA THR I 112 38.84 7.48 -5.68
C THR I 112 38.15 8.84 -5.64
N TRP I 113 36.90 8.88 -5.20
CA TRP I 113 36.19 10.14 -5.09
C TRP I 113 35.78 10.46 -3.67
N LYS I 114 35.05 9.58 -3.01
CA LYS I 114 34.57 9.88 -1.67
C LYS I 114 34.89 8.73 -0.73
N ALA I 115 35.47 9.07 0.41
CA ALA I 115 35.66 8.17 1.54
C ALA I 115 35.08 8.95 2.71
N GLN I 116 33.87 8.60 3.12
CA GLN I 116 33.13 9.41 4.08
C GLN I 116 32.61 8.57 5.24
N ASN I 117 32.85 9.06 6.44
CA ASN I 117 32.13 8.80 7.68
C ASN I 117 32.46 7.46 8.31
N GLN I 118 32.81 6.48 7.50
CA GLN I 118 33.36 5.21 7.94
C GLN I 118 34.51 4.80 7.04
N ALA I 119 34.34 5.06 5.75
CA ALA I 119 35.37 4.80 4.77
C ALA I 119 36.53 5.76 5.00
N ALA I 120 36.28 6.90 5.64
CA ALA I 120 37.39 7.78 5.99
C ALA I 120 38.25 7.16 7.08
N VAL I 121 37.63 6.53 8.07
CA VAL I 121 38.37 5.80 9.09
C VAL I 121 39.11 4.63 8.46
N LEU I 122 38.42 3.89 7.59
CA LEU I 122 39.04 2.73 6.96
C LEU I 122 40.18 3.17 6.04
N LEU I 123 40.04 4.34 5.43
CA LEU I 123 41.14 4.97 4.70
C LEU I 123 42.33 5.23 5.59
N SER I 124 42.11 5.91 6.72
CA SER I 124 43.22 6.16 7.63
C SER I 124 43.86 4.86 8.10
N ALA I 125 43.09 3.79 8.16
CA ALA I 125 43.53 2.54 8.76
C ALA I 125 44.41 1.70 7.85
N GLY I 126 44.88 2.26 6.75
CA GLY I 126 45.84 1.55 5.91
C GLY I 126 47.24 1.67 6.47
N GLN I 127 48.20 1.11 5.73
CA GLN I 127 49.60 1.23 6.11
C GLN I 127 50.03 2.69 6.16
N LYS I 128 50.84 3.03 7.15
CA LYS I 128 51.49 4.34 7.15
C LYS I 128 52.42 4.43 5.95
N GLY I 129 52.32 5.54 5.23
CA GLY I 129 53.09 5.72 4.03
C GLY I 129 52.47 5.16 2.78
N HIS I 130 51.33 4.46 2.89
CA HIS I 130 50.70 3.83 1.74
C HIS I 130 49.19 4.07 1.72
N ARG I 131 48.74 5.29 1.96
CA ARG I 131 47.35 5.65 1.78
C ARG I 131 47.27 6.64 0.64
N TYR I 132 46.53 6.28 -0.40
CA TYR I 132 46.48 7.05 -1.63
C TYR I 132 45.14 7.74 -1.78
N SER I 133 45.13 8.83 -2.55
CA SER I 133 43.88 9.45 -2.92
C SER I 133 44.02 10.11 -4.27
N PHE I 134 42.90 10.32 -4.94
CA PHE I 134 42.91 11.17 -6.12
C PHE I 134 42.96 12.62 -5.68
N PRO I 135 43.63 13.50 -6.41
CA PRO I 135 43.90 14.85 -5.88
C PRO I 135 42.66 15.67 -5.67
N HIS I 136 41.48 15.20 -6.07
CA HIS I 136 40.24 15.89 -5.79
C HIS I 136 39.27 14.99 -5.04
N ALA I 137 39.77 13.98 -4.35
CA ALA I 137 38.93 13.20 -3.46
C ALA I 137 38.45 14.09 -2.33
N LYS I 138 37.22 13.83 -1.89
CA LYS I 138 36.66 14.54 -0.75
C LYS I 138 36.56 13.59 0.42
N ILE I 139 37.20 13.94 1.53
CA ILE I 139 37.18 13.10 2.70
C ILE I 139 36.36 13.83 3.76
N SER I 140 35.66 13.09 4.60
CA SER I 140 34.87 13.74 5.63
C SER I 140 34.64 12.79 6.78
N THR I 141 34.65 13.33 7.99
CA THR I 141 34.45 12.55 9.20
C THR I 141 33.24 13.10 9.94
N ALA I 142 32.29 12.23 10.26
CA ALA I 142 31.10 12.63 10.98
C ALA I 142 30.86 11.70 12.15
N PRO I 143 30.14 12.14 13.17
CA PRO I 143 29.81 11.26 14.27
C PRO I 143 28.95 10.11 13.78
N PRO I 144 29.03 8.95 14.43
CA PRO I 144 28.16 7.84 14.06
C PRO I 144 26.69 8.18 14.28
N VAL I 145 25.84 7.53 13.51
CA VAL I 145 24.41 7.81 13.50
C VAL I 145 23.65 6.51 13.63
N MET I 146 22.65 6.49 14.49
CA MET I 146 21.73 5.36 14.62
C MET I 146 20.47 5.64 13.81
N ASN I 147 19.68 4.59 13.60
CA ASN I 147 18.42 4.73 12.90
C ASN I 147 17.25 4.69 13.87
N ARG I 148 16.14 5.28 13.45
CA ARG I 148 15.06 5.62 14.36
C ARG I 148 14.43 4.37 14.95
N VAL I 149 14.51 4.23 16.28
CA VAL I 149 13.83 3.15 16.97
C VAL I 149 13.03 3.74 18.12
N PHE I 150 12.00 3.02 18.53
CA PHE I 150 10.95 3.52 19.41
C PHE I 150 11.05 2.80 20.75
N GLY I 151 10.73 3.51 21.82
CA GLY I 151 10.69 2.85 23.11
C GLY I 151 10.70 3.85 24.26
N GLN I 152 11.06 3.32 25.42
CA GLN I 152 11.16 4.08 26.66
C GLN I 152 12.47 4.87 26.67
N ALA I 153 12.70 5.61 27.75
CA ALA I 153 13.98 6.27 27.91
C ALA I 153 15.11 5.26 28.00
N VAL I 154 14.80 4.04 28.43
CA VAL I 154 15.86 3.04 28.58
C VAL I 154 16.36 2.58 27.21
N ASP I 155 15.47 2.43 26.23
CA ASP I 155 15.93 2.01 24.91
C ASP I 155 16.83 3.07 24.28
N ALA I 156 16.46 4.33 24.40
CA ALA I 156 17.30 5.40 23.86
C ALA I 156 18.61 5.50 24.61
N GLN I 157 18.59 5.24 25.92
CA GLN I 157 19.85 5.21 26.65
C GLN I 157 20.74 4.08 26.17
N LEU I 158 20.16 2.92 25.90
CA LEU I 158 20.94 1.80 25.37
C LEU I 158 21.55 2.13 24.02
N GLN I 159 20.78 2.80 23.16
CA GLN I 159 21.33 3.24 21.88
C GLN I 159 22.45 4.24 22.07
N ALA I 160 22.31 5.16 23.04
CA ALA I 160 23.38 6.10 23.30
C ALA I 160 24.64 5.38 23.75
N ASN I 161 24.49 4.35 24.57
CA ASN I 161 25.65 3.56 25.00
C ASN I 161 26.32 2.89 23.81
N GLU I 162 25.51 2.32 22.92
CA GLU I 162 26.06 1.65 21.75
C GLU I 162 26.79 2.63 20.85
N LEU I 163 26.19 3.79 20.64
CA LEU I 163 26.80 4.80 19.78
C LEU I 163 28.08 5.35 20.42
N ASP I 164 28.15 5.35 21.75
CA ASP I 164 29.37 5.80 22.38
C ASP I 164 30.49 4.77 22.31
N TYR I 165 30.14 3.48 22.39
CA TYR I 165 31.13 2.45 22.00
C TYR I 165 31.62 2.66 20.58
N ALA I 166 30.73 2.90 19.63
CA ALA I 166 31.16 3.07 18.25
C ALA I 166 32.06 4.29 18.10
N THR I 167 31.71 5.39 18.75
CA THR I 167 32.52 6.60 18.67
C THR I 167 33.90 6.39 19.27
N LYS I 168 33.98 5.70 20.40
CA LYS I 168 35.29 5.43 20.99
C LYS I 168 36.10 4.47 20.12
N TYR I 169 35.43 3.56 19.43
CA TYR I 169 36.12 2.65 18.51
C TYR I 169 36.75 3.44 17.37
N TYR I 170 35.97 4.29 16.71
CA TYR I 170 36.51 5.07 15.61
C TYR I 170 37.60 6.00 16.10
N ALA I 171 37.43 6.58 17.28
CA ALA I 171 38.47 7.45 17.81
C ALA I 171 39.76 6.68 18.07
N ALA I 172 39.64 5.42 18.50
CA ALA I 172 40.84 4.62 18.70
C ALA I 172 41.57 4.38 17.40
N ILE I 173 40.83 4.00 16.35
CA ILE I 173 41.48 3.75 15.07
C ILE I 173 42.11 5.03 14.53
N LEU I 174 41.40 6.16 14.64
CA LEU I 174 41.94 7.42 14.13
C LEU I 174 43.13 7.89 14.95
N ALA I 175 43.14 7.60 16.24
CA ALA I 175 44.31 7.93 17.04
C ALA I 175 45.51 7.10 16.60
N ARG I 176 45.30 5.82 16.33
CA ARG I 176 46.42 5.00 15.90
C ARG I 176 46.91 5.42 14.51
N SER I 177 46.00 5.88 13.66
CA SER I 177 46.36 6.23 12.29
C SER I 177 47.03 7.61 12.22
N THR I 178 46.36 8.63 12.75
CA THR I 178 46.84 10.00 12.66
C THR I 178 47.84 10.34 13.76
N GLY I 179 48.09 9.44 14.69
CA GLY I 179 49.11 9.67 15.70
C GLY I 179 48.81 10.83 16.63
N LYS I 180 47.60 10.89 17.15
CA LYS I 180 47.18 11.98 18.04
C LYS I 180 46.61 11.42 19.33
N ASP I 181 46.32 12.32 20.25
CA ASP I 181 45.67 11.95 21.49
C ASP I 181 44.28 11.41 21.19
N LEU I 182 43.88 10.38 21.95
CA LEU I 182 42.63 9.69 21.66
C LEU I 182 41.44 10.63 21.75
N GLU I 183 41.34 11.37 22.86
CA GLU I 183 40.23 12.29 23.02
C GLU I 183 40.35 13.45 22.05
N THR I 184 41.59 13.82 21.70
CA THR I 184 41.78 14.81 20.65
C THR I 184 41.16 14.34 19.35
N CYS I 185 41.46 13.11 18.93
CA CYS I 185 40.90 12.58 17.69
C CYS I 185 39.39 12.50 17.77
N GLN I 186 38.85 12.23 18.95
CA GLN I 186 37.41 12.28 19.12
C GLN I 186 36.88 13.68 18.87
N LYS I 187 37.57 14.70 19.38
CA LYS I 187 37.09 16.07 19.26
C LYS I 187 37.20 16.60 17.85
N GLN I 188 38.33 16.36 17.20
CA GLN I 188 38.57 16.94 15.88
C GLN I 188 37.67 16.34 14.82
N TYR I 189 37.59 15.02 14.76
CA TYR I 189 36.92 14.35 13.66
C TYR I 189 35.48 13.99 13.96
N LEU I 190 35.23 13.22 15.02
CA LEU I 190 33.94 12.61 15.27
C LEU I 190 32.95 13.55 15.93
N SER I 191 33.37 14.74 16.34
CA SER I 191 32.47 15.61 17.09
C SER I 191 31.49 16.34 16.19
N ARG I 192 31.89 16.70 14.97
CA ARG I 192 30.99 17.33 14.03
C ARG I 192 31.40 16.93 12.63
N LYS I 193 30.44 16.94 11.71
CA LYS I 193 30.70 16.51 10.34
C LYS I 193 31.63 17.48 9.64
N ARG I 194 32.90 17.12 9.55
CA ARG I 194 33.92 18.02 9.03
C ARG I 194 34.47 17.49 7.72
N TYR I 195 34.78 18.40 6.80
CA TYR I 195 35.29 18.07 5.48
C TYR I 195 36.78 18.33 5.38
N PHE I 196 37.44 17.48 4.60
CA PHE I 196 38.87 17.54 4.35
C PHE I 196 39.06 17.50 2.85
N SER I 197 39.81 18.46 2.32
CA SER I 197 40.37 18.30 1.00
C SER I 197 41.51 17.30 1.10
N VAL I 198 42.17 17.03 -0.01
CA VAL I 198 43.29 16.10 0.03
C VAL I 198 44.44 16.71 0.83
N LYS I 199 44.65 18.02 0.70
CA LYS I 199 45.75 18.66 1.41
C LYS I 199 45.45 18.77 2.91
N GLU I 200 44.21 19.11 3.27
CA GLU I 200 43.87 19.14 4.69
C GLU I 200 43.94 17.75 5.30
N ALA I 201 43.50 16.74 4.55
CA ALA I 201 43.58 15.37 5.04
C ALA I 201 45.02 14.90 5.19
N TYR I 202 45.89 15.29 4.26
CA TYR I 202 47.30 14.96 4.39
C TYR I 202 47.91 15.70 5.57
N GLU I 203 47.46 16.92 5.84
CA GLU I 203 47.98 17.69 6.95
C GLU I 203 47.71 16.99 8.28
N GLU I 204 46.60 16.26 8.36
CA GLU I 204 46.16 15.62 9.59
C GLU I 204 46.47 14.14 9.65
N GLY I 205 47.15 13.58 8.65
CA GLY I 205 47.47 12.17 8.65
C GLY I 205 46.41 11.25 8.09
N LEU I 206 45.28 11.79 7.62
CA LEU I 206 44.27 10.96 6.99
C LEU I 206 44.83 10.19 5.80
N VAL I 207 45.50 10.87 4.87
CA VAL I 207 46.11 10.25 3.70
C VAL I 207 47.61 10.50 3.76
N ASP I 208 48.34 9.82 2.90
CA ASP I 208 49.78 9.99 2.85
C ASP I 208 50.31 10.41 1.49
N LYS I 209 49.72 9.91 0.41
CA LYS I 209 50.22 10.21 -0.94
C LYS I 209 49.06 10.26 -1.91
N LEU I 210 49.33 10.83 -3.08
CA LEU I 210 48.49 10.55 -4.23
C LEU I 210 48.74 9.14 -4.72
N VAL I 211 47.88 8.67 -5.62
CA VAL I 211 48.15 7.36 -6.21
C VAL I 211 49.48 7.42 -6.96
N PRO I 212 50.27 6.35 -6.97
CA PRO I 212 51.56 6.42 -7.68
C PRO I 212 51.37 6.70 -9.15
N GLY I 213 52.29 7.48 -9.70
CA GLY I 213 52.27 7.77 -11.11
C GLY I 213 51.28 8.83 -11.55
N PHE I 214 50.56 9.46 -10.63
CA PHE I 214 49.60 10.48 -11.03
C PHE I 214 50.31 11.70 -11.61
N MET I 215 50.12 11.92 -12.90
CA MET I 215 50.75 13.06 -13.58
C MET I 215 49.70 13.75 -14.43
N LEU I 216 49.50 15.03 -14.20
CA LEU I 216 48.46 15.80 -14.87
C LEU I 216 48.79 15.96 -16.36
N ASN I 217 47.79 16.38 -17.13
CA ASN I 217 47.91 16.37 -18.58
C ASN I 217 48.75 17.53 -19.08
N ARG I 218 48.43 18.77 -18.68
CA ARG I 218 49.25 19.89 -19.13
C ARG I 218 50.64 19.87 -18.51
N PHE I 219 50.79 19.28 -17.33
CA PHE I 219 52.12 19.07 -16.77
C PHE I 219 52.95 18.16 -17.66
N ARG I 220 52.36 17.05 -18.09
CA ARG I 220 53.02 16.18 -19.05
C ARG I 220 53.34 16.94 -20.32
N LYS I 221 52.40 17.75 -20.80
CA LYS I 221 52.62 18.55 -22.00
C LYS I 221 53.85 19.44 -21.86
N MET I 222 53.98 20.12 -20.72
CA MET I 222 55.07 21.06 -20.56
C MET I 222 56.39 20.35 -20.23
N GLN I 223 56.32 19.08 -19.83
CA GLN I 223 57.56 18.31 -19.74
C GLN I 223 57.90 17.62 -21.06
N LYS I 224 56.99 17.70 -22.04
CA LYS I 224 57.27 17.15 -23.37
C LYS I 224 58.11 18.11 -24.19
N SER J 30 49.80 -1.36 -28.49
CA SER J 30 50.22 -0.63 -27.30
C SER J 30 49.14 -0.67 -26.23
N LYS J 31 49.30 0.15 -25.19
CA LYS J 31 48.32 0.28 -24.13
C LYS J 31 47.94 1.73 -23.88
N LYS J 32 47.54 2.45 -24.91
CA LYS J 32 46.96 3.77 -24.72
C LYS J 32 45.44 3.68 -24.71
N VAL J 33 44.83 4.09 -23.61
CA VAL J 33 43.40 3.90 -23.36
C VAL J 33 42.59 4.67 -24.40
N PHE J 34 41.41 4.17 -24.73
CA PHE J 34 40.50 4.81 -25.68
C PHE J 34 39.18 5.08 -24.97
N MET J 35 38.85 6.35 -24.80
CA MET J 35 37.55 6.68 -24.24
C MET J 35 36.66 7.29 -25.32
N ILE J 36 35.45 6.75 -25.45
CA ILE J 36 34.46 7.25 -26.39
C ILE J 36 33.36 7.90 -25.58
N ILE J 37 33.10 9.17 -25.83
CA ILE J 37 32.34 10.01 -24.91
C ILE J 37 31.12 10.54 -25.64
N ASN J 38 29.94 10.14 -25.17
CA ASN J 38 28.69 10.72 -25.65
C ASN J 38 27.72 10.67 -24.47
N SER J 39 27.75 11.71 -23.65
CA SER J 39 27.03 11.67 -22.39
C SER J 39 26.45 13.05 -22.11
N PHE J 40 25.16 13.10 -21.86
CA PHE J 40 24.43 14.35 -21.70
C PHE J 40 24.38 14.83 -20.26
N GLY J 41 24.93 14.08 -19.32
CA GLY J 41 24.85 14.51 -17.94
C GLY J 41 25.84 13.75 -17.09
N GLY J 42 25.54 13.74 -15.79
CA GLY J 42 26.37 13.07 -14.82
C GLY J 42 26.89 14.01 -13.77
N SER J 43 26.98 13.55 -12.53
CA SER J 43 27.46 14.39 -11.45
C SER J 43 28.87 14.88 -11.73
N VAL J 44 29.17 16.09 -11.29
CA VAL J 44 30.46 16.69 -11.61
C VAL J 44 31.59 15.95 -10.90
N GLY J 45 31.34 15.51 -9.67
CA GLY J 45 32.37 14.77 -8.96
C GLY J 45 32.79 13.51 -9.68
N ASN J 46 31.85 12.83 -10.33
CA ASN J 46 32.19 11.64 -11.10
C ASN J 46 33.03 11.98 -12.32
N GLY J 47 32.73 13.11 -12.97
CA GLY J 47 33.58 13.56 -14.06
C GLY J 47 35.00 13.86 -13.60
N ILE J 48 35.13 14.47 -12.43
CA ILE J 48 36.44 14.74 -11.85
C ILE J 48 37.17 13.42 -11.57
N THR J 49 36.44 12.44 -11.04
CA THR J 49 37.04 11.14 -10.77
C THR J 49 37.55 10.48 -12.03
N VAL J 50 36.75 10.49 -13.10
CA VAL J 50 37.19 9.86 -14.35
C VAL J 50 38.35 10.64 -14.95
N HIS J 51 38.34 11.97 -14.81
CA HIS J 51 39.47 12.77 -15.26
C HIS J 51 40.76 12.35 -14.57
N ASP J 52 40.74 12.25 -13.24
CA ASP J 52 41.94 11.87 -12.52
C ASP J 52 42.35 10.44 -12.85
N ALA J 53 41.37 9.55 -13.02
CA ALA J 53 41.69 8.18 -13.39
C ALA J 53 42.44 8.14 -14.71
N LEU J 54 41.94 8.86 -15.71
CA LEU J 54 42.66 8.98 -16.96
C LEU J 54 44.04 9.57 -16.73
N GLN J 55 44.17 10.42 -15.72
CA GLN J 55 45.44 11.09 -15.48
C GLN J 55 46.51 10.15 -14.96
N PHE J 56 46.17 9.19 -14.10
CA PHE J 56 47.23 8.42 -13.46
C PHE J 56 47.69 7.24 -14.31
N ILE J 57 47.07 7.04 -15.47
CA ILE J 57 47.50 5.97 -16.37
C ILE J 57 48.73 6.45 -17.13
N LYS J 58 49.82 5.67 -17.05
CA LYS J 58 51.12 6.20 -17.47
C LYS J 58 51.24 6.31 -18.98
N ALA J 59 50.64 5.41 -19.74
CA ALA J 59 50.61 5.58 -21.19
C ALA J 59 49.64 6.68 -21.56
N GLY J 60 49.47 6.88 -22.86
CA GLY J 60 48.59 7.93 -23.33
C GLY J 60 47.14 7.67 -23.02
N SER J 61 46.29 8.50 -23.61
CA SER J 61 44.84 8.36 -23.47
C SER J 61 44.13 9.16 -24.55
N LEU J 62 43.58 8.48 -25.54
CA LEU J 62 42.84 9.12 -26.61
C LEU J 62 41.37 9.19 -26.24
N THR J 63 40.84 10.40 -26.08
CA THR J 63 39.45 10.60 -25.75
C THR J 63 38.76 11.27 -26.93
N LEU J 64 37.73 10.62 -27.45
CA LEU J 64 36.98 11.11 -28.60
C LEU J 64 35.54 11.36 -28.16
N ALA J 65 35.09 12.59 -28.31
CA ALA J 65 33.74 12.96 -27.93
C ALA J 65 32.86 12.98 -29.16
N LEU J 66 31.71 12.31 -29.07
CA LEU J 66 30.77 12.20 -30.18
C LEU J 66 29.45 12.82 -29.79
N GLY J 67 29.07 13.89 -30.48
CA GLY J 67 27.74 14.42 -30.31
C GLY J 67 27.54 15.36 -29.15
N VAL J 68 27.97 14.96 -27.95
CA VAL J 68 27.69 15.75 -26.75
C VAL J 68 28.67 15.33 -25.66
N ALA J 69 28.89 16.23 -24.69
CA ALA J 69 29.60 15.94 -23.45
C ALA J 69 29.22 17.01 -22.43
N ALA J 70 28.32 16.67 -21.51
CA ALA J 70 27.99 17.58 -20.43
C ALA J 70 29.15 17.70 -19.46
N SER J 71 28.89 18.32 -18.31
CA SER J 71 29.96 18.64 -17.37
C SER J 71 30.82 17.43 -17.00
N ALA J 72 30.18 16.34 -16.59
CA ALA J 72 30.94 15.14 -16.24
C ALA J 72 31.70 14.60 -17.45
N ALA J 73 31.01 14.43 -18.56
CA ALA J 73 31.68 13.92 -19.74
C ALA J 73 32.67 14.92 -20.30
N SER J 74 32.45 16.21 -20.13
CA SER J 74 33.44 17.19 -20.56
C SER J 74 34.71 17.09 -19.73
N LEU J 75 34.57 16.87 -18.43
CA LEU J 75 35.76 16.62 -17.61
C LEU J 75 36.46 15.36 -18.04
N ALA J 76 35.71 14.33 -18.42
CA ALA J 76 36.35 13.13 -18.95
C ALA J 76 37.12 13.43 -20.23
N LEU J 77 36.53 14.24 -21.12
CA LEU J 77 37.18 14.59 -22.38
C LEU J 77 38.45 15.39 -22.16
N ALA J 78 38.41 16.35 -21.24
CA ALA J 78 39.58 17.17 -20.98
C ALA J 78 40.74 16.33 -20.47
N GLY J 79 40.47 15.18 -19.90
CA GLY J 79 41.49 14.37 -19.27
C GLY J 79 42.31 13.52 -20.20
N GLY J 80 42.02 13.50 -21.49
CA GLY J 80 42.81 12.74 -22.42
C GLY J 80 44.16 13.38 -22.63
N THR J 81 45.06 12.60 -23.21
CA THR J 81 46.38 13.13 -23.54
C THR J 81 46.23 14.31 -24.48
N ILE J 82 47.03 15.33 -24.24
CA ILE J 82 47.03 16.49 -25.13
C ILE J 82 47.62 16.08 -26.48
N GLY J 83 46.89 16.37 -27.54
CA GLY J 83 47.17 15.83 -28.85
C GLY J 83 46.27 14.68 -29.22
N GLU J 84 45.42 14.22 -28.30
CA GLU J 84 44.51 13.12 -28.56
C GLU J 84 43.14 13.33 -27.93
N ARG J 85 42.74 14.57 -27.72
CA ARG J 85 41.37 14.88 -27.30
C ARG J 85 40.60 15.38 -28.51
N TYR J 86 39.93 14.47 -29.20
CA TYR J 86 39.21 14.82 -30.42
C TYR J 86 37.74 15.01 -30.10
N VAL J 87 37.09 15.89 -30.84
CA VAL J 87 35.67 16.17 -30.68
C VAL J 87 35.04 16.20 -32.07
N THR J 88 33.89 15.55 -32.23
CA THR J 88 33.30 15.50 -33.55
C THR J 88 32.59 16.81 -33.88
N GLU J 89 32.47 17.12 -35.18
CA GLU J 89 31.88 18.40 -35.64
C GLU J 89 30.56 18.68 -34.92
N GLY J 90 29.68 17.67 -34.81
CA GLY J 90 28.36 17.90 -34.20
C GLY J 90 28.38 17.64 -32.71
N CYS J 91 29.53 17.83 -32.05
CA CYS J 91 29.64 17.56 -30.60
C CYS J 91 29.58 18.86 -29.80
N HIS J 92 28.85 18.83 -28.68
CA HIS J 92 28.65 20.08 -27.90
C HIS J 92 29.00 19.86 -26.43
N THR J 93 30.16 20.36 -25.99
CA THR J 93 30.58 20.20 -24.58
C THR J 93 29.95 21.29 -23.72
N MET J 94 29.97 21.12 -22.39
CA MET J 94 29.30 22.11 -21.51
C MET J 94 30.09 22.38 -20.24
N ILE J 95 30.55 23.62 -20.04
CA ILE J 95 31.21 24.00 -18.82
C ILE J 95 30.15 24.61 -17.91
N HIS J 96 29.93 24.01 -16.74
CA HIS J 96 29.02 24.61 -15.79
C HIS J 96 29.35 24.08 -14.41
N GLN J 97 28.90 24.80 -13.39
CA GLN J 97 29.17 24.43 -12.02
C GLN J 97 28.18 23.37 -11.53
N PRO J 98 28.57 22.59 -10.52
CA PRO J 98 27.74 21.45 -10.10
C PRO J 98 26.39 21.88 -9.53
N GLU J 99 25.41 21.00 -9.69
CA GLU J 99 24.06 21.23 -9.20
C GLU J 99 23.86 20.36 -7.96
N GLY J 100 23.49 21.00 -6.85
CA GLY J 100 23.41 20.27 -5.60
C GLY J 100 22.13 20.45 -4.83
N GLY J 101 22.10 19.94 -3.61
CA GLY J 101 20.96 20.12 -2.72
C GLY J 101 21.37 19.79 -1.31
N LEU J 102 20.90 20.61 -0.37
CA LEU J 102 21.38 20.52 1.00
C LEU J 102 20.18 20.32 1.92
N ASN J 103 20.37 19.56 3.00
CA ASN J 103 19.32 19.36 4.00
C ASN J 103 19.98 19.10 5.35
N GLY J 104 19.74 19.98 6.31
CA GLY J 104 20.36 19.86 7.62
C GLY J 104 20.28 21.18 8.37
N GLN J 105 20.96 21.21 9.52
CA GLN J 105 20.98 22.38 10.38
C GLN J 105 21.73 23.53 9.72
N ALA J 106 21.81 24.65 10.44
CA ALA J 106 22.48 25.84 9.92
C ALA J 106 23.98 25.57 9.68
N SER J 107 24.65 24.94 10.64
CA SER J 107 26.02 24.53 10.43
C SER J 107 26.15 23.52 9.31
N ASP J 108 25.21 22.59 9.20
CA ASP J 108 25.19 21.67 8.06
C ASP J 108 25.02 22.41 6.74
N ILE J 109 24.14 23.40 6.70
CA ILE J 109 23.98 24.20 5.48
C ILE J 109 25.30 24.87 5.11
N TRP J 110 25.97 25.47 6.10
CA TRP J 110 27.21 26.19 5.81
C TRP J 110 28.32 25.25 5.35
N ILE J 111 28.52 24.14 6.08
CA ILE J 111 29.60 23.22 5.75
C ILE J 111 29.35 22.56 4.39
N ASP J 112 28.09 22.29 4.06
CA ASP J 112 27.80 21.66 2.77
C ASP J 112 27.91 22.65 1.62
N SER J 113 27.54 23.92 1.85
CA SER J 113 27.77 24.92 0.83
C SER J 113 29.27 25.13 0.61
N GLN J 114 30.07 24.93 1.66
CA GLN J 114 31.51 24.93 1.50
C GLN J 114 31.98 23.72 0.68
N GLU J 115 31.39 22.55 0.91
CA GLU J 115 31.57 21.45 -0.04
C GLU J 115 31.46 21.95 -1.46
N ILE J 116 30.30 22.53 -1.78
CA ILE J 116 29.96 22.81 -3.17
C ILE J 116 30.87 23.90 -3.74
N MET J 117 31.18 24.92 -2.94
CA MET J 117 32.08 25.95 -3.43
C MET J 117 33.48 25.40 -3.67
N LYS J 118 33.97 24.55 -2.77
CA LYS J 118 35.28 23.94 -2.99
C LYS J 118 35.26 23.05 -4.22
N ILE J 119 34.14 22.41 -4.51
CA ILE J 119 34.04 21.62 -5.74
C ILE J 119 34.07 22.53 -6.96
N ARG J 120 33.44 23.69 -6.88
CA ARG J 120 33.53 24.66 -7.97
C ARG J 120 34.97 25.10 -8.20
N LEU J 121 35.71 25.35 -7.12
CA LEU J 121 37.11 25.72 -7.29
C LEU J 121 37.94 24.57 -7.82
N ASP J 122 37.59 23.33 -7.44
CA ASP J 122 38.25 22.17 -8.02
C ASP J 122 38.05 22.12 -9.52
N VAL J 123 36.83 22.37 -9.98
CA VAL J 123 36.54 22.32 -11.41
C VAL J 123 37.22 23.47 -12.14
N ALA J 124 37.26 24.65 -11.51
CA ALA J 124 38.00 25.75 -12.11
C ALA J 124 39.48 25.42 -12.25
N GLU J 125 40.06 24.79 -11.23
CA GLU J 125 41.44 24.34 -11.31
C GLU J 125 41.63 23.36 -12.45
N ILE J 126 40.72 22.40 -12.61
CA ILE J 126 40.85 21.42 -13.68
C ILE J 126 40.79 22.09 -15.04
N TYR J 127 39.84 23.01 -15.21
CA TYR J 127 39.66 23.63 -16.51
C TYR J 127 40.81 24.57 -16.85
N SER J 128 41.45 25.17 -15.84
CA SER J 128 42.66 25.93 -16.13
C SER J 128 43.81 25.00 -16.49
N LEU J 129 44.02 23.94 -15.70
CA LEU J 129 45.12 23.02 -16.00
C LEU J 129 44.75 22.09 -17.14
N SER J 130 43.67 22.38 -17.86
CA SER J 130 43.38 21.69 -19.11
C SER J 130 43.15 22.62 -20.28
N THR J 131 43.02 23.94 -20.05
CA THR J 131 42.73 24.89 -21.12
C THR J 131 43.67 26.08 -21.19
N TYR J 132 44.43 26.36 -20.14
CA TYR J 132 45.13 27.63 -19.94
C TYR J 132 44.20 28.84 -19.92
N ARG J 133 42.99 28.67 -19.52
CA ARG J 133 42.26 29.92 -19.42
C ARG J 133 42.36 30.48 -17.99
N PRO J 134 42.21 31.78 -17.82
CA PRO J 134 42.20 32.32 -16.46
C PRO J 134 41.08 31.71 -15.63
N ARG J 135 41.41 31.39 -14.38
CA ARG J 135 40.41 30.76 -13.51
C ARG J 135 39.24 31.68 -13.22
N HIS J 136 39.43 33.00 -13.30
CA HIS J 136 38.32 33.93 -13.19
C HIS J 136 37.30 33.71 -14.32
N LYS J 137 37.79 33.69 -15.56
CA LYS J 137 36.90 33.51 -16.70
C LYS J 137 36.24 32.14 -16.67
N ILE J 138 36.98 31.11 -16.27
CA ILE J 138 36.42 29.77 -16.19
C ILE J 138 35.34 29.71 -15.13
N LEU J 139 35.56 30.39 -14.00
CA LEU J 139 34.54 30.44 -12.96
C LEU J 139 33.29 31.15 -13.44
N ARG J 140 33.46 32.25 -14.19
CA ARG J 140 32.29 32.89 -14.81
C ARG J 140 31.55 31.94 -15.75
N ASP J 141 32.31 31.21 -16.59
CA ASP J 141 31.68 30.23 -17.47
C ASP J 141 30.95 29.16 -16.70
N LEU J 142 31.47 28.78 -15.53
CA LEU J 142 30.77 27.86 -14.65
C LEU J 142 29.49 28.46 -14.11
N ASP J 143 29.50 29.77 -13.79
CA ASP J 143 28.34 30.41 -13.15
C ASP J 143 27.06 30.20 -13.96
N ARG J 144 27.08 30.52 -15.24
CA ARG J 144 25.95 30.24 -16.11
C ARG J 144 26.33 29.16 -17.11
N ASP J 145 25.49 28.12 -17.15
CA ASP J 145 25.78 26.94 -17.95
C ASP J 145 26.16 27.35 -19.36
N PHE J 146 27.35 26.93 -19.80
CA PHE J 146 27.93 27.41 -21.03
C PHE J 146 28.12 26.24 -21.98
N TYR J 147 27.38 26.24 -23.08
CA TYR J 147 27.56 25.24 -24.14
C TYR J 147 28.59 25.71 -25.15
N LEU J 148 29.28 24.75 -25.76
CA LEU J 148 30.33 25.01 -26.71
C LEU J 148 30.19 24.04 -27.87
N THR J 149 30.39 24.53 -29.09
CA THR J 149 30.40 23.66 -30.25
C THR J 149 31.86 23.32 -30.60
N ALA J 150 32.04 22.45 -31.60
CA ALA J 150 33.35 21.84 -31.83
C ALA J 150 34.46 22.88 -31.97
N MET J 151 34.28 23.87 -32.86
CA MET J 151 35.34 24.86 -33.03
C MET J 151 35.61 25.63 -31.75
N GLU J 152 34.55 26.06 -31.06
CA GLU J 152 34.74 26.80 -29.82
C GLU J 152 35.29 25.89 -28.72
N THR J 153 34.90 24.62 -28.73
CA THR J 153 35.45 23.67 -27.77
C THR J 153 36.95 23.53 -27.95
N ILE J 154 37.43 23.53 -29.19
CA ILE J 154 38.87 23.63 -29.42
C ILE J 154 39.39 24.97 -28.91
N TYR J 155 38.63 26.03 -29.14
CA TYR J 155 39.12 27.37 -28.84
C TYR J 155 39.41 27.53 -27.35
N TYR J 156 38.53 27.02 -26.50
CA TYR J 156 38.74 27.16 -25.06
C TYR J 156 39.86 26.25 -24.58
N GLY J 157 39.89 25.01 -25.06
CA GLY J 157 41.00 24.14 -24.75
C GLY J 157 40.58 22.79 -24.22
N LEU J 158 39.29 22.48 -24.30
CA LEU J 158 38.83 21.16 -23.91
C LEU J 158 39.26 20.08 -24.88
N ALA J 159 39.37 20.39 -26.17
CA ALA J 159 39.78 19.41 -27.15
C ALA J 159 40.83 20.04 -28.05
N ASP J 160 41.59 19.19 -28.73
CA ASP J 160 42.66 19.67 -29.58
C ASP J 160 42.27 19.71 -31.05
N GLU J 161 41.61 18.67 -31.54
CA GLU J 161 41.28 18.54 -32.95
C GLU J 161 39.79 18.33 -33.12
N ILE J 162 39.23 18.94 -34.16
CA ILE J 162 37.87 18.65 -34.57
C ILE J 162 37.88 17.30 -35.27
N ALA J 163 37.01 16.39 -34.82
CA ALA J 163 36.90 15.07 -35.44
C ALA J 163 35.98 15.19 -36.65
N THR J 164 36.56 15.60 -37.76
CA THR J 164 35.89 15.48 -39.03
C THR J 164 36.12 14.08 -39.59
N ASN J 165 35.57 13.83 -40.79
CA ASN J 165 35.52 12.48 -41.31
C ASN J 165 36.92 11.91 -41.52
N GLU J 166 37.86 12.73 -41.98
CA GLU J 166 39.22 12.26 -42.16
C GLU J 166 39.90 12.00 -40.80
N VAL J 167 39.63 12.86 -39.82
CA VAL J 167 40.08 12.60 -38.46
C VAL J 167 39.50 11.30 -37.94
N MET J 168 38.21 11.08 -38.17
CA MET J 168 37.56 9.85 -37.71
C MET J 168 38.15 8.62 -38.38
N HIS J 169 38.43 8.73 -39.68
CA HIS J 169 39.16 7.68 -40.38
C HIS J 169 40.50 7.40 -39.72
N SER J 170 41.24 8.45 -39.39
CA SER J 170 42.53 8.24 -38.75
C SER J 170 42.36 7.57 -37.38
N ILE J 171 41.29 7.90 -36.66
CA ILE J 171 41.06 7.30 -35.34
C ILE J 171 40.77 5.81 -35.48
N VAL J 172 39.92 5.42 -36.43
CA VAL J 172 39.66 3.99 -36.60
C VAL J 172 40.88 3.27 -37.14
N GLU J 173 41.75 3.98 -37.87
CA GLU J 173 43.04 3.39 -38.21
C GLU J 173 43.91 3.17 -36.97
N MET J 174 43.90 4.13 -36.04
CA MET J 174 44.67 3.98 -34.81
C MET J 174 44.16 2.79 -34.01
N THR J 175 42.84 2.65 -33.94
CA THR J 175 42.25 1.48 -33.30
C THR J 175 42.68 0.21 -34.01
N ASN J 176 42.72 0.24 -35.34
CA ASN J 176 43.20 -0.91 -36.10
C ASN J 176 44.60 -1.31 -35.68
N GLN J 177 45.54 -0.35 -35.69
CA GLN J 177 46.92 -0.68 -35.37
C GLN J 177 47.07 -1.16 -33.93
N VAL J 178 46.40 -0.49 -32.98
CA VAL J 178 46.59 -0.88 -31.58
C VAL J 178 45.94 -2.24 -31.31
N TRP J 179 44.75 -2.49 -31.87
CA TRP J 179 44.09 -3.76 -31.61
C TRP J 179 44.76 -4.90 -32.36
N SER J 180 45.55 -4.60 -33.40
CA SER J 180 46.06 -5.67 -34.25
C SER J 180 47.13 -6.52 -33.56
N TYR J 181 47.78 -5.98 -32.52
CA TYR J 181 48.75 -6.84 -31.76
C TYR J 181 47.96 -7.94 -31.07
N HIS J 182 46.95 -7.58 -30.28
CA HIS J 182 46.08 -8.58 -29.67
C HIS J 182 45.45 -9.45 -30.73
N ASP J 183 45.11 -8.87 -31.88
CA ASP J 183 44.53 -9.66 -32.97
C ASP J 183 45.49 -10.73 -33.44
N SER J 184 46.78 -10.40 -33.58
CA SER J 184 47.77 -11.39 -34.00
C SER J 184 47.98 -12.47 -32.97
N LYS J 185 48.03 -12.10 -31.69
CA LYS J 185 48.04 -13.10 -30.62
C LYS J 185 46.85 -14.04 -30.76
N GLN J 186 45.68 -13.46 -31.03
CA GLN J 186 44.46 -14.25 -31.15
C GLN J 186 44.52 -15.11 -32.40
N GLU J 187 45.17 -14.59 -33.45
CA GLU J 187 45.36 -15.35 -34.68
C GLU J 187 46.11 -16.63 -34.39
N ARG J 188 47.26 -16.49 -33.72
CA ARG J 188 48.09 -17.66 -33.45
C ARG J 188 47.36 -18.65 -32.53
N LEU J 189 46.63 -18.14 -31.55
CA LEU J 189 45.90 -19.07 -30.67
C LEU J 189 44.83 -19.83 -31.45
N LEU J 190 44.08 -19.15 -32.33
CA LEU J 190 43.06 -19.83 -33.12
C LEU J 190 43.70 -20.78 -34.14
N GLU J 191 44.90 -20.45 -34.61
CA GLU J 191 45.63 -21.38 -35.47
C GLU J 191 45.95 -22.66 -34.72
N SER J 192 46.40 -22.53 -33.46
CA SER J 192 46.69 -23.70 -32.66
C SER J 192 45.43 -24.54 -32.44
N ARG J 193 44.34 -23.89 -32.02
CA ARG J 193 43.13 -24.62 -31.66
C ARG J 193 42.51 -25.31 -32.87
N ALA J 194 42.47 -24.62 -34.00
CA ALA J 194 41.80 -25.16 -35.19
C ALA J 194 42.50 -26.38 -35.74
N ARG K 1 44.82 -13.28 -44.15
CA ARG K 1 45.19 -13.25 -42.74
C ARG K 1 43.96 -13.45 -41.86
N LYS K 2 43.08 -12.43 -41.82
CA LYS K 2 41.94 -12.44 -40.91
C LYS K 2 40.70 -13.08 -41.51
N LEU K 3 40.67 -13.35 -42.82
CA LEU K 3 39.54 -14.03 -43.41
C LEU K 3 39.41 -15.46 -42.89
N SER K 4 40.52 -16.21 -42.95
CA SER K 4 40.51 -17.58 -42.42
C SER K 4 40.18 -17.59 -40.94
N HIS K 5 40.38 -16.48 -40.25
CA HIS K 5 40.18 -16.48 -38.80
C HIS K 5 38.81 -15.97 -38.41
N LEU K 6 38.16 -15.19 -39.27
CA LEU K 6 36.71 -15.13 -39.17
C LEU K 6 36.12 -16.52 -39.38
N ARG K 7 36.68 -17.27 -40.33
CA ARG K 7 36.26 -18.65 -40.51
C ARG K 7 36.46 -19.46 -39.22
N LYS K 8 37.64 -19.33 -38.62
CA LYS K 8 37.95 -20.14 -37.44
C LYS K 8 37.13 -19.72 -36.23
N LYS K 9 36.86 -18.42 -36.10
CA LYS K 9 35.94 -17.95 -35.07
C LYS K 9 34.56 -18.55 -35.28
N LEU K 10 34.15 -18.70 -36.54
CA LEU K 10 32.89 -19.39 -36.83
C LEU K 10 32.95 -20.84 -36.40
N TRP K 11 34.06 -21.51 -36.70
CA TRP K 11 34.18 -22.94 -36.40
C TRP K 11 34.13 -23.21 -34.90
N LYS K 12 34.91 -22.48 -34.11
CA LYS K 12 35.03 -22.80 -32.69
C LYS K 12 34.20 -21.91 -31.79
N GLU K 13 34.11 -20.60 -32.06
CA GLU K 13 33.57 -19.64 -31.10
C GLU K 13 32.16 -19.14 -31.44
N ALA K 14 31.87 -18.88 -32.71
CA ALA K 14 30.67 -18.14 -33.10
C ALA K 14 29.54 -19.00 -33.68
N GLY K 15 29.71 -20.31 -33.73
CA GLY K 15 28.65 -21.19 -34.17
C GLY K 15 27.76 -21.63 -33.02
N PRO K 16 28.36 -22.18 -31.97
CA PRO K 16 27.59 -22.60 -30.78
C PRO K 16 26.74 -21.51 -30.15
N PRO K 17 27.19 -20.24 -30.05
CA PRO K 17 26.52 -19.29 -29.14
C PRO K 17 25.04 -19.16 -29.45
N PRO K 18 24.22 -19.08 -28.42
CA PRO K 18 22.78 -19.20 -28.59
C PRO K 18 22.09 -17.91 -28.97
N ASP K 19 22.58 -16.80 -28.42
CA ASP K 19 21.86 -15.54 -28.50
C ASP K 19 21.66 -15.15 -29.96
N LEU K 20 20.44 -14.70 -30.29
CA LEU K 20 20.20 -14.22 -31.64
C LEU K 20 21.09 -13.04 -31.95
N ALA K 21 21.40 -12.22 -30.95
CA ALA K 21 22.35 -11.13 -31.14
C ALA K 21 23.71 -11.67 -31.55
N THR K 22 24.15 -12.77 -30.94
CA THR K 22 25.45 -13.33 -31.28
C THR K 22 25.44 -13.89 -32.69
N ARG K 23 24.36 -14.56 -33.09
CA ARG K 23 24.29 -15.09 -34.44
C ARG K 23 24.29 -13.98 -35.47
N LEU K 24 23.56 -12.90 -35.19
CA LEU K 24 23.53 -11.76 -36.09
C LEU K 24 24.90 -11.11 -36.19
N PHE K 25 25.56 -10.88 -35.06
CA PHE K 25 26.91 -10.31 -35.10
C PHE K 25 27.86 -11.24 -35.84
N SER K 26 27.62 -12.54 -35.80
CA SER K 26 28.42 -13.46 -36.62
C SER K 26 28.15 -13.24 -38.09
N GLU K 27 26.91 -12.91 -38.46
CA GLU K 27 26.56 -12.64 -39.84
C GLU K 27 26.77 -11.18 -40.25
N ARG K 28 27.50 -10.42 -39.43
CA ARG K 28 27.80 -8.99 -39.73
C ARG K 28 26.52 -8.23 -40.02
N ILE K 29 25.45 -8.50 -39.25
CA ILE K 29 24.15 -7.80 -39.44
C ILE K 29 23.87 -6.99 -38.17
N MET K 30 23.63 -5.68 -38.32
CA MET K 30 23.32 -4.80 -37.16
C MET K 30 21.86 -4.33 -37.29
N TYR K 31 20.97 -4.89 -36.49
CA TYR K 31 19.53 -4.54 -36.61
C TYR K 31 19.19 -3.36 -35.70
N LEU K 32 19.16 -2.14 -36.24
CA LEU K 32 18.68 -1.00 -35.43
C LEU K 32 17.16 -1.09 -35.42
N GLY K 33 16.59 -1.62 -34.36
CA GLY K 33 15.12 -1.81 -34.35
C GLY K 33 14.54 -1.42 -33.01
N MET K 34 14.73 -0.16 -32.59
CA MET K 34 14.16 0.34 -31.32
C MET K 34 14.41 1.84 -31.20
N PRO K 35 13.53 2.71 -30.62
CA PRO K 35 13.87 4.10 -30.37
C PRO K 35 15.33 4.25 -29.97
N ILE K 36 16.11 4.90 -30.83
CA ILE K 36 17.55 5.00 -30.61
C ILE K 36 17.83 5.83 -29.38
N ASP K 37 18.68 5.30 -28.50
CA ASP K 37 18.92 5.90 -27.20
C ASP K 37 20.41 5.80 -26.88
N SER K 38 20.76 6.21 -25.67
CA SER K 38 22.17 6.21 -25.27
C SER K 38 22.73 4.80 -25.26
N SER K 39 22.00 3.87 -24.66
CA SER K 39 22.44 2.47 -24.62
C SER K 39 22.54 1.90 -26.03
N VAL K 40 21.57 2.23 -26.88
CA VAL K 40 21.60 1.72 -28.25
C VAL K 40 22.79 2.28 -29.00
N ALA K 41 23.09 3.57 -28.81
CA ALA K 41 24.21 4.17 -29.51
C ALA K 41 25.54 3.55 -29.06
N GLU K 42 25.71 3.33 -27.76
CA GLU K 42 26.95 2.70 -27.30
C GLU K 42 27.06 1.28 -27.81
N LEU K 43 25.94 0.55 -27.86
CA LEU K 43 25.99 -0.80 -28.40
C LEU K 43 26.38 -0.79 -29.88
N LEU K 44 25.80 0.13 -30.65
CA LEU K 44 26.08 0.17 -32.07
C LEU K 44 27.52 0.59 -32.33
N THR K 45 28.05 1.49 -31.51
CA THR K 45 29.44 1.86 -31.65
C THR K 45 30.38 0.70 -31.33
N ALA K 46 30.07 -0.06 -30.26
CA ALA K 46 30.90 -1.23 -29.97
C ALA K 46 30.84 -2.24 -31.10
N GLN K 47 29.63 -2.53 -31.58
CA GLN K 47 29.47 -3.49 -32.66
C GLN K 47 30.22 -3.03 -33.90
N LEU K 48 30.18 -1.75 -34.18
CA LEU K 48 30.76 -1.27 -35.42
C LEU K 48 32.28 -1.20 -35.34
N PHE K 49 32.82 -0.85 -34.16
CA PHE K 49 34.27 -0.98 -33.95
C PHE K 49 34.73 -2.41 -34.16
N VAL K 50 34.06 -3.37 -33.52
CA VAL K 50 34.52 -4.76 -33.64
C VAL K 50 34.33 -5.26 -35.07
N LEU K 51 33.27 -4.82 -35.73
CA LEU K 51 33.01 -5.28 -37.10
C LEU K 51 34.04 -4.74 -38.07
N VAL K 52 34.48 -3.49 -37.88
CA VAL K 52 35.65 -3.02 -38.62
C VAL K 52 36.84 -3.92 -38.35
N GLN K 53 37.11 -4.17 -37.08
CA GLN K 53 38.35 -4.87 -36.74
C GLN K 53 38.36 -6.29 -37.26
N GLU K 54 37.19 -6.88 -37.49
CA GLU K 54 37.14 -8.21 -38.07
C GLU K 54 37.71 -8.21 -39.49
N ALA K 55 37.15 -7.36 -40.37
CA ALA K 55 37.60 -7.41 -41.78
C ALA K 55 37.07 -6.20 -42.56
N PRO K 56 37.64 -5.85 -43.73
CA PRO K 56 37.07 -4.79 -44.59
C PRO K 56 35.84 -5.36 -45.32
N ASP K 57 35.37 -6.54 -44.92
CA ASP K 57 34.17 -7.19 -45.52
C ASP K 57 32.95 -6.31 -45.25
N PRO K 58 31.85 -6.31 -46.04
CA PRO K 58 30.73 -5.39 -45.78
C PRO K 58 29.89 -5.60 -44.52
N ILE K 59 28.99 -4.66 -44.23
CA ILE K 59 28.10 -4.75 -43.03
C ILE K 59 26.67 -4.53 -43.50
N PHE K 60 25.72 -5.27 -42.96
CA PHE K 60 24.29 -5.06 -43.32
C PHE K 60 23.62 -4.33 -42.15
N PHE K 61 22.80 -3.32 -42.45
CA PHE K 61 22.20 -2.50 -41.36
C PHE K 61 20.69 -2.38 -41.60
N TYR K 62 19.90 -3.15 -40.85
CA TYR K 62 18.43 -3.11 -41.03
C TYR K 62 17.85 -2.07 -40.08
N ILE K 63 17.01 -1.15 -40.57
CA ILE K 63 16.53 -0.04 -39.71
C ILE K 63 15.00 -0.06 -39.57
N ASN K 64 14.49 -0.43 -38.40
CA ASN K 64 13.04 -0.32 -38.14
C ASN K 64 12.92 0.48 -36.86
N SER K 65 13.01 1.79 -36.97
CA SER K 65 13.04 2.65 -35.80
C SER K 65 11.98 3.73 -35.94
N THR K 66 11.36 4.09 -34.81
CA THR K 66 10.32 5.10 -34.78
C THR K 66 10.86 6.45 -34.32
N GLY K 67 12.08 6.79 -34.71
CA GLY K 67 12.76 7.95 -34.19
C GLY K 67 13.31 7.66 -32.81
N ILE K 68 13.79 8.73 -32.16
CA ILE K 68 14.33 8.59 -30.82
C ILE K 68 13.29 8.06 -29.84
N ALA K 69 12.00 8.25 -30.15
CA ALA K 69 10.88 7.66 -29.42
C ALA K 69 9.62 8.07 -30.17
N LYS K 70 8.46 7.64 -29.64
CA LYS K 70 7.19 8.09 -30.17
C LYS K 70 6.80 9.42 -29.51
N SER K 71 6.07 10.24 -30.27
CA SER K 71 5.69 11.57 -29.80
C SER K 71 4.84 11.52 -28.54
N THR K 72 4.22 10.37 -28.23
CA THR K 72 3.41 10.20 -27.04
C THR K 72 4.22 9.70 -25.85
N THR K 73 5.52 9.52 -26.00
CA THR K 73 6.39 9.10 -24.92
C THR K 73 7.65 9.96 -24.89
N LYS K 74 8.27 10.01 -23.72
CA LYS K 74 9.40 10.90 -23.49
C LYS K 74 10.51 10.65 -24.50
N PHE K 75 10.96 11.71 -25.15
CA PHE K 75 12.07 11.63 -26.08
C PHE K 75 13.41 11.60 -25.35
N GLY K 76 14.41 11.12 -26.06
CA GLY K 76 15.80 11.30 -25.69
C GLY K 76 16.40 12.49 -26.39
N ASN K 77 17.70 12.43 -26.63
CA ASN K 77 18.42 13.51 -27.29
C ASN K 77 18.64 13.19 -28.76
N GLU K 78 19.08 14.21 -29.49
CA GLU K 78 19.47 14.08 -30.89
C GLU K 78 20.93 13.69 -31.04
N HIS K 79 21.65 13.56 -29.92
CA HIS K 79 23.08 13.35 -29.99
C HIS K 79 23.44 11.89 -30.20
N GLU K 80 22.52 10.98 -29.89
CA GLU K 80 22.76 9.56 -30.16
C GLU K 80 22.83 9.32 -31.67
N ALA K 81 21.91 9.93 -32.41
CA ALA K 81 21.93 9.78 -33.87
C ALA K 81 23.20 10.36 -34.46
N ILE K 82 23.66 11.50 -33.96
CA ILE K 82 24.88 12.11 -34.47
C ILE K 82 26.09 11.24 -34.13
N ALA K 83 26.09 10.65 -32.94
CA ALA K 83 27.20 9.77 -32.56
C ALA K 83 27.29 8.57 -33.49
N VAL K 84 26.15 7.90 -33.70
CA VAL K 84 26.14 6.72 -34.57
C VAL K 84 26.49 7.14 -36.00
N TYR K 85 25.97 8.26 -36.46
CA TYR K 85 26.22 8.71 -37.82
C TYR K 85 27.70 8.99 -38.03
N SER K 86 28.35 9.65 -37.07
CA SER K 86 29.77 9.93 -37.22
C SER K 86 30.58 8.66 -37.19
N MET K 87 30.20 7.71 -36.33
CA MET K 87 30.89 6.43 -36.33
C MET K 87 30.77 5.74 -37.70
N MET K 88 29.56 5.76 -38.28
CA MET K 88 29.35 5.13 -39.58
C MET K 88 30.16 5.82 -40.67
N LYS K 89 30.18 7.15 -40.69
CA LYS K 89 30.95 7.86 -41.70
C LYS K 89 32.44 7.55 -41.58
N GLY K 90 32.95 7.47 -40.35
CA GLY K 90 34.34 7.09 -40.18
C GLY K 90 34.61 5.67 -40.63
N VAL K 91 33.66 4.76 -40.40
CA VAL K 91 33.86 3.36 -40.75
C VAL K 91 33.87 3.17 -42.26
N GLN K 92 32.99 3.88 -42.96
CA GLN K 92 32.62 3.52 -44.32
C GLN K 92 33.80 3.45 -45.31
N LYS K 93 34.86 4.23 -45.07
CA LYS K 93 35.96 4.26 -46.07
C LYS K 93 36.70 2.94 -46.04
N TYR K 94 36.47 2.13 -44.99
CA TYR K 94 37.25 0.88 -44.83
C TYR K 94 36.31 -0.32 -44.78
N CYS K 95 35.00 -0.09 -44.96
CA CYS K 95 34.01 -1.20 -44.88
C CYS K 95 32.67 -0.75 -45.49
N PRO K 96 32.18 -1.40 -46.56
CA PRO K 96 30.87 -1.07 -47.13
C PRO K 96 29.75 -1.30 -46.11
N ILE K 97 28.74 -0.42 -46.09
CA ILE K 97 27.65 -0.53 -45.13
C ILE K 97 26.33 -0.41 -45.89
N TYR K 98 25.78 -1.55 -46.30
CA TYR K 98 24.44 -1.54 -46.86
C TYR K 98 23.47 -1.14 -45.76
N THR K 99 22.59 -0.18 -46.03
CA THR K 99 21.61 0.28 -45.05
C THR K 99 20.23 0.14 -45.65
N LEU K 100 19.40 -0.69 -45.03
CA LEU K 100 18.13 -1.10 -45.60
C LEU K 100 17.04 -0.81 -44.60
N CYS K 101 15.99 -0.15 -45.05
CA CYS K 101 14.88 0.23 -44.20
C CYS K 101 13.74 -0.75 -44.41
N VAL K 102 13.53 -1.63 -43.42
CA VAL K 102 12.31 -2.42 -43.30
C VAL K 102 11.35 -1.63 -42.42
N GLY K 103 10.09 -1.60 -42.81
CA GLY K 103 9.12 -0.93 -41.96
C GLY K 103 9.22 0.58 -42.01
N ASN K 104 9.77 1.18 -40.96
CA ASN K 104 9.74 2.63 -40.81
C ASN K 104 11.13 3.16 -40.48
N ALA K 105 11.32 4.45 -40.73
CA ALA K 105 12.54 5.16 -40.37
C ALA K 105 12.15 6.63 -40.12
N PHE K 106 11.87 6.96 -38.87
CA PHE K 106 11.32 8.26 -38.51
C PHE K 106 12.43 9.18 -38.03
N GLY K 107 12.57 10.33 -38.68
CA GLY K 107 13.47 11.38 -38.22
C GLY K 107 14.91 10.95 -38.08
N GLU K 108 15.34 10.73 -36.84
CA GLU K 108 16.74 10.44 -36.56
C GLU K 108 17.20 9.19 -37.30
N ALA K 109 16.41 8.12 -37.25
CA ALA K 109 16.78 6.90 -37.96
C ALA K 109 16.86 7.16 -39.46
N ALA K 110 16.11 8.12 -39.98
CA ALA K 110 16.23 8.48 -41.38
C ALA K 110 17.64 8.89 -41.72
N LEU K 111 18.28 9.67 -40.84
CA LEU K 111 19.70 9.95 -41.01
C LEU K 111 20.50 8.66 -41.07
N LEU K 112 20.24 7.76 -40.13
CA LEU K 112 20.95 6.48 -40.14
C LEU K 112 20.58 5.66 -41.36
N LEU K 113 19.44 5.95 -41.98
CA LEU K 113 19.12 5.29 -43.24
C LEU K 113 19.95 5.87 -44.38
N SER K 114 20.13 7.19 -44.37
CA SER K 114 20.85 7.87 -45.43
C SER K 114 22.36 7.79 -45.27
N ALA K 115 22.85 7.23 -44.18
CA ALA K 115 24.29 7.20 -43.92
C ALA K 115 24.96 5.95 -44.42
N GLY K 116 24.29 5.12 -45.20
CA GLY K 116 24.92 3.97 -45.80
C GLY K 116 25.73 4.32 -47.03
N SER K 117 26.64 3.41 -47.38
CA SER K 117 27.56 3.66 -48.48
C SER K 117 26.78 3.92 -49.76
N PRO K 118 27.11 4.97 -50.51
CA PRO K 118 26.29 5.34 -51.66
C PRO K 118 26.21 4.23 -52.70
N GLY K 119 25.00 4.02 -53.22
CA GLY K 119 24.73 2.94 -54.13
C GLY K 119 24.32 1.64 -53.47
N LYS K 120 24.41 1.55 -52.16
CA LYS K 120 24.11 0.35 -51.40
C LYS K 120 23.08 0.65 -50.31
N ARG K 121 22.15 1.54 -50.62
CA ARG K 121 21.29 2.16 -49.62
C ARG K 121 19.85 1.99 -50.10
N ALA K 122 19.07 1.16 -49.42
CA ALA K 122 17.78 0.77 -49.94
C ALA K 122 16.72 0.80 -48.87
N ALA K 123 15.48 0.96 -49.30
CA ALA K 123 14.33 0.84 -48.42
C ALA K 123 13.27 0.02 -49.14
N LEU K 124 12.48 -0.73 -48.38
CA LEU K 124 11.42 -1.50 -49.00
C LEU K 124 10.38 -0.55 -49.60
N ARG K 125 9.72 -1.01 -50.67
CA ARG K 125 8.73 -0.18 -51.33
C ARG K 125 7.58 0.18 -50.39
N SER K 126 7.29 -0.69 -49.42
CA SER K 126 6.26 -0.44 -48.42
C SER K 126 6.78 0.21 -47.16
N SER K 127 7.87 0.98 -47.24
CA SER K 127 8.39 1.68 -46.08
C SER K 127 8.04 3.17 -46.16
N THR K 128 8.39 3.89 -45.10
CA THR K 128 8.19 5.33 -45.02
C THR K 128 9.45 5.95 -44.46
N ILE K 129 9.89 7.07 -45.03
CA ILE K 129 11.13 7.71 -44.57
C ILE K 129 10.78 9.13 -44.14
N MET K 130 10.67 9.37 -42.85
CA MET K 130 10.11 10.60 -42.31
C MET K 130 11.22 11.55 -41.89
N LEU K 131 11.24 12.74 -42.50
CA LEU K 131 12.02 13.85 -41.96
C LEU K 131 11.04 14.65 -41.11
N ARG K 132 10.97 14.29 -39.83
CA ARG K 132 9.87 14.76 -39.00
C ARG K 132 10.16 16.13 -38.41
N GLN K 133 9.11 16.77 -37.90
CA GLN K 133 9.22 18.13 -37.30
C GLN K 133 10.29 18.17 -36.20
N PRO K 134 11.22 19.15 -36.20
CA PRO K 134 12.25 19.25 -35.19
C PRO K 134 11.87 20.07 -33.94
N LEU K 135 12.45 19.72 -32.78
CA LEU K 135 12.36 18.40 -32.12
C LEU K 135 12.35 18.62 -30.60
N GLN K 136 12.86 17.64 -29.83
CA GLN K 136 12.98 17.77 -28.34
C GLN K 136 11.62 17.83 -27.65
N ARG K 137 11.08 16.66 -27.25
CA ARG K 137 9.81 16.64 -26.48
C ARG K 137 10.13 16.85 -25.00
N LEU K 138 11.42 16.86 -24.64
CA LEU K 138 11.79 17.17 -23.24
C LEU K 138 11.32 18.60 -22.95
N GLY K 139 10.50 18.77 -21.92
CA GLY K 139 9.98 20.11 -21.58
C GLY K 139 10.19 20.43 -20.12
N GLY K 140 11.20 19.82 -19.50
CA GLY K 140 11.41 20.00 -18.06
C GLY K 140 12.38 21.13 -17.72
N MET K 141 12.53 22.13 -18.61
CA MET K 141 13.38 23.25 -18.24
C MET K 141 12.56 24.41 -17.70
N GLN K 142 13.27 25.43 -17.22
CA GLN K 142 12.68 26.64 -16.66
C GLN K 142 13.03 27.84 -17.52
N ALA K 143 12.74 29.05 -17.03
CA ALA K 143 13.15 30.26 -17.73
C ALA K 143 14.63 30.53 -17.57
N SER K 144 15.20 30.12 -16.44
CA SER K 144 16.63 30.25 -16.24
C SER K 144 17.44 29.45 -17.27
N ASP K 145 16.76 28.68 -18.11
CA ASP K 145 17.39 27.90 -19.17
C ASP K 145 17.20 28.51 -20.55
N ILE K 146 16.35 29.53 -20.68
CA ILE K 146 16.03 30.08 -21.98
C ILE K 146 17.30 30.56 -22.69
N ASP K 147 18.17 31.26 -21.97
CA ASP K 147 19.37 31.81 -22.59
C ASP K 147 20.24 30.73 -23.21
N ILE K 148 20.10 29.47 -22.76
CA ILE K 148 20.89 28.41 -23.35
C ILE K 148 20.04 27.70 -24.39
N TYR K 149 18.73 27.57 -24.12
CA TYR K 149 17.91 26.62 -24.88
C TYR K 149 17.88 26.89 -26.36
N ARG K 150 17.64 28.13 -26.78
CA ARG K 150 17.67 28.41 -28.21
C ARG K 150 18.99 27.95 -28.80
N LYS K 151 20.09 28.36 -28.17
CA LYS K 151 21.41 28.02 -28.69
C LYS K 151 21.69 26.53 -28.62
N ILE K 152 20.73 25.75 -28.11
CA ILE K 152 20.81 24.29 -28.26
C ILE K 152 20.00 23.83 -29.45
N THR K 153 18.72 24.19 -29.49
CA THR K 153 17.81 23.52 -30.41
C THR K 153 18.19 23.83 -31.86
N ARG K 154 18.41 25.11 -32.17
CA ARG K 154 19.02 25.42 -33.47
C ARG K 154 20.31 24.64 -33.64
N GLU K 155 21.20 24.77 -32.65
CA GLU K 155 22.44 24.03 -32.55
C GLU K 155 22.22 22.56 -32.91
N LYS K 156 21.08 21.97 -32.56
CA LYS K 156 20.78 20.56 -32.94
C LYS K 156 20.13 20.50 -34.33
N THR K 157 19.04 21.24 -34.55
CA THR K 157 18.30 21.22 -35.83
C THR K 157 19.23 21.51 -37.02
N ALA K 158 20.00 22.60 -36.94
CA ALA K 158 20.91 22.97 -38.06
C ALA K 158 21.96 21.89 -38.27
N THR K 159 22.50 21.32 -37.19
CA THR K 159 23.49 20.22 -37.33
C THR K 159 22.86 19.11 -38.20
N MET K 160 21.58 18.78 -37.97
CA MET K 160 21.00 17.70 -38.74
C MET K 160 20.89 18.09 -40.20
N ALA K 161 20.39 19.30 -40.48
CA ALA K 161 20.26 19.74 -41.86
C ALA K 161 21.58 19.56 -42.59
N LYS K 162 22.67 20.02 -41.98
CA LYS K 162 23.97 19.89 -42.61
C LYS K 162 24.23 18.44 -42.99
N TYR K 163 24.14 17.53 -42.01
CA TYR K 163 24.42 16.09 -42.26
C TYR K 163 23.51 15.53 -43.36
N LEU K 164 22.27 16.02 -43.43
CA LEU K 164 21.30 15.48 -44.42
C LEU K 164 21.73 15.92 -45.82
N ALA K 165 22.30 17.13 -45.96
CA ALA K 165 22.79 17.61 -47.28
C ALA K 165 24.07 16.88 -47.65
N ALA K 166 24.77 16.29 -46.66
CA ALA K 166 25.98 15.50 -46.94
C ALA K 166 25.58 14.05 -47.23
N CYS K 167 24.28 13.78 -47.33
CA CYS K 167 23.78 12.41 -47.63
C CYS K 167 22.84 12.46 -48.85
N THR K 168 22.26 13.63 -49.13
CA THR K 168 21.31 13.76 -50.26
C THR K 168 21.89 14.68 -51.33
N LYS K 169 23.04 15.30 -51.05
CA LYS K 169 23.67 16.27 -51.98
C LYS K 169 22.65 17.34 -52.35
N LYS K 170 21.97 17.91 -51.35
CA LYS K 170 20.92 18.94 -51.62
C LYS K 170 21.33 20.26 -50.97
N THR K 171 20.47 21.28 -51.09
CA THR K 171 20.74 22.57 -50.47
C THR K 171 20.07 22.64 -49.11
N GLU K 172 20.85 22.99 -48.07
CA GLU K 172 20.35 22.95 -46.71
C GLU K 172 19.17 23.90 -46.51
N GLU K 173 19.01 24.89 -47.38
CA GLU K 173 17.84 25.75 -47.33
C GLU K 173 16.56 24.95 -47.55
N GLN K 174 16.58 24.02 -48.52
CA GLN K 174 15.44 23.15 -48.74
C GLN K 174 15.16 22.30 -47.51
N ILE K 175 16.20 21.73 -46.90
CA ILE K 175 15.99 20.87 -45.75
C ILE K 175 15.41 21.66 -44.58
N MET K 176 15.86 22.90 -44.41
CA MET K 176 15.31 23.73 -43.36
C MET K 176 13.85 24.08 -43.63
N THR K 177 13.52 24.38 -44.88
CA THR K 177 12.12 24.67 -45.22
C THR K 177 11.25 23.42 -45.14
N ASP K 178 11.88 22.24 -45.17
CA ASP K 178 11.12 21.00 -45.12
C ASP K 178 10.95 20.50 -43.69
N PHE K 179 11.87 20.83 -42.78
CA PHE K 179 11.70 20.44 -41.38
C PHE K 179 10.37 20.89 -40.78
N THR K 180 9.86 22.06 -41.19
CA THR K 180 8.86 22.76 -40.40
C THR K 180 7.63 21.92 -40.12
N ARG K 181 7.33 20.94 -40.95
CA ARG K 181 6.29 19.96 -40.68
C ARG K 181 6.84 18.59 -41.06
N PRO K 182 6.41 17.54 -40.39
CA PRO K 182 6.97 16.22 -40.69
C PRO K 182 6.68 15.78 -42.12
N ARG K 183 7.72 15.71 -42.95
CA ARG K 183 7.56 15.36 -44.36
C ARG K 183 8.16 13.98 -44.58
N TYR K 184 7.32 13.00 -44.89
CA TYR K 184 7.75 11.61 -44.96
C TYR K 184 7.62 11.09 -46.39
N PHE K 185 8.74 10.67 -46.95
CA PHE K 185 8.87 10.33 -48.34
C PHE K 185 8.52 8.86 -48.57
N ASN K 186 7.97 8.62 -49.76
CA ASN K 186 7.94 7.30 -50.36
C ASN K 186 9.34 6.90 -50.79
N PRO K 187 9.60 5.61 -50.97
CA PRO K 187 10.93 5.19 -51.41
C PRO K 187 11.36 5.83 -52.73
N TYR K 188 10.44 5.98 -53.68
CA TYR K 188 10.79 6.58 -54.96
C TYR K 188 11.06 8.06 -54.80
N GLU K 189 10.21 8.76 -54.06
CA GLU K 189 10.48 10.15 -53.71
C GLU K 189 11.81 10.26 -52.96
N ALA K 190 12.11 9.26 -52.12
CA ALA K 190 13.37 9.30 -51.39
C ALA K 190 14.57 9.18 -52.31
N VAL K 191 14.51 8.28 -53.30
CA VAL K 191 15.58 8.16 -54.28
C VAL K 191 15.72 9.45 -55.08
N SER K 192 14.58 10.07 -55.41
CA SER K 192 14.62 11.35 -56.10
C SER K 192 15.33 12.41 -55.27
N TYR K 193 15.01 12.47 -53.98
CA TYR K 193 15.66 13.42 -53.08
C TYR K 193 17.10 13.03 -52.77
N GLY K 194 17.41 11.74 -52.75
CA GLY K 194 18.74 11.26 -52.50
C GLY K 194 18.93 10.51 -51.20
N LEU K 195 17.86 10.31 -50.41
CA LEU K 195 18.01 9.63 -49.14
C LEU K 195 18.52 8.22 -49.31
N ILE K 196 18.00 7.50 -50.31
CA ILE K 196 18.37 6.12 -50.58
C ILE K 196 18.74 6.00 -52.05
N ASP K 197 19.45 4.93 -52.39
CA ASP K 197 19.92 4.79 -53.79
C ASP K 197 18.98 3.86 -54.56
N THR K 198 18.41 2.84 -53.91
CA THR K 198 17.52 1.93 -54.62
C THR K 198 16.24 1.76 -53.82
N VAL K 199 15.26 1.12 -54.44
CA VAL K 199 14.03 0.68 -53.78
C VAL K 199 13.89 -0.81 -54.00
N LEU K 200 13.64 -1.55 -52.92
CA LEU K 200 13.56 -3.01 -53.00
C LEU K 200 12.10 -3.41 -53.16
N GLU K 201 11.67 -3.53 -54.41
CA GLU K 201 10.38 -4.14 -54.69
C GLU K 201 10.44 -5.62 -54.32
N PRO K 202 9.35 -6.18 -53.81
CA PRO K 202 9.35 -7.61 -53.49
C PRO K 202 9.45 -8.45 -54.75
N LYS K 203 9.79 -9.72 -54.55
CA LYS K 203 9.78 -10.67 -55.65
C LYS K 203 8.39 -10.75 -56.26
N GLU K 204 7.37 -10.90 -55.41
CA GLU K 204 5.99 -10.95 -55.82
C GLU K 204 5.26 -9.77 -55.20
N GLU K 205 4.30 -9.22 -55.93
CA GLU K 205 3.44 -8.15 -55.43
C GLU K 205 2.07 -8.72 -55.17
N ARG K 206 1.42 -8.25 -54.10
CA ARG K 206 0.07 -8.75 -53.72
C ARG K 206 -0.99 -7.66 -53.91
N ALA K 207 -0.95 -6.60 -53.10
CA ALA K 207 -1.96 -5.51 -53.16
C ALA K 207 -2.19 -5.05 -54.61
N VAL K 208 -3.46 -4.96 -55.03
CA VAL K 208 -3.79 -4.49 -56.41
C VAL K 208 -4.44 -3.11 -56.32
N PHE K 209 -5.16 -2.70 -57.37
CA PHE K 209 -5.86 -1.38 -57.36
C PHE K 209 -7.17 -1.50 -56.58
N LYS K 210 -7.62 -0.38 -56.00
CA LYS K 210 -8.91 -0.37 -55.26
C LYS K 210 -9.78 0.71 -55.89
N ASP K 211 -9.34 1.25 -57.03
CA ASP K 211 -10.09 2.35 -57.70
C ASP K 211 -11.45 1.85 -58.18
N TRP K 212 -11.67 0.53 -58.15
CA TRP K 212 -13.00 0.05 -58.51
C TRP K 212 -14.05 0.41 -57.46
N GLU K 213 -13.62 1.00 -56.34
CA GLU K 213 -14.52 1.55 -55.32
C GLU K 213 -15.19 2.85 -55.76
N LYS K 214 -14.62 3.56 -56.73
CA LYS K 214 -15.19 4.83 -57.17
C LYS K 214 -16.60 4.65 -57.70
N MET K 215 -17.48 5.61 -57.40
CA MET K 215 -18.88 5.53 -57.81
C MET K 215 -19.05 5.81 -59.30
N GLY K 216 -18.75 7.05 -59.72
CA GLY K 216 -18.89 7.40 -61.11
C GLY K 216 -20.30 7.63 -61.57
N SER K 217 -21.26 7.76 -60.64
CA SER K 217 -22.63 8.03 -61.02
C SER K 217 -22.76 9.46 -61.55
N GLU K 218 -23.97 9.78 -62.01
CA GLU K 218 -24.22 11.07 -62.63
C GLU K 218 -24.18 12.19 -61.59
N ILE K 219 -23.97 13.41 -62.08
CA ILE K 219 -24.10 14.59 -61.24
C ILE K 219 -25.53 14.69 -60.73
N ALA K 220 -25.68 15.21 -59.52
CA ALA K 220 -27.00 15.22 -58.88
C ALA K 220 -27.95 16.15 -59.61
N ASP K 221 -29.20 15.72 -59.73
CA ASP K 221 -30.23 16.57 -60.31
C ASP K 221 -30.39 17.84 -59.49
N LEU K 222 -30.54 18.97 -60.19
CA LEU K 222 -30.61 20.26 -59.51
C LEU K 222 -31.81 20.35 -58.58
N GLY K 223 -32.82 19.50 -58.77
CA GLY K 223 -33.99 19.50 -57.92
C GLY K 223 -34.02 18.28 -57.02
N LEU K 224 -32.91 18.00 -56.35
CA LEU K 224 -32.83 16.90 -55.39
C LEU K 224 -31.96 17.35 -54.23
N TRP K 225 -32.58 17.93 -53.20
CA TRP K 225 -31.86 18.29 -51.99
C TRP K 225 -31.43 17.01 -51.27
N ASP K 226 -30.13 16.75 -51.24
CA ASP K 226 -29.61 15.53 -50.64
C ASP K 226 -29.79 15.57 -49.13
N ASP K 227 -30.15 14.42 -48.57
CA ASP K 227 -30.30 14.33 -47.13
C ASP K 227 -28.93 14.34 -46.45
N GLU K 228 -28.93 14.07 -45.15
CA GLU K 228 -27.78 14.26 -44.30
C GLU K 228 -27.03 12.98 -44.03
N GLU K 229 -27.26 11.94 -44.83
CA GLU K 229 -26.60 10.66 -44.65
C GLU K 229 -25.09 10.83 -44.68
N GLN K 230 -24.45 10.59 -43.54
CA GLN K 230 -22.99 10.68 -43.47
C GLN K 230 -22.38 9.28 -43.43
N PRO K 231 -21.92 8.74 -44.57
CA PRO K 231 -21.56 7.32 -44.62
C PRO K 231 -20.09 7.04 -44.33
N LEU K 232 -19.73 5.77 -44.42
CA LEU K 232 -18.38 5.27 -44.24
C LEU K 232 -18.04 4.34 -45.40
N PRO K 233 -16.76 4.23 -45.76
CA PRO K 233 -16.39 3.37 -46.90
C PRO K 233 -16.53 1.90 -46.56
N CYS L 41 6.78 -24.04 -20.61
CA CYS L 41 7.44 -24.49 -21.84
C CYS L 41 8.91 -24.05 -21.89
N ARG L 42 9.60 -24.19 -20.76
CA ARG L 42 11.00 -23.77 -20.69
C ARG L 42 12.04 -24.83 -21.09
N PRO L 43 11.89 -26.11 -20.76
CA PRO L 43 13.06 -26.99 -20.66
C PRO L 43 13.83 -27.08 -21.97
N PRO L 44 15.13 -26.81 -21.94
CA PRO L 44 15.93 -27.02 -23.14
C PRO L 44 15.84 -28.47 -23.60
N GLY L 45 15.54 -28.65 -24.88
CA GLY L 45 15.45 -29.96 -25.48
C GLY L 45 16.79 -30.27 -26.13
N GLN L 46 17.19 -31.53 -26.07
CA GLN L 46 18.49 -31.91 -26.57
C GLN L 46 18.53 -31.74 -28.08
N ARG L 47 19.68 -31.34 -28.58
CA ARG L 47 19.93 -31.10 -29.99
C ARG L 47 20.98 -32.11 -30.46
N GLN L 48 21.57 -31.84 -31.63
CA GLN L 48 22.52 -32.75 -32.24
C GLN L 48 23.52 -33.34 -31.24
N SER L 49 24.03 -32.52 -30.33
CA SER L 49 24.91 -33.05 -29.28
C SER L 49 24.76 -32.43 -27.90
N GLU L 50 24.08 -31.30 -27.74
CA GLU L 50 24.04 -30.59 -26.46
C GLU L 50 22.62 -30.21 -26.08
N TRP L 51 22.49 -29.53 -24.95
CA TRP L 51 21.21 -29.03 -24.48
C TRP L 51 21.02 -27.61 -25.01
N VAL L 52 19.97 -27.40 -25.79
CA VAL L 52 19.67 -26.08 -26.33
C VAL L 52 18.23 -25.75 -26.02
N ASP L 53 17.93 -24.46 -25.86
CA ASP L 53 16.62 -24.01 -25.45
C ASP L 53 15.58 -24.41 -26.48
N LEU L 54 14.34 -24.55 -26.02
CA LEU L 54 13.29 -25.11 -26.86
C LEU L 54 13.04 -24.25 -28.09
N TRP L 55 12.95 -22.94 -27.91
CA TRP L 55 12.65 -22.07 -29.04
C TRP L 55 13.85 -21.89 -29.94
N GLU L 56 15.06 -21.80 -29.37
CA GLU L 56 16.26 -21.83 -30.20
C GLU L 56 16.38 -23.16 -30.94
N ALA L 57 16.05 -24.26 -30.27
CA ALA L 57 16.06 -25.55 -30.95
C ALA L 57 15.11 -25.56 -32.12
N TYR L 58 13.92 -24.95 -31.96
CA TYR L 58 12.97 -24.87 -33.06
C TYR L 58 13.53 -24.07 -34.21
N THR L 59 14.09 -22.89 -33.92
CA THR L 59 14.60 -22.04 -35.00
C THR L 59 15.78 -22.68 -35.69
N TYR L 60 16.48 -23.60 -35.02
CA TYR L 60 17.50 -24.38 -35.73
C TYR L 60 16.90 -25.21 -36.85
N GLN L 61 15.58 -25.41 -36.84
CA GLN L 61 14.88 -26.15 -37.87
C GLN L 61 13.96 -25.23 -38.70
N LYS L 62 14.29 -23.94 -38.74
CA LYS L 62 13.57 -22.92 -39.50
C LYS L 62 12.20 -22.58 -38.92
N VAL L 63 11.75 -23.29 -37.90
CA VAL L 63 10.43 -23.09 -37.31
C VAL L 63 10.49 -21.87 -36.40
N VAL L 64 9.58 -20.92 -36.61
CA VAL L 64 9.54 -19.69 -35.84
C VAL L 64 8.21 -19.65 -35.08
N PHE L 65 8.26 -19.91 -33.79
CA PHE L 65 7.08 -19.84 -32.95
C PHE L 65 6.84 -18.41 -32.51
N ILE L 66 5.72 -17.84 -32.93
CA ILE L 66 5.26 -16.55 -32.43
C ILE L 66 4.12 -16.82 -31.45
N LYS L 67 4.30 -16.42 -30.20
CA LYS L 67 3.38 -16.77 -29.14
C LYS L 67 2.81 -15.59 -28.37
N GLU L 68 3.33 -14.39 -28.58
CA GLU L 68 2.85 -13.20 -27.87
C GLU L 68 2.21 -12.23 -28.85
N ALA L 69 1.30 -11.41 -28.35
CA ALA L 69 0.74 -10.35 -29.16
C ALA L 69 1.85 -9.45 -29.64
N ILE L 70 1.75 -9.06 -30.93
CA ILE L 70 2.86 -8.33 -31.59
C ILE L 70 3.05 -6.91 -31.06
N THR L 71 4.00 -6.74 -30.15
CA THR L 71 4.35 -5.37 -29.68
C THR L 71 5.66 -5.04 -30.39
N GLU L 72 6.19 -3.83 -30.20
CA GLU L 72 7.50 -3.47 -30.81
C GLU L 72 8.52 -4.55 -30.51
N ASP L 73 8.64 -4.97 -29.25
CA ASP L 73 9.68 -5.96 -28.84
C ASP L 73 9.55 -7.27 -29.61
N VAL L 74 8.43 -7.99 -29.48
CA VAL L 74 8.32 -9.33 -30.13
C VAL L 74 8.49 -9.19 -31.65
N ALA L 75 7.94 -8.13 -32.25
CA ALA L 75 8.05 -7.92 -33.69
C ALA L 75 9.51 -7.74 -34.09
N ASN L 76 10.28 -6.99 -33.32
CA ASN L 76 11.69 -6.82 -33.65
C ASN L 76 12.43 -8.14 -33.55
N ASN L 77 12.14 -8.93 -32.52
CA ASN L 77 12.81 -10.21 -32.37
C ASN L 77 12.49 -11.13 -33.54
N MET L 78 11.24 -11.12 -33.99
CA MET L 78 10.84 -12.03 -35.05
C MET L 78 11.33 -11.55 -36.41
N ILE L 79 11.40 -10.23 -36.61
CA ILE L 79 11.99 -9.69 -37.84
C ILE L 79 13.47 -10.05 -37.90
N ALA L 80 14.17 -9.86 -36.79
CA ALA L 80 15.59 -10.22 -36.74
C ALA L 80 15.78 -11.72 -37.00
N LEU L 81 14.96 -12.55 -36.37
CA LEU L 81 15.05 -13.98 -36.56
C LEU L 81 14.79 -14.36 -38.00
N THR L 82 13.78 -13.77 -38.62
CA THR L 82 13.50 -14.05 -40.02
C THR L 82 14.66 -13.68 -40.90
N LEU L 83 15.26 -12.50 -40.68
CA LEU L 83 16.38 -12.09 -41.53
C LEU L 83 17.57 -13.03 -41.37
N TYR L 84 17.89 -13.43 -40.15
CA TYR L 84 19.03 -14.32 -39.94
C TYR L 84 18.74 -15.71 -40.52
N LEU L 85 17.51 -16.20 -40.37
CA LEU L 85 17.15 -17.50 -40.91
C LEU L 85 17.25 -17.50 -42.42
N ASP L 86 16.83 -16.41 -43.05
CA ASP L 86 17.03 -16.30 -44.49
C ASP L 86 18.52 -16.18 -44.82
N SER L 87 19.31 -15.63 -43.91
CA SER L 87 20.75 -15.54 -44.13
C SER L 87 21.43 -16.90 -44.17
N LEU L 88 21.05 -17.82 -43.27
CA LEU L 88 21.70 -19.12 -43.21
C LEU L 88 21.59 -19.85 -44.55
N ASP L 89 20.38 -19.96 -45.07
CA ASP L 89 20.15 -20.49 -46.42
C ASP L 89 18.71 -20.11 -46.78
N GLN L 90 18.22 -20.70 -47.86
CA GLN L 90 16.87 -20.43 -48.35
C GLN L 90 16.15 -21.77 -48.49
N LYS L 91 15.46 -22.21 -47.45
CA LYS L 91 14.69 -23.43 -47.64
C LYS L 91 13.20 -23.17 -47.49
N ARG L 92 12.77 -22.78 -46.30
CA ARG L 92 11.40 -22.31 -46.03
C ARG L 92 11.32 -22.02 -44.54
N ILE L 93 10.41 -21.13 -44.16
CA ILE L 93 10.23 -20.75 -42.77
C ILE L 93 8.78 -20.98 -42.38
N TYR L 94 8.55 -21.90 -41.46
CA TYR L 94 7.22 -22.16 -40.93
C TYR L 94 7.01 -21.30 -39.69
N TYR L 95 5.93 -20.55 -39.67
CA TYR L 95 5.57 -19.74 -38.53
C TYR L 95 4.38 -20.38 -37.83
N TRP L 96 4.56 -20.75 -36.57
CA TRP L 96 3.48 -21.27 -35.74
C TRP L 96 3.01 -20.13 -34.86
N LEU L 97 1.78 -19.70 -35.06
CA LEU L 97 1.27 -18.49 -34.42
C LEU L 97 0.28 -18.87 -33.34
N ASN L 98 0.37 -18.19 -32.20
CA ASN L 98 -0.63 -18.25 -31.14
C ASN L 98 -1.02 -16.83 -30.75
N VAL L 99 -0.96 -15.93 -31.72
CA VAL L 99 -1.08 -14.50 -31.49
C VAL L 99 -2.49 -14.12 -31.09
N PRO L 100 -2.68 -13.46 -29.95
CA PRO L 100 -4.02 -12.98 -29.55
C PRO L 100 -4.31 -11.53 -29.94
N GLY L 101 -3.47 -10.90 -30.74
CA GLY L 101 -3.68 -9.52 -31.15
C GLY L 101 -2.35 -8.85 -31.38
N GLY L 102 -2.37 -7.53 -31.46
CA GLY L 102 -1.12 -6.82 -31.58
C GLY L 102 -1.31 -5.47 -32.24
N ASP L 103 -0.17 -4.79 -32.37
CA ASP L 103 -0.12 -3.43 -32.89
C ASP L 103 0.16 -3.48 -34.40
N VAL L 104 -0.21 -2.40 -35.08
CA VAL L 104 -0.36 -2.43 -36.53
C VAL L 104 0.98 -2.25 -37.23
N VAL L 105 1.71 -1.21 -36.85
CA VAL L 105 3.00 -0.95 -37.48
C VAL L 105 4.00 -2.09 -37.27
N PRO L 106 4.18 -2.65 -36.07
CA PRO L 106 5.10 -3.79 -35.94
C PRO L 106 4.67 -5.00 -36.75
N THR L 107 3.37 -5.26 -36.82
CA THR L 107 2.89 -6.39 -37.62
C THR L 107 3.15 -6.18 -39.10
N LEU L 108 2.92 -4.97 -39.61
CA LEU L 108 3.23 -4.71 -41.01
C LEU L 108 4.73 -4.79 -41.27
N ALA L 109 5.55 -4.36 -40.31
CA ALA L 109 6.99 -4.51 -40.47
C ALA L 109 7.37 -5.98 -40.57
N LEU L 110 6.78 -6.83 -39.72
CA LEU L 110 7.05 -8.25 -39.77
C LEU L 110 6.58 -8.86 -41.09
N TYR L 111 5.41 -8.43 -41.57
CA TYR L 111 4.92 -8.89 -42.87
C TYR L 111 5.87 -8.53 -43.99
N ASP L 112 6.34 -7.28 -44.01
CA ASP L 112 7.22 -6.86 -45.10
C ASP L 112 8.56 -7.59 -45.03
N THR L 113 9.04 -7.88 -43.82
CA THR L 113 10.24 -8.69 -43.70
C THR L 113 10.01 -10.11 -44.20
N MET L 114 8.86 -10.69 -43.90
CA MET L 114 8.56 -12.03 -44.43
C MET L 114 8.54 -12.02 -45.95
N GLN L 115 7.98 -10.97 -46.55
CA GLN L 115 7.93 -10.92 -48.00
C GLN L 115 9.28 -10.59 -48.61
N TYR L 116 10.15 -9.92 -47.87
CA TYR L 116 11.43 -9.49 -48.45
C TYR L 116 12.40 -10.66 -48.57
N VAL L 117 12.31 -11.65 -47.68
CA VAL L 117 13.32 -12.70 -47.64
C VAL L 117 13.17 -13.62 -48.85
N ARG L 118 14.29 -14.23 -49.25
CA ARG L 118 14.27 -15.12 -50.41
C ARG L 118 13.46 -16.38 -50.13
N SER L 119 13.66 -16.99 -48.98
CA SER L 119 13.01 -18.25 -48.67
C SER L 119 11.51 -18.07 -48.47
N LYS L 120 10.75 -19.03 -48.94
CA LYS L 120 9.29 -18.98 -48.85
C LYS L 120 8.85 -19.06 -47.40
N THR L 121 7.55 -18.89 -47.17
CA THR L 121 7.01 -18.83 -45.82
C THR L 121 5.68 -19.56 -45.73
N ALA L 122 5.54 -20.39 -44.70
CA ALA L 122 4.28 -21.06 -44.40
C ALA L 122 3.86 -20.71 -42.98
N THR L 123 2.57 -20.48 -42.79
CA THR L 123 2.06 -20.09 -41.48
C THR L 123 1.04 -21.10 -40.99
N VAL L 124 1.30 -21.63 -39.79
CA VAL L 124 0.39 -22.62 -39.15
C VAL L 124 -0.22 -21.89 -37.95
N CYS L 125 -1.44 -22.27 -37.56
CA CYS L 125 -2.11 -21.56 -36.45
C CYS L 125 -2.35 -22.53 -35.29
N TYR L 126 -1.42 -22.58 -34.35
CA TYR L 126 -1.64 -23.42 -33.15
C TYR L 126 -2.34 -22.55 -32.09
N GLY L 127 -3.52 -22.96 -31.63
CA GLY L 127 -4.16 -22.08 -30.64
C GLY L 127 -5.08 -21.07 -31.29
N LEU L 128 -4.59 -19.87 -31.62
CA LEU L 128 -5.49 -18.84 -32.13
C LEU L 128 -4.71 -17.68 -32.73
N CYS L 129 -5.35 -17.01 -33.69
CA CYS L 129 -4.78 -15.90 -34.43
C CYS L 129 -5.83 -14.79 -34.49
N LEU L 130 -5.62 -13.72 -33.72
CA LEU L 130 -6.61 -12.67 -33.58
C LEU L 130 -6.08 -11.36 -34.13
N GLY L 131 -6.90 -10.68 -34.92
CA GLY L 131 -6.57 -9.33 -35.35
C GLY L 131 -5.40 -9.31 -36.30
N MET L 132 -4.30 -8.68 -35.85
CA MET L 132 -3.08 -8.67 -36.66
C MET L 132 -2.42 -10.04 -36.71
N GLY L 133 -2.73 -10.91 -35.75
CA GLY L 133 -2.34 -12.30 -35.89
C GLY L 133 -3.10 -13.00 -36.99
N GLY L 134 -4.39 -12.71 -37.10
CA GLY L 134 -5.17 -13.22 -38.21
C GLY L 134 -4.75 -12.59 -39.52
N PHE L 135 -4.06 -11.46 -39.46
CA PHE L 135 -3.49 -10.89 -40.67
C PHE L 135 -2.16 -11.53 -41.00
N LEU L 136 -1.38 -11.91 -39.98
CA LEU L 136 -0.15 -12.66 -40.25
C LEU L 136 -0.47 -14.04 -40.77
N LEU L 137 -1.58 -14.62 -40.34
CA LEU L 137 -2.00 -15.91 -40.86
C LEU L 137 -2.26 -15.83 -42.35
N THR L 138 -2.58 -14.63 -42.85
CA THR L 138 -2.67 -14.38 -44.28
C THR L 138 -1.48 -13.56 -44.80
N ALA L 139 -0.27 -13.89 -44.34
CA ALA L 139 0.95 -13.18 -44.72
C ALA L 139 2.01 -14.11 -45.32
N GLY L 140 1.92 -15.40 -45.05
CA GLY L 140 2.87 -16.36 -45.58
C GLY L 140 2.25 -17.41 -46.49
N GLY L 141 2.95 -17.71 -47.58
CA GLY L 141 2.61 -18.83 -48.43
C GLY L 141 1.22 -18.83 -49.03
N GLU L 142 0.93 -17.90 -49.92
CA GLU L 142 -0.41 -17.77 -50.48
C GLU L 142 -0.86 -19.08 -51.11
N LYS L 143 0.07 -19.81 -51.70
CA LYS L 143 -0.22 -21.06 -52.41
C LYS L 143 -0.36 -22.19 -51.40
N GLY L 144 -1.48 -22.19 -50.70
CA GLY L 144 -1.90 -23.35 -49.95
C GLY L 144 -0.97 -23.80 -48.84
N TYR L 145 -0.32 -22.85 -48.19
CA TYR L 145 0.52 -23.20 -47.05
C TYR L 145 0.12 -22.45 -45.79
N ARG L 146 -1.16 -22.18 -45.58
CA ARG L 146 -1.65 -21.70 -44.30
C ARG L 146 -2.44 -22.82 -43.67
N PHE L 147 -2.01 -23.31 -42.52
CA PHE L 147 -2.74 -24.35 -41.84
C PHE L 147 -3.33 -23.82 -40.54
N ALA L 148 -4.19 -24.63 -39.93
CA ALA L 148 -4.73 -24.29 -38.62
C ALA L 148 -5.07 -25.59 -37.89
N MET L 149 -4.93 -25.56 -36.57
CA MET L 149 -5.36 -26.68 -35.76
C MET L 149 -6.88 -26.72 -35.71
N PRO L 150 -7.47 -27.89 -35.46
CA PRO L 150 -8.92 -28.03 -35.63
C PRO L 150 -9.76 -27.05 -34.82
N HIS L 151 -9.32 -26.72 -33.60
CA HIS L 151 -10.11 -25.84 -32.72
C HIS L 151 -9.48 -24.44 -32.66
N SER L 152 -8.70 -24.06 -33.68
CA SER L 152 -8.13 -22.72 -33.69
C SER L 152 -9.20 -21.69 -34.00
N ILE L 153 -9.09 -20.53 -33.38
CA ILE L 153 -10.10 -19.49 -33.45
C ILE L 153 -9.49 -18.32 -34.21
N LEU L 154 -10.14 -17.89 -35.28
CA LEU L 154 -9.55 -16.90 -36.16
C LEU L 154 -10.37 -15.63 -36.13
N MET L 155 -9.70 -14.49 -36.11
CA MET L 155 -10.41 -13.22 -36.05
C MET L 155 -9.62 -12.15 -36.76
N MET L 156 -10.34 -11.36 -37.55
CA MET L 156 -9.78 -10.23 -38.26
C MET L 156 -10.63 -9.00 -37.96
N HIS L 157 -9.98 -7.86 -37.77
CA HIS L 157 -10.69 -6.60 -37.63
C HIS L 157 -9.81 -5.49 -38.17
N HIS L 158 -10.46 -4.40 -38.55
CA HIS L 158 -9.71 -3.27 -39.10
C HIS L 158 -8.77 -2.71 -38.06
N PRO L 159 -7.56 -2.35 -38.45
CA PRO L 159 -6.54 -1.96 -37.48
C PRO L 159 -6.97 -0.75 -36.66
N SER L 160 -6.65 -0.78 -35.38
CA SER L 160 -6.99 0.30 -34.48
C SER L 160 -5.84 1.30 -34.40
N GLY L 161 -6.03 2.34 -33.60
CA GLY L 161 -5.06 3.39 -33.45
C GLY L 161 -5.65 4.56 -32.70
N ALA L 162 -4.82 5.43 -32.13
CA ALA L 162 -5.35 6.55 -31.36
C ALA L 162 -4.27 7.62 -31.26
N SER L 163 -4.65 8.87 -31.53
CA SER L 163 -3.69 9.96 -31.54
C SER L 163 -4.44 11.28 -31.57
N ARG L 164 -3.88 12.26 -30.86
CA ARG L 164 -4.53 13.55 -30.71
C ARG L 164 -3.45 14.64 -30.81
N GLY L 165 -3.90 15.88 -30.81
CA GLY L 165 -3.01 17.03 -30.88
C GLY L 165 -3.77 18.25 -31.38
N GLN L 166 -3.12 18.99 -32.28
CA GLN L 166 -3.76 20.09 -32.99
C GLN L 166 -4.92 19.56 -33.83
N ALA L 167 -5.60 20.44 -34.56
CA ALA L 167 -6.54 19.96 -35.57
C ALA L 167 -5.81 19.33 -36.75
N SER L 168 -4.79 20.02 -37.28
CA SER L 168 -4.10 19.54 -38.46
C SER L 168 -3.33 18.26 -38.18
N GLU L 169 -2.82 18.12 -36.95
CA GLU L 169 -2.17 16.87 -36.56
C GLU L 169 -3.14 15.71 -36.65
N MET L 170 -4.38 15.92 -36.19
CA MET L 170 -5.37 14.87 -36.29
C MET L 170 -5.71 14.57 -37.74
N HIS L 171 -5.73 15.60 -38.59
CA HIS L 171 -5.89 15.32 -40.02
C HIS L 171 -4.79 14.40 -40.54
N ILE L 172 -3.54 14.71 -40.23
CA ILE L 172 -2.45 13.91 -40.76
C ILE L 172 -2.53 12.47 -40.24
N GLU L 173 -2.78 12.32 -38.94
CA GLU L 173 -2.88 10.98 -38.36
C GLU L 173 -4.07 10.20 -38.90
N SER L 174 -5.22 10.86 -39.05
CA SER L 174 -6.40 10.18 -39.57
C SER L 174 -6.20 9.74 -41.01
N ARG L 175 -5.60 10.60 -41.83
CA ARG L 175 -5.29 10.21 -43.21
C ARG L 175 -4.34 9.03 -43.24
N GLU L 176 -3.32 9.05 -42.38
CA GLU L 176 -2.39 7.91 -42.37
C GLU L 176 -3.08 6.63 -41.94
N LEU L 177 -3.96 6.70 -40.95
CA LEU L 177 -4.64 5.50 -40.49
C LEU L 177 -5.61 4.96 -41.53
N VAL L 178 -6.22 5.85 -42.30
CA VAL L 178 -7.08 5.38 -43.38
C VAL L 178 -6.26 4.73 -44.47
N ARG L 179 -5.09 5.30 -44.77
CA ARG L 179 -4.14 4.62 -45.65
C ARG L 179 -3.79 3.24 -45.13
N MET L 180 -3.63 3.10 -43.81
CA MET L 180 -3.27 1.81 -43.23
C MET L 180 -4.40 0.81 -43.35
N ARG L 181 -5.63 1.22 -43.02
CA ARG L 181 -6.79 0.36 -43.23
C ARG L 181 -6.84 -0.13 -44.67
N ASP L 182 -6.66 0.79 -45.62
CA ASP L 182 -6.78 0.41 -47.03
C ASP L 182 -5.67 -0.55 -47.44
N TYR L 183 -4.45 -0.33 -46.94
CA TYR L 183 -3.36 -1.24 -47.30
C TYR L 183 -3.59 -2.62 -46.73
N LEU L 184 -3.94 -2.71 -45.46
CA LEU L 184 -4.19 -4.01 -44.86
C LEU L 184 -5.41 -4.69 -45.48
N SER L 185 -6.38 -3.91 -45.96
CA SER L 185 -7.53 -4.51 -46.62
C SER L 185 -7.18 -5.01 -48.02
N LEU L 186 -6.34 -4.28 -48.75
CA LEU L 186 -5.83 -4.79 -50.02
C LEU L 186 -5.07 -6.09 -49.81
N LEU L 187 -4.21 -6.14 -48.80
CA LEU L 187 -3.46 -7.35 -48.51
C LEU L 187 -4.39 -8.50 -48.12
N THR L 188 -5.39 -8.23 -47.27
CA THR L 188 -6.33 -9.27 -46.90
C THR L 188 -7.09 -9.79 -48.11
N SER L 189 -7.55 -8.87 -48.97
CA SER L 189 -8.35 -9.27 -50.11
C SER L 189 -7.54 -10.08 -51.11
N ASN L 190 -6.27 -9.72 -51.29
CA ASN L 190 -5.44 -10.43 -52.29
C ASN L 190 -4.92 -11.73 -51.67
N ALA L 191 -4.92 -11.82 -50.34
CA ALA L 191 -4.55 -13.07 -49.70
C ALA L 191 -5.68 -14.07 -49.76
N THR L 192 -6.89 -13.65 -49.41
CA THR L 192 -8.02 -14.56 -49.35
C THR L 192 -8.76 -14.70 -50.67
N GLY L 193 -8.70 -13.70 -51.54
CA GLY L 193 -9.47 -13.76 -52.77
C GLY L 193 -10.86 -13.19 -52.67
N GLN L 194 -11.18 -12.53 -51.56
CA GLN L 194 -12.52 -11.92 -51.38
C GLN L 194 -12.51 -10.54 -52.05
N PRO L 195 -13.64 -9.97 -52.52
CA PRO L 195 -13.62 -8.61 -53.07
C PRO L 195 -13.09 -7.60 -52.07
N TYR L 196 -12.36 -6.58 -52.54
CA TYR L 196 -11.84 -5.52 -51.63
C TYR L 196 -13.02 -4.86 -50.91
N ASP L 197 -14.06 -4.49 -51.65
CA ASP L 197 -15.23 -3.80 -51.05
C ASP L 197 -15.91 -4.71 -50.03
N ARG L 198 -15.96 -6.03 -50.29
CA ARG L 198 -16.53 -6.98 -49.31
C ARG L 198 -15.70 -6.91 -48.02
N VAL L 199 -14.37 -7.05 -48.14
CA VAL L 199 -13.50 -7.01 -46.97
C VAL L 199 -13.72 -5.72 -46.17
N ILE L 200 -13.78 -4.59 -46.85
CA ILE L 200 -14.00 -3.32 -46.15
C ILE L 200 -15.27 -3.39 -45.32
N ARG L 201 -16.35 -3.89 -45.92
CA ARG L 201 -17.60 -3.92 -45.17
C ARG L 201 -17.56 -4.96 -44.05
N GLU L 202 -16.87 -6.07 -44.27
CA GLU L 202 -16.88 -7.16 -43.29
C GLU L 202 -16.07 -6.83 -42.05
N LEU L 203 -14.86 -6.31 -42.24
CA LEU L 203 -13.94 -6.22 -41.12
C LEU L 203 -14.12 -4.97 -40.27
N SER L 204 -15.10 -4.12 -40.58
CA SER L 204 -15.29 -2.91 -39.80
C SER L 204 -15.53 -3.24 -38.34
N ARG L 205 -16.30 -4.30 -38.08
CA ARG L 205 -16.41 -4.90 -36.77
C ARG L 205 -15.49 -6.11 -36.68
N ASN L 206 -15.53 -6.77 -35.52
CA ASN L 206 -14.78 -8.00 -35.33
C ASN L 206 -15.32 -9.08 -36.25
N LYS L 207 -14.43 -9.93 -36.77
CA LYS L 207 -14.88 -11.06 -37.57
C LYS L 207 -14.24 -12.34 -37.05
N TRP L 208 -15.11 -13.27 -36.62
CA TRP L 208 -14.63 -14.54 -36.01
C TRP L 208 -14.95 -15.72 -36.93
N MET L 209 -14.08 -16.74 -36.95
CA MET L 209 -14.14 -17.85 -37.88
C MET L 209 -13.61 -19.12 -37.22
N ASP L 210 -14.35 -20.19 -37.39
CA ASP L 210 -13.90 -21.55 -37.18
C ASP L 210 -13.09 -21.99 -38.39
N PRO L 211 -12.20 -22.97 -38.25
CA PRO L 211 -11.39 -23.36 -39.42
C PRO L 211 -12.19 -23.75 -40.63
N LYS L 212 -13.41 -24.29 -40.47
CA LYS L 212 -14.22 -24.57 -41.64
C LYS L 212 -14.69 -23.27 -42.31
N GLN L 213 -15.09 -22.29 -41.49
CA GLN L 213 -15.43 -20.98 -42.04
C GLN L 213 -14.21 -20.31 -42.66
N ALA L 214 -13.02 -20.58 -42.12
CA ALA L 214 -11.82 -19.96 -42.66
C ALA L 214 -11.41 -20.58 -43.99
N ILE L 215 -11.55 -21.89 -44.13
CA ILE L 215 -11.36 -22.49 -45.46
C ILE L 215 -12.38 -21.95 -46.45
N GLU L 216 -13.66 -21.92 -46.04
CA GLU L 216 -14.70 -21.47 -46.95
C GLU L 216 -14.52 -20.01 -47.31
N TYR L 217 -13.96 -19.22 -46.41
CA TYR L 217 -13.75 -17.79 -46.63
C TYR L 217 -12.44 -17.50 -47.35
N GLY L 218 -11.55 -18.49 -47.44
CA GLY L 218 -10.26 -18.30 -48.08
C GLY L 218 -9.16 -17.84 -47.17
N MET L 219 -9.43 -17.69 -45.87
CA MET L 219 -8.41 -17.21 -44.94
C MET L 219 -7.25 -18.18 -44.84
N ILE L 220 -7.54 -19.47 -44.74
CA ILE L 220 -6.52 -20.51 -44.66
C ILE L 220 -6.73 -21.48 -45.79
N ASP L 221 -5.90 -22.52 -45.81
CA ASP L 221 -5.89 -23.46 -46.92
C ASP L 221 -6.10 -24.91 -46.50
N LYS L 222 -5.59 -25.31 -45.35
CA LYS L 222 -5.73 -26.68 -44.88
C LYS L 222 -5.88 -26.66 -43.37
N VAL L 223 -6.53 -27.68 -42.82
CA VAL L 223 -6.65 -27.87 -41.39
C VAL L 223 -5.81 -29.07 -41.00
N LEU L 224 -4.91 -28.90 -40.04
CA LEU L 224 -4.10 -30.01 -39.56
C LEU L 224 -4.98 -31.02 -38.84
N THR L 225 -4.67 -32.29 -39.06
CA THR L 225 -5.28 -33.39 -38.32
C THR L 225 -4.16 -34.32 -37.89
N THR L 226 -4.53 -35.51 -37.41
CA THR L 226 -3.61 -36.45 -36.80
C THR L 226 -2.41 -36.75 -37.70
N PRO L 227 -2.58 -36.91 -39.04
CA PRO L 227 -1.40 -37.01 -39.91
C PRO L 227 -0.38 -35.87 -39.76
N LYS M 31 7.94 -41.98 -25.12
CA LYS M 31 7.29 -42.76 -26.16
C LYS M 31 5.79 -42.52 -26.09
N LYS M 32 5.30 -42.23 -24.88
CA LYS M 32 3.98 -41.64 -24.69
C LYS M 32 4.12 -40.47 -23.75
N VAL M 33 3.61 -39.32 -24.17
CA VAL M 33 3.63 -38.15 -23.32
C VAL M 33 2.82 -38.42 -22.06
N PHE M 34 3.47 -38.26 -20.91
CA PHE M 34 2.89 -38.55 -19.61
C PHE M 34 2.68 -37.22 -18.91
N MET M 35 1.45 -36.75 -18.92
CA MET M 35 1.09 -35.41 -18.49
C MET M 35 0.55 -35.44 -17.08
N ILE M 36 1.32 -34.90 -16.13
CA ILE M 36 0.88 -34.74 -14.76
C ILE M 36 0.16 -33.41 -14.65
N ILE M 37 -1.04 -33.43 -14.11
CA ILE M 37 -1.93 -32.28 -14.13
C ILE M 37 -2.26 -31.87 -12.71
N ASN M 38 -2.00 -30.61 -12.37
CA ASN M 38 -2.46 -30.08 -11.10
C ASN M 38 -2.63 -28.56 -11.27
N SER M 39 -3.80 -28.15 -11.72
CA SER M 39 -3.99 -26.77 -12.12
C SER M 39 -5.33 -26.28 -11.59
N PHE M 40 -5.27 -25.39 -10.62
CA PHE M 40 -6.46 -24.83 -9.97
C PHE M 40 -7.29 -23.97 -10.90
N GLY M 41 -6.77 -23.59 -12.06
CA GLY M 41 -7.53 -22.73 -12.93
C GLY M 41 -6.83 -22.54 -14.26
N GLY M 42 -7.26 -21.51 -14.96
CA GLY M 42 -6.73 -21.17 -16.26
C GLY M 42 -7.87 -20.82 -17.21
N SER M 43 -7.53 -20.08 -18.25
CA SER M 43 -8.52 -19.73 -19.26
C SER M 43 -8.89 -20.98 -20.06
N VAL M 44 -10.18 -21.12 -20.35
CA VAL M 44 -10.67 -22.34 -21.01
C VAL M 44 -10.10 -22.48 -22.40
N GLY M 45 -9.90 -21.36 -23.11
CA GLY M 45 -9.32 -21.45 -24.44
C GLY M 45 -7.94 -22.08 -24.43
N ASN M 46 -7.15 -21.80 -23.40
CA ASN M 46 -5.87 -22.46 -23.28
C ASN M 46 -6.04 -23.96 -23.03
N GLY M 47 -7.10 -24.33 -22.32
CA GLY M 47 -7.39 -25.74 -22.17
C GLY M 47 -7.69 -26.41 -23.50
N ILE M 48 -8.45 -25.72 -24.34
CA ILE M 48 -8.72 -26.25 -25.68
C ILE M 48 -7.43 -26.38 -26.47
N THR M 49 -6.57 -25.37 -26.40
CA THR M 49 -5.32 -25.39 -27.16
C THR M 49 -4.43 -26.55 -26.72
N VAL M 50 -4.34 -26.79 -25.41
CA VAL M 50 -3.56 -27.94 -24.92
C VAL M 50 -4.22 -29.25 -25.32
N HIS M 51 -5.55 -29.30 -25.35
CA HIS M 51 -6.23 -30.51 -25.79
C HIS M 51 -5.88 -30.83 -27.23
N ASP M 52 -5.88 -29.80 -28.08
CA ASP M 52 -5.53 -29.99 -29.51
C ASP M 52 -4.07 -30.45 -29.62
N ALA M 53 -3.16 -29.81 -28.86
CA ALA M 53 -1.76 -30.22 -28.91
C ALA M 53 -1.61 -31.66 -28.49
N LEU M 54 -2.35 -32.08 -27.47
CA LEU M 54 -2.31 -33.48 -27.04
C LEU M 54 -2.73 -34.40 -28.17
N GLN M 55 -3.89 -34.12 -28.77
CA GLN M 55 -4.37 -35.00 -29.84
C GLN M 55 -3.47 -34.98 -31.07
N PHE M 56 -2.62 -33.97 -31.21
CA PHE M 56 -1.83 -33.83 -32.42
C PHE M 56 -0.81 -34.97 -32.57
N ILE M 57 -0.17 -35.39 -31.48
CA ILE M 57 0.83 -36.45 -31.55
C ILE M 57 0.12 -37.79 -31.60
N LYS M 58 0.72 -38.77 -32.28
CA LYS M 58 -0.03 -39.99 -32.59
C LYS M 58 0.13 -41.08 -31.53
N ALA M 59 1.34 -41.30 -31.03
CA ALA M 59 1.49 -42.19 -29.89
C ALA M 59 0.69 -41.64 -28.71
N GLY M 60 -0.03 -42.53 -28.04
CA GLY M 60 -0.99 -42.12 -27.04
C GLY M 60 -0.44 -41.23 -25.95
N SER M 61 -1.33 -40.57 -25.21
CA SER M 61 -0.94 -39.72 -24.11
C SER M 61 -1.59 -40.23 -22.83
N LEU M 62 -0.78 -40.35 -21.78
CA LEU M 62 -1.26 -40.68 -20.44
C LEU M 62 -1.44 -39.38 -19.69
N THR M 63 -2.54 -39.22 -18.96
CA THR M 63 -2.76 -37.99 -18.21
C THR M 63 -3.14 -38.34 -16.78
N LEU M 64 -2.26 -38.00 -15.84
CA LEU M 64 -2.44 -38.30 -14.43
C LEU M 64 -2.71 -37.00 -13.68
N ALA M 65 -3.89 -36.87 -13.10
CA ALA M 65 -4.25 -35.66 -12.38
C ALA M 65 -3.96 -35.84 -10.89
N LEU M 66 -3.39 -34.81 -10.28
CA LEU M 66 -3.09 -34.79 -8.86
C LEU M 66 -3.78 -33.59 -8.22
N GLY M 67 -4.43 -33.81 -7.09
CA GLY M 67 -4.89 -32.67 -6.33
C GLY M 67 -6.09 -31.95 -6.91
N VAL M 68 -5.92 -31.27 -8.05
CA VAL M 68 -7.03 -30.60 -8.71
C VAL M 68 -6.75 -30.55 -10.20
N ALA M 69 -7.81 -30.57 -10.99
CA ALA M 69 -7.75 -30.32 -12.41
C ALA M 69 -8.93 -29.43 -12.74
N ALA M 70 -8.71 -28.12 -12.82
CA ALA M 70 -9.78 -27.18 -13.11
C ALA M 70 -10.06 -27.18 -14.60
N SER M 71 -10.84 -26.19 -15.04
CA SER M 71 -11.41 -26.24 -16.39
C SER M 71 -10.33 -26.33 -17.47
N ALA M 72 -9.38 -25.40 -17.47
CA ALA M 72 -8.36 -25.40 -18.50
C ALA M 72 -7.49 -26.66 -18.41
N ALA M 73 -7.46 -27.28 -17.25
CA ALA M 73 -6.75 -28.55 -17.10
C ALA M 73 -7.68 -29.74 -17.10
N SER M 74 -8.97 -29.54 -16.84
CA SER M 74 -9.93 -30.62 -17.04
C SER M 74 -10.03 -30.99 -18.50
N LEU M 75 -9.94 -30.00 -19.39
CA LEU M 75 -9.88 -30.28 -20.82
C LEU M 75 -8.63 -31.09 -21.16
N ALA M 76 -7.50 -30.72 -20.58
CA ALA M 76 -6.27 -31.47 -20.80
C ALA M 76 -6.39 -32.91 -20.29
N LEU M 77 -7.01 -33.09 -19.13
CA LEU M 77 -7.20 -34.43 -18.58
C LEU M 77 -8.11 -35.27 -19.47
N ALA M 78 -9.19 -34.68 -19.95
CA ALA M 78 -10.04 -35.37 -20.90
C ALA M 78 -9.37 -35.58 -22.25
N GLY M 79 -8.23 -34.92 -22.49
CA GLY M 79 -7.55 -35.06 -23.76
C GLY M 79 -6.61 -36.22 -23.88
N GLY M 80 -6.38 -36.98 -22.82
CA GLY M 80 -5.48 -38.11 -22.88
C GLY M 80 -6.09 -39.28 -23.61
N THR M 81 -5.33 -40.37 -23.68
CA THR M 81 -5.79 -41.56 -24.39
C THR M 81 -6.87 -42.27 -23.60
N ILE M 82 -8.03 -42.47 -24.23
CA ILE M 82 -9.10 -43.19 -23.56
C ILE M 82 -8.61 -44.59 -23.23
N GLY M 83 -8.66 -44.94 -21.95
CA GLY M 83 -8.00 -46.12 -21.44
C GLY M 83 -6.76 -45.83 -20.63
N GLU M 84 -6.18 -44.64 -20.78
CA GLU M 84 -4.96 -44.25 -20.10
C GLU M 84 -5.07 -42.86 -19.52
N ARG M 85 -6.16 -42.57 -18.82
CA ARG M 85 -6.31 -41.32 -18.09
C ARG M 85 -6.59 -41.64 -16.64
N TYR M 86 -5.72 -41.19 -15.74
CA TYR M 86 -5.78 -41.58 -14.34
C TYR M 86 -5.96 -40.36 -13.45
N VAL M 87 -6.70 -40.55 -12.37
CA VAL M 87 -6.94 -39.52 -11.37
C VAL M 87 -6.64 -40.10 -10.00
N THR M 88 -6.28 -39.24 -9.05
CA THR M 88 -5.87 -39.73 -7.75
C THR M 88 -7.02 -39.56 -6.75
N GLU M 89 -7.03 -40.41 -5.71
CA GLU M 89 -8.17 -40.45 -4.79
C GLU M 89 -8.50 -39.07 -4.24
N GLY M 90 -7.50 -38.25 -4.01
CA GLY M 90 -7.71 -36.93 -3.50
C GLY M 90 -8.10 -35.88 -4.51
N CYS M 91 -7.95 -36.17 -5.80
CA CYS M 91 -8.11 -35.14 -6.82
C CYS M 91 -9.58 -34.81 -7.04
N HIS M 92 -9.85 -33.53 -7.32
CA HIS M 92 -11.17 -33.02 -7.62
C HIS M 92 -11.13 -32.35 -8.98
N THR M 93 -12.18 -32.55 -9.76
CA THR M 93 -12.23 -32.00 -11.11
C THR M 93 -13.23 -30.86 -11.16
N MET M 94 -12.79 -29.72 -11.69
CA MET M 94 -13.64 -28.58 -11.93
C MET M 94 -14.08 -28.58 -13.39
N ILE M 95 -15.33 -28.27 -13.63
CA ILE M 95 -15.87 -28.07 -14.97
C ILE M 95 -16.74 -26.83 -14.95
N HIS M 96 -16.49 -25.90 -15.86
CA HIS M 96 -17.34 -24.73 -15.95
C HIS M 96 -17.25 -24.12 -17.33
N GLN M 97 -18.21 -23.25 -17.63
CA GLN M 97 -18.26 -22.53 -18.88
C GLN M 97 -17.18 -21.45 -18.91
N PRO M 98 -16.79 -20.99 -20.10
CA PRO M 98 -15.75 -19.97 -20.18
C PRO M 98 -16.23 -18.65 -19.60
N GLU M 99 -15.26 -17.76 -19.39
CA GLU M 99 -15.50 -16.46 -18.79
C GLU M 99 -15.15 -15.41 -19.83
N GLY M 100 -15.58 -14.18 -19.60
CA GLY M 100 -15.12 -13.12 -20.47
C GLY M 100 -15.60 -11.77 -20.04
N GLY M 101 -14.79 -10.77 -20.37
CA GLY M 101 -15.16 -9.37 -20.25
C GLY M 101 -15.25 -8.75 -21.63
N LEU M 102 -16.27 -7.92 -21.83
CA LEU M 102 -16.53 -7.27 -23.10
C LEU M 102 -16.66 -5.78 -22.86
N ASN M 103 -16.40 -5.00 -23.90
CA ASN M 103 -16.48 -3.54 -23.78
C ASN M 103 -16.54 -2.95 -25.17
N GLY M 104 -17.47 -2.04 -25.40
CA GLY M 104 -17.63 -1.43 -26.70
C GLY M 104 -19.09 -1.09 -26.94
N GLN M 105 -19.38 -0.81 -28.21
CA GLN M 105 -20.74 -0.46 -28.61
C GLN M 105 -21.65 -1.66 -28.45
N ALA M 106 -22.95 -1.44 -28.68
CA ALA M 106 -23.92 -2.51 -28.54
C ALA M 106 -23.64 -3.65 -29.51
N SER M 107 -23.28 -3.32 -30.75
CA SER M 107 -23.03 -4.36 -31.75
C SER M 107 -21.73 -5.10 -31.49
N ASP M 108 -20.71 -4.40 -30.97
CA ASP M 108 -19.51 -5.10 -30.52
C ASP M 108 -19.84 -6.09 -29.42
N ILE M 109 -20.68 -5.69 -28.46
CA ILE M 109 -21.08 -6.60 -27.40
C ILE M 109 -21.81 -7.80 -27.97
N TRP M 110 -22.69 -7.57 -28.95
CA TRP M 110 -23.40 -8.71 -29.55
C TRP M 110 -22.43 -9.68 -30.21
N ILE M 111 -21.48 -9.16 -30.98
CA ILE M 111 -20.53 -10.03 -31.67
C ILE M 111 -19.71 -10.84 -30.68
N ASP M 112 -19.23 -10.14 -29.65
CA ASP M 112 -18.35 -10.79 -28.63
C ASP M 112 -19.15 -11.83 -27.85
N SER M 113 -20.43 -11.56 -27.56
CA SER M 113 -21.28 -12.58 -26.91
C SER M 113 -21.36 -13.81 -27.81
N GLN M 114 -21.60 -13.59 -29.10
CA GLN M 114 -21.71 -14.72 -30.07
C GLN M 114 -20.43 -15.56 -30.02
N GLU M 115 -19.24 -14.96 -29.89
CA GLU M 115 -18.04 -15.84 -29.88
C GLU M 115 -17.96 -16.56 -28.54
N ILE M 116 -18.25 -15.91 -27.42
CA ILE M 116 -18.15 -16.68 -26.18
C ILE M 116 -19.10 -17.86 -26.21
N MET M 117 -20.28 -17.69 -26.81
CA MET M 117 -21.18 -18.83 -26.98
C MET M 117 -20.56 -19.91 -27.85
N LYS M 118 -19.86 -19.51 -28.91
CA LYS M 118 -19.17 -20.50 -29.73
C LYS M 118 -18.11 -21.25 -28.93
N ILE M 119 -17.42 -20.54 -28.04
CA ILE M 119 -16.42 -21.21 -27.20
C ILE M 119 -17.09 -22.24 -26.29
N ARG M 120 -18.19 -21.84 -25.65
CA ARG M 120 -18.89 -22.74 -24.74
C ARG M 120 -19.42 -23.97 -25.47
N LEU M 121 -19.95 -23.78 -26.69
CA LEU M 121 -20.41 -24.92 -27.48
C LEU M 121 -19.25 -25.85 -27.83
N ASP M 122 -18.09 -25.30 -28.16
CA ASP M 122 -16.94 -26.14 -28.48
C ASP M 122 -16.49 -26.94 -27.25
N VAL M 123 -16.48 -26.31 -26.08
CA VAL M 123 -16.06 -27.02 -24.88
C VAL M 123 -17.03 -28.14 -24.53
N ALA M 124 -18.33 -27.87 -24.68
CA ALA M 124 -19.30 -28.94 -24.50
C ALA M 124 -19.07 -30.07 -25.49
N GLU M 125 -18.71 -29.74 -26.74
CA GLU M 125 -18.45 -30.80 -27.71
C GLU M 125 -17.26 -31.65 -27.31
N ILE M 126 -16.20 -31.03 -26.81
CA ILE M 126 -15.02 -31.79 -26.37
C ILE M 126 -15.39 -32.71 -25.21
N TYR M 127 -16.15 -32.20 -24.24
CA TYR M 127 -16.58 -33.04 -23.13
C TYR M 127 -17.47 -34.18 -23.62
N SER M 128 -18.31 -33.92 -24.62
CA SER M 128 -19.16 -34.98 -25.16
C SER M 128 -18.32 -36.06 -25.82
N LEU M 129 -17.27 -35.67 -26.53
CA LEU M 129 -16.40 -36.65 -27.15
C LEU M 129 -15.71 -37.51 -26.11
N SER M 130 -15.39 -36.94 -24.95
CA SER M 130 -14.60 -37.71 -23.94
C SER M 130 -15.52 -38.49 -22.99
N THR M 131 -16.72 -37.98 -22.71
CA THR M 131 -17.60 -38.62 -21.70
C THR M 131 -18.69 -39.48 -22.34
N TYR M 132 -18.92 -39.32 -23.65
CA TYR M 132 -20.01 -40.06 -24.33
C TYR M 132 -21.33 -39.81 -23.59
N ARG M 133 -21.62 -38.54 -23.29
CA ARG M 133 -22.87 -38.17 -22.57
C ARG M 133 -23.60 -37.12 -23.41
N PRO M 134 -24.94 -37.04 -23.36
CA PRO M 134 -25.70 -36.02 -24.09
C PRO M 134 -25.03 -34.63 -24.03
N ARG M 135 -24.77 -34.03 -25.19
CA ARG M 135 -24.08 -32.71 -25.21
C ARG M 135 -24.94 -31.65 -24.53
N HIS M 136 -26.26 -31.70 -24.73
CA HIS M 136 -27.11 -30.74 -24.02
C HIS M 136 -27.02 -30.92 -22.51
N LYS M 137 -26.95 -32.16 -22.04
CA LYS M 137 -26.75 -32.39 -20.62
C LYS M 137 -25.43 -31.84 -20.14
N ILE M 138 -24.37 -32.00 -20.94
CA ILE M 138 -23.07 -31.45 -20.56
C ILE M 138 -23.14 -29.94 -20.52
N LEU M 139 -23.87 -29.32 -21.44
CA LEU M 139 -24.06 -27.88 -21.41
C LEU M 139 -24.78 -27.46 -20.16
N ARG M 140 -25.80 -28.21 -19.76
CA ARG M 140 -26.52 -27.90 -18.52
C ARG M 140 -25.59 -27.99 -17.32
N ASP M 141 -24.69 -28.98 -17.31
CA ASP M 141 -23.77 -29.14 -16.18
C ASP M 141 -22.67 -28.08 -16.19
N LEU M 142 -22.32 -27.55 -17.36
CA LEU M 142 -21.31 -26.50 -17.43
C LEU M 142 -21.80 -25.22 -16.77
N ASP M 143 -23.10 -24.94 -16.87
CA ASP M 143 -23.74 -23.67 -16.52
C ASP M 143 -23.09 -22.98 -15.34
N ARG M 144 -22.99 -23.67 -14.21
CA ARG M 144 -22.34 -23.14 -13.04
C ARG M 144 -21.13 -23.99 -12.74
N ASP M 145 -20.34 -23.55 -11.76
CA ASP M 145 -19.13 -24.28 -11.39
C ASP M 145 -19.51 -25.68 -10.93
N PHE M 146 -18.83 -26.68 -11.47
CA PHE M 146 -19.20 -28.08 -11.29
C PHE M 146 -18.02 -28.84 -10.72
N TYR M 147 -18.22 -29.51 -9.60
CA TYR M 147 -17.15 -30.21 -8.91
C TYR M 147 -17.42 -31.70 -8.92
N LEU M 148 -16.37 -32.46 -9.19
CA LEU M 148 -16.46 -33.90 -9.30
C LEU M 148 -15.41 -34.52 -8.40
N THR M 149 -15.80 -35.48 -7.57
CA THR M 149 -14.77 -36.20 -6.85
C THR M 149 -14.06 -37.14 -7.81
N ALA M 150 -13.05 -37.85 -7.30
CA ALA M 150 -12.29 -38.75 -8.16
C ALA M 150 -13.18 -39.80 -8.78
N MET M 151 -14.08 -40.38 -7.99
CA MET M 151 -14.97 -41.39 -8.54
C MET M 151 -15.99 -40.78 -9.49
N GLU M 152 -16.47 -39.57 -9.18
CA GLU M 152 -17.36 -38.92 -10.13
C GLU M 152 -16.64 -38.47 -11.38
N THR M 153 -15.34 -38.17 -11.29
CA THR M 153 -14.56 -37.93 -12.48
C THR M 153 -14.47 -39.19 -13.33
N ILE M 154 -14.29 -40.35 -12.69
CA ILE M 154 -14.26 -41.61 -13.43
C ILE M 154 -15.60 -41.86 -14.09
N TYR M 155 -16.69 -41.69 -13.33
CA TYR M 155 -18.01 -42.01 -13.84
C TYR M 155 -18.43 -41.06 -14.96
N TYR M 156 -18.19 -39.77 -14.78
CA TYR M 156 -18.50 -38.79 -15.81
C TYR M 156 -17.80 -39.14 -17.12
N GLY M 157 -16.55 -39.57 -17.03
CA GLY M 157 -15.80 -39.99 -18.20
C GLY M 157 -14.52 -39.20 -18.43
N LEU M 158 -14.23 -38.18 -17.63
CA LEU M 158 -13.01 -37.42 -17.81
C LEU M 158 -11.77 -38.23 -17.48
N ALA M 159 -11.87 -39.21 -16.59
CA ALA M 159 -10.75 -40.05 -16.24
C ALA M 159 -11.20 -41.50 -16.32
N ASP M 160 -10.23 -42.39 -16.37
CA ASP M 160 -10.53 -43.81 -16.55
C ASP M 160 -10.27 -44.63 -15.31
N GLU M 161 -9.19 -44.38 -14.58
CA GLU M 161 -8.84 -45.21 -13.45
C GLU M 161 -8.38 -44.36 -12.28
N ILE M 162 -8.25 -45.00 -11.12
CA ILE M 162 -7.79 -44.37 -9.89
C ILE M 162 -6.38 -44.85 -9.61
N ALA M 163 -5.53 -43.93 -9.19
CA ALA M 163 -4.17 -44.27 -8.84
C ALA M 163 -4.13 -45.22 -7.64
N ASP N 11 36.25 -42.06 -11.28
CA ASP N 11 35.71 -41.03 -10.39
C ASP N 11 35.73 -39.66 -11.05
N ARG N 12 36.66 -39.45 -11.98
CA ARG N 12 36.65 -38.20 -12.73
C ARG N 12 35.42 -38.07 -13.60
N ARG N 13 34.87 -39.20 -14.07
CA ARG N 13 33.82 -39.16 -15.08
C ARG N 13 32.57 -38.45 -14.57
N LYS N 14 32.19 -38.69 -13.32
CA LYS N 14 31.13 -37.90 -12.71
C LYS N 14 31.77 -36.77 -11.94
N PRO N 15 31.66 -35.52 -12.39
CA PRO N 15 32.33 -34.42 -11.70
C PRO N 15 31.66 -34.15 -10.37
N PRO N 16 32.32 -33.39 -9.48
CA PRO N 16 31.66 -33.00 -8.25
C PRO N 16 30.43 -32.16 -8.56
N PRO N 17 29.38 -32.30 -7.76
CA PRO N 17 28.11 -31.62 -8.06
C PRO N 17 28.27 -30.12 -8.12
N PRO N 18 27.59 -29.46 -9.05
CA PRO N 18 27.81 -28.03 -9.26
C PRO N 18 27.47 -27.16 -8.07
N ASP N 19 26.49 -27.52 -7.26
CA ASP N 19 26.05 -26.66 -6.18
C ASP N 19 25.50 -27.53 -5.04
N LEU N 20 24.72 -26.93 -4.16
CA LEU N 20 24.22 -27.65 -2.99
C LEU N 20 22.94 -28.44 -3.25
N PRO N 21 21.92 -27.90 -3.92
CA PRO N 21 20.76 -28.75 -4.20
C PRO N 21 21.10 -30.02 -4.97
N SER N 22 22.02 -29.93 -5.94
CA SER N 22 22.45 -31.14 -6.63
C SER N 22 23.20 -32.04 -5.67
N LEU N 23 24.01 -31.47 -4.79
CA LEU N 23 24.77 -32.25 -3.83
C LEU N 23 23.87 -33.04 -2.90
N LEU N 24 22.79 -32.42 -2.42
CA LEU N 24 21.87 -33.13 -1.54
C LEU N 24 21.03 -34.13 -2.31
N PHE N 25 20.37 -33.68 -3.39
CA PHE N 25 19.50 -34.54 -4.17
C PHE N 25 20.25 -35.74 -4.73
N ASP N 26 21.56 -35.64 -4.87
CA ASP N 26 22.36 -36.78 -5.29
C ASP N 26 22.35 -37.89 -4.26
N GLN N 27 22.05 -37.58 -3.00
CA GLN N 27 21.97 -38.56 -1.92
C GLN N 27 20.51 -38.83 -1.54
N ARG N 28 19.59 -38.62 -2.47
CA ARG N 28 18.18 -38.92 -2.28
C ARG N 28 17.60 -38.14 -1.10
N ILE N 29 17.95 -36.87 -1.00
CA ILE N 29 17.41 -35.99 0.03
C ILE N 29 16.56 -34.96 -0.66
N VAL N 30 15.23 -35.10 -0.57
CA VAL N 30 14.32 -34.10 -1.10
C VAL N 30 14.11 -33.06 -0.02
N TYR N 31 14.57 -31.84 -0.25
CA TYR N 31 14.52 -30.79 0.76
C TYR N 31 13.32 -29.92 0.46
N LEU N 32 12.28 -30.01 1.28
CA LEU N 32 11.11 -29.16 1.17
C LEU N 32 11.26 -28.05 2.21
N GLY N 33 11.57 -26.85 1.74
CA GLY N 33 11.88 -25.80 2.69
C GLY N 33 11.24 -24.48 2.40
N MET N 34 10.24 -24.47 1.53
CA MET N 34 9.64 -23.24 1.03
C MET N 34 8.13 -23.34 1.15
N PRO N 35 7.43 -22.21 1.26
CA PRO N 35 5.96 -22.29 1.28
C PRO N 35 5.46 -23.00 0.03
N LEU N 36 4.48 -23.87 0.24
CA LEU N 36 4.16 -24.88 -0.74
C LEU N 36 3.42 -24.27 -1.92
N VAL N 37 4.17 -23.51 -2.75
CA VAL N 37 3.66 -22.81 -3.93
C VAL N 37 3.66 -23.74 -5.13
N PRO N 38 2.98 -23.41 -6.23
CA PRO N 38 2.95 -24.32 -7.38
C PRO N 38 4.31 -24.67 -7.95
N ALA N 39 5.27 -23.75 -7.94
CA ALA N 39 6.61 -24.09 -8.38
C ALA N 39 7.27 -25.10 -7.45
N VAL N 40 7.13 -24.91 -6.13
CA VAL N 40 7.69 -25.85 -5.18
C VAL N 40 7.04 -27.21 -5.30
N THR N 41 5.72 -27.23 -5.47
CA THR N 41 5.02 -28.50 -5.63
C THR N 41 5.45 -29.21 -6.90
N GLU N 42 5.60 -28.49 -8.01
CA GLU N 42 6.07 -29.11 -9.24
C GLU N 42 7.46 -29.68 -9.07
N LEU N 43 8.36 -28.91 -8.44
CA LEU N 43 9.71 -29.41 -8.22
C LEU N 43 9.70 -30.64 -7.34
N MET N 44 8.89 -30.64 -6.28
CA MET N 44 8.83 -31.80 -5.40
C MET N 44 8.34 -33.03 -6.15
N VAL N 45 7.31 -32.87 -6.97
CA VAL N 45 6.77 -33.99 -7.72
C VAL N 45 7.82 -34.53 -8.70
N ALA N 46 8.50 -33.63 -9.41
CA ALA N 46 9.52 -34.07 -10.35
C ALA N 46 10.64 -34.82 -9.64
N GLU N 47 11.09 -34.32 -8.49
CA GLU N 47 12.17 -34.99 -7.78
C GLU N 47 11.74 -36.34 -7.23
N LEU N 48 10.53 -36.43 -6.67
CA LEU N 48 10.08 -37.72 -6.15
C LEU N 48 9.91 -38.74 -7.27
N LEU N 49 9.34 -38.34 -8.41
CA LEU N 49 9.21 -39.27 -9.52
C LEU N 49 10.58 -39.69 -10.03
N TYR N 50 11.53 -38.76 -10.10
CA TYR N 50 12.86 -39.14 -10.57
C TYR N 50 13.55 -40.07 -9.59
N LEU N 51 13.33 -39.89 -8.29
CA LEU N 51 13.99 -40.74 -7.31
C LEU N 51 13.34 -42.11 -7.23
N GLU N 52 12.05 -42.22 -7.56
CA GLU N 52 11.50 -43.55 -7.80
C GLU N 52 12.12 -44.18 -9.05
N LYS N 53 12.35 -43.37 -10.09
CA LYS N 53 12.89 -43.91 -11.32
C LYS N 53 14.26 -44.54 -11.10
N GLN N 54 15.12 -43.89 -10.32
CA GLN N 54 16.45 -44.43 -10.07
C GLN N 54 16.42 -45.67 -9.18
N GLY N 55 15.27 -45.99 -8.60
CA GLY N 55 15.12 -47.23 -7.85
C GLY N 55 13.97 -47.10 -6.88
N ALA N 56 13.09 -48.10 -6.83
CA ALA N 56 11.93 -48.05 -5.97
C ALA N 56 12.06 -48.93 -4.76
N THR N 57 13.29 -49.15 -4.31
CA THR N 57 13.57 -49.76 -3.02
C THR N 57 14.46 -48.89 -2.15
N LEU N 58 15.30 -48.07 -2.76
CA LEU N 58 16.14 -47.14 -2.02
C LEU N 58 15.27 -46.10 -1.32
N PRO N 59 15.67 -45.65 -0.14
CA PRO N 59 14.84 -44.73 0.63
C PRO N 59 15.08 -43.28 0.24
N ILE N 60 14.18 -42.41 0.71
CA ILE N 60 14.19 -40.99 0.41
C ILE N 60 14.05 -40.22 1.70
N GLU N 61 14.99 -39.34 1.99
CA GLU N 61 15.00 -38.57 3.23
C GLU N 61 14.50 -37.16 2.95
N MET N 62 13.26 -36.89 3.31
CA MET N 62 12.61 -35.61 3.00
C MET N 62 12.70 -34.68 4.21
N LEU N 63 13.32 -33.52 4.03
CA LEU N 63 13.49 -32.55 5.10
C LEU N 63 12.45 -31.44 4.96
N ILE N 64 11.70 -31.20 6.03
CA ILE N 64 10.51 -30.36 5.96
C ILE N 64 10.70 -29.18 6.89
N ASN N 65 11.01 -28.04 6.33
CA ASN N 65 11.10 -26.78 7.08
C ASN N 65 10.26 -25.79 6.30
N SER N 66 8.96 -25.86 6.45
CA SER N 66 8.04 -25.24 5.51
C SER N 66 6.82 -24.75 6.26
N SER N 67 6.18 -23.72 5.73
CA SER N 67 4.99 -23.15 6.36
C SER N 67 3.74 -23.40 5.55
N GLY N 68 3.62 -24.58 4.94
CA GLY N 68 2.35 -24.95 4.36
C GLY N 68 2.00 -24.07 3.18
N THR N 69 0.71 -23.99 2.91
CA THR N 69 0.23 -23.24 1.77
C THR N 69 0.02 -21.77 2.05
N THR N 70 0.22 -21.31 3.29
CA THR N 70 0.03 -19.91 3.64
C THR N 70 1.18 -19.45 4.53
N ARG N 71 1.58 -18.20 4.38
CA ARG N 71 2.56 -17.63 5.29
C ARG N 71 2.08 -17.76 6.72
N GLN N 72 3.03 -17.79 7.66
CA GLN N 72 2.65 -17.79 9.07
C GLN N 72 1.90 -16.53 9.45
N ASP N 73 2.08 -15.45 8.69
CA ASP N 73 1.28 -14.24 8.88
C ASP N 73 -0.20 -14.51 8.66
N GLY N 74 -0.54 -15.54 7.89
CA GLY N 74 -1.91 -15.82 7.52
C GLY N 74 -2.23 -15.44 6.09
N GLU N 75 -1.28 -14.87 5.36
CA GLU N 75 -1.52 -14.44 3.99
C GLU N 75 -1.53 -15.68 3.08
N ILE N 76 -2.71 -16.02 2.56
CA ILE N 76 -2.84 -17.16 1.67
C ILE N 76 -1.91 -16.99 0.49
N LEU N 77 -1.14 -18.03 0.19
CA LEU N 77 -0.23 -17.92 -0.94
C LEU N 77 -0.27 -19.06 -1.94
N SER N 78 -0.81 -20.24 -1.63
CA SER N 78 -1.10 -21.06 -2.80
C SER N 78 -2.55 -21.43 -2.95
N PHE N 79 -2.95 -22.50 -2.26
CA PHE N 79 -4.27 -23.13 -2.33
C PHE N 79 -4.23 -24.42 -1.53
N ASP N 80 -5.40 -25.04 -1.33
CA ASP N 80 -5.47 -26.27 -0.51
C ASP N 80 -5.21 -27.50 -1.39
N SER N 81 -4.85 -27.31 -2.65
CA SER N 81 -4.68 -28.44 -3.56
C SER N 81 -3.23 -28.70 -3.93
N GLU N 82 -2.32 -27.76 -3.67
CA GLU N 82 -0.91 -28.05 -3.84
C GLU N 82 -0.46 -29.10 -2.85
N GLY N 83 -0.95 -29.02 -1.62
CA GLY N 83 -0.66 -30.05 -0.65
C GLY N 83 -1.27 -31.39 -1.03
N VAL N 84 -2.47 -31.37 -1.62
CA VAL N 84 -3.07 -32.62 -2.06
C VAL N 84 -2.21 -33.26 -3.14
N ALA N 85 -1.68 -32.46 -4.05
CA ALA N 85 -0.78 -32.97 -5.06
C ALA N 85 0.45 -33.60 -4.43
N LEU N 86 1.11 -32.89 -3.53
CA LEU N 86 2.32 -33.42 -2.93
C LEU N 86 2.07 -34.68 -2.13
N THR N 87 0.97 -34.71 -1.37
CA THR N 87 0.70 -35.86 -0.52
C THR N 87 0.24 -37.07 -1.33
N SER N 88 -0.60 -36.85 -2.35
CA SER N 88 -0.96 -37.94 -3.25
C SER N 88 0.24 -38.43 -4.03
N THR N 89 1.20 -37.55 -4.32
CA THR N 89 2.46 -37.98 -4.91
C THR N 89 3.20 -38.93 -3.96
N MET N 90 3.40 -38.50 -2.72
CA MET N 90 4.05 -39.36 -1.73
C MET N 90 3.32 -40.68 -1.57
N GLY N 91 2.01 -40.70 -1.76
CA GLY N 91 1.29 -41.96 -1.82
C GLY N 91 1.60 -42.75 -3.06
N PHE N 92 1.88 -42.05 -4.17
CA PHE N 92 2.09 -42.73 -5.45
C PHE N 92 3.45 -43.42 -5.50
N ILE N 93 4.49 -42.74 -5.04
CA ILE N 93 5.81 -43.35 -4.97
C ILE N 93 5.85 -44.42 -3.90
N LYS N 94 6.40 -45.58 -4.24
CA LYS N 94 6.29 -46.76 -3.39
C LYS N 94 7.54 -47.07 -2.59
N ASN N 95 8.65 -46.39 -2.82
CA ASN N 95 9.79 -46.69 -1.98
C ASN N 95 9.70 -45.93 -0.66
N PRO N 96 10.34 -46.44 0.39
CA PRO N 96 10.15 -45.85 1.72
C PRO N 96 10.62 -44.40 1.80
N ILE N 97 9.86 -43.59 2.52
CA ILE N 97 10.15 -42.17 2.70
C ILE N 97 10.28 -41.89 4.18
N SER N 98 11.44 -41.40 4.61
CA SER N 98 11.61 -40.94 5.98
C SER N 98 11.59 -39.43 5.96
N THR N 99 10.63 -38.84 6.66
CA THR N 99 10.46 -37.40 6.66
C THR N 99 10.93 -36.83 7.98
N VAL N 100 11.96 -36.01 7.93
CA VAL N 100 12.51 -35.34 9.10
C VAL N 100 11.96 -33.92 9.12
N ASN N 101 11.39 -33.52 10.25
CA ASN N 101 10.90 -32.17 10.43
C ASN N 101 12.03 -31.28 10.93
N MET N 102 12.25 -30.18 10.24
CA MET N 102 13.21 -29.17 10.67
C MET N 102 12.47 -27.88 10.90
N GLY N 103 12.72 -27.23 12.01
CA GLY N 103 12.04 -25.96 12.21
C GLY N 103 10.54 -26.09 12.19
N LEU N 104 9.93 -25.72 11.08
CA LEU N 104 8.50 -25.50 10.99
C LEU N 104 7.87 -26.47 10.01
N ALA N 105 6.75 -27.07 10.40
CA ALA N 105 5.97 -27.91 9.49
C ALA N 105 4.50 -27.60 9.71
N VAL N 106 3.98 -26.64 8.97
CA VAL N 106 2.65 -26.11 9.16
C VAL N 106 1.69 -26.69 8.14
N GLY N 107 0.47 -26.95 8.58
CA GLY N 107 -0.61 -27.22 7.64
C GLY N 107 -0.34 -28.45 6.82
N TRP N 108 -0.33 -28.28 5.50
CA TRP N 108 -0.04 -29.40 4.62
C TRP N 108 1.37 -29.92 4.83
N SER N 109 2.32 -29.02 5.13
CA SER N 109 3.68 -29.45 5.44
C SER N 109 3.75 -30.28 6.70
N CYS N 110 2.68 -30.28 7.50
CA CYS N 110 2.60 -31.20 8.62
C CYS N 110 2.07 -32.54 8.19
N VAL N 111 1.07 -32.54 7.29
CA VAL N 111 0.57 -33.79 6.73
C VAL N 111 1.70 -34.54 6.07
N VAL N 112 2.49 -33.84 5.26
CA VAL N 112 3.66 -34.44 4.62
C VAL N 112 4.61 -35.02 5.66
N LEU N 113 4.75 -34.35 6.80
CA LEU N 113 5.60 -34.90 7.85
C LEU N 113 4.98 -36.16 8.43
N SER N 114 3.67 -36.17 8.61
CA SER N 114 3.01 -37.34 9.16
C SER N 114 2.71 -38.39 8.11
N PHE N 115 3.03 -38.12 6.85
CA PHE N 115 2.65 -38.99 5.75
C PHE N 115 3.80 -39.86 5.28
N GLY N 116 4.98 -39.70 5.85
CA GLY N 116 6.10 -40.54 5.52
C GLY N 116 5.86 -41.97 5.99
N ARG N 117 6.92 -42.78 5.86
CA ARG N 117 6.85 -44.15 6.32
C ARG N 117 6.74 -44.17 7.83
N LYS N 118 5.80 -44.93 8.34
CA LYS N 118 5.58 -44.94 9.78
C LYS N 118 6.73 -45.60 10.50
N GLY N 119 7.16 -44.98 11.59
CA GLY N 119 8.38 -45.35 12.26
C GLY N 119 9.60 -44.63 11.75
N TRP N 120 9.50 -43.92 10.64
CA TRP N 120 10.62 -43.18 10.08
C TRP N 120 10.45 -41.69 10.17
N ARG N 121 9.25 -41.21 10.47
CA ARG N 121 9.01 -39.79 10.66
C ARG N 121 9.72 -39.33 11.92
N LYS N 122 10.52 -38.26 11.82
CA LYS N 122 11.33 -37.79 12.93
C LYS N 122 11.24 -36.27 12.99
N SER N 123 11.94 -35.68 13.97
CA SER N 123 11.99 -34.23 14.08
C SER N 123 13.15 -33.84 14.97
N LEU N 124 13.65 -32.62 14.76
CA LEU N 124 14.67 -32.09 15.65
C LEU N 124 14.04 -31.74 16.98
N PRO N 125 14.84 -31.64 18.04
CA PRO N 125 14.27 -31.54 19.39
C PRO N 125 13.44 -30.29 19.65
N HIS N 126 13.59 -29.23 18.86
CA HIS N 126 12.85 -28.00 19.11
C HIS N 126 11.93 -27.61 17.98
N SER N 127 11.79 -28.44 16.95
CA SER N 127 11.00 -28.07 15.81
C SER N 127 9.53 -28.06 16.16
N LEU N 128 8.77 -27.23 15.46
CA LEU N 128 7.38 -26.98 15.77
C LEU N 128 6.51 -27.43 14.61
N ALA N 129 5.49 -28.23 14.90
CA ALA N 129 4.58 -28.74 13.85
C ALA N 129 3.17 -28.21 14.12
N MET N 130 2.74 -27.24 13.33
CA MET N 130 1.41 -26.61 13.60
C MET N 130 0.39 -27.16 12.62
N ILE N 131 -0.86 -27.33 13.05
CA ILE N 131 -1.94 -27.73 12.12
C ILE N 131 -3.14 -26.81 12.38
N GLN N 132 -3.76 -26.31 11.32
CA GLN N 132 -4.95 -25.43 11.46
C GLN N 132 -5.91 -25.77 10.33
N GLN N 133 -6.96 -24.98 10.14
CA GLN N 133 -7.94 -25.34 9.09
C GLN N 133 -7.72 -24.46 7.84
N PRO N 134 -7.89 -24.94 6.57
CA PRO N 134 -7.59 -24.10 5.41
C PRO N 134 -8.46 -22.86 5.37
N ARG N 135 -7.90 -21.80 4.80
CA ARG N 135 -8.60 -20.56 4.55
C ARG N 135 -8.50 -20.24 3.07
N VAL N 136 -9.42 -19.40 2.59
CA VAL N 136 -9.42 -19.05 1.17
C VAL N 136 -9.39 -17.55 1.00
N PRO N 137 -8.85 -17.03 -0.10
CA PRO N 137 -8.85 -15.60 -0.34
C PRO N 137 -10.27 -15.11 -0.57
N PRO N 138 -10.55 -13.84 -0.29
CA PRO N 138 -11.93 -13.34 -0.43
C PRO N 138 -12.52 -13.56 -1.81
N THR N 139 -13.78 -14.01 -1.84
CA THR N 139 -14.45 -14.29 -3.09
C THR N 139 -14.61 -13.03 -3.94
N GLY N 140 -15.16 -11.98 -3.35
CA GLY N 140 -15.36 -10.75 -4.07
C GLY N 140 -16.79 -10.53 -4.49
N GLN N 141 -17.73 -10.84 -3.59
CA GLN N 141 -19.15 -10.56 -3.79
C GLN N 141 -19.68 -11.29 -5.03
N ARG N 142 -19.69 -12.60 -4.93
CA ARG N 142 -20.32 -13.45 -5.92
C ARG N 142 -21.80 -13.61 -5.58
N GLN N 143 -22.49 -14.46 -6.35
CA GLN N 143 -23.91 -14.66 -6.13
C GLN N 143 -24.13 -15.52 -4.89
N ALA N 144 -25.33 -16.06 -4.75
CA ALA N 144 -25.59 -16.97 -3.63
C ALA N 144 -25.17 -18.39 -3.97
N ILE N 145 -25.52 -18.86 -5.15
CA ILE N 145 -25.16 -20.22 -5.55
C ILE N 145 -23.65 -20.36 -5.66
N GLU N 146 -22.96 -19.32 -6.11
CA GLU N 146 -21.51 -19.41 -6.18
C GLU N 146 -20.87 -19.39 -4.80
N VAL N 147 -21.49 -18.75 -3.82
CA VAL N 147 -20.99 -18.85 -2.45
C VAL N 147 -21.20 -20.27 -1.92
N HIS N 148 -22.38 -20.84 -2.18
CA HIS N 148 -22.61 -22.23 -1.77
C HIS N 148 -21.62 -23.18 -2.44
N ILE N 149 -21.35 -22.97 -3.73
CA ILE N 149 -20.45 -23.84 -4.47
C ILE N 149 -19.01 -23.67 -4.00
N LYS N 150 -18.59 -22.43 -3.71
CA LYS N 150 -17.27 -22.21 -3.15
C LYS N 150 -17.13 -22.88 -1.79
N TRP N 151 -18.18 -22.84 -0.97
CA TRP N 151 -18.10 -23.54 0.30
C TRP N 151 -18.02 -25.04 0.10
N ARG N 152 -18.73 -25.58 -0.88
CA ARG N 152 -18.62 -27.02 -1.11
C ARG N 152 -17.22 -27.41 -1.59
N GLU N 153 -16.61 -26.58 -2.45
CA GLU N 153 -15.21 -26.74 -2.81
C GLU N 153 -14.29 -26.76 -1.59
N VAL N 154 -14.43 -25.74 -0.74
CA VAL N 154 -13.55 -25.62 0.42
C VAL N 154 -13.78 -26.78 1.38
N LEU N 155 -15.02 -27.23 1.48
CA LEU N 155 -15.35 -28.34 2.36
C LEU N 155 -14.74 -29.63 1.85
N ASP N 156 -14.79 -29.87 0.54
CA ASP N 156 -14.20 -31.08 0.00
C ASP N 156 -12.70 -31.10 0.20
N TYR N 157 -12.06 -29.95 0.03
CA TYR N 157 -10.62 -29.91 0.26
C TYR N 157 -10.25 -29.99 1.74
N LYS N 158 -11.06 -29.45 2.63
CA LYS N 158 -10.82 -29.66 4.06
C LYS N 158 -10.98 -31.13 4.41
N ARG N 159 -11.97 -31.79 3.84
CA ARG N 159 -12.14 -33.22 4.09
C ARG N 159 -10.97 -34.02 3.55
N GLU N 160 -10.41 -33.60 2.41
CA GLU N 160 -9.22 -34.28 1.91
C GLU N 160 -8.07 -34.12 2.88
N LEU N 161 -7.87 -32.91 3.39
CA LEU N 161 -6.84 -32.68 4.39
C LEU N 161 -7.06 -33.57 5.61
N LEU N 162 -8.30 -33.68 6.06
CA LEU N 162 -8.62 -34.50 7.22
C LEU N 162 -8.34 -35.97 6.95
N ARG N 163 -8.73 -36.49 5.79
CA ARG N 163 -8.49 -37.89 5.50
C ARG N 163 -7.01 -38.20 5.43
N MET N 164 -6.24 -37.32 4.80
CA MET N 164 -4.80 -37.56 4.73
C MET N 164 -4.15 -37.44 6.10
N PHE N 165 -4.65 -36.54 6.94
CA PHE N 165 -4.12 -36.39 8.28
C PHE N 165 -4.54 -37.53 9.18
N SER N 166 -5.67 -38.17 8.88
CA SER N 166 -6.08 -39.37 9.60
C SER N 166 -5.23 -40.56 9.19
N LEU N 167 -4.86 -40.66 7.92
CA LEU N 167 -3.91 -41.70 7.52
C LEU N 167 -2.55 -41.47 8.16
N GLY N 168 -2.16 -40.22 8.31
CA GLY N 168 -0.89 -39.92 8.95
C GLY N 168 -0.87 -40.22 10.42
N THR N 169 -1.65 -39.48 11.20
CA THR N 169 -1.61 -39.63 12.66
C THR N 169 -2.14 -40.98 13.09
N GLY N 170 -3.40 -41.26 12.83
CA GLY N 170 -4.03 -42.49 13.27
C GLY N 170 -5.35 -42.29 13.95
N LEU N 171 -5.69 -41.14 14.27
CA LEU N 171 -6.78 -40.46 14.96
C LEU N 171 -8.02 -40.34 14.09
N PRO N 172 -9.20 -40.34 14.69
CA PRO N 172 -10.42 -40.27 13.91
C PRO N 172 -10.52 -38.96 13.15
N VAL N 173 -11.45 -38.91 12.20
CA VAL N 173 -11.67 -37.69 11.45
C VAL N 173 -12.31 -36.63 12.33
N ASP N 174 -13.25 -37.02 13.19
CA ASP N 174 -13.97 -36.05 14.01
C ASP N 174 -13.06 -35.40 15.04
N LYS N 175 -12.20 -36.18 15.70
CA LYS N 175 -11.27 -35.57 16.65
C LYS N 175 -10.37 -34.57 15.95
N LEU N 176 -9.83 -34.95 14.79
CA LEU N 176 -8.93 -34.05 14.07
C LEU N 176 -9.65 -32.80 13.64
N ASP N 177 -10.90 -32.93 13.18
CA ASP N 177 -11.67 -31.75 12.81
C ASP N 177 -11.87 -30.83 13.98
N ALA N 178 -12.21 -31.37 15.15
CA ALA N 178 -12.39 -30.52 16.33
C ALA N 178 -11.09 -29.83 16.70
N ASP N 179 -9.97 -30.55 16.70
CA ASP N 179 -8.70 -29.94 17.09
C ASP N 179 -8.25 -28.89 16.08
N MET N 180 -8.58 -29.07 14.81
CA MET N 180 -8.08 -28.18 13.77
C MET N 180 -8.71 -26.81 13.81
N GLN N 181 -9.89 -26.67 14.43
CA GLN N 181 -10.66 -25.44 14.31
C GLN N 181 -9.87 -24.22 14.75
N ARG N 182 -8.89 -24.42 15.62
CA ARG N 182 -7.98 -23.38 16.06
C ARG N 182 -6.56 -23.86 15.83
N PRO N 183 -5.60 -22.94 15.77
CA PRO N 183 -4.21 -23.38 15.62
C PRO N 183 -3.83 -24.38 16.68
N LEU N 184 -3.18 -25.45 16.26
CA LEU N 184 -2.70 -26.49 17.16
C LEU N 184 -1.21 -26.57 17.00
N TYR N 185 -0.47 -26.17 18.03
CA TYR N 185 0.98 -26.12 18.03
C TYR N 185 1.51 -27.33 18.77
N MET N 186 2.50 -28.00 18.18
CA MET N 186 3.00 -29.26 18.72
C MET N 186 4.51 -29.24 18.72
N ARG N 187 5.10 -29.32 19.91
CA ARG N 187 6.51 -29.62 20.03
C ARG N 187 6.72 -31.11 19.80
N PRO N 188 7.96 -31.53 19.53
CA PRO N 188 8.16 -32.94 19.19
C PRO N 188 7.68 -33.91 20.23
N GLN N 189 7.68 -33.55 21.51
CA GLN N 189 7.03 -34.41 22.48
C GLN N 189 5.53 -34.50 22.19
N ASP N 190 4.94 -33.37 21.82
CA ASP N 190 3.50 -33.31 21.57
C ASP N 190 3.15 -33.98 20.25
N ALA N 191 3.97 -33.77 19.23
CA ALA N 191 3.76 -34.43 17.94
C ALA N 191 3.93 -35.94 18.08
N LEU N 192 4.92 -36.37 18.86
CA LEU N 192 5.12 -37.79 19.11
C LEU N 192 3.94 -38.38 19.86
N GLU N 193 3.40 -37.65 20.84
CA GLU N 193 2.18 -38.07 21.51
C GLU N 193 1.02 -38.19 20.55
N TYR N 194 0.84 -37.19 19.69
CA TYR N 194 -0.38 -37.09 18.90
C TYR N 194 -0.37 -38.12 17.78
N GLY N 195 0.76 -38.26 17.09
CA GLY N 195 0.88 -39.25 16.04
C GLY N 195 1.65 -38.75 14.85
N ILE N 196 2.00 -37.46 14.86
CA ILE N 196 2.68 -36.85 13.72
C ILE N 196 4.00 -37.55 13.44
N ILE N 197 4.81 -37.72 14.47
CA ILE N 197 6.16 -38.25 14.32
C ILE N 197 6.32 -39.47 15.22
N ASP N 198 7.42 -40.16 15.04
CA ASP N 198 7.71 -41.36 15.78
C ASP N 198 8.95 -41.26 16.64
N GLU N 199 9.94 -40.48 16.21
CA GLU N 199 11.20 -40.36 16.92
C GLU N 199 11.51 -38.90 17.08
N ILE N 200 12.48 -38.59 17.93
CA ILE N 200 13.06 -37.26 18.02
C ILE N 200 14.55 -37.39 17.89
N ILE N 201 15.15 -36.57 17.03
CA ILE N 201 16.57 -36.69 16.75
C ILE N 201 17.31 -36.02 17.92
N GLU N 202 17.72 -36.82 18.90
CA GLU N 202 18.47 -36.32 20.02
C GLU N 202 19.82 -35.79 19.53
N PRO N 203 20.37 -34.77 20.20
CA PRO N 203 21.73 -34.33 19.86
C PRO N 203 22.76 -35.42 20.09
N ASN N 204 23.90 -35.26 19.42
CA ASN N 204 24.97 -36.24 19.52
C ASN N 204 25.39 -36.39 20.98
N GLU N 205 25.60 -37.63 21.41
CA GLU N 205 25.94 -37.84 22.81
C GLU N 205 27.38 -37.45 23.10
N ASP N 206 28.31 -37.76 22.19
CA ASP N 206 29.70 -37.40 22.41
C ASP N 206 29.88 -35.90 22.51
N LYS N 207 29.17 -35.14 21.67
CA LYS N 207 29.20 -33.69 21.76
C LYS N 207 28.76 -33.22 23.14
N ALA N 208 27.61 -33.71 23.61
CA ALA N 208 27.07 -33.23 24.88
C ALA N 208 27.98 -33.62 26.04
N GLU N 209 28.53 -34.84 25.99
CA GLU N 209 29.44 -35.32 27.06
C GLU N 209 30.67 -34.40 27.09
N LYS N 210 31.27 -34.14 25.93
CA LYS N 210 32.44 -33.28 25.87
C LYS N 210 32.11 -31.87 26.36
N ALA N 211 30.91 -31.40 26.05
CA ALA N 211 30.51 -30.06 26.51
C ALA N 211 30.44 -30.01 28.03
N ALA N 212 29.81 -31.01 28.65
CA ALA N 212 29.72 -31.02 30.10
C ALA N 212 31.10 -31.13 30.73
N GLN N 213 31.96 -31.99 30.18
CA GLN N 213 33.31 -32.12 30.70
C GLN N 213 34.10 -30.83 30.56
N TYR N 214 33.92 -30.11 29.45
CA TYR N 214 34.64 -28.86 29.30
C TYR N 214 34.15 -27.83 30.30
N TRP N 215 32.83 -27.78 30.53
CA TRP N 215 32.30 -26.82 31.49
C TRP N 215 32.81 -27.11 32.89
N ILE N 216 32.97 -28.38 33.24
CA ILE N 216 33.47 -28.74 34.55
C ILE N 216 34.97 -28.43 34.65
N ARG N 217 35.77 -29.02 33.76
CA ARG N 217 37.22 -28.99 33.89
C ARG N 217 37.76 -27.58 33.78
N SER N 218 37.23 -26.77 32.86
CA SER N 218 37.76 -25.44 32.66
C SER N 218 37.59 -24.53 33.86
N GLY N 219 36.75 -24.91 34.82
CA GLY N 219 36.45 -24.03 35.92
C GLY N 219 35.61 -22.84 35.54
N ARG N 220 34.89 -22.90 34.43
CA ARG N 220 33.99 -21.81 34.05
C ARG N 220 32.62 -22.00 34.68
N ALA N 221 32.17 -23.25 34.79
CA ALA N 221 30.82 -23.48 35.31
C ALA N 221 30.75 -23.12 36.78
N GLU N 222 31.87 -23.22 37.50
CA GLU N 222 31.88 -22.93 38.92
C GLU N 222 31.97 -21.43 39.18
N SER N 223 33.02 -20.79 38.71
CA SER N 223 33.26 -19.41 39.07
C SER N 223 33.30 -18.54 37.82
N GLU N 224 32.14 -18.01 37.43
CA GLU N 224 32.10 -16.88 36.52
C GLU N 224 30.95 -16.00 36.95
N GLY N 225 30.49 -16.21 38.18
CA GLY N 225 29.24 -15.66 38.65
C GLY N 225 28.10 -16.65 38.67
N ARG N 226 28.36 -17.91 38.31
CA ARG N 226 27.29 -18.88 38.14
C ARG N 226 26.71 -19.29 39.50
N LEU N 227 27.56 -19.57 40.48
CA LEU N 227 27.09 -20.17 41.72
C LEU N 227 26.16 -19.23 42.48
N GLU N 228 26.50 -17.94 42.53
CA GLU N 228 25.67 -16.99 43.28
C GLU N 228 24.25 -16.95 42.73
N GLN N 229 24.10 -16.92 41.41
CA GLN N 229 22.75 -16.81 40.87
C GLN N 229 22.06 -18.15 40.72
N TRP N 230 22.79 -19.26 40.68
CA TRP N 230 22.11 -20.55 40.80
C TRP N 230 21.56 -20.75 42.21
N GLN N 231 22.30 -20.28 43.23
CA GLN N 231 21.75 -20.23 44.57
C GLN N 231 20.53 -19.34 44.63
N GLU N 232 20.60 -18.19 43.95
CA GLU N 232 19.45 -17.24 43.93
C GLU N 232 18.25 -17.92 43.26
N TYR N 233 18.50 -18.70 42.20
CA TYR N 233 17.43 -19.38 41.50
C TYR N 233 16.76 -20.40 42.41
N LEU N 234 17.55 -21.23 43.07
CA LEU N 234 16.96 -22.25 43.94
C LEU N 234 16.22 -21.62 45.11
N SER N 235 16.77 -20.54 45.68
CA SER N 235 16.08 -19.85 46.76
C SER N 235 14.75 -19.27 46.30
N LEU N 236 14.71 -18.66 45.11
CA LEU N 236 13.45 -18.13 44.60
C LEU N 236 12.45 -19.25 44.38
N GLN N 237 12.90 -20.39 43.86
CA GLN N 237 11.99 -21.51 43.64
C GLN N 237 11.41 -22.01 44.95
N GLU N 238 12.26 -22.18 45.98
CA GLU N 238 11.75 -22.64 47.27
C GLU N 238 10.80 -21.64 47.89
N GLU N 239 11.15 -20.36 47.83
CA GLU N 239 10.31 -19.32 48.39
C GLU N 239 8.95 -19.27 47.72
N TYR N 240 8.92 -19.41 46.39
CA TYR N 240 7.63 -19.35 45.69
C TYR N 240 6.82 -20.62 45.91
N ALA N 241 7.48 -21.78 46.02
CA ALA N 241 6.75 -22.99 46.37
C ALA N 241 6.10 -22.85 47.74
N LEU N 242 6.83 -22.29 48.70
CA LEU N 242 6.27 -22.10 50.04
C LEU N 242 5.12 -21.10 50.02
N LYS N 243 5.25 -20.03 49.24
CA LYS N 243 4.16 -19.06 49.15
C LYS N 243 2.90 -19.70 48.57
N ASP N 244 3.06 -20.52 47.54
CA ASP N 244 1.90 -21.20 46.97
C ASP N 244 1.30 -22.19 47.96
N SER N 245 2.13 -22.84 48.76
CA SER N 245 1.60 -23.72 49.80
C SER N 245 0.79 -22.93 50.81
N PHE N 246 1.25 -21.72 51.15
CA PHE N 246 0.48 -20.89 52.07
C PHE N 246 -0.85 -20.46 51.45
N ARG N 247 -0.85 -20.19 50.15
CA ARG N 247 -2.12 -19.88 49.49
C ARG N 247 -3.08 -21.06 49.56
N LYS N 248 -2.57 -22.27 49.33
CA LYS N 248 -3.42 -23.45 49.45
C LYS N 248 -3.93 -23.61 50.87
N VAL N 249 -3.09 -23.33 51.87
CA VAL N 249 -3.52 -23.40 53.25
C VAL N 249 -4.64 -22.41 53.52
N MET N 250 -4.51 -21.20 52.99
CA MET N 250 -5.55 -20.20 53.15
C MET N 250 -6.86 -20.66 52.53
N THR N 251 -6.79 -21.24 51.34
CA THR N 251 -8.01 -21.74 50.69
C THR N 251 -8.65 -22.85 51.51
N GLN N 252 -7.86 -23.79 52.00
CA GLN N 252 -8.41 -24.90 52.77
C GLN N 252 -9.02 -24.41 54.07
N ASP N 253 -8.41 -23.41 54.71
CA ASP N 253 -9.01 -22.86 55.93
C ASP N 253 -10.29 -22.10 55.63
N LEU N 254 -10.38 -21.45 54.47
CA LEU N 254 -11.64 -20.82 54.11
C LEU N 254 -12.73 -21.86 53.91
N ARG N 255 -12.40 -22.99 53.28
CA ARG N 255 -13.40 -24.03 53.12
C ARG N 255 -13.76 -24.67 54.45
N ALA N 256 -12.78 -24.80 55.35
CA ALA N 256 -13.09 -25.32 56.68
C ALA N 256 -13.98 -24.37 57.45
N ALA N 257 -13.80 -23.06 57.27
CA ALA N 257 -14.71 -22.10 57.91
C ALA N 257 -16.10 -22.20 57.33
N TYR N 258 -16.21 -22.40 56.01
CA TYR N 258 -17.52 -22.61 55.41
C TYR N 258 -18.20 -23.85 55.99
N ARG N 259 -17.43 -24.91 56.20
CA ARG N 259 -18.02 -26.12 56.78
C ARG N 259 -18.31 -25.97 58.26
N ASP N 260 -17.53 -25.18 58.99
CA ASP N 260 -17.83 -24.91 60.39
C ASP N 260 -19.14 -24.15 60.51
N THR N 261 -19.34 -23.15 59.65
CA THR N 261 -20.55 -22.35 59.68
C THR N 261 -21.69 -22.95 58.87
N SER N 262 -21.48 -24.10 58.25
CA SER N 262 -22.54 -24.81 57.54
C SER N 262 -23.01 -26.05 58.27
N SER N 263 -22.32 -26.44 59.35
CA SER N 263 -22.78 -27.55 60.18
C SER N 263 -23.99 -27.18 61.02
N LYS N 264 -24.39 -25.91 61.02
CA LYS N 264 -25.60 -25.45 61.70
C LYS N 264 -26.74 -25.30 60.69
N LEU N 265 -27.33 -26.43 60.32
CA LEU N 265 -28.33 -26.43 59.26
C LEU N 265 -29.45 -27.42 59.56
N LEU N 266 -30.66 -27.08 59.07
CA LEU N 266 -31.87 -27.90 59.16
C LEU N 266 -32.59 -27.81 57.82
N LYS N 267 -32.32 -28.77 56.93
CA LYS N 267 -32.89 -28.79 55.59
C LYS N 267 -33.36 -30.19 55.22
N ASN N 268 -34.37 -30.25 54.37
CA ASN N 268 -34.86 -31.51 53.80
C ASN N 268 -34.41 -31.70 52.36
N SER N 269 -33.56 -30.82 51.84
CA SER N 269 -33.11 -30.97 50.46
C SER N 269 -32.13 -32.11 50.29
N SER N 270 -31.44 -32.50 51.36
CA SER N 270 -30.57 -33.68 51.30
C SER N 270 -31.38 -34.93 51.03
N ARG N 271 -32.60 -35.01 51.58
CA ARG N 271 -33.48 -36.13 51.26
C ARG N 271 -33.83 -36.15 49.79
N ASN N 272 -34.05 -34.97 49.19
CA ASN N 272 -34.27 -34.91 47.75
C ASN N 272 -33.05 -35.37 46.97
N MET N 273 -31.86 -34.97 47.41
CA MET N 273 -30.65 -35.42 46.72
C MET N 273 -30.43 -36.92 46.88
N GLU N 274 -30.91 -37.50 47.97
CA GLU N 274 -30.98 -38.97 48.09
C GLU N 274 -31.97 -39.54 47.09
N GLN N 275 -33.10 -38.86 46.91
CA GLN N 275 -34.15 -39.38 46.04
C GLN N 275 -33.73 -39.38 44.57
N VAL N 276 -33.11 -38.28 44.11
CA VAL N 276 -32.83 -38.16 42.68
C VAL N 276 -31.82 -39.20 42.24
N GLN N 277 -30.84 -39.49 43.09
CA GLN N 277 -29.76 -40.39 42.69
C GLN N 277 -30.31 -41.80 42.44
N GLU N 278 -29.48 -42.60 41.75
CA GLU N 278 -29.92 -43.91 41.31
C GLU N 278 -30.14 -44.84 42.50
N PHE N 279 -30.63 -46.04 42.19
CA PHE N 279 -30.85 -47.04 43.23
C PHE N 279 -29.54 -47.63 43.74
N LYS N 280 -28.55 -47.77 42.86
CA LYS N 280 -27.24 -48.28 43.26
C LYS N 280 -26.54 -47.30 44.18
N GLU N 281 -26.58 -46.01 43.87
CA GLU N 281 -25.97 -44.98 44.70
C GLU N 281 -26.89 -44.52 45.83
N ARG N 282 -27.81 -45.38 46.28
CA ARG N 282 -28.60 -45.02 47.46
C ARG N 282 -27.69 -44.72 48.64
N LEU N 283 -26.52 -45.35 48.67
CA LEU N 283 -25.36 -45.09 49.51
C LEU N 283 -24.45 -44.11 48.79
N PRO N 284 -23.59 -43.40 49.52
CA PRO N 284 -22.68 -42.47 48.84
C PRO N 284 -21.63 -43.23 48.04
N ASP N 285 -21.70 -43.19 46.72
CA ASP N 285 -20.88 -44.07 45.89
C ASP N 285 -20.53 -43.32 44.61
N ASP N 286 -19.37 -42.65 44.61
CA ASP N 286 -19.02 -41.71 43.56
C ASP N 286 -18.83 -42.43 42.23
N MET N 287 -18.60 -41.65 41.16
CA MET N 287 -18.69 -42.20 39.82
C MET N 287 -17.41 -42.07 39.01
N LEU N 288 -16.24 -42.12 39.64
CA LEU N 288 -14.96 -42.21 38.93
C LEU N 288 -14.88 -41.22 37.77
N THR N 289 -15.27 -39.98 38.05
CA THR N 289 -15.32 -38.94 37.02
C THR N 289 -14.93 -37.60 37.65
N GLU N 290 -14.92 -36.56 36.82
CA GLU N 290 -14.57 -35.22 37.29
C GLU N 290 -15.56 -34.67 38.31
N ASN N 291 -16.63 -35.41 38.62
CA ASN N 291 -17.37 -35.21 39.87
C ASN N 291 -16.57 -35.93 40.96
N ASP N 292 -15.54 -35.23 41.42
CA ASP N 292 -14.52 -35.78 42.29
C ASP N 292 -14.45 -34.92 43.54
N GLU N 293 -14.78 -35.51 44.69
CA GLU N 293 -14.82 -34.82 45.98
C GLU N 293 -13.49 -35.09 46.68
N VAL N 294 -12.62 -34.08 46.69
CA VAL N 294 -11.36 -34.14 47.42
C VAL N 294 -11.66 -33.85 48.88
N ARG N 295 -11.11 -34.68 49.77
CA ARG N 295 -11.38 -34.59 51.20
C ARG N 295 -10.24 -33.91 51.92
N LEU N 296 -10.51 -32.73 52.45
CA LEU N 296 -9.65 -31.96 53.33
C LEU N 296 -9.67 -32.49 54.77
N PRO N 297 -10.85 -32.79 55.36
CA PRO N 297 -10.89 -33.05 56.81
C PRO N 297 -9.97 -34.16 57.27
N PHE N 298 -9.71 -35.17 56.43
CA PHE N 298 -8.72 -36.19 56.76
C PHE N 298 -7.32 -35.68 56.42
N SER N 299 -7.02 -34.48 56.90
CA SER N 299 -5.68 -33.91 56.81
C SER N 299 -4.97 -34.00 58.16
N ARG N 300 -5.11 -35.15 58.82
CA ARG N 300 -4.31 -35.47 60.00
C ARG N 300 -2.96 -36.00 59.54
N ASP N 301 -2.17 -35.10 58.98
CA ASP N 301 -0.83 -35.49 58.56
C ASP N 301 -0.01 -35.97 59.74
N GLY N 302 -0.07 -35.26 60.85
CA GLY N 302 0.63 -35.67 62.06
C GLY N 302 2.13 -35.76 61.88
N VAL N 303 2.66 -35.14 60.84
CA VAL N 303 4.08 -35.19 60.52
C VAL N 303 4.83 -34.51 61.64
N LYS N 304 5.68 -35.26 62.33
CA LYS N 304 6.56 -34.73 63.35
C LYS N 304 7.93 -34.32 62.79
N LEU N 305 8.15 -34.53 61.48
CA LEU N 305 9.40 -34.16 60.86
C LEU N 305 9.42 -32.71 60.37
N ALA N 306 8.34 -32.27 59.74
CA ALA N 306 8.27 -30.90 59.24
C ALA N 306 8.11 -29.94 60.40
N ILE N 307 9.23 -29.44 60.92
CA ILE N 307 9.25 -28.61 62.11
C ILE N 307 9.00 -27.16 61.72
N LEU N 308 8.13 -26.48 62.45
CA LEU N 308 7.99 -25.05 62.27
C LEU N 308 9.32 -24.35 62.49
N ASN N 309 9.64 -23.41 61.61
CA ASN N 309 10.87 -22.67 61.72
C ASN N 309 10.77 -21.69 62.90
N ALA N 310 11.89 -21.05 63.23
CA ALA N 310 11.96 -20.13 64.36
C ALA N 310 11.24 -18.84 64.01
N GLU N 311 9.92 -18.88 64.10
CA GLU N 311 9.06 -17.74 63.77
C GLU N 311 8.14 -17.46 64.95
N CYS N 312 7.76 -16.19 65.09
CA CYS N 312 6.97 -15.71 66.23
C CYS N 312 5.61 -15.21 65.76
N TYR N 313 4.58 -16.03 65.96
CA TYR N 313 3.20 -15.61 65.74
C TYR N 313 2.53 -15.15 67.02
N ALA N 314 3.28 -15.00 68.11
CA ALA N 314 2.74 -14.55 69.39
C ALA N 314 2.51 -13.05 69.43
N GLU N 315 2.72 -12.34 68.33
CA GLU N 315 2.37 -10.93 68.25
C GLU N 315 0.93 -10.71 67.79
N ARG N 316 0.23 -11.76 67.37
CA ARG N 316 -1.19 -11.62 67.05
C ARG N 316 -1.98 -11.34 68.32
N ASN N 317 -2.99 -10.47 68.20
CA ASN N 317 -3.72 -9.99 69.37
C ASN N 317 -4.51 -11.13 70.01
N ILE N 318 -5.25 -10.77 71.04
CA ILE N 318 -6.19 -11.69 71.70
C ILE N 318 -7.58 -11.22 71.34
N ALA N 319 -8.30 -12.03 70.56
CA ALA N 319 -9.60 -11.64 70.05
C ALA N 319 -10.60 -11.46 71.19
N ARG N 320 -11.76 -10.88 70.86
CA ARG N 320 -12.84 -10.78 71.83
C ARG N 320 -13.41 -12.15 72.19
N GLN N 321 -13.14 -13.17 71.37
CA GLN N 321 -13.66 -14.51 71.59
C GLN N 321 -15.19 -14.49 71.56
N VAL N 322 -15.71 -14.17 70.39
CA VAL N 322 -17.15 -14.06 70.20
C VAL N 322 -17.77 -15.46 70.19
N ALA N 323 -19.01 -15.55 70.68
CA ALA N 323 -19.83 -16.75 70.52
C ALA N 323 -20.87 -16.50 69.43
N ALA N 324 -21.10 -17.52 68.61
CA ALA N 324 -22.12 -17.44 67.57
C ALA N 324 -23.51 -17.77 68.08
N ASN N 325 -23.63 -18.22 69.33
CA ASN N 325 -24.92 -18.62 69.90
C ASN N 325 -25.64 -17.39 70.49
N LYS N 326 -25.83 -16.40 69.63
CA LYS N 326 -26.53 -15.16 69.96
C LYS N 326 -27.75 -15.01 69.07
N VAL N 327 -28.57 -14.02 69.38
CA VAL N 327 -29.71 -13.66 68.53
C VAL N 327 -29.38 -12.49 67.62
N SER N 328 -28.37 -11.68 67.96
CA SER N 328 -28.02 -10.52 67.15
C SER N 328 -27.69 -10.94 65.73
N VAL N 329 -28.16 -10.15 64.77
CA VAL N 329 -27.98 -10.46 63.35
C VAL N 329 -27.31 -9.28 62.66
N PRO N 330 -26.56 -9.49 61.58
CA PRO N 330 -26.08 -8.35 60.80
C PRO N 330 -27.23 -7.65 60.10
N ASP N 331 -27.07 -6.33 59.93
CA ASP N 331 -28.15 -5.48 59.42
C ASP N 331 -28.28 -5.69 57.92
N LYS N 332 -29.06 -6.68 57.54
CA LYS N 332 -29.22 -7.09 56.15
C LYS N 332 -30.70 -7.12 55.79
N TRP N 333 -31.00 -7.53 54.55
CA TRP N 333 -32.38 -7.66 54.11
C TRP N 333 -32.60 -9.00 53.42
N ARG N 334 -33.67 -9.70 53.82
CA ARG N 334 -34.10 -10.93 53.17
C ARG N 334 -35.60 -11.09 53.37
N ALA N 335 -36.32 -11.29 52.28
CA ALA N 335 -37.77 -11.39 52.32
C ALA N 335 -38.28 -12.79 52.63
N ALA N 336 -37.38 -13.73 52.91
CA ALA N 336 -37.76 -15.10 53.24
C ALA N 336 -38.05 -15.22 54.73
N TYR N 337 -39.13 -15.90 55.07
CA TYR N 337 -39.49 -16.16 56.46
C TYR N 337 -39.54 -17.64 56.77
N ALA N 338 -38.99 -18.48 55.89
CA ALA N 338 -38.65 -19.85 56.22
C ALA N 338 -37.34 -19.96 56.97
N ALA N 339 -36.53 -18.91 56.99
CA ALA N 339 -35.24 -18.91 57.67
C ALA N 339 -35.43 -18.88 59.17
N ARG N 340 -35.97 -19.96 59.72
CA ARG N 340 -36.21 -20.04 61.16
C ARG N 340 -34.90 -20.03 61.92
N PRO N 341 -34.90 -19.52 63.15
CA PRO N 341 -33.71 -19.68 63.99
C PRO N 341 -33.42 -21.15 64.25
N ALA N 342 -32.16 -21.50 64.16
CA ALA N 342 -31.72 -22.86 64.38
C ALA N 342 -31.48 -23.10 65.87
N PRO N 343 -31.51 -24.36 66.31
CA PRO N 343 -31.18 -24.64 67.72
C PRO N 343 -29.79 -24.16 68.11
N ALA N 344 -28.82 -24.27 67.22
CA ALA N 344 -27.49 -23.74 67.48
C ALA N 344 -27.31 -22.32 66.97
N ALA N 345 -28.21 -21.83 66.13
CA ALA N 345 -28.15 -20.45 65.62
C ALA N 345 -29.50 -19.79 65.85
N PRO N 346 -29.75 -19.31 67.07
CA PRO N 346 -30.99 -18.56 67.32
C PRO N 346 -31.08 -17.27 66.52
N ALA N 347 -29.95 -16.76 66.03
CA ALA N 347 -29.98 -15.66 65.07
C ALA N 347 -30.20 -16.16 63.65
N ALA N 348 -29.84 -17.41 63.37
CA ALA N 348 -29.99 -18.01 62.04
C ALA N 348 -29.32 -17.19 60.96
N ALA O 1 13.08 -55.19 28.55
CA ALA O 1 12.61 -54.44 27.40
C ALA O 1 11.32 -53.68 27.73
N THR O 2 11.19 -52.47 27.22
CA THR O 2 10.06 -51.61 27.56
C THR O 2 8.74 -52.14 27.05
N ALA O 3 8.73 -53.28 26.36
CA ALA O 3 7.49 -53.94 25.99
C ALA O 3 6.72 -54.39 27.22
N THR O 4 7.37 -54.44 28.38
CA THR O 4 6.65 -54.72 29.62
C THR O 4 5.63 -53.64 29.93
N ALA O 5 5.87 -52.42 29.45
CA ALA O 5 4.90 -51.33 29.59
C ALA O 5 3.89 -51.45 28.44
N ALA O 6 3.03 -52.46 28.53
CA ALA O 6 2.06 -52.75 27.47
C ALA O 6 0.77 -53.20 28.11
N PRO O 7 -0.38 -52.94 27.47
CA PRO O 7 -1.65 -53.42 28.03
C PRO O 7 -1.73 -54.94 28.13
N SER O 8 -1.00 -55.65 27.28
CA SER O 8 -0.91 -57.10 27.38
C SER O 8 -0.34 -57.51 28.73
N GLU O 9 0.76 -56.87 29.15
CA GLU O 9 1.42 -57.21 30.39
C GLU O 9 0.55 -56.88 31.60
N LEU O 10 -0.54 -56.16 31.40
CA LEU O 10 -1.52 -55.89 32.43
C LEU O 10 -2.69 -56.88 32.37
N ASP O 11 -3.13 -57.22 31.18
CA ASP O 11 -4.23 -58.18 31.03
C ASP O 11 -3.70 -59.59 30.80
N ASP O 12 -2.87 -59.77 29.77
CA ASP O 12 -2.43 -61.11 29.38
C ASP O 12 -1.61 -61.78 30.47
N VAL O 13 -0.76 -61.02 31.16
CA VAL O 13 0.04 -61.59 32.21
C VAL O 13 -0.84 -62.12 33.33
N GLY O 14 -0.51 -63.32 33.83
CA GLY O 14 -1.20 -63.91 34.95
C GLY O 14 -1.03 -63.09 36.21
N VAL O 15 -2.10 -62.44 36.63
CA VAL O 15 -2.12 -61.65 37.85
C VAL O 15 -3.33 -62.08 38.66
N SER O 16 -3.27 -61.88 39.97
CA SER O 16 -4.41 -62.18 40.82
C SER O 16 -5.55 -61.21 40.52
N ALA O 17 -6.69 -61.45 41.16
CA ALA O 17 -7.76 -60.46 41.08
C ALA O 17 -7.37 -59.18 41.80
N ALA O 18 -6.60 -59.31 42.88
CA ALA O 18 -6.27 -58.15 43.69
C ALA O 18 -5.36 -57.18 42.94
N ALA O 19 -4.27 -57.70 42.36
CA ALA O 19 -3.34 -56.81 41.66
C ALA O 19 -4.00 -56.21 40.43
N GLU O 20 -4.75 -57.00 39.68
CA GLU O 20 -5.43 -56.48 38.49
C GLU O 20 -6.44 -55.41 38.87
N SER O 21 -7.21 -55.65 39.93
CA SER O 21 -8.19 -54.64 40.36
C SER O 21 -7.50 -53.37 40.82
N ILE O 22 -6.37 -53.50 41.52
CA ILE O 22 -5.63 -52.33 41.98
C ILE O 22 -5.16 -51.50 40.80
N ILE O 23 -4.56 -52.16 39.80
CA ILE O 23 -4.02 -51.40 38.67
C ILE O 23 -5.14 -50.81 37.83
N GLN O 24 -6.22 -51.56 37.62
CA GLN O 24 -7.34 -51.02 36.85
C GLN O 24 -7.99 -49.85 37.57
N TYR O 25 -8.06 -49.90 38.90
CA TYR O 25 -8.60 -48.77 39.64
C TYR O 25 -7.68 -47.56 39.56
N ALA O 26 -6.37 -47.77 39.63
CA ALA O 26 -5.45 -46.66 39.44
C ALA O 26 -5.63 -46.04 38.06
N ILE O 27 -5.80 -46.86 37.03
CA ILE O 27 -6.01 -46.34 35.68
C ILE O 27 -7.35 -45.59 35.60
N ASN O 28 -8.39 -46.14 36.24
CA ASN O 28 -9.67 -45.45 36.28
C ASN O 28 -9.53 -44.09 36.94
N PHE O 29 -8.68 -43.98 37.95
CA PHE O 29 -8.49 -42.72 38.64
C PHE O 29 -7.65 -41.76 37.82
N ALA O 30 -6.69 -42.27 37.06
CA ALA O 30 -5.93 -41.41 36.16
C ALA O 30 -6.81 -40.84 35.07
N ARG O 31 -7.73 -41.65 34.55
CA ARG O 31 -8.69 -41.15 33.56
C ARG O 31 -9.73 -40.22 34.18
N ALA O 32 -10.12 -40.49 35.43
CA ALA O 32 -11.21 -39.75 36.05
C ALA O 32 -10.84 -38.29 36.25
N SER O 33 -9.72 -38.06 36.94
CA SER O 33 -9.25 -36.68 37.23
C SER O 33 -8.72 -36.03 35.94
N GLU O 34 -8.83 -36.71 34.80
CA GLU O 34 -8.41 -36.17 33.48
C GLU O 34 -6.89 -35.96 33.38
N THR O 35 -6.11 -36.45 34.34
CA THR O 35 -4.63 -36.40 34.20
C THR O 35 -4.20 -37.78 33.73
N TYR O 36 -4.18 -38.03 32.42
CA TYR O 36 -3.91 -39.39 31.88
C TYR O 36 -2.45 -39.80 32.10
N GLU O 37 -2.09 -40.13 33.34
CA GLU O 37 -0.73 -40.59 33.70
C GLU O 37 -0.82 -41.14 35.13
N VAL O 38 -0.70 -42.46 35.30
CA VAL O 38 -0.88 -43.06 36.65
C VAL O 38 0.34 -42.76 37.52
N HIS O 39 0.14 -42.23 38.73
CA HIS O 39 1.27 -41.99 39.66
C HIS O 39 1.35 -43.18 40.64
N SER O 40 2.45 -43.30 41.39
CA SER O 40 2.60 -44.39 42.39
C SER O 40 1.61 -44.20 43.54
N TRP O 41 1.18 -42.96 43.79
CA TRP O 41 0.22 -42.68 44.90
C TRP O 41 -1.17 -43.16 44.49
N MET O 42 -1.49 -43.13 43.19
CA MET O 42 -2.81 -43.66 42.72
C MET O 42 -2.82 -45.17 42.92
N VAL O 43 -1.68 -45.83 42.74
CA VAL O 43 -1.58 -47.27 43.00
C VAL O 43 -1.78 -47.54 44.50
N LEU O 44 -1.17 -46.71 45.35
CA LEU O 44 -1.38 -46.85 46.79
C LEU O 44 -2.83 -46.62 47.15
N MET O 45 -3.48 -45.65 46.49
CA MET O 45 -4.90 -45.45 46.69
C MET O 45 -5.70 -46.66 46.25
N GLY O 46 -5.24 -47.35 45.21
CA GLY O 46 -5.88 -48.59 44.82
C GLY O 46 -5.79 -49.63 45.92
N ILE O 47 -4.61 -49.74 46.55
CA ILE O 47 -4.45 -50.68 47.65
C ILE O 47 -5.37 -50.31 48.82
N LEU O 48 -5.37 -49.02 49.20
CA LEU O 48 -6.15 -48.58 50.38
C LEU O 48 -7.66 -48.69 50.11
N LYS O 49 -8.06 -48.54 48.84
CA LYS O 49 -9.51 -48.59 48.50
C LYS O 49 -10.02 -49.99 48.78
N TYR O 50 -9.30 -51.01 48.34
CA TYR O 50 -9.71 -52.42 48.60
C TYR O 50 -9.21 -52.82 49.99
N GLU O 51 -10.01 -52.53 51.02
CA GLU O 51 -9.62 -52.86 52.43
C GLU O 51 -9.68 -54.38 52.63
N THR O 52 -10.48 -55.07 51.82
CA THR O 52 -10.62 -56.54 51.94
C THR O 52 -9.34 -57.24 51.50
N CYS O 53 -8.58 -56.63 50.57
CA CYS O 53 -7.36 -57.28 50.02
C CYS O 53 -6.32 -57.46 51.14
N THR O 54 -5.52 -58.54 51.05
CA THR O 54 -4.54 -58.85 52.13
C THR O 54 -3.47 -57.76 52.25
N ALA O 55 -3.15 -57.07 51.16
CA ALA O 55 -2.18 -55.96 51.23
C ALA O 55 -2.68 -54.91 52.22
N ALA O 56 -3.92 -54.45 52.07
CA ALA O 56 -4.47 -53.41 52.97
C ALA O 56 -4.65 -53.96 54.40
N LYS O 57 -4.85 -55.28 54.53
CA LYS O 57 -4.98 -55.90 55.87
C LYS O 57 -3.60 -55.99 56.53
N ILE O 58 -2.54 -56.12 55.72
CA ILE O 58 -1.15 -56.12 56.28
C ILE O 58 -0.87 -54.69 56.76
N LEU O 59 -1.38 -53.68 56.06
CA LEU O 59 -1.19 -52.27 56.49
C LEU O 59 -1.91 -52.05 57.83
N LYS O 60 -3.10 -52.64 57.99
CA LYS O 60 -3.85 -52.54 59.27
C LYS O 60 -2.98 -53.10 60.39
N SER O 61 -2.38 -54.27 60.19
CA SER O 61 -1.53 -54.91 61.23
C SER O 61 -0.27 -54.08 61.49
N LEU O 62 0.16 -53.29 60.51
CA LEU O 62 1.42 -52.51 60.66
C LEU O 62 1.14 -51.16 61.35
N GLY O 63 -0.14 -50.78 61.50
CA GLY O 63 -0.42 -49.55 62.26
C GLY O 63 -1.44 -48.64 61.60
N LEU O 64 -1.79 -48.91 60.33
CA LEU O 64 -2.84 -48.11 59.69
C LEU O 64 -4.21 -48.65 60.07
N GLU O 65 -4.73 -48.19 61.20
CA GLU O 65 -6.10 -48.52 61.56
C GLU O 65 -7.10 -47.75 60.71
N ASP O 66 -6.90 -46.44 60.55
CA ASP O 66 -7.82 -45.61 59.77
C ASP O 66 -7.47 -45.76 58.28
N LEU O 67 -7.96 -46.85 57.70
CA LEU O 67 -7.66 -47.13 56.30
C LEU O 67 -8.44 -46.21 55.37
N TYR O 68 -9.71 -45.96 55.68
CA TYR O 68 -10.46 -44.93 54.95
C TYR O 68 -9.82 -43.57 55.16
N GLY O 69 -9.43 -43.27 56.39
CA GLY O 69 -8.69 -42.06 56.66
C GLY O 69 -7.35 -42.02 55.95
N ALA O 70 -6.68 -43.17 55.83
CA ALA O 70 -5.41 -43.20 55.10
C ALA O 70 -5.62 -42.94 53.62
N TRP O 71 -6.67 -43.52 53.05
CA TRP O 71 -6.98 -43.27 51.65
C TRP O 71 -7.24 -41.79 51.42
N ASN O 72 -8.00 -41.18 52.31
CA ASN O 72 -8.29 -39.76 52.15
C ASN O 72 -7.06 -38.90 52.38
N GLU O 73 -6.18 -39.31 53.30
CA GLU O 73 -4.92 -38.60 53.49
C GLU O 73 -4.09 -38.64 52.22
N VAL O 74 -4.04 -39.79 51.57
CA VAL O 74 -3.25 -39.91 50.35
C VAL O 74 -3.86 -39.07 49.24
N LEU O 75 -5.20 -39.08 49.12
CA LEU O 75 -5.85 -38.26 48.11
C LEU O 75 -5.60 -36.78 48.36
N TRP O 76 -5.64 -36.36 49.62
CA TRP O 76 -5.36 -34.96 49.93
C TRP O 76 -3.92 -34.60 49.62
N ALA O 77 -2.99 -35.49 49.93
CA ALA O 77 -1.59 -35.25 49.57
C ALA O 77 -1.44 -35.16 48.06
N LEU O 78 -2.17 -35.99 47.34
CA LEU O 78 -2.11 -35.98 45.89
C LEU O 78 -2.61 -34.66 45.34
N ASN O 79 -3.74 -34.18 45.87
CA ASN O 79 -4.26 -32.88 45.45
C ASN O 79 -3.28 -31.77 45.78
N VAL O 80 -2.72 -31.77 46.99
CA VAL O 80 -1.85 -30.64 47.43
C VAL O 80 -0.38 -30.88 47.02
N CYS O 81 0.33 -31.75 47.74
CA CYS O 81 1.78 -31.99 47.48
C CYS O 81 2.03 -32.25 45.99
N ASP O 82 1.30 -33.19 45.40
CA ASP O 82 1.48 -33.50 43.96
C ASP O 82 0.54 -32.60 43.14
N GLY O 83 -0.34 -33.21 42.35
CA GLY O 83 -1.31 -32.42 41.57
C GLY O 83 -2.32 -33.31 40.87
N LEU O 84 -3.61 -32.98 40.99
CA LEU O 84 -4.64 -33.73 40.24
C LEU O 84 -5.04 -32.83 39.08
N GLN O 85 -4.15 -31.92 38.68
CA GLN O 85 -4.44 -30.95 37.59
C GLN O 85 -5.05 -31.66 36.39
N PRO O 86 -6.32 -31.41 35.95
CA PRO O 86 -6.82 -32.06 34.73
C PRO O 86 -5.98 -31.61 33.54
N ARG O 87 -5.60 -32.55 32.67
CA ARG O 87 -4.84 -32.20 31.44
C ARG O 87 -5.82 -32.05 30.28
N SER O 88 -5.37 -32.31 29.05
CA SER O 88 -6.27 -32.23 27.88
C SER O 88 -6.93 -33.60 27.69
N PHE O 89 -6.78 -34.21 26.51
CA PHE O 89 -7.31 -35.57 26.30
C PHE O 89 -6.22 -36.45 25.69
N VAL O 90 -5.63 -37.33 26.51
CA VAL O 90 -4.63 -38.28 25.96
C VAL O 90 -5.40 -39.57 25.66
N THR O 91 -5.33 -40.07 24.43
CA THR O 91 -6.07 -41.30 24.04
C THR O 91 -5.63 -42.47 24.91
N ASP O 92 -4.34 -42.56 25.23
CA ASP O 92 -3.82 -43.70 26.03
C ASP O 92 -3.30 -43.22 27.39
N ILE O 93 -3.93 -43.66 28.48
CA ILE O 93 -3.47 -43.29 29.85
C ILE O 93 -2.01 -43.74 30.01
N LYS O 94 -1.12 -42.84 30.42
CA LYS O 94 0.32 -43.18 30.52
C LYS O 94 0.66 -43.72 31.90
N PHE O 95 1.96 -43.88 32.19
CA PHE O 95 2.41 -44.39 33.51
C PHE O 95 3.68 -43.63 33.91
N ALA O 96 3.74 -43.12 35.14
CA ALA O 96 4.90 -42.39 35.61
C ALA O 96 6.06 -43.35 35.83
N ASP O 97 7.27 -42.78 35.92
CA ASP O 97 8.47 -43.60 36.08
C ASP O 97 8.38 -44.49 37.30
N ARG O 98 8.00 -43.92 38.44
CA ARG O 98 7.90 -44.71 39.69
C ARG O 98 6.84 -45.78 39.50
N ALA O 99 5.71 -45.44 38.88
CA ALA O 99 4.62 -46.40 38.79
C ALA O 99 4.96 -47.58 37.88
N PHE O 100 5.58 -47.31 36.73
CA PHE O 100 5.99 -48.40 35.86
C PHE O 100 7.07 -49.25 36.51
N LYS O 101 8.01 -48.61 37.21
CA LYS O 101 9.01 -49.38 37.95
C LYS O 101 8.36 -50.21 39.03
N VAL O 102 7.30 -49.70 39.66
CA VAL O 102 6.58 -50.45 40.67
C VAL O 102 5.90 -51.67 40.04
N ILE O 103 5.35 -51.53 38.84
CA ILE O 103 4.78 -52.69 38.17
C ILE O 103 5.85 -53.75 37.91
N THR O 104 6.99 -53.32 37.36
CA THR O 104 8.07 -54.29 37.05
C THR O 104 8.54 -54.95 38.35
N ALA O 105 8.76 -54.14 39.40
CA ALA O 105 9.27 -54.68 40.69
C ALA O 105 8.29 -55.69 41.26
N ALA O 106 6.98 -55.42 41.18
CA ALA O 106 5.96 -56.35 41.75
C ALA O 106 6.05 -57.71 41.06
N SER O 107 6.21 -57.71 39.73
CA SER O 107 6.33 -58.99 38.99
C SER O 107 7.65 -59.67 39.38
N ASP O 108 8.74 -58.92 39.49
CA ASP O 108 10.05 -59.49 39.90
C ASP O 108 9.90 -60.08 41.30
N PHE O 109 9.22 -59.38 42.21
CA PHE O 109 8.96 -59.92 43.57
C PHE O 109 8.27 -61.28 43.41
N ALA O 110 7.11 -61.31 42.74
CA ALA O 110 6.35 -62.56 42.55
C ALA O 110 7.26 -63.69 42.07
N VAL O 111 8.18 -63.42 41.14
CA VAL O 111 9.14 -64.45 40.62
C VAL O 111 9.97 -64.99 41.80
N TRP O 112 10.64 -64.12 42.54
CA TRP O 112 11.50 -64.55 43.68
C TRP O 112 10.63 -65.09 44.82
N HIS O 113 9.33 -64.80 44.81
CA HIS O 113 8.43 -65.22 45.91
C HIS O 113 7.73 -66.52 45.52
N GLY O 114 7.96 -67.00 44.29
CA GLY O 114 7.40 -68.30 43.86
C GLY O 114 5.99 -68.18 43.28
N LYS O 115 5.32 -67.04 43.46
CA LYS O 115 3.94 -66.95 43.00
C LYS O 115 3.93 -66.84 41.48
N ASP O 116 3.27 -67.80 40.82
CA ASP O 116 3.16 -67.74 39.37
C ASP O 116 2.30 -66.57 38.89
N LYS O 117 1.52 -65.97 39.77
CA LYS O 117 0.77 -64.76 39.51
C LYS O 117 1.43 -63.59 40.22
N MET O 118 1.01 -62.38 39.86
CA MET O 118 1.46 -61.17 40.52
C MET O 118 0.42 -60.76 41.56
N TYR O 119 0.87 -60.59 42.80
CA TYR O 119 -0.04 -60.44 43.92
C TYR O 119 0.04 -59.03 44.50
N SER O 120 -0.99 -58.69 45.27
CA SER O 120 -1.11 -57.36 45.84
C SER O 120 -0.06 -57.11 46.93
N GLU O 121 0.33 -58.16 47.66
CA GLU O 121 1.37 -57.99 48.69
C GLU O 121 2.69 -57.62 48.03
N ASP O 122 2.94 -58.21 46.86
CA ASP O 122 4.12 -57.87 46.09
C ASP O 122 4.07 -56.42 45.62
N VAL O 123 2.90 -55.95 45.20
CA VAL O 123 2.74 -54.54 44.85
C VAL O 123 3.03 -53.66 46.06
N LEU O 124 2.59 -54.08 47.23
CA LEU O 124 2.82 -53.29 48.43
C LEU O 124 4.31 -53.21 48.75
N MET O 125 5.02 -54.34 48.62
CA MET O 125 6.47 -54.28 48.77
C MET O 125 7.11 -53.38 47.74
N ALA O 126 6.61 -53.43 46.50
CA ALA O 126 7.15 -52.56 45.46
C ALA O 126 6.96 -51.10 45.79
N LEU O 127 5.80 -50.74 46.36
CA LEU O 127 5.57 -49.38 46.81
C LEU O 127 6.51 -49.01 47.95
N ALA O 128 6.69 -49.92 48.91
CA ALA O 128 7.58 -49.65 50.02
C ALA O 128 9.02 -49.46 49.57
N ALA O 129 9.47 -50.25 48.60
CA ALA O 129 10.83 -50.10 48.09
C ALA O 129 10.97 -48.84 47.25
N GLY O 130 9.86 -48.18 46.95
CA GLY O 130 9.91 -46.91 46.25
C GLY O 130 9.61 -45.75 47.16
N GLY O 131 9.62 -46.01 48.46
CA GLY O 131 9.48 -44.93 49.43
C GLY O 131 8.04 -44.64 49.75
N VAL O 132 7.16 -44.87 48.77
CA VAL O 132 5.78 -44.38 48.76
C VAL O 132 5.08 -44.56 50.10
N LEU O 133 5.31 -45.70 50.76
CA LEU O 133 4.74 -45.90 52.09
C LEU O 133 5.36 -44.97 53.12
N GLU O 134 6.69 -44.83 53.09
CA GLU O 134 7.35 -43.94 54.05
C GLU O 134 7.29 -42.49 53.60
N ASP O 135 7.04 -42.26 52.31
CA ASP O 135 6.92 -40.89 51.83
C ASP O 135 5.58 -40.28 52.25
N LEU O 136 4.67 -41.08 52.80
CA LEU O 136 3.34 -40.62 53.12
C LEU O 136 2.92 -40.80 54.58
N PHE O 137 3.50 -41.77 55.28
CA PHE O 137 3.17 -42.00 56.70
C PHE O 137 4.45 -42.15 57.50
N PRO O 138 5.26 -41.08 57.61
CA PRO O 138 6.49 -41.21 58.39
C PRO O 138 6.25 -41.37 59.87
N ASP O 139 5.03 -41.06 60.33
CA ASP O 139 4.70 -41.18 61.74
C ASP O 139 4.64 -42.63 62.17
N LEU O 140 4.13 -43.51 61.29
CA LEU O 140 3.90 -44.90 61.61
C LEU O 140 5.15 -45.75 61.44
N ASN O 141 6.27 -45.14 61.03
CA ASN O 141 7.56 -45.83 60.92
C ASN O 141 7.45 -47.05 60.00
N LEU O 142 6.80 -46.87 58.86
CA LEU O 142 6.40 -47.96 57.99
C LEU O 142 7.26 -48.00 56.75
N SER O 143 8.41 -48.67 56.83
CA SER O 143 9.41 -48.61 55.78
C SER O 143 9.39 -49.91 54.99
N PHE O 144 10.30 -50.01 54.02
CA PHE O 144 10.33 -51.15 53.13
C PHE O 144 10.63 -52.43 53.90
N GLU O 145 11.59 -52.38 54.82
CA GLU O 145 12.04 -53.59 55.49
C GLU O 145 11.05 -54.04 56.57
N ARG O 146 10.39 -53.08 57.23
CA ARG O 146 9.41 -53.47 58.24
C ARG O 146 8.26 -54.25 57.60
N VAL O 147 7.79 -53.81 56.43
CA VAL O 147 6.76 -54.59 55.75
C VAL O 147 7.36 -55.80 55.04
N ARG O 148 8.65 -55.77 54.72
CA ARG O 148 9.31 -57.01 54.30
C ARG O 148 9.13 -58.10 55.35
N LYS O 149 9.46 -57.78 56.60
CA LYS O 149 9.23 -58.72 57.70
C LYS O 149 7.74 -58.99 57.95
N ALA O 150 6.90 -57.98 57.79
CA ALA O 150 5.46 -58.19 57.99
C ALA O 150 4.90 -59.20 57.00
N VAL O 151 5.30 -59.10 55.74
CA VAL O 151 4.78 -60.04 54.75
C VAL O 151 5.47 -61.39 54.87
N GLU O 152 6.74 -61.42 55.29
CA GLU O 152 7.36 -62.70 55.61
C GLU O 152 6.57 -63.43 56.69
N LYS O 153 6.16 -62.71 57.74
CA LYS O 153 5.35 -63.31 58.78
C LYS O 153 3.97 -63.70 58.27
N GLU O 154 3.38 -62.88 57.39
CA GLU O 154 2.04 -63.16 56.88
C GLU O 154 2.01 -64.42 56.04
N SER O 155 2.92 -64.53 55.08
CA SER O 155 2.95 -65.70 54.21
C SER O 155 3.79 -66.83 54.78
N GLY O 156 4.63 -66.56 55.77
CA GLY O 156 5.43 -67.60 56.40
C GLY O 156 6.45 -68.24 55.50
N ARG O 157 6.73 -67.63 54.35
CA ARG O 157 7.67 -68.20 53.38
C ARG O 157 8.79 -67.20 53.16
N ARG O 158 10.03 -67.63 53.38
CA ARG O 158 11.19 -66.78 53.18
C ARG O 158 11.29 -66.37 51.72
N TYR O 159 11.64 -65.11 51.49
CA TYR O 159 11.88 -64.57 50.15
C TYR O 159 13.29 -64.00 50.09
N GLN O 160 13.98 -64.25 48.98
CA GLN O 160 15.35 -63.76 48.81
C GLN O 160 15.48 -63.07 47.46
N LEU O 161 16.37 -62.09 47.41
CA LEU O 161 16.58 -61.23 46.25
C LEU O 161 18.06 -61.18 45.89
N PRO O 162 18.38 -60.96 44.61
CA PRO O 162 19.74 -60.84 44.07
C PRO O 162 20.69 -60.00 44.92
#